data_7TQU
#
_entry.id   7TQU
#
loop_
_entity.id
_entity.type
_entity.pdbx_description
1 polymer 'pAbC-1 heavy chain'
2 polymer 'pAbC-1 light chain'
3 polymer VP1
4 polymer VP2
5 polymer VP3
6 polymer VP4
7 non-polymer 'MYRISTIC ACID'
#
loop_
_entity_poly.entity_id
_entity_poly.type
_entity_poly.pdbx_seq_one_letter_code
_entity_poly.pdbx_strand_id
1 'polypeptide(L)'
;(UNK)(UNK)(UNK)(UNK)(UNK)(UNK)(UNK)(UNK)(UNK)(UNK)(UNK)(UNK)(UNK)(UNK)(UNK)(UNK)
(UNK)(UNK)(UNK)(UNK)(UNK)(UNK)(UNK)(UNK)(UNK)(UNK)(UNK)(UNK)(UNK)(UNK)(UNK)(UNK)
(UNK)(UNK)(UNK)(UNK)(UNK)(UNK)(UNK)(UNK)(UNK)(UNK)(UNK)(UNK)(UNK)(UNK)(UNK)(UNK)
(UNK)(UNK)(UNK)(UNK)(UNK)(UNK)(UNK)(UNK)(UNK)(UNK)(UNK)(UNK)(UNK)(UNK)(UNK)(UNK)
(UNK)(UNK)(UNK)(UNK)(UNK)(UNK)(UNK)(UNK)(UNK)(UNK)(UNK)(UNK)(UNK)(UNK)(UNK)(UNK)
(UNK)(UNK)(UNK)(UNK)(UNK)(UNK)(UNK)(UNK)(UNK)(UNK)(UNK)(UNK)(UNK)(UNK)(UNK)(UNK)
(UNK)(UNK)(UNK)(UNK)(UNK)(UNK)(UNK)(UNK)(UNK)(UNK)(UNK)(UNK)(UNK)(UNK)(UNK)(UNK)
;
H
2 'polypeptide(L)'
;(UNK)(UNK)(UNK)(UNK)(UNK)(UNK)(UNK)(UNK)(UNK)(UNK)(UNK)(UNK)(UNK)(UNK)(UNK)(UNK)
(UNK)(UNK)(UNK)(UNK)(UNK)(UNK)(UNK)(UNK)(UNK)(UNK)(UNK)(UNK)(UNK)(UNK)(UNK)(UNK)
(UNK)(UNK)(UNK)(UNK)(UNK)(UNK)(UNK)(UNK)(UNK)(UNK)(UNK)(UNK)(UNK)(UNK)(UNK)(UNK)
(UNK)(UNK)(UNK)(UNK)(UNK)(UNK)(UNK)(UNK)(UNK)(UNK)(UNK)(UNK)(UNK)(UNK)(UNK)(UNK)
(UNK)(UNK)(UNK)(UNK)(UNK)(UNK)(UNK)(UNK)(UNK)(UNK)(UNK)(UNK)(UNK)(UNK)(UNK)(UNK)
(UNK)(UNK)(UNK)(UNK)(UNK)(UNK)(UNK)(UNK)(UNK)(UNK)(UNK)(UNK)(UNK)(UNK)(UNK)(UNK)
(UNK)(UNK)(UNK)(UNK)(UNK)(UNK)
;
L
3 'polypeptide(L)'
;GIEDLIDTAIKNALRVSQPPSTQSTEATSGVNSQEVPALTAVETGASGQAIPSDVVETRHVVNYKTRSESCLESFFGRAA
CVTILSLTNSSKSGEEKKHFNIWNITYTDTVQLRRKLEFFTYSRFDLEMTFVFTENYPSTASGEVRNQVYQIMYIPPGAP
RPSSWDDYTWQSSSNPSIFYMYGNAPPRMSIPYVGIANAYSHFYDGFARVPLEGENTDAGDTFYGLVSINDFGVLAVRAV
NRSNPHTIHTSVRVYMKPKHIRCWCPRPPRAVLYRGEGVDMISSAILPLAKVDSITTF
;
a,e,i
4 'polypeptide(L)'
;SPNVEACGYSDRVRQITLGNSTITTQEAANAIVAYGEWPTYINDSEANPVDAPTEPDVSSNRFYTLESVSWKTTSRGWWW
KLPDCLKDMGMFGQNMYYHYLGRSGYTIHVQCNASKFHQGALGVFLIPEFVMACNTESKTSYVSYINANPGERGGEFTNT
YNPSNTDASEGRKFAALDYLLGSGVLAGNAFVYPHQIINLRTNNSATIVVPYVNSLVIDCMAKHNNWGIVILPLAPLAFA
ATSSPQVPITVTIAPMCTEFNGLRNITVPVHQ
;
b,f,j
5 'polypeptide(L)'
;GLPTMNTPGSNQFLTSDDFQSPCALPNFDVTPPIHIPGEVKNMMELAEIDTLIPMNAVDGKVNTMEMYQIPLNDNLSKAP
IFCLSLSPASDKRLSHTMLGEILNYYTHWTGSIRFTFLFCGSMMATGKLLLSYSPPGAKPPTNRKDAMLGTHIIWDLGLQ
SSCSMVAPWISNTVYRRCARDDFTEGGFITCFYQTRIVVPASTPTSMFMLGFVSACPDFSVRLLRDTPHISQSKLIGRTQ
;
c,g,k
6 'polypeptide(L)' MGAQVSTQKTGAHENQNVAANGSTINYTTINYYKDSASNSATRQDLSQDPSKFTEPVKDLMLKTAPALN d,h,l
#
# COMPACT_ATOMS: atom_id res chain seq x y z
N UNK A 1 -12.45 -0.71 49.51
CA UNK A 1 -12.52 -1.45 50.77
C UNK A 1 -12.68 -2.98 50.53
N UNK A 2 -12.02 -3.50 49.48
CA UNK A 2 -12.10 -4.89 48.99
C UNK A 2 -11.62 -5.95 49.96
N UNK A 3 -12.30 -7.08 49.91
CA UNK A 3 -12.01 -8.23 50.72
C UNK A 3 -11.29 -9.28 49.90
N UNK A 4 -10.54 -10.14 50.57
CA UNK A 4 -9.89 -11.24 49.86
C UNK A 4 -9.78 -12.41 50.79
N UNK A 5 -9.73 -13.61 50.22
CA UNK A 5 -9.56 -14.76 51.09
C UNK A 5 -8.25 -14.57 51.82
N UNK A 6 -8.27 -14.72 53.14
CA UNK A 6 -7.04 -14.50 53.90
C UNK A 6 -5.94 -15.47 53.59
N UNK A 7 -6.30 -16.72 53.37
CA UNK A 7 -5.30 -17.74 53.09
C UNK A 7 -5.91 -18.98 52.48
N UNK A 8 -5.09 -19.74 51.77
CA UNK A 8 -5.52 -21.05 51.31
C UNK A 8 -4.36 -22.03 51.16
N UNK A 9 -4.68 -23.30 51.35
CA UNK A 9 -3.74 -24.39 51.14
C UNK A 9 -4.17 -25.13 49.89
N UNK A 10 -3.21 -25.68 49.19
CA UNK A 10 -3.52 -26.45 48.00
C UNK A 10 -2.57 -27.60 47.78
N UNK A 11 -3.02 -28.56 46.98
CA UNK A 11 -2.16 -29.66 46.60
C UNK A 11 -1.10 -29.14 45.68
N UNK A 12 0.07 -29.73 45.74
CA UNK A 12 1.14 -29.37 44.84
C UNK A 12 0.79 -29.91 43.47
N UNK A 13 1.29 -29.26 42.42
CA UNK A 13 1.10 -29.64 41.03
C UNK A 13 -0.37 -29.71 40.71
N UNK A 14 -1.11 -28.73 41.19
CA UNK A 14 -2.52 -28.65 40.97
C UNK A 14 -2.95 -27.21 40.84
N UNK A 15 -4.10 -27.01 40.22
CA UNK A 15 -4.65 -25.67 40.07
C UNK A 15 -5.41 -25.23 41.30
N UNK A 16 -5.42 -23.93 41.51
CA UNK A 16 -6.16 -23.32 42.59
C UNK A 16 -6.44 -21.88 42.25
N UNK A 17 -7.48 -21.28 42.81
CA UNK A 17 -7.65 -19.87 42.49
C UNK A 17 -7.88 -19.03 43.68
N UNK A 18 -7.20 -17.90 43.65
CA UNK A 18 -7.33 -16.87 44.64
C UNK A 18 -8.57 -16.12 44.33
N UNK A 19 -9.22 -15.56 45.33
CA UNK A 19 -10.38 -14.75 45.03
C UNK A 19 -10.50 -13.58 45.98
N UNK A 20 -11.11 -12.54 45.45
CA UNK A 20 -11.36 -11.27 46.11
C UNK A 20 -12.59 -10.60 45.56
N UNK A 21 -13.11 -9.63 46.29
CA UNK A 21 -14.25 -8.88 45.77
C UNK A 21 -14.20 -7.43 46.19
N UNK A 22 -14.71 -6.58 45.31
CA UNK A 22 -14.76 -5.16 45.56
C UNK A 22 -15.76 -4.82 46.62
N UNK A 23 -15.49 -3.74 47.31
CA UNK A 23 -16.41 -3.21 48.28
C UNK A 23 -16.21 -1.72 48.28
N UNK A 24 -17.31 -1.01 48.46
CA UNK A 24 -17.30 0.45 48.44
C UNK A 24 -16.70 0.93 47.13
N UNK A 25 -16.95 0.20 46.06
CA UNK A 25 -16.42 0.55 44.75
C UNK A 25 -17.20 -0.14 43.68
N UNK A 26 -17.21 0.44 42.49
CA UNK A 26 -17.76 -0.28 41.37
C UNK A 26 -16.71 -1.28 40.98
N UNK A 27 -17.07 -2.44 40.45
CA UNK A 27 -15.93 -3.23 39.93
C UNK A 27 -15.27 -2.47 38.76
N UNK A 28 -15.67 -1.23 38.49
CA UNK A 28 -15.19 -0.50 37.29
C UNK A 28 -13.67 -0.19 37.22
N UNK A 29 -13.01 0.22 38.32
CA UNK A 29 -11.59 0.64 38.25
C UNK A 29 -10.61 -0.55 38.31
N UNK A 30 -9.48 -0.47 37.58
CA UNK A 30 -8.52 -1.58 37.30
C UNK A 30 -7.99 -2.31 38.54
N UNK A 31 -7.71 -3.62 38.43
CA UNK A 31 -7.22 -4.43 39.57
C UNK A 31 -5.71 -4.72 39.44
N UNK A 32 -5.16 -5.61 40.29
CA UNK A 32 -3.80 -6.04 40.11
C UNK A 32 -3.46 -7.17 41.07
N UNK A 33 -2.56 -8.04 40.62
CA UNK A 33 -2.06 -9.15 41.41
C UNK A 33 -0.59 -8.96 41.67
N UNK A 34 -0.17 -9.24 42.91
CA UNK A 34 1.23 -9.09 43.31
C UNK A 34 1.66 -10.05 44.41
N UNK A 35 1.69 -11.35 44.10
CA UNK A 35 2.04 -12.34 45.12
C UNK A 35 3.46 -12.07 45.60
N UNK A 36 3.73 -12.37 46.86
CA UNK A 36 5.05 -12.11 47.37
C UNK A 36 5.92 -13.30 47.69
N UNK A 37 7.20 -13.09 47.48
CA UNK A 37 8.17 -14.03 47.94
C UNK A 37 8.22 -13.77 49.41
N UNK A 38 8.68 -14.70 50.21
CA UNK A 38 8.77 -14.32 51.61
C UNK A 38 9.64 -13.07 51.74
N UNK A 39 10.67 -12.97 50.90
CA UNK A 39 11.58 -11.85 50.87
C UNK A 39 10.99 -10.53 50.32
N UNK A 40 10.12 -10.59 49.31
CA UNK A 40 9.59 -9.35 48.71
C UNK A 40 8.38 -9.54 47.81
N UNK A 41 7.51 -8.53 47.76
CA UNK A 41 6.37 -8.53 46.85
C UNK A 41 6.71 -7.97 45.49
N UNK A 42 6.07 -8.51 44.45
CA UNK A 42 6.22 -7.93 43.13
C UNK A 42 4.98 -8.17 42.29
N UNK A 43 4.69 -7.22 41.40
CA UNK A 43 3.56 -7.34 40.51
C UNK A 43 3.69 -8.52 39.59
N UNK A 44 2.58 -9.19 39.38
CA UNK A 44 2.51 -10.32 38.50
C UNK A 44 1.64 -10.05 37.30
N UNK A 45 0.52 -9.38 37.55
CA UNK A 45 -0.49 -9.21 36.50
C UNK A 45 -1.51 -8.14 36.81
N UNK A 46 -2.29 -7.77 35.79
CA UNK A 46 -3.39 -6.83 36.00
C UNK A 46 -4.55 -7.09 35.05
N UNK A 47 -5.74 -6.71 35.48
CA UNK A 47 -6.92 -6.86 34.65
C UNK A 47 -7.98 -5.87 35.05
N UNK A 48 -8.84 -5.51 34.13
CA UNK A 48 -9.92 -4.61 34.47
C UNK A 48 -11.20 -5.37 34.53
N UNK A 49 -12.12 -4.95 35.39
CA UNK A 49 -13.41 -5.57 35.29
C UNK A 49 -14.01 -5.13 33.98
N UNK A 50 -13.78 -3.87 33.64
CA UNK A 50 -14.32 -3.38 32.41
C UNK A 50 -13.67 -4.10 31.26
N UNK A 51 -14.51 -4.66 30.41
CA UNK A 51 -14.13 -5.38 29.21
C UNK A 51 -13.23 -6.56 29.48
N UNK A 52 -13.05 -6.94 30.74
CA UNK A 52 -12.15 -8.02 31.06
C UNK A 52 -10.78 -7.79 30.42
N UNK A 53 -10.29 -6.55 30.41
CA UNK A 53 -8.99 -6.27 29.81
C UNK A 53 -7.94 -6.96 30.65
N UNK A 54 -6.86 -7.49 30.06
CA UNK A 54 -5.84 -8.09 30.93
C UNK A 54 -4.45 -8.11 30.31
N UNK A 55 -3.44 -8.19 31.17
CA UNK A 55 -2.04 -8.29 30.81
C UNK A 55 -1.26 -8.99 31.92
N UNK A 56 -0.09 -9.54 31.60
CA UNK A 56 0.71 -10.17 32.65
C UNK A 56 2.19 -10.07 32.38
N UNK A 57 2.96 -10.11 33.46
CA UNK A 57 4.41 -10.10 33.37
C UNK A 57 4.86 -11.37 32.69
N UNK A 58 5.88 -11.32 31.86
CA UNK A 58 6.35 -12.55 31.22
C UNK A 58 6.76 -13.56 32.28
N UNK A 59 7.32 -13.07 33.36
CA UNK A 59 7.74 -13.89 34.48
C UNK A 59 6.58 -14.65 35.11
N UNK A 60 5.40 -14.07 35.10
CA UNK A 60 4.22 -14.66 35.69
C UNK A 60 3.32 -15.23 34.61
N UNK A 61 3.66 -15.01 33.37
CA UNK A 61 2.83 -15.43 32.28
C UNK A 61 2.68 -16.92 32.30
N UNK A 62 1.46 -17.35 32.03
CA UNK A 62 1.05 -18.75 31.98
C UNK A 62 1.14 -19.42 33.34
N UNK A 63 1.39 -18.67 34.40
CA UNK A 63 1.38 -19.27 35.71
C UNK A 63 -0.05 -19.33 36.21
N UNK A 64 -0.85 -18.36 35.77
CA UNK A 64 -2.23 -18.22 36.19
C UNK A 64 -3.05 -17.44 35.18
N UNK A 65 -4.36 -17.65 35.20
CA UNK A 65 -5.27 -16.87 34.39
C UNK A 65 -6.06 -15.87 35.23
N UNK A 66 -6.30 -14.70 34.68
CA UNK A 66 -7.11 -13.70 35.37
C UNK A 66 -8.59 -13.98 35.13
N UNK A 67 -9.42 -13.58 36.09
CA UNK A 67 -10.86 -13.70 35.97
C UNK A 67 -11.58 -12.59 36.71
N UNK A 68 -12.83 -12.33 36.32
CA UNK A 68 -13.68 -11.31 36.92
C UNK A 68 -15.13 -11.74 36.82
N UNK A 69 -15.98 -11.19 37.69
CA UNK A 69 -17.39 -11.54 37.69
C UNK A 69 -18.33 -10.38 37.99
N UNK A 70 -19.60 -10.59 37.65
CA UNK A 70 -20.70 -9.65 37.86
C UNK A 70 -20.95 -9.41 39.34
N UNK A 71 -20.45 -10.30 40.17
CA UNK A 71 -20.60 -10.25 41.61
C UNK A 71 -19.60 -9.28 42.23
N UNK A 72 -18.77 -8.67 41.39
CA UNK A 72 -17.67 -7.76 41.73
C UNK A 72 -16.52 -8.53 42.29
N UNK A 73 -16.63 -9.83 42.14
CA UNK A 73 -15.62 -10.78 42.48
C UNK A 73 -14.56 -10.80 41.41
N UNK A 74 -13.39 -11.25 41.78
CA UNK A 74 -12.26 -11.39 40.88
C UNK A 74 -11.42 -12.57 41.32
N UNK A 75 -10.65 -13.12 40.40
CA UNK A 75 -9.82 -14.26 40.76
C UNK A 75 -8.55 -14.40 39.94
N UNK A 76 -7.62 -15.16 40.50
CA UNK A 76 -6.38 -15.53 39.81
C UNK A 76 -6.18 -17.02 39.92
N UNK A 77 -6.36 -17.71 38.80
CA UNK A 77 -6.33 -19.16 38.78
C UNK A 77 -5.01 -19.72 38.38
N UNK A 78 -4.25 -20.19 39.36
CA UNK A 78 -2.92 -20.72 39.15
C UNK A 78 -3.03 -22.12 38.63
N UNK A 79 -2.05 -22.56 37.85
CA UNK A 79 -2.10 -23.94 37.42
C UNK A 79 -0.80 -24.68 37.65
N UNK A 80 -0.94 -25.96 37.97
CA UNK A 80 0.19 -26.86 38.16
C UNK A 80 1.21 -26.21 39.06
N UNK A 81 0.78 -25.69 40.18
CA UNK A 81 1.72 -24.96 40.99
C UNK A 81 2.89 -25.85 41.40
N UNK A 82 4.08 -25.27 41.37
CA UNK A 82 5.28 -25.99 41.78
C UNK A 82 5.42 -25.98 43.28
N UNK A 83 4.49 -25.29 43.93
CA UNK A 83 4.42 -25.05 45.37
C UNK A 83 5.51 -24.08 45.78
N UNK A 84 6.15 -23.49 44.78
CA UNK A 84 7.11 -22.44 44.97
C UNK A 84 6.33 -21.15 45.16
N UNK A 85 5.11 -21.19 44.64
CA UNK A 85 4.18 -20.08 44.68
C UNK A 85 3.68 -19.92 46.09
N UNK A 86 3.51 -18.69 46.52
CA UNK A 86 3.01 -18.43 47.86
C UNK A 86 2.59 -16.98 48.00
N UNK A 87 1.91 -16.70 49.10
CA UNK A 87 1.59 -15.34 49.51
C UNK A 87 0.84 -14.50 48.48
N UNK A 88 -0.25 -15.01 47.96
CA UNK A 88 -1.03 -14.26 46.99
C UNK A 88 -1.45 -12.93 47.58
N UNK A 89 -1.62 -11.92 46.73
CA UNK A 89 -2.03 -10.60 47.19
C UNK A 89 -2.76 -9.84 46.07
N UNK A 90 -3.59 -8.84 46.40
CA UNK A 90 -4.30 -8.09 45.35
C UNK A 90 -4.48 -6.59 45.67
N UNK A 91 -4.68 -5.79 44.61
CA UNK A 91 -4.84 -4.32 44.74
C UNK A 91 -5.65 -3.63 43.62
N UNK A 92 -6.10 -2.40 43.92
CA UNK A 92 -6.82 -1.52 42.98
C UNK A 92 -5.90 -0.42 42.46
N UNK A 93 -6.06 -0.05 41.18
CA UNK A 93 -5.26 0.99 40.50
C UNK A 93 -6.00 1.72 39.37
N UNK A 94 -5.50 2.88 38.93
CA UNK A 94 -6.12 3.57 37.80
C UNK A 94 -6.04 2.71 36.56
N UNK A 95 -7.05 2.77 35.71
CA UNK A 95 -7.06 1.94 34.51
C UNK A 95 -6.24 2.49 33.34
N UNK A 96 -4.94 2.60 33.58
CA UNK A 96 -3.89 3.04 32.65
C UNK A 96 -4.05 4.43 32.07
N UNK A 97 -4.92 5.24 32.64
CA UNK A 97 -5.12 6.59 32.13
C UNK A 97 -5.14 7.64 33.23
N UNK A 98 -4.50 7.35 34.36
CA UNK A 98 -4.41 8.29 35.47
C UNK A 98 -3.24 7.89 36.34
N UNK A 99 -2.76 8.85 37.14
CA UNK A 99 -1.65 8.66 38.06
C UNK A 99 -1.86 7.64 39.17
N UNK A 100 -3.06 7.48 39.66
CA UNK A 100 -3.22 6.59 40.80
C UNK A 100 -2.84 5.15 40.50
N UNK A 101 -2.21 4.52 41.46
CA UNK A 101 -1.87 3.13 41.38
C UNK A 101 -1.85 2.57 42.77
N UNK A 102 -2.18 1.29 42.93
CA UNK A 102 -2.17 0.64 44.25
C UNK A 102 -2.94 1.47 45.25
N UNK A 103 -4.10 1.95 44.80
CA UNK A 103 -5.03 2.78 45.53
C UNK A 103 -5.55 2.07 46.75
N UNK A 104 -5.67 0.77 46.64
CA UNK A 104 -6.16 -0.04 47.75
C UNK A 104 -5.52 -1.40 47.67
N UNK A 105 -5.45 -2.10 48.79
CA UNK A 105 -4.87 -3.43 48.76
C UNK A 105 -5.53 -4.33 49.78
N UNK A 106 -5.47 -5.63 49.50
CA UNK A 106 -6.03 -6.64 50.39
C UNK A 106 -5.07 -7.82 50.57
N UNK A 107 -5.03 -8.31 51.80
CA UNK A 107 -4.23 -9.45 52.21
C UNK A 107 -4.79 -10.73 51.66
N UNK A 108 -3.90 -11.65 51.36
CA UNK A 108 -4.25 -12.99 50.92
C UNK A 108 -3.01 -13.84 51.18
N UNK A 109 -3.13 -15.14 51.13
CA UNK A 109 -1.95 -15.96 51.33
C UNK A 109 -2.12 -17.33 50.72
N UNK A 110 -1.00 -17.98 50.41
CA UNK A 110 -1.09 -19.31 49.85
C UNK A 110 0.15 -20.14 50.07
N UNK A 111 -0.07 -21.47 50.10
CA UNK A 111 1.01 -22.46 50.13
C UNK A 111 0.51 -23.82 49.58
N UNK A 112 1.45 -24.68 49.08
CA UNK A 112 1.16 -26.04 48.57
C UNK A 112 2.37 -26.94 48.79
N UNK B 1 12.06 -2.02 34.12
CA UNK B 1 12.89 -0.96 34.66
C UNK B 1 13.12 -1.20 36.17
N UNK B 2 14.34 -1.64 36.53
CA UNK B 2 14.77 -1.96 37.90
C UNK B 2 14.87 -0.72 38.79
N UNK B 3 14.64 -0.90 40.09
CA UNK B 3 14.77 0.20 41.03
C UNK B 3 15.30 -0.28 42.37
N UNK B 4 15.99 0.60 43.09
CA UNK B 4 16.53 0.21 44.39
C UNK B 4 16.72 1.37 45.37
N UNK B 5 16.70 1.02 46.65
CA UNK B 5 16.88 1.95 47.77
C UNK B 5 17.71 1.28 48.85
N UNK B 6 18.22 2.05 49.80
CA UNK B 6 19.01 1.49 50.89
C UNK B 6 18.24 0.34 51.52
N UNK B 7 18.91 -0.78 51.72
CA UNK B 7 18.28 -1.99 52.22
C UNK B 7 17.65 -1.91 53.60
N UNK B 8 18.24 -1.18 54.52
CA UNK B 8 17.67 -1.14 55.86
C UNK B 8 18.13 0.06 56.66
N UNK B 9 17.31 0.45 57.61
CA UNK B 9 17.68 1.50 58.56
C UNK B 9 16.95 1.33 59.87
N UNK B 10 17.52 1.86 60.94
CA UNK B 10 16.84 1.83 62.22
C UNK B 10 16.98 3.15 62.90
N UNK B 11 15.94 3.56 63.61
CA UNK B 11 16.03 4.83 64.29
C UNK B 11 15.14 4.96 65.52
N UNK B 12 15.53 5.88 66.39
CA UNK B 12 14.79 6.23 67.58
C UNK B 12 13.50 6.91 67.22
N UNK B 13 12.53 6.83 68.11
CA UNK B 13 11.28 7.49 67.87
C UNK B 13 11.52 8.97 67.70
N UNK B 14 10.76 9.55 66.79
CA UNK B 14 10.75 10.92 66.37
C UNK B 14 12.01 11.34 65.62
N UNK B 15 12.89 10.40 65.32
CA UNK B 15 14.04 10.70 64.51
C UNK B 15 13.58 10.81 63.07
N UNK B 16 14.24 11.65 62.29
CA UNK B 16 13.90 11.75 60.87
C UNK B 16 14.61 10.65 60.11
N UNK B 17 14.04 10.23 58.99
CA UNK B 17 14.68 9.22 58.15
C UNK B 17 14.29 9.38 56.68
N UNK B 18 15.12 8.87 55.78
CA UNK B 18 14.77 8.95 54.36
C UNK B 18 15.42 7.84 53.56
N UNK B 19 14.85 7.57 52.39
CA UNK B 19 15.38 6.59 51.44
C UNK B 19 14.96 6.99 50.05
N UNK B 20 15.69 6.55 49.04
CA UNK B 20 15.29 6.91 47.68
C UNK B 20 15.41 5.76 46.74
N UNK B 21 14.48 5.68 45.80
CA UNK B 21 14.49 4.60 44.82
C UNK B 21 15.09 5.04 43.51
N UNK B 22 16.35 4.71 43.30
CA UNK B 22 16.96 5.09 42.05
C UNK B 22 16.31 4.20 41.05
N UNK B 23 16.13 4.66 39.82
CA UNK B 23 15.49 3.73 38.89
C UNK B 23 15.95 3.92 37.48
N UNK B 24 15.89 2.82 36.77
CA UNK B 24 16.20 2.73 35.37
C UNK B 24 15.17 3.43 34.51
N UNK B 25 15.62 3.94 33.39
CA UNK B 25 14.80 4.54 32.34
C UNK B 25 13.93 5.74 32.71
N UNK B 26 14.35 6.59 33.66
CA UNK B 26 13.60 7.82 33.93
C UNK B 26 12.11 7.69 34.12
N UNK B 27 11.63 6.83 35.01
CA UNK B 27 10.18 6.82 35.18
C UNK B 27 9.79 8.25 35.46
N UNK B 28 8.75 8.75 34.79
CA UNK B 28 8.37 10.16 34.92
C UNK B 28 7.53 10.47 36.13
N UNK B 29 8.10 10.27 37.31
CA UNK B 29 7.51 10.52 38.63
C UNK B 29 6.21 9.77 38.86
N UNK B 30 5.96 8.77 38.05
CA UNK B 30 4.79 7.94 38.22
C UNK B 30 5.03 6.99 39.34
N UNK B 31 6.30 6.76 39.64
CA UNK B 31 6.62 5.83 40.68
C UNK B 31 6.11 6.36 41.99
N UNK B 32 5.59 5.48 42.81
CA UNK B 32 5.11 5.95 44.10
C UNK B 32 5.37 4.96 45.20
N UNK B 33 5.67 5.51 46.36
CA UNK B 33 5.96 4.77 47.58
C UNK B 33 4.75 4.14 48.22
N UNK B 34 5.00 3.02 48.87
CA UNK B 34 4.06 2.28 49.67
C UNK B 34 4.82 1.61 50.79
N UNK B 35 4.12 1.27 51.86
CA UNK B 35 4.80 0.65 52.98
C UNK B 35 3.94 -0.35 53.71
N UNK B 36 4.58 -1.25 54.44
CA UNK B 36 3.81 -2.25 55.17
C UNK B 36 4.37 -2.69 56.50
N UNK B 37 3.41 -3.04 57.34
CA UNK B 37 3.58 -3.59 58.67
C UNK B 37 4.01 -5.02 58.59
N UNK B 38 4.43 -5.58 59.71
CA UNK B 38 4.74 -7.01 59.74
C UNK B 38 3.48 -7.77 59.34
N UNK B 39 2.34 -7.23 59.77
CA UNK B 39 1.04 -7.75 59.44
C UNK B 39 0.79 -7.51 57.96
N UNK B 40 -0.04 -8.32 57.34
CA UNK B 40 -0.30 -8.09 55.92
C UNK B 40 -1.25 -6.91 55.75
N UNK B 41 -0.67 -5.74 55.83
CA UNK B 41 -1.39 -4.48 55.81
C UNK B 41 -0.65 -3.40 55.03
N UNK B 42 -0.42 -3.65 53.75
CA UNK B 42 0.27 -2.68 52.93
C UNK B 42 -0.66 -1.53 52.60
N UNK B 43 -0.10 -0.33 52.47
CA UNK B 43 -0.87 0.82 52.04
C UNK B 43 0.00 1.80 51.29
N UNK B 44 -0.59 2.59 50.38
CA UNK B 44 0.18 3.58 49.66
C UNK B 44 0.67 4.64 50.62
N UNK B 45 1.89 5.09 50.41
CA UNK B 45 2.46 6.16 51.18
C UNK B 45 2.31 7.44 50.38
N UNK B 46 2.36 7.26 49.07
CA UNK B 46 2.31 8.34 48.11
C UNK B 46 1.43 7.92 46.95
N UNK B 47 0.73 8.89 46.39
CA UNK B 47 -0.09 8.72 45.22
C UNK B 47 0.74 8.77 43.97
N UNK B 48 1.77 9.60 44.02
CA UNK B 48 2.71 9.85 42.93
C UNK B 48 3.96 10.34 43.59
N UNK B 49 5.08 10.40 42.90
CA UNK B 49 6.21 10.89 43.64
C UNK B 49 5.87 12.30 44.14
N UNK B 50 6.18 12.57 45.42
CA UNK B 50 5.95 13.86 46.12
C UNK B 50 4.47 14.25 46.20
N UNK B 51 3.57 13.30 45.98
CA UNK B 51 2.16 13.52 46.17
C UNK B 51 1.71 12.56 47.23
N UNK B 52 1.40 13.04 48.41
CA UNK B 52 1.10 12.16 49.53
C UNK B 52 -0.16 11.37 49.32
N UNK B 53 -0.21 10.19 49.92
CA UNK B 53 -1.42 9.40 49.90
C UNK B 53 -2.45 10.20 50.67
N UNK B 54 -3.73 10.12 50.30
CA UNK B 54 -4.72 10.90 51.03
C UNK B 54 -4.74 10.55 52.50
N UNK B 55 -4.57 9.27 52.80
CA UNK B 55 -4.49 8.84 54.17
C UNK B 55 -3.03 8.74 54.49
N UNK B 56 -2.51 9.68 55.26
CA UNK B 56 -1.09 9.68 55.50
C UNK B 56 -0.74 10.30 56.82
N UNK B 57 0.41 9.91 57.33
CA UNK B 57 0.94 10.48 58.55
C UNK B 57 1.30 11.93 58.30
N UNK B 58 1.21 12.75 59.34
CA UNK B 58 1.63 14.14 59.20
C UNK B 58 3.09 14.23 58.79
N UNK B 59 3.87 13.25 59.23
CA UNK B 59 5.28 13.17 58.97
C UNK B 59 5.59 12.59 57.60
N UNK B 60 4.58 12.18 56.86
CA UNK B 60 4.84 11.59 55.58
C UNK B 60 5.27 12.67 54.60
N UNK B 61 6.31 12.42 53.84
CA UNK B 61 6.76 13.39 52.86
C UNK B 61 7.52 12.71 51.72
N UNK B 62 7.62 13.37 50.58
CA UNK B 62 8.48 12.85 49.54
C UNK B 62 8.96 14.01 48.71
N UNK B 63 10.14 13.85 48.14
CA UNK B 63 10.76 14.92 47.37
C UNK B 63 10.57 14.81 45.86
N UNK B 64 10.58 13.59 45.35
CA UNK B 64 10.54 13.36 43.89
C UNK B 64 11.74 14.00 43.18
N UNK B 65 12.81 14.13 43.90
CA UNK B 65 14.07 14.63 43.45
C UNK B 65 14.71 13.54 42.66
N UNK B 66 15.88 13.78 42.10
CA UNK B 66 16.50 12.73 41.34
C UNK B 66 16.58 11.51 42.25
N UNK B 67 16.35 10.36 41.65
CA UNK B 67 16.28 9.06 42.31
C UNK B 67 15.06 8.92 43.23
N UNK B 68 14.05 9.76 43.03
CA UNK B 68 12.78 9.58 43.71
C UNK B 68 12.87 9.45 45.22
N UNK B 69 13.45 10.43 45.87
CA UNK B 69 13.55 10.36 47.33
C UNK B 69 12.19 10.50 48.02
N UNK B 70 12.07 9.78 49.16
CA UNK B 70 10.92 9.76 50.05
C UNK B 70 11.40 9.91 51.49
N UNK B 71 10.56 10.46 52.39
CA UNK B 71 11.03 10.66 53.76
C UNK B 71 9.96 10.66 54.86
N UNK B 72 10.46 10.42 56.07
CA UNK B 72 9.71 10.48 57.30
C UNK B 72 10.23 11.62 58.14
N UNK B 73 9.39 12.60 58.40
CA UNK B 73 9.85 13.74 59.18
C UNK B 73 10.24 13.33 60.59
N UNK B 74 9.51 12.35 61.13
CA UNK B 74 9.74 11.87 62.47
C UNK B 74 9.14 10.47 62.62
N UNK B 75 9.92 9.54 63.16
CA UNK B 75 9.47 8.17 63.38
C UNK B 75 8.36 8.11 64.43
N UNK B 76 7.37 7.26 64.22
CA UNK B 76 6.28 7.15 65.19
C UNK B 76 5.78 5.74 65.45
N UNK B 77 6.68 4.87 65.92
CA UNK B 77 6.30 3.49 66.22
C UNK B 77 5.62 2.84 65.03
N UNK B 78 6.20 3.04 63.87
CA UNK B 78 5.66 2.53 62.64
C UNK B 78 6.79 2.14 61.73
N UNK B 79 7.60 1.20 62.17
CA UNK B 79 8.78 0.81 61.41
C UNK B 79 8.37 -0.15 60.30
N UNK B 80 7.69 0.41 59.32
CA UNK B 80 7.18 -0.31 58.16
C UNK B 80 8.25 -0.43 57.11
N UNK B 81 8.21 -1.51 56.35
CA UNK B 81 9.13 -1.67 55.23
C UNK B 81 8.60 -0.86 54.10
N UNK B 82 9.45 -0.36 53.20
CA UNK B 82 8.87 0.41 52.10
C UNK B 82 9.62 0.34 50.78
N UNK B 83 8.85 0.50 49.70
CA UNK B 83 9.32 0.46 48.30
C UNK B 83 8.44 1.29 47.39
N UNK B 84 8.95 1.68 46.23
CA UNK B 84 8.10 2.35 45.27
C UNK B 84 7.88 1.47 44.03
N UNK B 85 6.70 1.59 43.43
CA UNK B 85 6.40 0.85 42.20
C UNK B 85 6.41 1.77 40.99
N UNK B 86 7.07 1.32 39.94
CA UNK B 86 7.25 2.08 38.71
C UNK B 86 6.05 2.08 37.80
N UNK B 87 5.03 2.81 38.22
CA UNK B 87 3.73 2.91 37.58
C UNK B 87 3.78 3.45 36.15
N UNK B 88 4.89 4.04 35.76
CA UNK B 88 5.12 4.61 34.44
C UNK B 88 5.05 3.57 33.34
N UNK B 89 5.20 2.30 33.67
CA UNK B 89 5.17 1.31 32.59
C UNK B 89 4.57 -0.02 33.01
N UNK B 90 4.18 -0.75 31.98
CA UNK B 90 3.63 -2.07 32.13
C UNK B 90 4.59 -2.91 32.89
N UNK B 91 4.05 -3.83 33.68
CA UNK B 91 4.88 -4.66 34.52
C UNK B 91 5.69 -3.75 35.42
N UNK B 92 4.99 -2.79 36.02
CA UNK B 92 5.66 -1.89 36.91
C UNK B 92 6.43 -2.69 37.90
N UNK B 93 7.69 -2.36 38.02
CA UNK B 93 8.54 -3.06 38.94
C UNK B 93 8.52 -2.43 40.29
N UNK B 94 8.62 -3.23 41.32
CA UNK B 94 8.72 -2.66 42.65
C UNK B 94 10.16 -2.73 43.10
N UNK B 95 10.63 -1.68 43.77
CA UNK B 95 11.95 -1.71 44.34
C UNK B 95 11.94 -2.71 45.47
N UNK B 96 13.05 -3.36 45.77
CA UNK B 96 12.97 -4.20 46.95
C UNK B 96 12.70 -3.25 48.10
N UNK B 97 11.85 -3.63 49.03
CA UNK B 97 11.58 -2.72 50.13
C UNK B 97 12.72 -2.64 51.08
N UNK B 98 12.91 -1.45 51.62
CA UNK B 98 13.87 -1.24 52.67
C UNK B 98 13.24 -1.71 53.95
N UNK B 99 14.03 -2.30 54.82
CA UNK B 99 13.57 -2.70 56.13
C UNK B 99 13.63 -1.52 57.08
N UNK B 100 12.81 -1.57 58.11
CA UNK B 100 12.85 -0.51 59.09
C UNK B 100 12.78 -1.10 60.47
N UNK B 101 13.44 -0.42 61.40
CA UNK B 101 13.44 -0.82 62.80
C UNK B 101 13.61 0.39 63.72
N UNK B 102 13.39 0.19 65.02
CA UNK B 102 13.53 1.22 66.07
C UNK B 102 15.01 1.48 66.37
N VAL C 16 8.93 -7.36 -57.54
CA VAL C 16 8.73 -8.64 -56.85
C VAL C 16 8.64 -8.33 -55.34
N SER C 17 7.60 -8.88 -54.67
CA SER C 17 7.32 -8.73 -53.23
C SER C 17 7.88 -9.89 -52.41
N GLN C 18 8.80 -9.58 -51.50
CA GLN C 18 9.43 -10.58 -50.66
C GLN C 18 8.45 -10.95 -49.56
N PRO C 19 8.20 -12.23 -49.28
CA PRO C 19 7.28 -12.66 -48.25
C PRO C 19 7.81 -12.21 -46.89
N PRO C 20 6.97 -11.74 -45.95
CA PRO C 20 7.34 -11.33 -44.62
C PRO C 20 8.01 -12.40 -43.80
N SER C 21 9.11 -12.05 -43.16
CA SER C 21 9.86 -12.96 -42.33
C SER C 21 9.45 -12.92 -40.87
N THR C 22 9.95 -13.88 -40.12
CA THR C 22 9.71 -13.95 -38.69
C THR C 22 10.56 -12.89 -38.02
N GLN C 23 10.33 -12.69 -36.75
CA GLN C 23 11.01 -11.60 -36.06
C GLN C 23 12.53 -11.68 -36.01
N SER C 24 13.17 -10.56 -36.39
CA SER C 24 14.62 -10.37 -36.34
C SER C 24 15.01 -9.96 -34.94
N THR C 25 16.28 -10.15 -34.59
CA THR C 25 16.70 -9.72 -33.26
C THR C 25 17.63 -8.53 -33.33
N GLU C 26 17.26 -7.47 -32.63
CA GLU C 26 18.07 -6.27 -32.60
C GLU C 26 19.20 -6.50 -31.61
N ALA C 27 20.30 -5.78 -31.75
CA ALA C 27 21.32 -5.92 -30.73
C ALA C 27 20.88 -5.17 -29.49
N THR C 28 21.28 -5.63 -28.32
CA THR C 28 20.94 -4.90 -27.11
C THR C 28 22.00 -5.10 -26.05
N SER C 29 22.11 -4.13 -25.15
CA SER C 29 23.08 -4.16 -24.05
C SER C 29 22.40 -4.33 -22.69
N GLY C 30 23.12 -4.02 -21.62
CA GLY C 30 22.64 -4.20 -20.26
C GLY C 30 21.61 -3.16 -19.85
N VAL C 31 20.84 -3.52 -18.82
CA VAL C 31 19.76 -2.71 -18.28
C VAL C 31 19.77 -2.58 -16.75
N ASN C 32 19.59 -1.38 -16.20
CA ASN C 32 19.45 -1.23 -14.73
C ASN C 32 18.17 -0.47 -14.34
N SER C 33 17.25 -0.36 -15.29
CA SER C 33 16.00 0.40 -15.20
C SER C 33 14.85 -0.27 -14.45
N GLN C 34 13.78 0.52 -14.27
CA GLN C 34 12.54 0.12 -13.58
C GLN C 34 11.59 -0.63 -14.49
N GLU C 35 11.95 -0.74 -15.75
CA GLU C 35 11.13 -1.45 -16.71
C GLU C 35 11.38 -2.89 -16.44
N VAL C 36 10.35 -3.74 -16.43
CA VAL C 36 10.65 -5.14 -16.19
C VAL C 36 9.96 -6.08 -17.14
N PRO C 37 10.44 -6.25 -18.37
CA PRO C 37 9.90 -7.14 -19.36
C PRO C 37 9.74 -8.59 -18.89
N ALA C 38 10.60 -9.03 -17.98
CA ALA C 38 10.53 -10.39 -17.49
C ALA C 38 9.38 -10.68 -16.55
N LEU C 39 8.84 -9.68 -15.86
CA LEU C 39 7.79 -9.99 -14.92
C LEU C 39 6.47 -9.53 -15.44
N THR C 40 5.54 -10.41 -15.36
CA THR C 40 4.22 -10.17 -15.88
C THR C 40 3.20 -10.95 -15.07
N ALA C 41 2.06 -11.16 -15.67
CA ALA C 41 0.97 -11.90 -15.09
C ALA C 41 0.41 -12.67 -16.24
N VAL C 42 -0.16 -13.82 -15.98
CA VAL C 42 -0.72 -14.64 -17.03
C VAL C 42 -2.14 -14.85 -16.66
N GLU C 43 -2.45 -14.31 -15.51
CA GLU C 43 -3.79 -14.33 -14.97
C GLU C 43 -4.68 -13.47 -15.80
N THR C 44 -4.05 -12.61 -16.57
CA THR C 44 -4.62 -11.65 -17.46
C THR C 44 -5.17 -12.32 -18.70
N GLY C 45 -4.79 -13.57 -18.95
CA GLY C 45 -5.23 -14.29 -20.11
C GLY C 45 -4.22 -14.16 -21.21
N ALA C 46 -3.22 -13.32 -20.96
CA ALA C 46 -2.20 -13.11 -21.94
C ALA C 46 -1.05 -14.04 -21.67
N SER C 47 -0.41 -14.42 -22.74
CA SER C 47 0.79 -15.20 -22.71
C SER C 47 1.91 -14.25 -22.39
N GLY C 48 3.04 -14.77 -21.95
CA GLY C 48 4.16 -13.87 -21.72
C GLY C 48 4.56 -13.33 -23.06
N GLN C 49 5.09 -12.11 -23.11
CA GLN C 49 5.49 -11.57 -24.40
C GLN C 49 7.00 -11.41 -24.56
N ALA C 50 7.76 -11.87 -23.57
CA ALA C 50 9.21 -11.66 -23.59
C ALA C 50 9.93 -12.38 -24.72
N ILE C 51 10.93 -11.71 -25.25
CA ILE C 51 11.79 -12.27 -26.29
C ILE C 51 13.22 -12.17 -25.78
N PRO C 52 14.23 -12.85 -26.34
CA PRO C 52 15.59 -12.83 -25.85
C PRO C 52 16.17 -11.44 -25.62
N SER C 53 15.81 -10.43 -26.40
CA SER C 53 16.38 -9.10 -26.20
C SER C 53 15.92 -8.44 -24.90
N ASP C 54 14.92 -9.02 -24.27
CA ASP C 54 14.36 -8.53 -23.03
C ASP C 54 15.04 -9.10 -21.80
N VAL C 55 15.76 -10.22 -21.96
CA VAL C 55 16.38 -10.89 -20.82
C VAL C 55 17.89 -11.14 -20.90
N VAL C 56 18.45 -11.15 -22.10
CA VAL C 56 19.89 -11.36 -22.26
C VAL C 56 20.44 -10.33 -23.22
N GLU C 57 21.75 -10.12 -23.22
CA GLU C 57 22.30 -9.25 -24.25
C GLU C 57 22.22 -9.99 -25.57
N THR C 58 21.95 -9.27 -26.65
CA THR C 58 21.81 -9.92 -27.96
C THR C 58 22.63 -9.24 -29.04
N ARG C 59 22.83 -9.96 -30.12
CA ARG C 59 23.53 -9.45 -31.28
C ARG C 59 22.53 -9.18 -32.36
N HIS C 60 22.91 -8.41 -33.37
CA HIS C 60 21.96 -8.09 -34.42
C HIS C 60 21.91 -9.18 -35.48
N VAL C 61 20.78 -9.85 -35.53
CA VAL C 61 20.59 -10.95 -36.44
C VAL C 61 19.42 -10.71 -37.36
N VAL C 62 19.69 -10.73 -38.66
CA VAL C 62 18.62 -10.51 -39.61
C VAL C 62 17.98 -11.83 -39.91
N ASN C 63 16.67 -11.90 -39.72
CA ASN C 63 15.93 -13.11 -39.89
C ASN C 63 15.20 -13.17 -41.22
N TYR C 64 15.62 -14.09 -42.08
CA TYR C 64 15.07 -14.26 -43.42
C TYR C 64 14.16 -15.48 -43.52
N LYS C 65 13.83 -16.08 -42.39
CA LYS C 65 13.02 -17.28 -42.43
C LYS C 65 11.55 -16.94 -42.49
N THR C 66 10.76 -17.77 -43.13
CA THR C 66 9.33 -17.50 -43.18
C THR C 66 8.51 -18.67 -42.68
N ARG C 67 7.30 -18.37 -42.25
CA ARG C 67 6.37 -19.39 -41.80
C ARG C 67 5.54 -19.94 -42.94
N SER C 68 6.22 -20.61 -43.86
CA SER C 68 5.57 -21.12 -45.05
C SER C 68 4.87 -22.45 -44.81
N GLU C 69 5.57 -23.41 -44.22
CA GLU C 69 5.03 -24.74 -44.00
C GLU C 69 4.02 -24.80 -42.90
N SER C 70 3.96 -23.75 -42.12
CA SER C 70 3.03 -23.61 -41.05
C SER C 70 1.77 -22.89 -41.46
N CYS C 71 1.66 -22.46 -42.71
CA CYS C 71 0.43 -21.78 -43.12
C CYS C 71 -0.68 -22.79 -43.13
N LEU C 72 -1.93 -22.39 -42.91
CA LEU C 72 -2.96 -23.42 -42.92
C LEU C 72 -3.09 -24.11 -44.26
N GLU C 73 -2.83 -23.42 -45.35
CA GLU C 73 -2.98 -24.10 -46.63
C GLU C 73 -1.94 -25.21 -46.74
N SER C 74 -0.72 -24.95 -46.28
CA SER C 74 0.35 -25.92 -46.34
C SER C 74 0.12 -27.07 -45.38
N PHE C 75 -0.38 -26.76 -44.20
CA PHE C 75 -0.63 -27.76 -43.17
C PHE C 75 -1.66 -28.75 -43.65
N PHE C 76 -2.75 -28.24 -44.20
CA PHE C 76 -3.82 -29.08 -44.68
C PHE C 76 -3.64 -29.66 -46.06
N GLY C 77 -2.87 -29.03 -46.93
CA GLY C 77 -2.73 -29.41 -48.33
C GLY C 77 -1.95 -30.68 -48.67
N ARG C 78 -2.44 -31.80 -48.16
CA ARG C 78 -1.94 -33.12 -48.46
C ARG C 78 -3.12 -34.04 -48.59
N ALA C 79 -3.12 -34.89 -49.59
CA ALA C 79 -4.21 -35.83 -49.66
C ALA C 79 -4.02 -36.84 -48.56
N ALA C 80 -5.11 -37.27 -47.94
CA ALA C 80 -5.03 -38.30 -46.93
C ALA C 80 -5.95 -39.41 -47.31
N CYS C 81 -5.59 -40.63 -46.97
CA CYS C 81 -6.55 -41.69 -47.24
C CYS C 81 -7.59 -41.56 -46.17
N VAL C 82 -8.83 -41.63 -46.55
CA VAL C 82 -9.93 -41.55 -45.63
C VAL C 82 -10.59 -42.88 -45.43
N THR C 83 -10.91 -43.56 -46.50
CA THR C 83 -11.53 -44.86 -46.31
C THR C 83 -11.12 -45.84 -47.35
N ILE C 84 -11.39 -47.11 -47.07
CA ILE C 84 -11.15 -48.15 -48.03
C ILE C 84 -12.43 -48.95 -48.24
N LEU C 85 -12.89 -49.04 -49.47
CA LEU C 85 -14.12 -49.75 -49.76
C LEU C 85 -13.81 -51.08 -50.41
N SER C 86 -14.69 -52.06 -50.22
CA SER C 86 -14.49 -53.38 -50.78
C SER C 86 -15.56 -53.82 -51.79
N LEU C 87 -15.13 -54.09 -53.02
CA LEU C 87 -16.02 -54.53 -54.09
C LEU C 87 -15.67 -55.95 -54.52
N THR C 88 -16.66 -56.81 -54.69
CA THR C 88 -16.33 -58.15 -55.18
C THR C 88 -17.09 -58.53 -56.45
N ASN C 89 -16.36 -58.70 -57.54
CA ASN C 89 -16.98 -59.06 -58.81
C ASN C 89 -16.92 -60.57 -58.93
N SER C 90 -18.05 -61.24 -58.76
CA SER C 90 -18.07 -62.70 -58.71
C SER C 90 -19.23 -63.36 -59.39
N SER C 91 -18.97 -64.52 -59.97
CA SER C 91 -19.98 -65.33 -60.62
C SER C 91 -20.86 -66.09 -59.63
N LYS C 92 -20.44 -66.15 -58.37
CA LYS C 92 -21.20 -66.85 -57.34
C LYS C 92 -22.44 -66.02 -57.01
N SER C 93 -23.60 -66.65 -56.98
CA SER C 93 -24.83 -65.91 -56.70
C SER C 93 -24.83 -65.30 -55.30
N GLY C 94 -24.15 -65.96 -54.39
CA GLY C 94 -24.07 -65.52 -53.01
C GLY C 94 -23.23 -64.27 -52.82
N GLU C 95 -22.49 -63.86 -53.86
CA GLU C 95 -21.67 -62.68 -53.75
C GLU C 95 -22.18 -61.55 -54.63
N GLU C 96 -23.34 -61.70 -55.27
CA GLU C 96 -23.79 -60.64 -56.16
C GLU C 96 -24.02 -59.34 -55.41
N LYS C 97 -24.48 -59.46 -54.20
CA LYS C 97 -24.77 -58.34 -53.35
C LYS C 97 -23.52 -57.53 -52.99
N LYS C 98 -22.35 -58.12 -53.20
CA LYS C 98 -21.09 -57.46 -52.87
C LYS C 98 -20.45 -56.81 -54.09
N HIS C 99 -21.12 -56.88 -55.24
CA HIS C 99 -20.63 -56.35 -56.52
C HIS C 99 -20.41 -54.83 -56.50
N PHE C 100 -21.13 -54.16 -55.60
CA PHE C 100 -21.10 -52.72 -55.43
C PHE C 100 -21.17 -52.46 -53.95
N ASN C 101 -20.79 -51.26 -53.53
CA ASN C 101 -20.85 -50.94 -52.11
C ASN C 101 -21.21 -49.48 -51.91
N ILE C 102 -21.71 -49.12 -50.71
CA ILE C 102 -22.09 -47.74 -50.44
C ILE C 102 -21.44 -47.16 -49.19
N TRP C 103 -20.76 -46.03 -49.34
CA TRP C 103 -20.10 -45.39 -48.21
C TRP C 103 -20.59 -44.02 -47.80
N ASN C 104 -20.73 -43.82 -46.49
CA ASN C 104 -21.14 -42.52 -45.97
C ASN C 104 -19.99 -41.57 -46.09
N ILE C 105 -20.21 -40.39 -46.65
CA ILE C 105 -19.06 -39.52 -46.77
C ILE C 105 -18.74 -38.84 -45.48
N THR C 106 -17.51 -39.02 -45.07
CA THR C 106 -17.03 -38.50 -43.83
C THR C 106 -15.53 -38.51 -43.83
N TYR C 107 -14.91 -37.73 -42.96
CA TYR C 107 -13.45 -37.79 -42.81
C TYR C 107 -13.09 -38.59 -41.55
N THR C 108 -14.13 -38.97 -40.80
CA THR C 108 -14.09 -39.65 -39.52
C THR C 108 -13.32 -40.96 -39.50
N ASP C 109 -13.44 -41.74 -40.56
CA ASP C 109 -12.86 -43.06 -40.62
C ASP C 109 -11.35 -43.09 -40.41
N THR C 110 -10.63 -42.02 -40.78
CA THR C 110 -9.18 -42.00 -40.59
C THR C 110 -8.72 -40.92 -39.65
N VAL C 111 -7.92 -41.36 -38.73
CA VAL C 111 -7.39 -40.55 -37.68
C VAL C 111 -6.51 -39.41 -38.13
N GLN C 112 -5.62 -39.62 -39.08
CA GLN C 112 -4.74 -38.51 -39.40
C GLN C 112 -5.46 -37.29 -39.94
N LEU C 113 -6.48 -37.50 -40.77
CA LEU C 113 -7.15 -36.34 -41.31
C LEU C 113 -8.08 -35.73 -40.30
N ARG C 114 -8.80 -36.56 -39.52
CA ARG C 114 -9.71 -35.90 -38.60
C ARG C 114 -8.89 -35.16 -37.56
N ARG C 115 -7.72 -35.67 -37.22
CA ARG C 115 -6.93 -34.99 -36.23
C ARG C 115 -6.52 -33.61 -36.65
N LYS C 116 -6.08 -33.44 -37.91
CA LYS C 116 -5.72 -32.10 -38.29
C LYS C 116 -6.93 -31.18 -38.33
N LEU C 117 -8.05 -31.69 -38.82
CA LEU C 117 -9.23 -30.86 -38.91
C LEU C 117 -9.75 -30.44 -37.55
N GLU C 118 -9.60 -31.30 -36.56
CA GLU C 118 -10.09 -31.05 -35.21
C GLU C 118 -9.27 -30.05 -34.43
N PHE C 119 -8.22 -29.50 -35.04
CA PHE C 119 -7.52 -28.40 -34.39
C PHE C 119 -8.40 -27.18 -34.41
N PHE C 120 -9.43 -27.16 -35.25
CA PHE C 120 -10.27 -26.00 -35.34
C PHE C 120 -11.69 -26.34 -35.02
N THR C 121 -12.44 -25.38 -34.53
CA THR C 121 -13.82 -25.68 -34.25
C THR C 121 -14.61 -25.62 -35.56
N TYR C 122 -14.27 -24.66 -36.41
CA TYR C 122 -15.00 -24.47 -37.66
C TYR C 122 -14.03 -24.35 -38.81
N SER C 123 -14.45 -24.76 -39.99
CA SER C 123 -13.60 -24.56 -41.14
C SER C 123 -14.39 -24.43 -42.42
N ARG C 124 -13.83 -23.74 -43.38
CA ARG C 124 -14.50 -23.61 -44.65
C ARG C 124 -13.52 -23.94 -45.73
N PHE C 125 -13.82 -24.92 -46.55
CA PHE C 125 -12.89 -25.30 -47.59
C PHE C 125 -13.52 -26.01 -48.75
N ASP C 126 -12.78 -26.05 -49.86
CA ASP C 126 -13.16 -26.84 -51.02
C ASP C 126 -12.44 -28.16 -50.85
N LEU C 127 -12.92 -29.20 -51.47
CA LEU C 127 -12.29 -30.48 -51.32
C LEU C 127 -11.86 -31.20 -52.59
N GLU C 128 -10.59 -31.61 -52.65
CA GLU C 128 -10.12 -32.40 -53.82
C GLU C 128 -10.22 -33.89 -53.49
N MET C 129 -10.92 -34.68 -54.33
CA MET C 129 -10.96 -36.11 -54.09
C MET C 129 -10.29 -36.88 -55.19
N THR C 130 -9.54 -37.89 -54.77
CA THR C 130 -8.83 -38.80 -55.67
C THR C 130 -9.13 -40.22 -55.25
N PHE C 131 -9.29 -41.09 -56.21
CA PHE C 131 -9.55 -42.46 -55.82
C PHE C 131 -8.47 -43.35 -56.35
N VAL C 132 -8.11 -44.37 -55.61
CA VAL C 132 -7.10 -45.30 -56.07
C VAL C 132 -7.61 -46.73 -56.06
N PHE C 133 -7.51 -47.41 -57.18
CA PHE C 133 -8.01 -48.78 -57.25
C PHE C 133 -6.91 -49.81 -57.29
N THR C 134 -7.04 -50.83 -56.44
CA THR C 134 -6.13 -51.98 -56.43
C THR C 134 -6.94 -53.25 -56.49
N GLU C 135 -6.53 -54.22 -57.31
CA GLU C 135 -7.33 -55.44 -57.36
C GLU C 135 -6.49 -56.70 -57.36
N ASN C 136 -7.08 -57.78 -56.85
CA ASN C 136 -6.43 -59.09 -56.79
C ASN C 136 -7.46 -60.21 -56.88
N TYR C 137 -7.00 -61.44 -56.85
CA TYR C 137 -7.87 -62.61 -56.88
C TYR C 137 -7.89 -63.20 -55.48
N PRO C 138 -9.00 -63.18 -54.73
CA PRO C 138 -9.11 -63.68 -53.38
C PRO C 138 -9.15 -65.21 -53.36
N SER C 139 -9.36 -65.79 -54.52
CA SER C 139 -9.49 -67.22 -54.70
C SER C 139 -8.17 -67.92 -54.72
N THR C 140 -8.22 -69.24 -54.62
CA THR C 140 -7.01 -70.02 -54.75
C THR C 140 -6.77 -70.33 -56.22
N ALA C 141 -7.83 -70.20 -57.01
CA ALA C 141 -7.77 -70.46 -58.42
C ALA C 141 -8.06 -69.20 -59.22
N SER C 142 -7.00 -68.65 -59.80
CA SER C 142 -7.01 -67.45 -60.60
C SER C 142 -7.18 -67.85 -62.04
N GLY C 143 -7.44 -66.88 -62.91
CA GLY C 143 -7.60 -67.20 -64.32
C GLY C 143 -7.83 -65.98 -65.17
N GLU C 144 -8.24 -66.20 -66.41
CA GLU C 144 -8.39 -65.09 -67.33
C GLU C 144 -9.60 -64.22 -66.99
N VAL C 145 -9.33 -62.95 -66.80
CA VAL C 145 -10.30 -61.91 -66.50
C VAL C 145 -10.02 -60.73 -67.40
N ARG C 146 -11.05 -60.11 -67.92
CA ARG C 146 -10.87 -58.99 -68.83
C ARG C 146 -10.75 -57.71 -68.00
N ASN C 147 -10.13 -56.68 -68.55
CA ASN C 147 -9.92 -55.46 -67.79
C ASN C 147 -11.22 -54.86 -67.26
N GLN C 148 -11.18 -54.50 -65.98
CA GLN C 148 -12.32 -53.97 -65.27
C GLN C 148 -12.46 -52.47 -65.38
N VAL C 149 -13.70 -52.01 -65.23
CA VAL C 149 -14.10 -50.62 -65.20
C VAL C 149 -14.92 -50.35 -63.95
N TYR C 150 -14.69 -49.21 -63.32
CA TYR C 150 -15.43 -48.88 -62.12
C TYR C 150 -16.19 -47.56 -62.22
N GLN C 151 -17.33 -47.52 -61.56
CA GLN C 151 -18.15 -46.33 -61.47
C GLN C 151 -18.29 -45.78 -60.08
N ILE C 152 -17.98 -44.52 -59.90
CA ILE C 152 -18.21 -43.90 -58.61
C ILE C 152 -19.33 -42.89 -58.76
N MET C 153 -20.47 -43.19 -58.16
CA MET C 153 -21.64 -42.35 -58.28
C MET C 153 -21.91 -41.64 -56.98
N TYR C 154 -22.17 -40.35 -57.07
CA TYR C 154 -22.50 -39.64 -55.87
C TYR C 154 -23.96 -39.51 -55.69
N ILE C 155 -24.43 -39.90 -54.53
CA ILE C 155 -25.83 -39.82 -54.23
C ILE C 155 -26.04 -38.81 -53.13
N PRO C 156 -26.56 -37.62 -53.43
CA PRO C 156 -26.81 -36.54 -52.51
C PRO C 156 -27.82 -37.00 -51.48
N PRO C 157 -27.89 -36.39 -50.31
CA PRO C 157 -28.88 -36.71 -49.32
C PRO C 157 -30.25 -36.60 -49.93
N GLY C 158 -31.09 -37.60 -49.69
CA GLY C 158 -32.46 -37.60 -50.21
C GLY C 158 -32.60 -38.24 -51.59
N ALA C 159 -31.50 -38.46 -52.27
CA ALA C 159 -31.52 -39.06 -53.58
C ALA C 159 -31.70 -40.56 -53.39
N PRO C 160 -32.24 -41.29 -54.37
CA PRO C 160 -32.43 -42.73 -54.30
C PRO C 160 -31.11 -43.44 -54.33
N ARG C 161 -31.06 -44.60 -53.68
CA ARG C 161 -29.86 -45.40 -53.70
C ARG C 161 -30.17 -46.69 -54.40
N PRO C 162 -29.19 -47.31 -55.07
CA PRO C 162 -29.34 -48.58 -55.71
C PRO C 162 -29.53 -49.68 -54.69
N SER C 163 -30.39 -50.63 -55.01
CA SER C 163 -30.54 -51.82 -54.17
C SER C 163 -29.64 -52.92 -54.66
N SER C 164 -29.13 -52.74 -55.87
CA SER C 164 -28.32 -53.72 -56.54
C SER C 164 -27.36 -53.03 -57.49
N TRP C 165 -26.36 -53.76 -57.93
CA TRP C 165 -25.40 -53.24 -58.87
C TRP C 165 -26.02 -52.88 -60.22
N ASP C 166 -27.13 -53.51 -60.60
CA ASP C 166 -27.73 -53.20 -61.88
C ASP C 166 -29.00 -52.37 -61.72
N ASP C 167 -29.18 -51.73 -60.56
CA ASP C 167 -30.39 -50.95 -60.35
C ASP C 167 -30.42 -49.72 -61.24
N TYR C 168 -31.60 -49.20 -61.45
CA TYR C 168 -31.81 -48.07 -62.36
C TYR C 168 -31.11 -46.81 -61.94
N THR C 169 -30.80 -46.69 -60.67
CA THR C 169 -30.22 -45.47 -60.16
C THR C 169 -28.81 -45.25 -60.70
N TRP C 170 -28.18 -46.30 -61.20
CA TRP C 170 -26.82 -46.20 -61.70
C TRP C 170 -26.77 -45.43 -62.99
N GLN C 171 -27.94 -45.14 -63.58
CA GLN C 171 -28.01 -44.41 -64.84
C GLN C 171 -27.45 -43.02 -64.63
N SER C 172 -27.41 -42.55 -63.38
CA SER C 172 -26.81 -41.28 -63.05
C SER C 172 -27.32 -40.12 -63.90
N SER C 173 -28.62 -40.01 -64.07
CA SER C 173 -29.16 -38.93 -64.89
C SER C 173 -29.07 -37.57 -64.21
N SER C 174 -29.09 -37.58 -62.87
CA SER C 174 -29.00 -36.36 -62.10
C SER C 174 -27.80 -36.33 -61.18
N ASN C 175 -27.18 -37.48 -60.97
CA ASN C 175 -26.08 -37.57 -60.04
C ASN C 175 -24.74 -37.38 -60.72
N PRO C 176 -23.74 -36.77 -60.08
CA PRO C 176 -22.39 -36.74 -60.58
C PRO C 176 -21.91 -38.16 -60.63
N SER C 177 -21.16 -38.52 -61.66
CA SER C 177 -20.63 -39.86 -61.75
C SER C 177 -19.34 -39.89 -62.53
N ILE C 178 -18.34 -40.54 -61.98
CA ILE C 178 -17.07 -40.64 -62.67
C ILE C 178 -16.74 -42.07 -63.02
N PHE C 179 -16.33 -42.28 -64.25
CA PHE C 179 -15.97 -43.62 -64.66
C PHE C 179 -14.49 -43.72 -64.82
N TYR C 180 -13.96 -44.83 -64.34
CA TYR C 180 -12.55 -45.12 -64.41
C TYR C 180 -12.23 -46.47 -64.98
N MET C 181 -11.35 -46.50 -65.95
CA MET C 181 -10.93 -47.78 -66.47
C MET C 181 -9.71 -48.18 -65.71
N TYR C 182 -9.68 -49.39 -65.25
CA TYR C 182 -8.58 -49.80 -64.44
C TYR C 182 -7.30 -49.72 -65.24
N GLY C 183 -6.29 -49.14 -64.61
CA GLY C 183 -4.98 -49.02 -65.21
C GLY C 183 -4.68 -47.61 -65.66
N ASN C 184 -5.69 -46.76 -65.79
CA ASN C 184 -5.40 -45.40 -66.18
C ASN C 184 -5.00 -44.61 -64.94
N ALA C 185 -4.66 -43.35 -65.11
CA ALA C 185 -4.28 -42.57 -63.95
C ALA C 185 -5.44 -42.52 -62.99
N PRO C 186 -5.21 -42.56 -61.67
CA PRO C 186 -6.26 -42.49 -60.68
C PRO C 186 -7.16 -41.30 -60.99
N PRO C 187 -8.49 -41.46 -60.96
CA PRO C 187 -9.47 -40.47 -61.25
C PRO C 187 -9.50 -39.45 -60.15
N ARG C 188 -9.81 -38.21 -60.49
CA ARG C 188 -9.77 -37.09 -59.50
C ARG C 188 -10.78 -36.01 -59.88
N MET C 189 -11.37 -35.34 -58.88
CA MET C 189 -12.29 -34.22 -59.09
C MET C 189 -12.29 -33.20 -57.95
N SER C 190 -12.78 -31.99 -58.23
CA SER C 190 -12.90 -30.99 -57.19
C SER C 190 -14.32 -30.64 -56.76
N ILE C 191 -14.55 -30.67 -55.48
CA ILE C 191 -15.84 -30.40 -54.89
C ILE C 191 -15.85 -29.04 -54.19
N PRO C 192 -16.71 -28.10 -54.55
CA PRO C 192 -16.77 -26.78 -53.97
C PRO C 192 -17.32 -26.90 -52.58
N TYR C 193 -17.08 -25.93 -51.72
CA TYR C 193 -17.69 -25.98 -50.40
C TYR C 193 -19.17 -26.20 -50.53
N VAL C 194 -19.70 -27.21 -49.80
CA VAL C 194 -21.13 -27.54 -49.86
C VAL C 194 -21.86 -27.44 -48.55
N GLY C 195 -21.29 -26.84 -47.54
CA GLY C 195 -21.98 -26.81 -46.27
C GLY C 195 -23.20 -25.91 -46.35
N ILE C 196 -24.23 -26.24 -45.56
CA ILE C 196 -25.43 -25.43 -45.49
C ILE C 196 -25.14 -24.19 -44.66
N ALA C 197 -24.31 -24.36 -43.66
CA ALA C 197 -23.88 -23.29 -42.79
C ALA C 197 -22.82 -22.52 -43.52
N ASN C 198 -22.25 -21.48 -42.93
CA ASN C 198 -21.33 -20.66 -43.67
C ASN C 198 -19.91 -21.19 -43.49
N ALA C 199 -19.81 -22.26 -42.72
CA ALA C 199 -18.59 -23.00 -42.43
C ALA C 199 -19.03 -24.38 -42.02
N TYR C 200 -18.16 -25.36 -42.12
CA TYR C 200 -18.49 -26.68 -41.64
C TYR C 200 -18.20 -26.64 -40.17
N SER C 201 -19.00 -27.30 -39.37
CA SER C 201 -18.70 -27.36 -37.95
C SER C 201 -18.06 -28.69 -37.69
N HIS C 202 -16.94 -28.73 -36.97
CA HIS C 202 -16.34 -30.02 -36.69
C HIS C 202 -16.85 -30.56 -35.37
N PHE C 203 -17.57 -29.71 -34.67
CA PHE C 203 -18.15 -30.04 -33.39
C PHE C 203 -19.54 -29.49 -33.32
N TYR C 204 -20.43 -30.18 -32.66
CA TYR C 204 -21.74 -29.63 -32.42
C TYR C 204 -22.25 -29.97 -31.07
N ASP C 205 -22.18 -29.02 -30.18
CA ASP C 205 -22.59 -29.28 -28.82
C ASP C 205 -24.06 -29.09 -28.69
N GLY C 206 -24.78 -30.06 -29.17
CA GLY C 206 -26.20 -29.94 -29.20
C GLY C 206 -26.87 -31.13 -29.79
N PHE C 207 -28.17 -31.00 -29.92
CA PHE C 207 -28.97 -32.07 -30.42
C PHE C 207 -29.57 -31.68 -31.75
N ALA C 208 -29.78 -32.66 -32.61
CA ALA C 208 -30.45 -32.43 -33.88
C ALA C 208 -31.90 -31.97 -33.73
N ARG C 209 -32.57 -32.46 -32.71
CA ARG C 209 -33.98 -32.17 -32.47
C ARG C 209 -34.15 -31.88 -30.98
N VAL C 210 -35.13 -31.05 -30.61
CA VAL C 210 -35.36 -30.83 -29.18
C VAL C 210 -36.45 -31.78 -28.74
N PRO C 211 -36.23 -32.69 -27.80
CA PRO C 211 -37.27 -33.56 -27.33
C PRO C 211 -38.15 -32.66 -26.51
N LEU C 212 -39.46 -32.81 -26.61
CA LEU C 212 -40.36 -31.95 -25.86
C LEU C 212 -41.06 -32.65 -24.74
N GLU C 213 -41.55 -31.85 -23.80
CA GLU C 213 -42.25 -32.39 -22.67
C GLU C 213 -43.38 -33.26 -23.17
N GLY C 214 -43.47 -34.44 -22.57
CA GLY C 214 -44.44 -35.45 -22.92
C GLY C 214 -43.74 -36.71 -23.41
N GLU C 215 -42.50 -36.57 -23.87
CA GLU C 215 -41.71 -37.72 -24.31
C GLU C 215 -40.37 -37.76 -23.58
N ASN C 216 -40.41 -38.16 -22.30
CA ASN C 216 -39.24 -38.12 -21.43
C ASN C 216 -38.49 -39.42 -21.26
N THR C 217 -37.40 -39.58 -21.98
CA THR C 217 -36.60 -40.77 -21.86
C THR C 217 -35.14 -40.34 -21.82
N ASP C 218 -34.26 -41.17 -21.28
CA ASP C 218 -32.85 -40.88 -21.36
C ASP C 218 -32.33 -41.50 -22.65
N ALA C 219 -32.68 -42.76 -22.79
CA ALA C 219 -32.31 -43.60 -23.88
C ALA C 219 -33.05 -43.09 -25.08
N GLY C 220 -32.46 -43.27 -26.23
CA GLY C 220 -33.07 -42.82 -27.46
C GLY C 220 -32.53 -41.47 -27.87
N ASP C 221 -31.87 -40.74 -26.98
CA ASP C 221 -31.32 -39.46 -27.41
C ASP C 221 -29.98 -39.67 -28.07
N THR C 222 -30.07 -40.10 -29.31
CA THR C 222 -28.97 -40.46 -30.19
C THR C 222 -28.77 -39.35 -31.20
N PHE C 223 -29.30 -38.20 -30.83
CA PHE C 223 -29.25 -37.01 -31.62
C PHE C 223 -28.15 -36.06 -31.19
N TYR C 224 -27.31 -36.48 -30.24
CA TYR C 224 -26.27 -35.60 -29.73
C TYR C 224 -25.00 -35.61 -30.56
N GLY C 225 -24.47 -34.44 -30.83
CA GLY C 225 -23.21 -34.34 -31.53
C GLY C 225 -23.45 -34.07 -32.99
N LEU C 226 -22.39 -33.72 -33.70
CA LEU C 226 -22.50 -33.30 -35.11
C LEU C 226 -22.90 -34.42 -36.00
N VAL C 227 -22.75 -35.62 -35.51
CA VAL C 227 -23.02 -36.81 -36.26
C VAL C 227 -24.49 -36.90 -36.62
N SER C 228 -25.35 -36.24 -35.85
CA SER C 228 -26.76 -36.25 -36.07
C SER C 228 -27.23 -35.20 -37.06
N ILE C 229 -26.36 -34.28 -37.46
CA ILE C 229 -26.77 -33.19 -38.35
C ILE C 229 -25.94 -33.12 -39.64
N ASN C 230 -25.16 -34.14 -39.91
CA ASN C 230 -24.31 -34.15 -41.11
C ASN C 230 -24.56 -35.30 -42.03
N ASP C 231 -25.04 -34.94 -43.19
CA ASP C 231 -25.36 -35.88 -44.24
C ASP C 231 -24.86 -35.30 -45.53
N PHE C 232 -23.77 -35.84 -46.02
CA PHE C 232 -23.14 -35.36 -47.22
C PHE C 232 -23.41 -36.31 -48.34
N GLY C 233 -24.34 -37.22 -48.14
CA GLY C 233 -24.66 -38.20 -49.15
C GLY C 233 -23.68 -39.35 -49.06
N VAL C 234 -23.74 -40.21 -50.06
CA VAL C 234 -22.89 -41.38 -50.09
C VAL C 234 -22.20 -41.58 -51.42
N LEU C 235 -21.14 -42.37 -51.40
CA LEU C 235 -20.52 -42.78 -52.65
C LEU C 235 -20.89 -44.20 -52.94
N ALA C 236 -21.56 -44.39 -54.04
CA ALA C 236 -21.98 -45.71 -54.44
C ALA C 236 -20.97 -46.17 -55.47
N VAL C 237 -20.23 -47.20 -55.16
CA VAL C 237 -19.17 -47.60 -56.04
C VAL C 237 -19.46 -48.97 -56.63
N ARG C 238 -19.38 -49.06 -57.94
CA ARG C 238 -19.70 -50.28 -58.64
C ARG C 238 -18.74 -50.82 -59.67
N ALA C 239 -18.49 -52.12 -59.63
CA ALA C 239 -17.78 -52.69 -60.76
C ALA C 239 -18.82 -52.66 -61.87
N VAL C 240 -18.48 -52.27 -63.07
CA VAL C 240 -19.58 -52.16 -64.04
C VAL C 240 -19.57 -53.29 -65.04
N ASN C 241 -18.68 -54.22 -64.78
CA ASN C 241 -18.46 -55.38 -65.62
C ASN C 241 -19.36 -56.53 -65.29
N ARG C 242 -19.50 -57.40 -66.26
CA ARG C 242 -20.21 -58.65 -66.11
C ARG C 242 -19.39 -59.53 -65.18
N SER C 243 -20.02 -60.46 -64.49
CA SER C 243 -19.30 -61.39 -63.65
C SER C 243 -18.44 -62.30 -64.50
N ASN C 244 -17.26 -62.63 -63.99
CA ASN C 244 -16.35 -63.54 -64.65
C ASN C 244 -16.18 -64.76 -63.77
N PRO C 245 -15.82 -65.93 -64.31
CA PRO C 245 -15.56 -67.16 -63.58
C PRO C 245 -14.58 -66.99 -62.42
N HIS C 246 -13.61 -66.08 -62.55
CA HIS C 246 -12.65 -65.88 -61.49
C HIS C 246 -12.91 -64.58 -60.78
N THR C 247 -13.14 -64.68 -59.49
CA THR C 247 -13.49 -63.53 -58.66
C THR C 247 -12.43 -62.48 -58.55
N ILE C 248 -12.84 -61.23 -58.69
CA ILE C 248 -11.95 -60.11 -58.47
C ILE C 248 -12.34 -59.32 -57.25
N HIS C 249 -11.37 -59.11 -56.38
CA HIS C 249 -11.56 -58.35 -55.17
C HIS C 249 -10.87 -57.02 -55.29
N THR C 250 -11.66 -55.97 -55.24
CA THR C 250 -11.10 -54.65 -55.42
C THR C 250 -11.22 -53.75 -54.21
N SER C 251 -10.08 -53.17 -53.90
CA SER C 251 -9.92 -52.24 -52.82
C SER C 251 -9.92 -50.84 -53.38
N VAL C 252 -10.86 -50.02 -52.92
CA VAL C 252 -10.95 -48.67 -53.45
C VAL C 252 -10.58 -47.71 -52.37
N ARG C 253 -9.51 -46.99 -52.57
CA ARG C 253 -9.06 -46.08 -51.55
C ARG C 253 -9.57 -44.71 -51.88
N VAL C 254 -10.14 -44.05 -50.90
CA VAL C 254 -10.68 -42.73 -51.09
C VAL C 254 -9.81 -41.72 -50.43
N TYR C 255 -9.28 -40.77 -51.19
CA TYR C 255 -8.42 -39.74 -50.68
C TYR C 255 -9.05 -38.37 -50.68
N MET C 256 -8.73 -37.59 -49.65
CA MET C 256 -9.21 -36.22 -49.56
C MET C 256 -8.14 -35.19 -49.27
N LYS C 257 -8.20 -34.06 -49.97
CA LYS C 257 -7.29 -32.95 -49.71
C LYS C 257 -8.00 -31.60 -49.58
N PRO C 258 -8.27 -31.11 -48.38
CA PRO C 258 -8.92 -29.83 -48.16
C PRO C 258 -8.03 -28.78 -48.79
N LYS C 259 -8.62 -27.80 -49.45
CA LYS C 259 -7.89 -26.73 -50.10
C LYS C 259 -8.59 -25.39 -49.97
N HIS C 260 -7.86 -24.28 -50.01
CA HIS C 260 -8.48 -22.96 -49.93
C HIS C 260 -9.24 -22.91 -48.64
N ILE C 261 -8.54 -23.29 -47.59
CA ILE C 261 -9.11 -23.42 -46.28
C ILE C 261 -8.86 -22.30 -45.30
N ARG C 262 -9.93 -21.90 -44.66
CA ARG C 262 -9.91 -20.92 -43.59
C ARG C 262 -10.45 -21.63 -42.36
N CYS C 263 -9.81 -21.44 -41.23
CA CYS C 263 -10.27 -22.07 -40.01
C CYS C 263 -10.51 -21.09 -38.89
N TRP C 264 -11.40 -21.45 -37.97
CA TRP C 264 -11.70 -20.58 -36.86
C TRP C 264 -11.72 -21.28 -35.52
N CYS C 265 -11.41 -20.48 -34.49
CA CYS C 265 -11.56 -20.90 -33.13
C CYS C 265 -10.80 -22.17 -32.84
N PRO C 266 -9.48 -22.07 -32.69
CA PRO C 266 -8.59 -23.17 -32.54
C PRO C 266 -8.86 -23.82 -31.22
N ARG C 267 -8.56 -25.09 -31.16
CA ARG C 267 -8.72 -25.86 -29.96
C ARG C 267 -7.59 -26.87 -29.95
N PRO C 268 -7.25 -27.49 -28.84
CA PRO C 268 -6.21 -28.48 -28.77
C PRO C 268 -6.54 -29.73 -29.55
N PRO C 269 -5.55 -30.49 -30.01
CA PRO C 269 -5.68 -31.76 -30.65
C PRO C 269 -6.03 -32.79 -29.61
N ARG C 270 -6.61 -33.89 -30.04
CA ARG C 270 -6.93 -34.99 -29.15
C ARG C 270 -5.70 -35.75 -28.66
N ALA C 271 -5.67 -36.05 -27.38
CA ALA C 271 -4.57 -36.79 -26.79
C ALA C 271 -4.74 -38.30 -26.85
N VAL C 272 -5.98 -38.75 -26.87
CA VAL C 272 -6.24 -40.18 -26.80
C VAL C 272 -6.94 -40.74 -28.02
N LEU C 273 -6.99 -42.05 -28.13
CA LEU C 273 -7.59 -42.70 -29.27
C LEU C 273 -9.06 -42.43 -29.37
N TYR C 274 -9.55 -42.36 -30.60
CA TYR C 274 -10.96 -42.09 -30.89
C TYR C 274 -11.82 -43.32 -30.80
N ARG C 275 -13.03 -43.15 -30.28
CA ARG C 275 -14.00 -44.22 -30.31
C ARG C 275 -15.17 -43.80 -31.15
N GLY C 276 -15.19 -44.23 -32.39
CA GLY C 276 -16.26 -43.87 -33.31
C GLY C 276 -16.24 -42.44 -33.82
N GLU C 277 -17.43 -41.98 -34.16
CA GLU C 277 -17.70 -40.71 -34.80
C GLU C 277 -17.65 -39.45 -33.93
N GLY C 278 -17.88 -39.60 -32.64
CA GLY C 278 -17.92 -38.46 -31.73
C GLY C 278 -16.60 -38.22 -31.05
N VAL C 279 -16.68 -37.79 -29.79
CA VAL C 279 -15.47 -37.46 -29.04
C VAL C 279 -15.23 -38.49 -27.97
N ASP C 280 -15.94 -39.59 -28.07
CA ASP C 280 -15.89 -40.64 -27.10
C ASP C 280 -14.52 -41.25 -26.90
N MET C 281 -14.25 -41.51 -25.62
CA MET C 281 -13.01 -42.10 -25.15
C MET C 281 -13.15 -43.59 -24.92
N ILE C 282 -12.04 -44.29 -25.01
CA ILE C 282 -11.97 -45.72 -24.79
C ILE C 282 -11.41 -45.98 -23.41
N SER C 283 -12.10 -46.72 -22.54
CA SER C 283 -11.55 -46.85 -21.18
C SER C 283 -10.18 -47.51 -21.10
N SER C 284 -9.83 -48.31 -22.08
CA SER C 284 -8.54 -48.97 -22.12
C SER C 284 -7.43 -48.07 -22.64
N ALA C 285 -7.77 -46.86 -23.09
CA ALA C 285 -6.78 -45.98 -23.68
C ALA C 285 -6.98 -44.51 -23.31
N ILE C 286 -6.99 -44.18 -22.02
CA ILE C 286 -7.13 -42.80 -21.58
C ILE C 286 -5.90 -42.32 -20.86
N LEU C 287 -4.77 -42.91 -21.17
CA LEU C 287 -3.54 -42.59 -20.50
C LEU C 287 -2.46 -42.18 -21.50
N PRO C 288 -2.54 -40.98 -22.10
CA PRO C 288 -1.67 -40.51 -23.17
C PRO C 288 -0.21 -40.24 -22.85
N LEU C 289 0.17 -40.04 -21.58
CA LEU C 289 1.56 -39.73 -21.30
C LEU C 289 2.38 -40.89 -20.75
N ALA C 290 3.67 -40.84 -21.06
CA ALA C 290 4.67 -41.74 -20.52
C ALA C 290 5.04 -41.30 -19.12
N LYS C 291 5.50 -42.24 -18.30
CA LYS C 291 5.99 -41.89 -16.97
C LYS C 291 7.43 -41.38 -17.03
N VAL C 292 7.73 -40.39 -16.21
CA VAL C 292 9.10 -39.90 -16.08
C VAL C 292 9.61 -40.35 -14.72
N ASP C 293 10.87 -40.79 -14.65
CA ASP C 293 11.38 -41.30 -13.37
C ASP C 293 11.28 -40.30 -12.23
N SER C 294 11.56 -39.04 -12.51
CA SER C 294 11.48 -38.02 -11.49
C SER C 294 11.34 -36.63 -12.09
N ILE C 295 10.92 -35.69 -11.27
CA ILE C 295 10.77 -34.30 -11.70
C ILE C 295 12.10 -33.67 -12.09
N THR C 296 13.20 -34.22 -11.57
CA THR C 296 14.58 -33.79 -11.78
C THR C 296 15.37 -34.68 -12.75
N THR C 297 14.66 -35.49 -13.54
CA THR C 297 15.32 -36.40 -14.49
C THR C 297 16.17 -35.79 -15.63
N PHE C 298 15.71 -34.69 -16.26
CA PHE C 298 16.28 -34.05 -17.48
C PHE C 298 15.72 -34.81 -18.68
N CYS D 7 -5.87 9.97 -13.19
CA CYS D 7 -6.09 10.42 -11.82
C CYS D 7 -6.36 9.21 -10.88
N GLY D 8 -5.39 8.29 -10.78
CA GLY D 8 -5.42 7.12 -9.89
C GLY D 8 -6.16 5.90 -10.46
N TYR D 9 -6.48 5.91 -11.74
CA TYR D 9 -7.21 4.79 -12.31
C TYR D 9 -6.30 3.61 -12.37
N SER D 10 -6.87 2.43 -12.20
CA SER D 10 -6.09 1.22 -12.19
C SER D 10 -6.78 0.04 -12.83
N ASP D 11 -5.98 -0.78 -13.48
CA ASP D 11 -6.40 -2.00 -14.14
C ASP D 11 -6.87 -3.08 -13.20
N ARG D 12 -6.56 -2.89 -11.93
CA ARG D 12 -6.91 -3.78 -10.87
C ARG D 12 -8.40 -3.72 -10.55
N VAL D 13 -9.06 -2.58 -10.83
CA VAL D 13 -10.45 -2.44 -10.44
C VAL D 13 -11.30 -2.20 -11.66
N ARG D 14 -12.59 -2.48 -11.54
CA ARG D 14 -13.48 -2.24 -12.67
C ARG D 14 -14.94 -2.17 -12.29
N GLN D 15 -15.70 -1.43 -13.07
CA GLN D 15 -17.15 -1.46 -12.89
C GLN D 15 -17.84 -1.86 -14.17
N ILE D 16 -18.54 -2.97 -14.13
CA ILE D 16 -19.22 -3.40 -15.33
C ILE D 16 -20.70 -3.18 -15.17
N THR D 17 -21.30 -2.40 -16.05
CA THR D 17 -22.73 -2.16 -15.91
C THR D 17 -23.45 -2.57 -17.16
N LEU D 18 -24.44 -3.42 -17.00
CA LEU D 18 -25.29 -3.84 -18.11
C LEU D 18 -26.72 -3.82 -17.61
N GLY D 19 -27.61 -3.13 -18.30
CA GLY D 19 -28.98 -3.13 -17.85
C GLY D 19 -29.10 -2.52 -16.46
N ASN D 20 -29.72 -3.25 -15.54
CA ASN D 20 -29.88 -2.75 -14.19
C ASN D 20 -28.91 -3.44 -13.25
N SER D 21 -27.87 -4.04 -13.80
CA SER D 21 -26.91 -4.79 -13.00
C SER D 21 -25.46 -4.39 -13.10
N THR D 22 -24.90 -4.00 -11.97
CA THR D 22 -23.51 -3.59 -11.86
C THR D 22 -22.65 -4.52 -11.05
N ILE D 23 -21.49 -4.81 -11.60
CA ILE D 23 -20.54 -5.61 -10.88
C ILE D 23 -19.30 -4.83 -10.59
N THR D 24 -18.90 -4.75 -9.34
CA THR D 24 -17.67 -4.03 -9.11
C THR D 24 -16.65 -5.04 -8.66
N THR D 25 -15.43 -4.81 -9.05
CA THR D 25 -14.32 -5.64 -8.64
C THR D 25 -13.16 -4.83 -8.11
N GLN D 26 -12.59 -5.29 -6.98
CA GLN D 26 -11.42 -4.64 -6.45
C GLN D 26 -10.12 -5.28 -6.96
N GLU D 27 -10.14 -6.60 -7.17
CA GLU D 27 -8.91 -7.31 -7.53
C GLU D 27 -9.01 -8.24 -8.73
N ALA D 28 -8.65 -7.73 -9.91
CA ALA D 28 -8.69 -8.57 -11.12
C ALA D 28 -7.58 -8.23 -12.09
N ALA D 29 -7.24 -9.20 -12.91
CA ALA D 29 -6.23 -9.10 -13.95
C ALA D 29 -6.79 -8.62 -15.28
N ASN D 30 -6.97 -7.32 -15.41
CA ASN D 30 -7.60 -6.73 -16.59
C ASN D 30 -8.95 -7.39 -16.86
N ALA D 31 -9.20 -7.68 -18.13
CA ALA D 31 -10.40 -8.34 -18.63
C ALA D 31 -10.05 -8.88 -20.00
N ILE D 32 -10.72 -9.90 -20.43
CA ILE D 32 -10.44 -10.51 -21.72
C ILE D 32 -11.53 -10.39 -22.72
N VAL D 33 -11.19 -10.01 -23.94
CA VAL D 33 -12.22 -10.01 -24.95
C VAL D 33 -11.88 -11.12 -25.90
N ALA D 34 -12.67 -12.19 -25.89
CA ALA D 34 -12.27 -13.35 -26.64
C ALA D 34 -12.13 -13.01 -28.10
N TYR D 35 -11.02 -13.46 -28.68
CA TYR D 35 -10.66 -13.28 -30.07
C TYR D 35 -10.58 -11.82 -30.51
N GLY D 36 -10.57 -10.90 -29.56
CA GLY D 36 -10.47 -9.49 -29.86
C GLY D 36 -11.81 -8.90 -30.32
N GLU D 37 -12.92 -9.61 -30.13
CA GLU D 37 -14.18 -9.09 -30.62
C GLU D 37 -15.29 -8.97 -29.60
N TRP D 38 -16.07 -7.94 -29.78
CA TRP D 38 -17.23 -7.67 -28.96
C TRP D 38 -18.46 -8.23 -29.63
N PRO D 39 -19.49 -8.59 -28.88
CA PRO D 39 -20.77 -8.94 -29.42
C PRO D 39 -21.36 -7.78 -30.16
N THR D 40 -21.95 -8.05 -31.31
CA THR D 40 -22.64 -7.04 -32.09
C THR D 40 -23.94 -7.66 -32.57
N TYR D 41 -24.81 -6.84 -33.11
CA TYR D 41 -26.07 -7.29 -33.69
C TYR D 41 -25.85 -7.80 -35.09
N ILE D 42 -26.80 -8.59 -35.61
CA ILE D 42 -26.60 -9.11 -36.95
C ILE D 42 -26.68 -7.99 -37.96
N ASN D 43 -25.67 -7.91 -38.83
CA ASN D 43 -25.61 -6.90 -39.85
C ASN D 43 -26.53 -7.25 -41.01
N ASP D 44 -27.02 -6.25 -41.71
CA ASP D 44 -27.86 -6.51 -42.87
C ASP D 44 -27.16 -7.36 -43.92
N SER D 45 -25.85 -7.19 -44.04
CA SER D 45 -25.07 -7.91 -45.03
C SER D 45 -24.87 -9.39 -44.72
N GLU D 46 -25.15 -9.80 -43.48
CA GLU D 46 -24.96 -11.18 -43.09
C GLU D 46 -26.18 -11.69 -42.36
N ALA D 47 -27.26 -11.97 -43.04
CA ALA D 47 -28.42 -12.38 -42.27
C ALA D 47 -29.26 -13.41 -42.98
N ASN D 48 -29.65 -14.42 -42.22
CA ASN D 48 -30.51 -15.49 -42.68
C ASN D 48 -32.01 -15.27 -42.54
N PRO D 49 -32.54 -14.86 -41.38
CA PRO D 49 -33.96 -14.78 -41.14
C PRO D 49 -34.53 -13.62 -41.91
N VAL D 50 -35.79 -13.73 -42.23
CA VAL D 50 -36.51 -12.66 -42.89
C VAL D 50 -37.27 -11.80 -41.91
N ASP D 51 -37.80 -12.42 -40.87
CA ASP D 51 -38.61 -11.73 -39.89
C ASP D 51 -37.88 -10.59 -39.27
N ALA D 52 -38.59 -9.51 -38.97
CA ALA D 52 -37.91 -8.45 -38.30
C ALA D 52 -37.44 -9.05 -36.99
N PRO D 53 -36.24 -8.73 -36.51
CA PRO D 53 -35.68 -9.21 -35.28
C PRO D 53 -36.31 -8.59 -34.07
N THR D 54 -36.24 -9.32 -32.99
CA THR D 54 -36.60 -8.85 -31.69
C THR D 54 -35.32 -8.55 -30.98
N GLU D 55 -35.23 -7.37 -30.41
CA GLU D 55 -34.04 -6.98 -29.69
C GLU D 55 -34.44 -6.56 -28.28
N PRO D 56 -34.52 -7.49 -27.31
CA PRO D 56 -34.98 -7.26 -25.96
C PRO D 56 -34.20 -6.18 -25.26
N ASP D 57 -32.98 -5.94 -25.75
CA ASP D 57 -32.14 -4.91 -25.21
C ASP D 57 -31.96 -5.05 -23.71
N VAL D 58 -32.24 -3.98 -22.99
CA VAL D 58 -32.09 -3.85 -21.56
C VAL D 58 -32.86 -4.87 -20.73
N SER D 59 -33.85 -5.55 -21.30
CA SER D 59 -34.56 -6.52 -20.48
C SER D 59 -33.68 -7.74 -20.25
N SER D 60 -33.23 -8.37 -21.32
CA SER D 60 -32.42 -9.55 -21.20
C SER D 60 -30.94 -9.26 -20.95
N ASN D 61 -30.44 -8.09 -21.34
CA ASN D 61 -29.00 -7.85 -21.20
C ASN D 61 -28.62 -7.32 -19.82
N ARG D 62 -28.75 -8.18 -18.82
CA ARG D 62 -28.44 -7.90 -17.42
C ARG D 62 -27.74 -9.11 -16.87
N PHE D 63 -27.02 -9.00 -15.78
CA PHE D 63 -26.39 -10.17 -15.21
C PHE D 63 -27.31 -10.97 -14.34
N TYR D 64 -27.14 -12.26 -14.39
CA TYR D 64 -27.87 -13.19 -13.58
C TYR D 64 -26.84 -13.98 -12.79
N THR D 65 -27.17 -14.39 -11.59
CA THR D 65 -26.21 -15.17 -10.83
C THR D 65 -26.61 -16.63 -10.78
N LEU D 66 -25.68 -17.51 -11.13
CA LEU D 66 -25.95 -18.92 -11.14
C LEU D 66 -25.71 -19.45 -9.74
N GLU D 67 -26.32 -20.57 -9.40
CA GLU D 67 -26.06 -21.11 -8.07
C GLU D 67 -24.56 -21.34 -7.92
N SER D 68 -24.03 -20.95 -6.79
CA SER D 68 -22.62 -21.09 -6.49
C SER D 68 -22.26 -22.52 -6.19
N VAL D 69 -20.96 -22.79 -6.24
CA VAL D 69 -20.47 -24.12 -5.93
C VAL D 69 -19.38 -23.98 -4.89
N SER D 70 -19.09 -25.04 -4.16
CA SER D 70 -18.00 -24.92 -3.20
C SER D 70 -16.73 -25.51 -3.71
N TRP D 71 -15.64 -24.77 -3.52
CA TRP D 71 -14.34 -25.23 -3.87
C TRP D 71 -13.78 -25.95 -2.67
N LYS D 72 -13.68 -27.25 -2.82
CA LYS D 72 -13.20 -28.13 -1.78
C LYS D 72 -11.84 -28.58 -2.22
N THR D 73 -11.07 -29.13 -1.32
CA THR D 73 -9.73 -29.57 -1.64
C THR D 73 -9.71 -30.81 -2.52
N THR D 74 -10.85 -31.45 -2.66
CA THR D 74 -11.01 -32.63 -3.46
C THR D 74 -11.78 -32.36 -4.76
N SER D 75 -12.14 -31.09 -5.02
CA SER D 75 -12.90 -30.78 -6.22
C SER D 75 -12.04 -30.98 -7.45
N ARG D 76 -12.62 -31.45 -8.54
CA ARG D 76 -11.81 -31.59 -9.74
C ARG D 76 -12.16 -30.59 -10.81
N GLY D 77 -13.34 -29.98 -10.72
CA GLY D 77 -13.73 -28.99 -11.69
C GLY D 77 -15.22 -28.85 -11.80
N TRP D 78 -15.64 -27.80 -12.47
CA TRP D 78 -17.05 -27.54 -12.65
C TRP D 78 -17.38 -27.25 -14.10
N TRP D 79 -18.51 -27.75 -14.49
CA TRP D 79 -19.04 -27.66 -15.84
C TRP D 79 -20.39 -26.96 -16.03
N TRP D 80 -20.42 -25.96 -16.89
CA TRP D 80 -21.69 -25.32 -17.27
C TRP D 80 -21.78 -25.17 -18.77
N LYS D 81 -22.98 -25.14 -19.33
CA LYS D 81 -23.11 -24.78 -20.74
C LYS D 81 -23.71 -23.40 -20.71
N LEU D 82 -23.27 -22.52 -21.59
CA LEU D 82 -23.67 -21.14 -21.42
C LEU D 82 -25.12 -20.74 -21.73
N PRO D 83 -25.69 -20.91 -22.93
CA PRO D 83 -27.07 -20.56 -23.15
C PRO D 83 -27.98 -21.46 -22.34
N ASP D 84 -27.48 -22.64 -21.95
CA ASP D 84 -28.28 -23.52 -21.11
C ASP D 84 -28.39 -23.01 -19.69
N CYS D 85 -27.28 -22.55 -19.12
CA CYS D 85 -27.37 -22.14 -17.73
C CYS D 85 -28.30 -20.96 -17.55
N LEU D 86 -28.48 -20.16 -18.58
CA LEU D 86 -29.39 -19.04 -18.45
C LEU D 86 -30.81 -19.32 -18.94
N LYS D 87 -31.12 -20.54 -19.33
CA LYS D 87 -32.42 -20.80 -19.90
C LYS D 87 -33.60 -20.51 -19.01
N ASP D 88 -33.43 -20.57 -17.71
CA ASP D 88 -34.54 -20.31 -16.82
C ASP D 88 -34.35 -19.00 -16.06
N MET D 89 -33.46 -18.15 -16.55
CA MET D 89 -33.16 -16.92 -15.83
C MET D 89 -33.77 -15.67 -16.49
N GLY D 90 -34.81 -15.14 -15.86
CA GLY D 90 -35.47 -13.92 -16.30
C GLY D 90 -36.01 -13.93 -17.71
N MET D 91 -35.90 -12.75 -18.35
CA MET D 91 -36.38 -12.56 -19.69
C MET D 91 -35.54 -13.23 -20.74
N PHE D 92 -34.26 -13.39 -20.48
CA PHE D 92 -33.44 -14.05 -21.47
C PHE D 92 -33.99 -15.45 -21.62
N GLY D 93 -34.25 -16.08 -20.48
CA GLY D 93 -34.80 -17.41 -20.47
C GLY D 93 -36.13 -17.45 -21.23
N GLN D 94 -37.05 -16.55 -20.92
CA GLN D 94 -38.32 -16.65 -21.61
C GLN D 94 -38.20 -16.43 -23.11
N ASN D 95 -37.35 -15.53 -23.53
CA ASN D 95 -37.27 -15.31 -24.95
C ASN D 95 -36.64 -16.47 -25.68
N MET D 96 -35.67 -17.16 -25.08
CA MET D 96 -35.15 -18.27 -25.87
C MET D 96 -36.18 -19.36 -26.02
N TYR D 97 -37.15 -19.47 -25.09
CA TYR D 97 -38.14 -20.50 -25.29
C TYR D 97 -39.20 -20.05 -26.30
N TYR D 98 -39.52 -18.76 -26.34
CA TYR D 98 -40.50 -18.27 -27.30
C TYR D 98 -40.01 -18.14 -28.72
N HIS D 99 -38.74 -17.86 -28.90
CA HIS D 99 -38.22 -17.66 -30.24
C HIS D 99 -37.44 -18.86 -30.73
N TYR D 100 -37.71 -19.26 -31.96
CA TYR D 100 -37.03 -20.39 -32.54
C TYR D 100 -35.55 -20.18 -32.67
N LEU D 101 -35.16 -19.05 -33.22
CA LEU D 101 -33.77 -18.70 -33.40
C LEU D 101 -33.33 -17.65 -32.41
N GLY D 102 -32.06 -17.62 -32.11
CA GLY D 102 -31.53 -16.56 -31.28
C GLY D 102 -30.02 -16.50 -31.32
N ARG D 103 -29.53 -15.36 -30.88
CA ARG D 103 -28.12 -15.09 -30.89
C ARG D 103 -27.72 -14.19 -29.77
N SER D 104 -26.64 -14.49 -29.10
CA SER D 104 -26.18 -13.56 -28.09
C SER D 104 -24.72 -13.72 -27.76
N GLY D 105 -24.12 -12.64 -27.29
CA GLY D 105 -22.79 -12.70 -26.76
C GLY D 105 -22.97 -12.77 -25.27
N TYR D 106 -21.89 -12.82 -24.54
CA TYR D 106 -21.98 -12.90 -23.09
C TYR D 106 -20.87 -12.18 -22.33
N THR D 107 -21.14 -11.84 -21.10
CA THR D 107 -20.08 -11.42 -20.20
C THR D 107 -20.04 -12.45 -19.13
N ILE D 108 -18.90 -13.10 -18.96
CA ILE D 108 -18.78 -14.14 -17.97
C ILE D 108 -17.92 -13.64 -16.86
N HIS D 109 -18.45 -13.60 -15.67
CA HIS D 109 -17.71 -13.11 -14.54
C HIS D 109 -17.65 -14.14 -13.42
N VAL D 110 -16.45 -14.59 -13.10
CA VAL D 110 -16.29 -15.63 -12.10
C VAL D 110 -15.72 -15.05 -10.84
N GLN D 111 -16.39 -15.29 -9.73
CA GLN D 111 -16.01 -14.72 -8.45
C GLN D 111 -15.53 -15.75 -7.44
N CYS D 112 -14.41 -15.48 -6.78
CA CYS D 112 -13.89 -16.40 -5.77
C CYS D 112 -12.96 -15.72 -4.77
N ASN D 113 -13.49 -15.36 -3.60
CA ASN D 113 -12.75 -14.64 -2.57
C ASN D 113 -12.02 -15.59 -1.64
N ALA D 114 -10.86 -15.19 -1.16
CA ALA D 114 -10.15 -15.99 -0.19
C ALA D 114 -9.24 -15.08 0.57
N SER D 115 -8.81 -15.47 1.75
CA SER D 115 -7.92 -14.62 2.51
C SER D 115 -6.52 -14.73 1.94
N LYS D 116 -5.64 -13.88 2.44
CA LYS D 116 -4.26 -13.83 1.97
C LYS D 116 -3.46 -15.06 2.42
N PHE D 117 -4.04 -15.83 3.32
CA PHE D 117 -3.41 -17.00 3.88
C PHE D 117 -3.87 -18.25 3.15
N HIS D 118 -4.68 -18.09 2.13
CA HIS D 118 -5.15 -19.22 1.35
C HIS D 118 -4.38 -19.24 0.06
N GLN D 119 -4.27 -20.41 -0.52
CA GLN D 119 -3.61 -20.54 -1.80
C GLN D 119 -4.39 -21.43 -2.70
N GLY D 120 -4.19 -21.28 -4.00
CA GLY D 120 -4.82 -22.14 -4.97
C GLY D 120 -5.14 -21.32 -6.19
N ALA D 121 -5.54 -21.98 -7.25
CA ALA D 121 -5.85 -21.25 -8.47
C ALA D 121 -6.89 -21.97 -9.28
N LEU D 122 -7.73 -21.18 -9.94
CA LEU D 122 -8.77 -21.69 -10.82
C LEU D 122 -8.62 -21.22 -12.24
N GLY D 123 -8.59 -22.12 -13.18
CA GLY D 123 -8.51 -21.70 -14.55
C GLY D 123 -9.93 -21.60 -15.04
N VAL D 124 -10.24 -20.52 -15.73
CA VAL D 124 -11.55 -20.34 -16.28
C VAL D 124 -11.43 -20.35 -17.78
N PHE D 125 -12.09 -21.29 -18.43
CA PHE D 125 -11.96 -21.39 -19.87
C PHE D 125 -13.30 -21.34 -20.55
N LEU D 126 -13.36 -20.69 -21.68
CA LEU D 126 -14.61 -20.70 -22.43
C LEU D 126 -14.39 -21.46 -23.71
N ILE D 127 -15.14 -22.51 -23.87
CA ILE D 127 -14.97 -23.40 -24.98
C ILE D 127 -16.07 -23.36 -26.00
N PRO D 128 -15.81 -22.96 -27.24
CA PRO D 128 -16.78 -22.99 -28.30
C PRO D 128 -17.08 -24.46 -28.50
N GLU D 129 -18.32 -24.79 -28.73
CA GLU D 129 -18.71 -26.17 -29.01
C GLU D 129 -18.12 -27.15 -28.02
N PHE D 130 -18.45 -27.00 -26.75
CA PHE D 130 -17.89 -27.89 -25.76
C PHE D 130 -18.56 -29.24 -25.75
N VAL D 131 -18.18 -30.06 -26.71
CA VAL D 131 -18.74 -31.38 -26.89
C VAL D 131 -18.03 -32.32 -25.94
N MET D 132 -18.82 -33.12 -25.22
CA MET D 132 -18.26 -34.05 -24.24
C MET D 132 -18.58 -35.51 -24.56
N ALA D 133 -17.67 -36.37 -24.13
CA ALA D 133 -17.75 -37.82 -24.28
C ALA D 133 -18.79 -38.39 -23.37
N CYS D 134 -19.37 -39.51 -23.77
CA CYS D 134 -20.40 -40.16 -22.98
C CYS D 134 -19.87 -41.21 -22.02
N ASN D 135 -20.61 -41.43 -20.95
CA ASN D 135 -20.24 -42.37 -19.90
C ASN D 135 -20.76 -43.79 -20.13
N THR D 136 -20.78 -44.21 -21.38
CA THR D 136 -21.15 -45.57 -21.71
C THR D 136 -20.35 -46.06 -22.86
N GLU D 137 -20.05 -47.35 -22.86
CA GLU D 137 -19.35 -47.91 -24.00
C GLU D 137 -20.26 -48.66 -24.96
N SER D 138 -21.56 -48.69 -24.69
CA SER D 138 -22.47 -49.41 -25.55
C SER D 138 -22.71 -48.66 -26.86
N LYS D 139 -22.83 -47.35 -26.77
CA LYS D 139 -23.06 -46.51 -27.95
C LYS D 139 -22.27 -45.22 -27.81
N THR D 140 -21.81 -44.70 -28.91
CA THR D 140 -21.12 -43.43 -28.92
C THR D 140 -22.10 -42.29 -29.03
N SER D 141 -21.66 -41.09 -28.65
CA SER D 141 -22.45 -39.87 -28.77
C SER D 141 -23.86 -40.08 -28.22
N TYR D 142 -23.96 -40.71 -27.06
CA TYR D 142 -25.26 -41.03 -26.50
C TYR D 142 -25.44 -40.46 -25.11
N VAL D 143 -26.08 -39.30 -25.01
CA VAL D 143 -26.29 -38.62 -23.74
C VAL D 143 -27.72 -38.13 -23.72
N SER D 144 -28.40 -38.17 -22.59
CA SER D 144 -29.75 -37.67 -22.61
C SER D 144 -29.78 -36.17 -22.73
N TYR D 145 -30.89 -35.66 -23.23
CA TYR D 145 -31.08 -34.22 -23.31
C TYR D 145 -30.98 -33.61 -21.95
N ILE D 146 -31.59 -34.26 -20.97
CA ILE D 146 -31.59 -33.68 -19.65
C ILE D 146 -30.20 -33.59 -19.08
N ASN D 147 -29.43 -34.65 -19.15
CA ASN D 147 -28.12 -34.64 -18.52
C ASN D 147 -27.15 -33.73 -19.24
N ALA D 148 -27.35 -33.53 -20.52
CA ALA D 148 -26.49 -32.66 -21.27
C ALA D 148 -26.84 -31.20 -21.07
N ASN D 149 -27.95 -30.91 -20.39
CA ASN D 149 -28.45 -29.57 -20.19
C ASN D 149 -28.92 -29.33 -18.76
N PRO D 150 -28.00 -29.32 -17.77
CA PRO D 150 -28.24 -29.25 -16.34
C PRO D 150 -28.81 -27.93 -15.79
N GLY D 151 -28.77 -26.84 -16.55
CA GLY D 151 -29.24 -25.57 -16.03
C GLY D 151 -28.13 -24.91 -15.21
N GLU D 152 -28.51 -23.96 -14.34
CA GLU D 152 -27.59 -23.12 -13.57
C GLU D 152 -26.81 -23.92 -12.55
N ARG D 153 -27.32 -25.12 -12.30
CA ARG D 153 -26.73 -26.06 -11.40
C ARG D 153 -25.40 -26.53 -11.94
N GLY D 154 -25.30 -26.66 -13.26
CA GLY D 154 -24.10 -27.15 -13.88
C GLY D 154 -23.90 -28.59 -13.54
N GLY D 155 -22.67 -29.02 -13.65
CA GLY D 155 -22.26 -30.36 -13.36
C GLY D 155 -20.83 -30.33 -12.88
N GLU D 156 -20.22 -31.49 -12.71
CA GLU D 156 -18.87 -31.51 -12.19
C GLU D 156 -17.95 -32.45 -12.92
N PHE D 157 -16.67 -32.15 -12.81
CA PHE D 157 -15.65 -33.01 -13.36
C PHE D 157 -15.19 -34.02 -12.33
N THR D 158 -14.79 -35.16 -12.82
CA THR D 158 -14.24 -36.24 -12.04
C THR D 158 -12.85 -36.58 -12.48
N ASN D 159 -12.22 -37.47 -11.74
CA ASN D 159 -10.89 -37.90 -12.12
C ASN D 159 -10.83 -39.40 -12.38
N THR D 160 -12.00 -40.01 -12.51
CA THR D 160 -12.08 -41.43 -12.82
C THR D 160 -13.02 -41.66 -13.97
N TYR D 161 -12.86 -42.78 -14.67
CA TYR D 161 -13.77 -43.10 -15.76
C TYR D 161 -14.35 -44.47 -15.54
N ASN D 162 -15.66 -44.52 -15.39
CA ASN D 162 -16.38 -45.74 -15.13
C ASN D 162 -17.61 -45.81 -16.02
N PRO D 163 -17.46 -46.10 -17.30
CA PRO D 163 -18.55 -46.11 -18.23
C PRO D 163 -19.44 -47.27 -17.89
N SER D 164 -20.73 -47.12 -18.13
CA SER D 164 -21.66 -48.21 -17.87
C SER D 164 -21.76 -49.15 -19.08
N ASN D 165 -22.31 -50.37 -18.80
CA ASN D 165 -22.61 -51.42 -19.79
C ASN D 165 -23.96 -52.05 -19.43
N SER D 169 -29.30 -46.33 -17.08
CA SER D 169 -29.45 -44.87 -17.06
C SER D 169 -28.13 -44.11 -16.73
N GLU D 170 -27.16 -44.77 -16.05
CA GLU D 170 -25.85 -44.23 -15.60
C GLU D 170 -24.96 -43.85 -16.77
N GLY D 171 -25.28 -44.45 -17.91
CA GLY D 171 -24.56 -44.21 -19.13
C GLY D 171 -24.94 -42.93 -19.87
N ARG D 172 -26.17 -42.45 -19.72
CA ARG D 172 -26.58 -41.30 -20.52
C ARG D 172 -26.27 -39.96 -19.89
N LYS D 173 -24.99 -39.74 -19.68
CA LYS D 173 -24.44 -38.55 -19.02
C LYS D 173 -23.00 -38.40 -19.48
N PHE D 174 -22.38 -37.26 -19.21
CA PHE D 174 -21.02 -37.12 -19.69
C PHE D 174 -19.93 -37.69 -18.82
N ALA D 175 -18.93 -38.22 -19.50
CA ALA D 175 -17.72 -38.78 -18.93
C ALA D 175 -16.75 -37.66 -18.67
N ALA D 176 -17.07 -36.84 -17.69
CA ALA D 176 -16.35 -35.60 -17.48
C ALA D 176 -15.03 -35.71 -16.78
N LEU D 177 -14.04 -36.34 -17.41
CA LEU D 177 -12.70 -36.41 -16.81
C LEU D 177 -12.07 -35.05 -16.80
N ASP D 178 -11.39 -34.69 -15.72
CA ASP D 178 -10.79 -33.39 -15.65
C ASP D 178 -9.53 -33.27 -16.51
N TYR D 179 -8.63 -34.22 -16.40
CA TYR D 179 -7.35 -34.15 -17.09
C TYR D 179 -7.50 -34.20 -18.60
N LEU D 180 -8.61 -34.79 -19.09
CA LEU D 180 -8.89 -34.84 -20.52
C LEU D 180 -10.05 -33.92 -20.96
N LEU D 181 -10.45 -32.99 -20.08
CA LEU D 181 -11.50 -32.01 -20.32
C LEU D 181 -12.81 -32.58 -20.80
N GLY D 182 -13.11 -33.80 -20.41
CA GLY D 182 -14.35 -34.43 -20.79
C GLY D 182 -14.41 -34.91 -22.23
N SER D 183 -13.34 -34.74 -23.03
CA SER D 183 -13.39 -35.10 -24.44
C SER D 183 -12.14 -35.78 -25.02
N GLY D 184 -11.17 -36.11 -24.19
CA GLY D 184 -9.99 -36.79 -24.72
C GLY D 184 -8.88 -35.83 -25.09
N VAL D 185 -8.97 -34.63 -24.56
CA VAL D 185 -8.03 -33.59 -24.82
C VAL D 185 -7.31 -33.16 -23.56
N LEU D 186 -6.00 -33.21 -23.56
CA LEU D 186 -5.30 -32.84 -22.34
C LEU D 186 -5.54 -31.43 -21.91
N ALA D 187 -5.83 -31.29 -20.63
CA ALA D 187 -6.13 -30.04 -19.97
C ALA D 187 -5.04 -29.02 -20.06
N GLY D 188 -3.78 -29.43 -20.17
CA GLY D 188 -2.73 -28.43 -20.22
C GLY D 188 -2.87 -27.52 -21.42
N ASN D 189 -3.58 -27.99 -22.45
CA ASN D 189 -3.74 -27.25 -23.67
C ASN D 189 -5.04 -26.47 -23.64
N ALA D 190 -5.73 -26.47 -22.52
CA ALA D 190 -7.00 -25.78 -22.38
C ALA D 190 -6.82 -24.30 -22.63
N PHE D 191 -5.62 -23.82 -22.44
CA PHE D 191 -5.22 -22.43 -22.54
C PHE D 191 -5.31 -21.90 -23.98
N VAL D 192 -5.53 -22.80 -24.94
CA VAL D 192 -5.76 -22.43 -26.32
C VAL D 192 -7.05 -21.63 -26.40
N TYR D 193 -8.03 -22.04 -25.61
CA TYR D 193 -9.33 -21.41 -25.56
C TYR D 193 -9.17 -20.09 -24.81
N PRO D 194 -10.01 -19.07 -25.02
CA PRO D 194 -9.91 -17.86 -24.26
C PRO D 194 -10.06 -18.25 -22.82
N HIS D 195 -9.21 -17.70 -21.97
CA HIS D 195 -9.21 -18.08 -20.58
C HIS D 195 -8.65 -17.03 -19.68
N GLN D 196 -8.91 -17.19 -18.39
CA GLN D 196 -8.39 -16.29 -17.39
C GLN D 196 -8.12 -17.07 -16.12
N ILE D 197 -7.19 -16.61 -15.27
CA ILE D 197 -6.92 -17.39 -14.05
C ILE D 197 -7.20 -16.62 -12.79
N ILE D 198 -7.95 -17.22 -11.90
CA ILE D 198 -8.13 -16.58 -10.62
C ILE D 198 -7.13 -17.23 -9.73
N ASN D 199 -6.06 -16.51 -9.50
CA ASN D 199 -4.97 -16.98 -8.67
C ASN D 199 -5.24 -16.34 -7.38
N LEU D 200 -5.52 -17.09 -6.34
CA LEU D 200 -5.94 -16.45 -5.09
C LEU D 200 -4.87 -15.52 -4.55
N ARG D 201 -3.63 -15.71 -4.99
CA ARG D 201 -2.53 -14.84 -4.61
C ARG D 201 -2.75 -13.40 -5.07
N THR D 202 -3.36 -13.18 -6.24
CA THR D 202 -3.53 -11.82 -6.75
C THR D 202 -4.95 -11.40 -7.14
N ASN D 203 -5.82 -12.34 -7.49
CA ASN D 203 -7.15 -11.99 -7.99
C ASN D 203 -8.27 -12.63 -7.21
N ASN D 204 -9.44 -12.02 -7.23
CA ASN D 204 -10.59 -12.69 -6.67
C ASN D 204 -11.66 -12.83 -7.73
N SER D 205 -11.32 -12.49 -8.97
CA SER D 205 -12.28 -12.63 -10.04
C SER D 205 -11.63 -12.64 -11.40
N ALA D 206 -12.43 -13.04 -12.37
CA ALA D 206 -12.05 -13.06 -13.78
C ALA D 206 -13.21 -12.63 -14.64
N THR D 207 -12.95 -11.88 -15.72
CA THR D 207 -14.00 -11.45 -16.62
C THR D 207 -13.68 -11.71 -18.07
N ILE D 208 -14.56 -12.41 -18.78
CA ILE D 208 -14.34 -12.66 -20.18
C ILE D 208 -15.55 -12.20 -21.02
N VAL D 209 -15.31 -11.41 -22.04
CA VAL D 209 -16.30 -10.96 -22.98
C VAL D 209 -16.34 -11.96 -24.11
N VAL D 210 -17.52 -12.44 -24.41
CA VAL D 210 -17.71 -13.48 -25.37
C VAL D 210 -18.56 -13.09 -26.58
N PRO D 211 -18.04 -13.11 -27.81
CA PRO D 211 -18.77 -12.81 -29.02
C PRO D 211 -19.63 -14.01 -29.32
N TYR D 212 -20.68 -13.85 -30.11
CA TYR D 212 -21.40 -15.02 -30.54
C TYR D 212 -20.50 -15.77 -31.49
N VAL D 213 -20.35 -17.07 -31.28
CA VAL D 213 -19.55 -17.88 -32.18
C VAL D 213 -20.29 -19.07 -32.67
N ASN D 214 -20.37 -19.20 -33.98
CA ASN D 214 -20.99 -20.32 -34.64
C ASN D 214 -20.57 -20.33 -36.09
N SER D 215 -21.01 -21.34 -36.82
CA SER D 215 -20.84 -21.43 -38.26
C SER D 215 -22.01 -20.76 -38.96
N LEU D 216 -22.98 -20.36 -38.17
CA LEU D 216 -24.18 -19.70 -38.60
C LEU D 216 -24.28 -18.33 -38.02
N VAL D 217 -25.02 -17.48 -38.68
CA VAL D 217 -25.25 -16.18 -38.13
C VAL D 217 -26.07 -16.25 -36.84
N ILE D 218 -27.10 -17.09 -36.87
CA ILE D 218 -28.06 -17.26 -35.79
C ILE D 218 -28.50 -18.73 -35.70
N ASP D 219 -28.85 -19.25 -34.51
CA ASP D 219 -29.24 -20.66 -34.44
C ASP D 219 -30.33 -20.95 -33.41
N CYS D 220 -30.75 -22.20 -33.28
CA CYS D 220 -31.80 -22.50 -32.33
C CYS D 220 -31.22 -22.85 -30.97
N MET D 221 -31.52 -22.02 -30.00
CA MET D 221 -30.96 -22.12 -28.67
C MET D 221 -31.40 -23.35 -27.89
N ALA D 222 -32.55 -23.89 -28.19
CA ALA D 222 -33.02 -25.07 -27.49
C ALA D 222 -32.25 -26.31 -27.95
N LYS D 223 -31.51 -26.20 -29.05
CA LYS D 223 -30.77 -27.33 -29.57
C LYS D 223 -29.28 -27.19 -29.41
N HIS D 224 -28.77 -25.99 -29.54
CA HIS D 224 -27.33 -25.83 -29.60
C HIS D 224 -26.69 -24.91 -28.58
N ASN D 225 -25.76 -25.45 -27.81
CA ASN D 225 -25.04 -24.69 -26.83
C ASN D 225 -23.74 -24.23 -27.47
N ASN D 226 -23.68 -23.02 -27.99
CA ASN D 226 -22.48 -22.69 -28.73
C ASN D 226 -21.23 -22.46 -27.88
N TRP D 227 -21.40 -22.18 -26.60
CA TRP D 227 -20.27 -22.01 -25.70
C TRP D 227 -20.47 -22.77 -24.43
N GLY D 228 -19.39 -23.27 -23.85
CA GLY D 228 -19.43 -23.87 -22.52
C GLY D 228 -18.44 -23.18 -21.59
N ILE D 229 -18.65 -23.36 -20.29
CA ILE D 229 -17.78 -22.79 -19.27
C ILE D 229 -17.12 -23.88 -18.46
N VAL D 230 -15.82 -23.84 -18.42
CA VAL D 230 -15.08 -24.80 -17.64
C VAL D 230 -14.21 -24.17 -16.60
N ILE D 231 -14.39 -24.60 -15.35
CA ILE D 231 -13.54 -24.11 -14.28
C ILE D 231 -12.80 -25.27 -13.67
N LEU D 232 -11.48 -25.18 -13.64
CA LEU D 232 -10.69 -26.29 -13.09
C LEU D 232 -9.74 -25.76 -12.03
N PRO D 233 -9.50 -26.45 -10.93
CA PRO D 233 -8.41 -26.12 -10.07
C PRO D 233 -7.19 -26.35 -10.92
N LEU D 234 -6.22 -25.46 -10.83
CA LEU D 234 -4.98 -25.61 -11.53
C LEU D 234 -4.01 -25.92 -10.45
N ALA D 235 -4.36 -25.42 -9.29
CA ALA D 235 -3.59 -25.61 -8.08
C ALA D 235 -4.63 -25.79 -7.00
N PRO D 236 -4.46 -26.72 -6.06
CA PRO D 236 -5.41 -27.05 -5.04
C PRO D 236 -5.57 -25.97 -4.04
N LEU D 237 -6.76 -25.91 -3.47
CA LEU D 237 -7.03 -24.98 -2.41
C LEU D 237 -6.33 -25.46 -1.17
N ALA D 238 -5.68 -24.56 -0.46
CA ALA D 238 -5.09 -24.96 0.79
C ALA D 238 -5.06 -23.81 1.77
N PHE D 239 -5.18 -24.17 3.03
CA PHE D 239 -5.15 -23.25 4.14
C PHE D 239 -4.58 -23.96 5.35
N ALA D 240 -3.59 -23.40 6.00
CA ALA D 240 -2.91 -24.07 7.10
C ALA D 240 -3.80 -24.49 8.26
N ALA D 241 -4.85 -23.75 8.54
CA ALA D 241 -5.68 -24.04 9.69
C ALA D 241 -6.60 -25.26 9.54
N THR D 242 -6.77 -25.79 8.34
CA THR D 242 -7.71 -26.90 8.20
C THR D 242 -7.51 -27.81 7.01
N SER D 243 -7.92 -29.06 7.18
CA SER D 243 -7.87 -30.07 6.12
C SER D 243 -9.01 -29.91 5.13
N SER D 244 -10.00 -29.11 5.49
CA SER D 244 -11.14 -28.94 4.60
C SER D 244 -11.62 -27.49 4.55
N PRO D 245 -10.83 -26.57 4.02
CA PRO D 245 -11.19 -25.20 3.83
C PRO D 245 -12.18 -25.19 2.71
N GLN D 246 -13.09 -24.25 2.71
CA GLN D 246 -13.98 -24.15 1.57
C GLN D 246 -14.14 -22.71 1.14
N VAL D 247 -14.13 -22.53 -0.17
CA VAL D 247 -14.34 -21.23 -0.75
C VAL D 247 -15.43 -21.29 -1.82
N PRO D 248 -16.52 -20.56 -1.70
CA PRO D 248 -17.57 -20.58 -2.69
C PRO D 248 -17.10 -19.88 -3.94
N ILE D 249 -17.54 -20.40 -5.07
CA ILE D 249 -17.30 -19.83 -6.38
C ILE D 249 -18.63 -19.44 -6.96
N THR D 250 -18.78 -18.20 -7.32
CA THR D 250 -20.04 -17.74 -7.84
C THR D 250 -19.87 -17.29 -9.28
N VAL D 251 -20.71 -17.79 -10.17
CA VAL D 251 -20.58 -17.41 -11.57
C VAL D 251 -21.73 -16.51 -11.99
N THR D 252 -21.38 -15.32 -12.45
CA THR D 252 -22.35 -14.30 -12.83
C THR D 252 -22.29 -14.04 -14.33
N ILE D 253 -23.43 -14.19 -15.00
CA ILE D 253 -23.45 -14.07 -16.46
C ILE D 253 -24.48 -13.15 -17.05
N ALA D 254 -24.06 -12.35 -18.03
CA ALA D 254 -25.06 -11.54 -18.74
C ALA D 254 -24.97 -11.79 -20.23
N PRO D 255 -26.08 -11.87 -20.94
CA PRO D 255 -26.15 -11.85 -22.39
C PRO D 255 -25.72 -10.48 -22.88
N MET D 256 -25.24 -10.40 -24.08
CA MET D 256 -24.92 -9.14 -24.71
C MET D 256 -25.49 -9.07 -26.11
N CYS D 257 -25.98 -7.90 -26.49
CA CYS D 257 -26.51 -7.72 -27.83
C CYS D 257 -27.49 -8.83 -28.18
N THR D 258 -28.37 -9.19 -27.24
CA THR D 258 -29.29 -10.28 -27.52
C THR D 258 -30.24 -9.98 -28.66
N GLU D 259 -30.37 -10.95 -29.56
CA GLU D 259 -31.28 -10.86 -30.69
C GLU D 259 -32.05 -12.16 -30.94
N PHE D 260 -33.36 -12.06 -31.20
CA PHE D 260 -34.15 -13.25 -31.51
C PHE D 260 -35.00 -13.15 -32.76
N ASN D 261 -35.23 -14.29 -33.41
CA ASN D 261 -36.03 -14.36 -34.63
C ASN D 261 -36.97 -15.58 -34.73
N GLY D 262 -38.23 -15.32 -35.06
CA GLY D 262 -39.20 -16.39 -35.28
C GLY D 262 -40.02 -16.68 -34.05
N LEU D 263 -41.21 -16.12 -33.97
CA LEU D 263 -41.99 -16.30 -32.76
C LEU D 263 -42.97 -17.46 -32.88
N ARG D 264 -42.84 -18.42 -31.97
CA ARG D 264 -43.82 -19.54 -32.01
C ARG D 264 -44.43 -19.70 -30.62
N ASN D 265 -45.01 -20.87 -30.37
CA ASN D 265 -45.55 -21.14 -29.06
C ASN D 265 -44.36 -21.42 -28.18
N ILE D 266 -44.46 -21.16 -26.90
CA ILE D 266 -43.30 -21.38 -26.08
C ILE D 266 -42.85 -22.82 -26.15
N THR D 267 -41.57 -23.01 -26.36
CA THR D 267 -41.00 -24.33 -26.42
C THR D 267 -40.87 -24.86 -25.03
N VAL D 268 -41.36 -26.05 -24.80
CA VAL D 268 -41.22 -26.64 -23.51
C VAL D 268 -40.53 -27.98 -23.67
N PRO D 269 -39.24 -28.07 -23.39
CA PRO D 269 -38.37 -29.20 -23.62
C PRO D 269 -38.67 -30.26 -22.60
N VAL D 270 -38.16 -31.44 -22.82
CA VAL D 270 -38.32 -32.44 -21.79
C VAL D 270 -37.74 -31.97 -20.49
N HIS D 271 -38.56 -32.08 -19.46
CA HIS D 271 -38.24 -31.64 -18.13
C HIS D 271 -38.23 -32.79 -17.14
N GLN D 272 -37.07 -33.00 -16.47
CA GLN D 272 -36.81 -34.04 -15.45
C GLN D 272 -37.46 -35.38 -15.80
N GLY E 1 -3.10 -33.07 -84.09
CA GLY E 1 -3.03 -32.31 -82.88
C GLY E 1 -1.60 -31.79 -82.70
N LEU E 2 -1.36 -31.11 -81.56
CA LEU E 2 -0.06 -30.53 -81.18
C LEU E 2 0.86 -31.65 -80.68
N PRO E 3 2.02 -31.89 -81.29
CA PRO E 3 2.90 -32.95 -80.88
C PRO E 3 3.18 -32.80 -79.42
N THR E 4 3.02 -33.88 -78.68
CA THR E 4 3.21 -33.87 -77.26
C THR E 4 4.09 -34.99 -76.78
N MET E 5 5.03 -34.68 -75.93
CA MET E 5 5.87 -35.71 -75.35
C MET E 5 5.35 -36.05 -73.97
N ASN E 6 5.25 -37.34 -73.67
CA ASN E 6 4.86 -37.76 -72.34
C ASN E 6 6.09 -38.01 -71.52
N THR E 7 6.37 -37.08 -70.63
CA THR E 7 7.56 -37.06 -69.83
C THR E 7 7.38 -37.90 -68.57
N PRO E 8 8.46 -38.28 -67.86
CA PRO E 8 8.40 -38.98 -66.61
C PRO E 8 7.56 -38.16 -65.69
N GLY E 9 6.77 -38.82 -64.87
CA GLY E 9 5.88 -38.15 -63.94
C GLY E 9 4.45 -38.22 -64.46
N SER E 10 4.29 -38.59 -65.73
CA SER E 10 2.97 -38.73 -66.30
C SER E 10 2.24 -39.87 -65.63
N ASN E 11 0.94 -39.67 -65.45
CA ASN E 11 0.05 -40.65 -64.86
C ASN E 11 0.44 -41.15 -63.49
N GLN E 12 0.99 -40.25 -62.66
CA GLN E 12 1.36 -40.64 -61.27
C GLN E 12 0.46 -39.87 -60.31
N PHE E 13 0.17 -40.45 -59.15
CA PHE E 13 -0.57 -39.76 -58.12
C PHE E 13 0.30 -39.42 -56.96
N LEU E 14 0.47 -38.13 -56.78
CA LEU E 14 1.28 -37.62 -55.71
C LEU E 14 0.37 -36.87 -54.77
N THR E 15 0.40 -37.26 -53.51
CA THR E 15 -0.47 -36.70 -52.49
C THR E 15 -0.14 -35.28 -52.10
N SER E 16 1.04 -34.83 -52.51
CA SER E 16 1.49 -33.47 -52.26
C SER E 16 1.45 -32.61 -53.53
N ASP E 17 0.88 -33.14 -54.63
CA ASP E 17 0.83 -32.40 -55.87
C ASP E 17 -0.21 -31.32 -55.82
N ASP E 18 -0.08 -30.33 -56.68
CA ASP E 18 -1.07 -29.29 -56.77
C ASP E 18 -1.33 -28.98 -58.24
N PHE E 19 -2.52 -29.36 -58.68
CA PHE E 19 -2.90 -29.41 -60.11
C PHE E 19 -4.41 -29.19 -60.22
N GLN E 20 -4.84 -28.55 -61.30
CA GLN E 20 -6.25 -28.25 -61.45
C GLN E 20 -7.05 -29.48 -61.84
N SER E 21 -8.32 -29.49 -61.47
CA SER E 21 -9.13 -30.65 -61.81
C SER E 21 -10.60 -30.25 -62.03
N PRO E 22 -11.37 -30.99 -62.84
CA PRO E 22 -12.77 -30.74 -63.13
C PRO E 22 -13.62 -30.69 -61.90
N CYS E 23 -14.61 -29.81 -61.91
CA CYS E 23 -15.50 -29.68 -60.79
C CYS E 23 -16.57 -30.76 -60.82
N ALA E 24 -16.77 -31.39 -59.67
CA ALA E 24 -17.76 -32.44 -59.45
C ALA E 24 -19.17 -31.90 -59.59
N LEU E 25 -19.36 -30.66 -59.16
CA LEU E 25 -20.65 -29.98 -59.18
C LEU E 25 -20.55 -28.66 -59.91
N PRO E 26 -20.57 -28.63 -61.23
CA PRO E 26 -20.39 -27.43 -62.02
C PRO E 26 -21.47 -26.42 -61.65
N ASN E 27 -21.11 -25.15 -61.66
CA ASN E 27 -22.02 -24.05 -61.35
C ASN E 27 -22.68 -24.19 -60.00
N PHE E 28 -21.94 -24.63 -59.00
CA PHE E 28 -22.51 -24.77 -57.68
C PHE E 28 -22.52 -23.44 -56.97
N ASP E 29 -23.67 -23.08 -56.41
CA ASP E 29 -23.78 -21.82 -55.71
C ASP E 29 -23.31 -22.02 -54.28
N VAL E 30 -22.15 -21.49 -53.96
CA VAL E 30 -21.53 -21.68 -52.67
C VAL E 30 -22.10 -20.76 -51.61
N THR E 31 -22.47 -21.32 -50.47
CA THR E 31 -23.03 -20.58 -49.38
C THR E 31 -22.07 -19.43 -49.05
N PRO E 32 -22.52 -18.17 -49.01
CA PRO E 32 -21.71 -17.01 -48.75
C PRO E 32 -20.99 -17.13 -47.43
N PRO E 33 -19.78 -16.60 -47.32
CA PRO E 33 -18.99 -16.56 -46.11
C PRO E 33 -19.57 -15.50 -45.19
N ILE E 34 -19.37 -15.66 -43.90
CA ILE E 34 -19.73 -14.65 -42.93
C ILE E 34 -18.52 -14.46 -42.07
N HIS E 35 -18.43 -13.37 -41.34
CA HIS E 35 -17.32 -13.27 -40.43
C HIS E 35 -17.53 -14.16 -39.23
N ILE E 36 -16.50 -14.92 -38.90
CA ILE E 36 -16.49 -15.79 -37.75
C ILE E 36 -15.28 -15.37 -36.92
N PRO E 37 -15.43 -15.11 -35.62
CA PRO E 37 -14.36 -14.73 -34.73
C PRO E 37 -13.33 -15.83 -34.61
N GLY E 38 -12.10 -15.44 -34.32
CA GLY E 38 -11.07 -16.42 -34.07
C GLY E 38 -10.41 -16.99 -35.30
N GLU E 39 -10.41 -16.28 -36.42
CA GLU E 39 -9.79 -16.85 -37.60
C GLU E 39 -8.32 -17.10 -37.39
N VAL E 40 -7.89 -18.26 -37.82
CA VAL E 40 -6.51 -18.70 -37.77
C VAL E 40 -5.99 -18.68 -39.19
N LYS E 41 -4.80 -18.14 -39.39
CA LYS E 41 -4.19 -18.13 -40.71
C LYS E 41 -2.95 -19.00 -40.76
N ASN E 42 -2.28 -19.15 -39.62
CA ASN E 42 -1.02 -19.88 -39.55
C ASN E 42 -0.95 -20.67 -38.24
N MET E 43 -0.37 -21.86 -38.29
CA MET E 43 -0.24 -22.71 -37.12
C MET E 43 0.66 -22.09 -36.06
N MET E 44 1.54 -21.19 -36.46
CA MET E 44 2.40 -20.59 -35.47
C MET E 44 1.65 -19.65 -34.54
N GLU E 45 0.46 -19.22 -34.95
CA GLU E 45 -0.34 -18.35 -34.12
C GLU E 45 -0.79 -19.16 -32.90
N LEU E 46 -0.78 -20.49 -33.01
CA LEU E 46 -1.19 -21.33 -31.92
C LEU E 46 0.04 -21.75 -31.14
N ALA E 47 1.17 -21.86 -31.83
CA ALA E 47 2.45 -22.23 -31.23
C ALA E 47 2.88 -21.21 -30.19
N GLU E 48 2.50 -19.95 -30.40
CA GLU E 48 2.84 -18.88 -29.48
C GLU E 48 1.92 -18.77 -28.24
N ILE E 49 0.92 -19.64 -28.10
CA ILE E 49 0.04 -19.58 -26.93
C ILE E 49 0.64 -20.35 -25.75
N ASP E 50 0.74 -19.73 -24.58
CA ASP E 50 1.30 -20.43 -23.43
C ASP E 50 0.49 -21.66 -23.04
N THR E 51 1.18 -22.80 -22.92
CA THR E 51 0.60 -24.10 -22.56
C THR E 51 1.21 -24.72 -21.32
N LEU E 52 0.42 -25.36 -20.44
CA LEU E 52 1.05 -25.96 -19.27
C LEU E 52 1.90 -27.16 -19.59
N ILE E 53 3.00 -27.26 -18.88
CA ILE E 53 3.94 -28.36 -19.01
C ILE E 53 3.61 -29.38 -17.94
N PRO E 54 3.41 -30.66 -18.24
CA PRO E 54 3.10 -31.70 -17.26
C PRO E 54 4.39 -32.09 -16.53
N MET E 55 4.92 -31.11 -15.81
CA MET E 55 6.23 -31.13 -15.20
C MET E 55 6.38 -32.20 -14.15
N ASN E 56 5.29 -32.56 -13.53
CA ASN E 56 5.31 -33.50 -12.45
C ASN E 56 4.73 -34.81 -12.88
N ALA E 57 4.81 -35.13 -14.16
CA ALA E 57 4.30 -36.40 -14.63
C ALA E 57 5.29 -37.51 -14.31
N VAL E 58 5.31 -37.86 -13.05
CA VAL E 58 6.19 -38.86 -12.49
C VAL E 58 5.29 -39.93 -11.97
N ASP E 59 5.79 -41.13 -11.73
CA ASP E 59 4.88 -42.20 -11.38
C ASP E 59 3.97 -41.86 -10.21
N GLY E 60 2.69 -42.09 -10.45
CA GLY E 60 1.57 -41.83 -9.54
C GLY E 60 0.87 -40.50 -9.82
N LYS E 61 1.54 -39.66 -10.58
CA LYS E 61 1.07 -38.34 -10.95
C LYS E 61 0.96 -38.19 -12.46
N VAL E 62 0.96 -39.30 -13.17
CA VAL E 62 0.94 -39.26 -14.63
C VAL E 62 -0.49 -39.47 -15.09
N ASN E 63 -0.93 -38.73 -16.09
CA ASN E 63 -2.29 -38.83 -16.64
C ASN E 63 -3.33 -38.53 -15.58
N THR E 64 -3.05 -37.50 -14.83
CA THR E 64 -3.89 -36.93 -13.80
C THR E 64 -3.60 -35.45 -13.77
N MET E 65 -4.54 -34.64 -13.30
CA MET E 65 -4.38 -33.18 -13.34
C MET E 65 -3.19 -32.68 -12.56
N GLU E 66 -2.79 -33.44 -11.57
CA GLU E 66 -1.75 -33.12 -10.64
C GLU E 66 -0.37 -33.06 -11.31
N MET E 67 -0.28 -33.58 -12.52
CA MET E 67 0.94 -33.61 -13.28
C MET E 67 1.38 -32.23 -13.68
N TYR E 68 0.48 -31.26 -13.63
CA TYR E 68 0.86 -29.93 -14.04
C TYR E 68 1.25 -29.07 -12.86
N GLN E 69 1.31 -29.64 -11.67
CA GLN E 69 1.59 -28.86 -10.48
C GLN E 69 3.00 -29.09 -9.96
N ILE E 70 3.89 -28.12 -10.11
CA ILE E 70 5.26 -28.29 -9.66
C ILE E 70 5.27 -27.99 -8.19
N PRO E 71 5.68 -28.90 -7.31
CA PRO E 71 5.69 -28.69 -5.89
C PRO E 71 6.80 -27.75 -5.50
N LEU E 72 6.52 -26.97 -4.49
CA LEU E 72 7.48 -26.08 -3.86
C LEU E 72 7.37 -26.19 -2.35
N ASN E 73 8.48 -26.18 -1.67
CA ASN E 73 8.47 -26.26 -0.21
C ASN E 73 9.12 -25.07 0.43
N ASP E 74 8.77 -24.81 1.68
CA ASP E 74 9.43 -23.75 2.44
C ASP E 74 10.64 -24.27 3.20
N ASN E 75 11.01 -25.51 2.93
CA ASN E 75 12.15 -26.16 3.55
C ASN E 75 13.41 -25.83 2.80
N LEU E 76 14.54 -25.96 3.46
CA LEU E 76 15.80 -25.70 2.79
C LEU E 76 16.19 -26.87 1.92
N SER E 77 16.69 -26.58 0.73
CA SER E 77 17.17 -27.59 -0.20
C SER E 77 18.13 -26.99 -1.20
N LYS E 78 19.11 -27.78 -1.60
CA LYS E 78 20.06 -27.38 -2.63
C LYS E 78 19.80 -28.11 -3.93
N ALA E 79 18.83 -29.01 -3.89
CA ALA E 79 18.48 -29.83 -5.03
C ALA E 79 17.69 -29.01 -6.01
N PRO E 80 17.68 -29.33 -7.29
CA PRO E 80 16.82 -28.71 -8.24
C PRO E 80 15.39 -29.07 -7.94
N ILE E 81 14.50 -28.15 -8.25
CA ILE E 81 13.07 -28.28 -8.15
C ILE E 81 12.62 -29.16 -9.28
N PHE E 82 13.15 -28.86 -10.45
CA PHE E 82 12.86 -29.68 -11.62
C PHE E 82 14.00 -29.60 -12.61
N CYS E 83 14.04 -30.60 -13.50
CA CYS E 83 14.99 -30.62 -14.61
C CYS E 83 14.32 -31.15 -15.89
N LEU E 84 14.32 -30.31 -16.90
CA LEU E 84 13.69 -30.51 -18.19
C LEU E 84 14.70 -30.57 -19.33
N SER E 85 14.49 -31.40 -20.33
CA SER E 85 15.39 -31.34 -21.47
C SER E 85 14.80 -30.39 -22.50
N LEU E 86 15.59 -29.55 -23.15
CA LEU E 86 14.97 -28.67 -24.13
C LEU E 86 14.87 -29.28 -25.50
N SER E 87 13.92 -30.17 -25.62
CA SER E 87 13.66 -30.89 -26.85
C SER E 87 12.15 -30.90 -27.02
N PRO E 88 11.57 -29.80 -27.52
CA PRO E 88 10.16 -29.52 -27.61
C PRO E 88 9.31 -30.60 -28.23
N ALA E 89 9.82 -31.32 -29.22
CA ALA E 89 9.00 -32.33 -29.84
C ALA E 89 9.23 -33.73 -29.27
N SER E 90 10.41 -34.00 -28.73
CA SER E 90 10.71 -35.36 -28.29
C SER E 90 10.68 -35.61 -26.80
N ASP E 91 10.80 -34.57 -25.99
CA ASP E 91 10.81 -34.74 -24.55
C ASP E 91 9.50 -35.36 -24.11
N LYS E 92 9.57 -36.30 -23.18
CA LYS E 92 8.35 -36.94 -22.72
C LYS E 92 7.31 -35.98 -22.22
N ARG E 93 7.71 -34.87 -21.61
CA ARG E 93 6.74 -33.95 -21.13
C ARG E 93 6.36 -32.91 -22.18
N LEU E 94 7.37 -32.31 -22.81
CA LEU E 94 7.07 -31.19 -23.72
C LEU E 94 6.37 -31.62 -24.99
N SER E 95 6.50 -32.86 -25.41
CA SER E 95 5.91 -33.26 -26.66
C SER E 95 4.39 -33.19 -26.62
N HIS E 96 3.78 -33.10 -25.44
CA HIS E 96 2.33 -33.06 -25.37
C HIS E 96 1.72 -31.69 -25.12
N THR E 97 2.55 -30.66 -25.12
CA THR E 97 2.08 -29.30 -24.94
C THR E 97 1.61 -28.84 -26.30
N MET E 98 0.92 -27.70 -26.42
CA MET E 98 0.48 -27.31 -27.75
C MET E 98 1.68 -27.10 -28.63
N LEU E 99 2.78 -26.62 -28.07
CA LEU E 99 3.95 -26.43 -28.89
C LEU E 99 4.46 -27.77 -29.37
N GLY E 100 4.53 -28.74 -28.46
CA GLY E 100 5.00 -30.06 -28.84
C GLY E 100 4.09 -30.71 -29.88
N GLU E 101 2.78 -30.58 -29.73
CA GLU E 101 1.83 -31.17 -30.63
C GLU E 101 1.90 -30.56 -32.01
N ILE E 102 2.15 -29.27 -32.10
CA ILE E 102 2.28 -28.68 -33.41
C ILE E 102 3.59 -29.16 -34.01
N LEU E 103 4.67 -29.14 -33.23
CA LEU E 103 5.97 -29.53 -33.73
C LEU E 103 6.05 -30.99 -34.07
N ASN E 104 5.19 -31.82 -33.54
CA ASN E 104 5.19 -33.21 -33.89
C ASN E 104 4.70 -33.47 -35.31
N TYR E 105 4.24 -32.43 -35.98
CA TYR E 105 3.86 -32.53 -37.37
C TYR E 105 4.97 -32.03 -38.24
N TYR E 106 6.11 -31.69 -37.66
CA TYR E 106 7.24 -31.19 -38.39
C TYR E 106 8.50 -31.98 -38.09
N THR E 107 9.44 -31.97 -39.03
CA THR E 107 10.71 -32.65 -38.82
C THR E 107 11.82 -31.75 -38.34
N HIS E 108 11.65 -30.46 -38.54
CA HIS E 108 12.63 -29.44 -38.17
C HIS E 108 12.00 -28.22 -37.56
N TRP E 109 12.70 -27.58 -36.62
CA TRP E 109 12.21 -26.34 -36.04
C TRP E 109 13.29 -25.38 -35.64
N THR E 110 12.94 -24.11 -35.51
CA THR E 110 13.88 -23.11 -35.05
C THR E 110 13.24 -21.93 -34.37
N GLY E 111 14.00 -21.29 -33.50
CA GLY E 111 13.57 -20.06 -32.84
C GLY E 111 13.61 -20.14 -31.34
N SER E 112 13.66 -19.01 -30.65
CA SER E 112 13.73 -19.09 -29.20
C SER E 112 12.41 -19.59 -28.64
N ILE E 113 12.50 -20.16 -27.44
CA ILE E 113 11.36 -20.68 -26.70
C ILE E 113 11.24 -20.09 -25.32
N ARG E 114 10.05 -19.67 -24.99
CA ARG E 114 9.81 -19.06 -23.69
C ARG E 114 9.17 -19.99 -22.69
N PHE E 115 9.69 -19.93 -21.47
CA PHE E 115 9.19 -20.68 -20.34
C PHE E 115 8.70 -19.75 -19.27
N THR E 116 7.41 -19.79 -19.01
CA THR E 116 6.85 -18.86 -18.05
C THR E 116 6.32 -19.58 -16.84
N PHE E 117 6.72 -19.12 -15.66
CA PHE E 117 6.29 -19.79 -14.46
C PHE E 117 5.42 -18.95 -13.57
N LEU E 118 4.24 -19.48 -13.26
CA LEU E 118 3.27 -18.84 -12.39
C LEU E 118 3.25 -19.38 -10.98
N PHE E 119 3.49 -18.53 -10.00
CA PHE E 119 3.47 -18.99 -8.62
C PHE E 119 2.06 -18.95 -8.08
N CYS E 120 1.59 -20.05 -7.50
CA CYS E 120 0.23 -20.14 -6.98
C CYS E 120 0.19 -20.46 -5.49
N GLY E 121 0.93 -19.69 -4.70
CA GLY E 121 0.98 -19.89 -3.27
C GLY E 121 0.06 -18.88 -2.60
N SER E 122 0.30 -18.63 -1.32
CA SER E 122 -0.50 -17.68 -0.56
C SER E 122 0.01 -16.29 -0.90
N MET E 123 -0.71 -15.24 -0.49
CA MET E 123 -0.22 -13.89 -0.75
C MET E 123 0.79 -13.49 0.29
N MET E 124 0.64 -14.05 1.48
CA MET E 124 1.54 -13.71 2.57
C MET E 124 2.93 -14.30 2.37
N ALA E 125 3.05 -15.42 1.64
CA ALA E 125 4.35 -16.06 1.40
C ALA E 125 5.22 -15.29 0.38
N THR E 126 6.53 -15.33 0.59
CA THR E 126 7.50 -14.72 -0.33
C THR E 126 8.64 -15.68 -0.65
N GLY E 127 9.59 -15.25 -1.48
CA GLY E 127 10.70 -16.12 -1.84
C GLY E 127 11.25 -15.79 -3.22
N LYS E 128 12.33 -16.47 -3.61
CA LYS E 128 12.97 -16.25 -4.90
C LYS E 128 13.31 -17.58 -5.57
N LEU E 129 13.21 -17.61 -6.89
CA LEU E 129 13.56 -18.81 -7.64
C LEU E 129 14.52 -18.51 -8.78
N LEU E 130 15.41 -19.45 -9.08
CA LEU E 130 16.34 -19.29 -10.19
C LEU E 130 15.91 -20.15 -11.36
N LEU E 131 15.65 -19.52 -12.49
CA LEU E 131 15.24 -20.22 -13.70
C LEU E 131 16.41 -20.21 -14.68
N SER E 132 16.86 -21.37 -15.13
CA SER E 132 18.05 -21.40 -15.98
C SER E 132 18.09 -22.36 -17.16
N TYR E 133 18.67 -21.86 -18.25
CA TYR E 133 18.90 -22.61 -19.46
C TYR E 133 20.35 -22.73 -19.84
N SER E 134 20.80 -23.95 -20.05
CA SER E 134 22.16 -24.15 -20.46
C SER E 134 22.17 -24.67 -21.87
N PRO E 135 23.04 -24.19 -22.73
CA PRO E 135 23.25 -24.69 -24.06
C PRO E 135 23.66 -26.15 -23.88
N PRO E 136 23.50 -26.98 -24.90
CA PRO E 136 23.82 -28.38 -24.94
C PRO E 136 25.30 -28.60 -24.84
N GLY E 137 25.68 -29.78 -24.37
CA GLY E 137 27.07 -30.13 -24.22
C GLY E 137 27.48 -30.01 -22.76
N ALA E 138 28.63 -30.61 -22.42
CA ALA E 138 29.16 -30.65 -21.06
C ALA E 138 28.24 -31.41 -20.15
N LYS E 139 28.54 -31.43 -18.86
CA LYS E 139 27.69 -32.14 -17.93
C LYS E 139 26.47 -31.27 -17.66
N PRO E 140 25.32 -31.86 -17.29
CA PRO E 140 24.12 -31.15 -16.96
C PRO E 140 24.32 -30.37 -15.67
N PRO E 141 23.55 -29.32 -15.47
CA PRO E 141 23.53 -28.46 -14.32
C PRO E 141 22.81 -29.10 -13.15
N THR E 142 23.50 -30.00 -12.46
CA THR E 142 22.92 -30.78 -11.38
C THR E 142 22.94 -30.10 -10.02
N ASN E 143 23.50 -28.90 -9.96
CA ASN E 143 23.52 -28.13 -8.73
C ASN E 143 23.36 -26.68 -9.08
N ARG E 144 23.20 -25.81 -8.09
CA ARG E 144 22.89 -24.44 -8.44
C ARG E 144 24.03 -23.69 -9.06
N LYS E 145 25.25 -23.91 -8.58
CA LYS E 145 26.36 -23.15 -9.10
C LYS E 145 26.54 -23.40 -10.59
N ASP E 146 26.40 -24.63 -11.03
CA ASP E 146 26.57 -24.84 -12.45
C ASP E 146 25.40 -24.31 -13.23
N ALA E 147 24.19 -24.39 -12.67
CA ALA E 147 23.03 -23.87 -13.39
C ALA E 147 23.19 -22.40 -13.60
N MET E 148 23.72 -21.75 -12.59
CA MET E 148 23.96 -20.32 -12.51
C MET E 148 24.88 -19.78 -13.57
N LEU E 149 25.85 -20.56 -13.99
CA LEU E 149 26.76 -20.06 -15.01
C LEU E 149 26.09 -19.97 -16.38
N GLY E 150 24.92 -20.59 -16.53
CA GLY E 150 24.22 -20.60 -17.79
C GLY E 150 23.33 -19.38 -17.90
N THR E 151 22.39 -19.41 -18.82
CA THR E 151 21.55 -18.27 -19.01
C THR E 151 20.51 -18.30 -17.95
N HIS E 152 20.34 -17.23 -17.20
CA HIS E 152 19.36 -17.37 -16.14
C HIS E 152 18.72 -16.10 -15.68
N ILE E 153 17.57 -16.28 -15.05
CA ILE E 153 16.87 -15.18 -14.45
C ILE E 153 16.48 -15.46 -13.02
N ILE E 154 16.64 -14.46 -12.17
CA ILE E 154 16.20 -14.60 -10.81
C ILE E 154 14.83 -13.98 -10.72
N TRP E 155 13.89 -14.80 -10.31
CA TRP E 155 12.49 -14.45 -10.19
C TRP E 155 12.11 -14.13 -8.77
N ASP E 156 11.75 -12.89 -8.53
CA ASP E 156 11.33 -12.43 -7.23
C ASP E 156 9.84 -12.60 -7.08
N LEU E 157 9.37 -13.40 -6.14
CA LEU E 157 7.93 -13.60 -6.03
C LEU E 157 7.31 -12.34 -5.42
N GLY E 158 6.21 -11.87 -6.00
CA GLY E 158 5.54 -10.66 -5.51
C GLY E 158 4.19 -10.50 -6.20
N LEU E 159 3.76 -9.25 -6.45
CA LEU E 159 2.49 -9.02 -7.13
C LEU E 159 2.56 -9.58 -8.52
N GLN E 160 3.70 -9.42 -9.15
CA GLN E 160 3.83 -9.97 -10.47
C GLN E 160 4.16 -11.40 -10.17
N SER E 161 3.21 -12.25 -10.47
CA SER E 161 3.23 -13.66 -10.14
C SER E 161 3.82 -14.51 -11.22
N SER E 162 4.12 -13.92 -12.36
CA SER E 162 4.62 -14.73 -13.45
C SER E 162 5.90 -14.24 -14.08
N CYS E 163 6.91 -15.11 -14.08
CA CYS E 163 8.21 -14.75 -14.63
C CYS E 163 8.56 -15.48 -15.89
N SER E 164 8.97 -14.74 -16.89
CA SER E 164 9.35 -15.35 -18.15
C SER E 164 10.84 -15.50 -18.33
N MET E 165 11.27 -16.72 -18.53
CA MET E 165 12.64 -17.05 -18.81
C MET E 165 12.66 -17.38 -20.28
N VAL E 166 13.64 -16.91 -21.00
CA VAL E 166 13.66 -17.23 -22.41
C VAL E 166 14.91 -17.95 -22.74
N ALA E 167 14.76 -19.09 -23.40
CA ALA E 167 15.88 -19.88 -23.84
C ALA E 167 16.20 -19.37 -25.25
N PRO E 168 17.26 -18.59 -25.48
CA PRO E 168 17.59 -17.98 -26.74
C PRO E 168 17.89 -19.12 -27.66
N TRP E 169 17.76 -18.91 -28.96
CA TRP E 169 18.04 -20.01 -29.83
C TRP E 169 19.50 -20.15 -30.12
N ILE E 170 20.18 -20.83 -29.24
CA ILE E 170 21.61 -21.04 -29.33
C ILE E 170 21.82 -22.40 -29.94
N SER E 171 22.38 -22.42 -31.11
CA SER E 171 22.53 -23.67 -31.83
C SER E 171 23.65 -23.65 -32.83
N ASN E 172 24.12 -24.84 -33.21
CA ASN E 172 25.14 -24.97 -34.22
C ASN E 172 24.58 -25.32 -35.58
N THR E 173 23.28 -25.20 -35.71
CA THR E 173 22.60 -25.49 -36.95
C THR E 173 21.62 -24.40 -37.32
N VAL E 174 20.85 -24.62 -38.36
CA VAL E 174 19.88 -23.64 -38.80
C VAL E 174 18.53 -24.00 -38.21
N TYR E 175 18.21 -25.29 -38.29
CA TYR E 175 17.00 -25.84 -37.70
C TYR E 175 17.42 -27.08 -36.94
N ARG E 176 16.77 -27.35 -35.83
CA ARG E 176 17.06 -28.56 -35.09
C ARG E 176 16.08 -29.61 -35.48
N ARG E 177 16.50 -30.86 -35.40
CA ARG E 177 15.60 -31.94 -35.72
C ARG E 177 14.59 -32.07 -34.60
N CYS E 178 13.33 -32.32 -34.93
CA CYS E 178 12.32 -32.52 -33.91
C CYS E 178 12.56 -33.79 -33.09
N ALA E 179 13.03 -34.83 -33.77
CA ALA E 179 13.30 -36.13 -33.21
C ALA E 179 14.45 -36.05 -32.23
N ARG E 180 14.55 -37.00 -31.28
CA ARG E 180 15.66 -36.97 -30.33
C ARG E 180 16.90 -37.53 -31.00
N ASP E 181 17.41 -36.75 -31.89
CA ASP E 181 18.54 -37.02 -32.71
C ASP E 181 19.74 -36.36 -32.09
N ASP E 182 20.73 -37.15 -31.69
CA ASP E 182 21.90 -36.68 -30.96
C ASP E 182 22.72 -35.64 -31.72
N PHE E 183 22.49 -35.49 -33.04
CA PHE E 183 23.19 -34.47 -33.81
C PHE E 183 22.73 -33.09 -33.36
N THR E 184 21.51 -32.99 -32.80
CA THR E 184 20.95 -31.72 -32.38
C THR E 184 20.44 -31.76 -30.94
N GLU E 185 21.38 -31.78 -29.99
CA GLU E 185 21.06 -31.83 -28.57
C GLU E 185 20.34 -30.55 -28.15
N GLY E 186 19.29 -30.69 -27.35
CA GLY E 186 18.45 -29.58 -26.90
C GLY E 186 19.01 -28.51 -25.94
N GLY E 187 19.78 -28.93 -24.95
CA GLY E 187 20.23 -28.06 -23.88
C GLY E 187 19.43 -28.42 -22.65
N PHE E 188 19.67 -27.76 -21.53
CA PHE E 188 18.99 -28.18 -20.31
C PHE E 188 18.26 -27.04 -19.66
N ILE E 189 17.11 -27.32 -19.06
CA ILE E 189 16.41 -26.31 -18.28
C ILE E 189 16.17 -26.75 -16.86
N THR E 190 16.58 -25.94 -15.91
CA THR E 190 16.38 -26.28 -14.52
C THR E 190 15.84 -25.15 -13.71
N CYS E 191 15.35 -25.50 -12.54
CA CYS E 191 14.99 -24.49 -11.59
C CYS E 191 15.45 -24.90 -10.22
N PHE E 192 16.09 -23.96 -9.57
CA PHE E 192 16.63 -24.08 -8.22
C PHE E 192 16.07 -23.06 -7.30
N TYR E 193 16.04 -23.36 -6.03
CA TYR E 193 15.60 -22.31 -5.15
C TYR E 193 16.71 -21.32 -5.05
N GLN E 194 16.35 -20.06 -5.03
CA GLN E 194 17.29 -19.02 -4.72
C GLN E 194 16.94 -18.78 -3.29
N THR E 195 17.84 -18.28 -2.47
CA THR E 195 17.47 -18.10 -1.07
C THR E 195 16.55 -19.29 -0.61
N ARG E 196 15.29 -19.02 -0.24
CA ARG E 196 14.32 -20.07 0.11
C ARG E 196 12.93 -19.47 0.01
N ILE E 197 11.90 -20.30 0.04
CA ILE E 197 10.55 -19.75 0.14
C ILE E 197 10.26 -19.57 1.60
N VAL E 198 9.80 -18.39 1.95
CA VAL E 198 9.51 -18.06 3.32
C VAL E 198 8.03 -17.97 3.57
N VAL E 199 7.59 -18.78 4.51
CA VAL E 199 6.20 -18.85 4.84
C VAL E 199 5.94 -18.39 6.28
N PRO E 200 5.03 -17.43 6.49
CA PRO E 200 4.61 -16.89 7.76
C PRO E 200 3.77 -17.89 8.52
N ALA E 201 3.45 -17.58 9.75
CA ALA E 201 2.65 -18.47 10.57
C ALA E 201 1.26 -18.65 9.98
N SER E 202 0.70 -19.83 10.22
CA SER E 202 -0.65 -20.18 9.79
C SER E 202 -0.87 -19.96 8.30
N THR E 203 0.14 -20.33 7.55
CA THR E 203 0.15 -20.20 6.11
C THR E 203 0.66 -21.53 5.56
N PRO E 204 0.14 -22.08 4.46
CA PRO E 204 0.58 -23.33 3.87
C PRO E 204 2.06 -23.37 3.54
N THR E 205 2.68 -24.52 3.78
CA THR E 205 4.11 -24.76 3.57
C THR E 205 4.42 -25.59 2.35
N SER E 206 3.38 -25.88 1.58
CA SER E 206 3.48 -26.63 0.34
C SER E 206 2.72 -25.85 -0.70
N MET E 207 3.48 -25.31 -1.62
CA MET E 207 3.08 -24.39 -2.67
C MET E 207 3.21 -25.05 -4.01
N PHE E 208 2.51 -24.54 -4.99
CA PHE E 208 2.72 -25.05 -6.32
C PHE E 208 2.96 -23.95 -7.31
N MET E 209 3.64 -24.29 -8.37
CA MET E 209 3.76 -23.35 -9.48
C MET E 209 3.41 -24.07 -10.76
N LEU E 210 2.91 -23.30 -11.70
CA LEU E 210 2.53 -23.84 -12.97
C LEU E 210 3.46 -23.36 -14.06
N GLY E 211 4.14 -24.28 -14.73
CA GLY E 211 5.04 -23.86 -15.79
C GLY E 211 4.31 -23.92 -17.10
N PHE E 212 4.62 -22.96 -17.97
CA PHE E 212 4.07 -22.88 -19.30
C PHE E 212 5.14 -22.78 -20.37
N VAL E 213 4.87 -23.32 -21.54
CA VAL E 213 5.81 -23.19 -22.65
C VAL E 213 5.16 -22.65 -23.90
N SER E 214 5.89 -21.79 -24.62
CA SER E 214 5.42 -21.24 -25.90
C SER E 214 6.51 -20.80 -26.83
N ALA E 215 6.17 -20.71 -28.10
CA ALA E 215 7.09 -20.20 -29.10
C ALA E 215 7.23 -18.70 -29.01
N CYS E 216 8.40 -18.19 -29.36
CA CYS E 216 8.63 -16.76 -29.46
C CYS E 216 8.36 -16.29 -30.90
N PRO E 217 8.21 -14.98 -31.16
CA PRO E 217 8.08 -14.39 -32.47
C PRO E 217 9.17 -14.79 -33.48
N ASP E 218 10.39 -15.10 -33.05
CA ASP E 218 11.40 -15.51 -34.02
C ASP E 218 11.33 -17.00 -34.20
N PHE E 219 10.21 -17.53 -34.66
CA PHE E 219 10.07 -18.99 -34.65
C PHE E 219 9.34 -19.52 -35.86
N SER E 220 9.84 -20.63 -36.38
CA SER E 220 9.24 -21.30 -37.54
C SER E 220 9.59 -22.78 -37.62
N VAL E 221 8.94 -23.45 -38.57
CA VAL E 221 9.15 -24.87 -38.85
C VAL E 221 9.44 -25.04 -40.34
N ARG E 222 10.11 -26.14 -40.72
CA ARG E 222 10.48 -26.34 -42.13
C ARG E 222 9.78 -27.40 -42.97
N LEU E 223 9.34 -28.49 -42.37
CA LEU E 223 8.85 -29.61 -43.17
C LEU E 223 7.87 -30.52 -42.47
N LEU E 224 6.74 -30.84 -43.09
CA LEU E 224 5.75 -31.73 -42.47
C LEU E 224 6.09 -33.21 -42.41
N ARG E 225 5.64 -33.85 -41.33
CA ARG E 225 5.69 -35.31 -41.18
C ARG E 225 4.42 -35.74 -40.45
N ASP E 226 3.99 -36.99 -40.62
CA ASP E 226 2.82 -37.46 -39.90
C ASP E 226 3.14 -37.43 -38.41
N THR E 227 2.17 -37.06 -37.60
CA THR E 227 2.37 -37.08 -36.16
C THR E 227 2.53 -38.50 -35.65
N PRO E 228 3.43 -38.78 -34.71
CA PRO E 228 3.61 -40.04 -34.05
C PRO E 228 2.71 -40.26 -32.85
N HIS E 229 1.78 -39.35 -32.56
CA HIS E 229 1.02 -39.48 -31.32
C HIS E 229 -0.35 -40.11 -31.36
N ILE E 230 -0.78 -40.65 -32.48
CA ILE E 230 -2.09 -41.26 -32.46
C ILE E 230 -2.17 -42.32 -33.55
N SER E 231 -2.95 -43.36 -33.31
CA SER E 231 -3.09 -44.44 -34.27
C SER E 231 -4.46 -45.08 -34.25
N GLN E 232 -4.64 -46.04 -35.13
CA GLN E 232 -5.89 -46.78 -35.21
C GLN E 232 -5.55 -48.17 -35.71
N SER E 233 -6.42 -49.13 -35.49
CA SER E 233 -6.17 -50.47 -36.00
C SER E 233 -6.14 -50.44 -37.53
N GLY F 2 -4.97 -15.08 -71.06
CA GLY F 2 -5.16 -14.36 -69.81
C GLY F 2 -4.49 -15.08 -68.63
N ALA F 3 -3.17 -15.29 -68.73
CA ALA F 3 -2.32 -15.93 -67.72
C ALA F 3 -1.89 -14.97 -66.62
N GLN F 4 -1.63 -15.51 -65.44
CA GLN F 4 -1.08 -14.71 -64.36
C GLN F 4 0.33 -15.16 -64.05
N VAL F 5 1.18 -14.23 -63.69
CA VAL F 5 2.55 -14.58 -63.37
C VAL F 5 2.91 -14.21 -61.95
N SER F 6 3.52 -15.15 -61.24
CA SER F 6 3.93 -14.89 -59.88
C SER F 6 5.30 -15.48 -59.58
N THR F 7 5.71 -15.39 -58.34
CA THR F 7 7.06 -15.78 -57.92
C THR F 7 7.12 -17.13 -57.22
N GLN F 8 8.07 -17.95 -57.63
CA GLN F 8 8.32 -19.29 -57.12
C GLN F 8 9.01 -19.23 -55.77
N LYS F 9 8.81 -20.26 -54.95
CA LYS F 9 9.56 -20.38 -53.72
C LYS F 9 11.01 -20.53 -54.09
N THR F 10 11.91 -19.84 -53.39
CA THR F 10 13.33 -19.90 -53.69
C THR F 10 13.83 -21.34 -53.69
N GLY F 11 14.53 -21.72 -54.76
CA GLY F 11 15.07 -23.06 -54.93
C GLY F 11 16.46 -23.31 -54.33
N ALA F 12 16.98 -24.51 -54.59
CA ALA F 12 18.27 -24.95 -54.04
C ALA F 12 19.50 -24.17 -54.48
N HIS F 13 19.52 -23.72 -55.73
CA HIS F 13 20.69 -23.01 -56.25
C HIS F 13 20.43 -21.52 -56.26
N GLU F 14 19.24 -21.16 -55.82
CA GLU F 14 18.86 -19.77 -55.85
C GLU F 14 19.28 -19.18 -54.55
N ASN F 15 20.44 -18.58 -54.60
CA ASN F 15 21.12 -18.13 -53.40
C ASN F 15 20.69 -16.77 -52.89
N GLN F 16 19.70 -16.16 -53.53
CA GLN F 16 19.22 -14.88 -53.05
C GLN F 16 17.98 -15.05 -52.18
N ASN F 17 18.12 -14.77 -50.88
CA ASN F 17 17.03 -14.93 -49.92
C ASN F 17 16.14 -13.69 -49.90
N VAL F 18 16.53 -12.80 -50.78
CA VAL F 18 15.93 -11.54 -51.14
C VAL F 18 14.63 -11.84 -51.85
N ALA F 19 14.63 -12.93 -52.63
CA ALA F 19 13.50 -13.35 -53.41
C ALA F 19 13.03 -12.31 -54.39
N ALA F 20 13.96 -11.59 -54.98
CA ALA F 20 13.61 -10.58 -55.97
C ALA F 20 14.80 -10.37 -56.88
N ASN F 21 15.35 -11.46 -57.39
CA ASN F 21 16.53 -11.37 -58.22
C ASN F 21 16.44 -12.25 -59.44
N GLY F 22 16.24 -11.61 -60.57
CA GLY F 22 16.08 -12.33 -61.83
C GLY F 22 14.62 -12.45 -62.20
N SER F 23 14.41 -12.81 -63.46
CA SER F 23 13.09 -13.02 -64.02
C SER F 23 12.84 -14.51 -64.14
N THR F 24 13.80 -15.27 -63.63
CA THR F 24 13.90 -16.71 -63.69
C THR F 24 13.35 -17.38 -62.46
N ILE F 25 12.77 -16.59 -61.59
CA ILE F 25 12.18 -17.08 -60.37
C ILE F 25 10.68 -17.02 -60.47
N ASN F 26 10.17 -16.80 -61.68
CA ASN F 26 8.75 -16.69 -61.97
C ASN F 26 8.09 -17.93 -62.51
N TYR F 27 6.78 -18.00 -62.36
CA TYR F 27 6.01 -19.09 -62.96
C TYR F 27 4.69 -18.59 -63.49
N THR F 28 4.14 -19.30 -64.46
CA THR F 28 2.88 -18.89 -65.06
C THR F 28 1.73 -19.83 -64.79
N THR F 29 0.61 -19.25 -64.34
CA THR F 29 -0.61 -20.02 -64.09
C THR F 29 -1.77 -19.58 -64.93
N ILE F 30 -2.39 -20.54 -65.56
CA ILE F 30 -3.58 -20.35 -66.37
C ILE F 30 -4.67 -21.18 -65.76
N ASN F 31 -5.84 -20.59 -65.55
CA ASN F 31 -6.95 -21.35 -65.01
C ASN F 31 -7.64 -22.01 -66.18
N TYR F 32 -7.95 -23.29 -66.06
CA TYR F 32 -8.55 -24.01 -67.17
C TYR F 32 -10.00 -24.39 -66.96
N TYR F 33 -10.55 -23.98 -65.83
CA TYR F 33 -11.90 -24.34 -65.47
C TYR F 33 -12.61 -23.09 -65.02
N LYS F 34 -13.92 -23.04 -65.16
CA LYS F 34 -14.60 -21.84 -64.71
C LYS F 34 -15.09 -21.91 -63.27
N ASP F 35 -15.22 -23.11 -62.75
CA ASP F 35 -15.63 -23.30 -61.38
C ASP F 35 -14.40 -23.07 -60.52
N SER F 36 -14.43 -22.09 -59.63
CA SER F 36 -13.23 -21.73 -58.87
C SER F 36 -12.69 -22.84 -57.99
N ALA F 37 -13.52 -23.79 -57.61
CA ALA F 37 -13.06 -24.91 -56.81
C ALA F 37 -11.99 -25.72 -57.54
N SER F 38 -11.98 -25.64 -58.86
CA SER F 38 -11.07 -26.39 -59.71
C SER F 38 -9.69 -25.79 -59.81
N ASN F 39 -9.51 -24.59 -59.31
CA ASN F 39 -8.24 -23.90 -59.38
C ASN F 39 -7.24 -24.49 -58.39
N SER F 40 -5.97 -24.24 -58.63
CA SER F 40 -4.89 -24.70 -57.78
C SER F 40 -4.91 -23.94 -56.47
N ALA F 41 -4.04 -24.29 -55.52
CA ALA F 41 -4.01 -23.70 -54.19
C ALA F 41 -3.78 -22.21 -54.26
N THR F 42 -4.30 -21.51 -53.26
CA THR F 42 -4.14 -20.08 -53.27
C THR F 42 -2.73 -19.71 -52.98
N ARG F 43 -2.42 -18.46 -53.26
CA ARG F 43 -1.09 -17.95 -53.03
C ARG F 43 -0.84 -17.89 -51.56
N GLN F 44 0.40 -18.17 -51.19
CA GLN F 44 0.77 -18.13 -49.81
C GLN F 44 0.58 -16.73 -49.27
N ASP F 45 -0.01 -16.66 -48.09
CA ASP F 45 -0.27 -15.42 -47.42
C ASP F 45 0.15 -15.55 -45.98
N LEU F 46 1.20 -14.83 -45.62
CA LEU F 46 1.79 -14.92 -44.30
C LEU F 46 1.21 -13.90 -43.35
N SER F 47 0.14 -13.23 -43.74
CA SER F 47 -0.45 -12.30 -42.81
C SER F 47 -0.86 -13.11 -41.61
N GLN F 48 -0.55 -12.58 -40.44
CA GLN F 48 -0.85 -13.22 -39.16
C GLN F 48 -1.27 -12.19 -38.15
N ASP F 49 -2.00 -12.61 -37.14
CA ASP F 49 -2.34 -11.71 -36.05
C ASP F 49 -2.36 -12.47 -34.74
N PRO F 50 -1.20 -12.94 -34.24
CA PRO F 50 -1.09 -13.80 -33.09
C PRO F 50 -1.70 -13.20 -31.85
N SER F 51 -1.78 -11.86 -31.77
CA SER F 51 -2.32 -11.20 -30.59
C SER F 51 -3.76 -11.58 -30.34
N LYS F 52 -4.43 -12.04 -31.36
CA LYS F 52 -5.80 -12.45 -31.28
C LYS F 52 -5.97 -13.57 -30.27
N PHE F 53 -4.98 -14.46 -30.19
CA PHE F 53 -5.07 -15.58 -29.30
C PHE F 53 -4.08 -15.47 -28.15
N THR F 54 -2.98 -14.74 -28.33
CA THR F 54 -1.95 -14.73 -27.30
C THR F 54 -2.06 -13.58 -26.32
N GLU F 55 -2.78 -12.52 -26.66
CA GLU F 55 -2.94 -11.43 -25.71
C GLU F 55 -4.22 -10.68 -25.95
N PRO F 56 -5.39 -11.35 -25.88
CA PRO F 56 -6.69 -10.79 -26.13
C PRO F 56 -7.18 -10.03 -24.93
N VAL F 57 -6.45 -9.03 -24.54
CA VAL F 57 -6.76 -8.30 -23.35
C VAL F 57 -7.47 -7.03 -23.70
N LYS F 58 -8.54 -6.75 -23.00
CA LYS F 58 -9.32 -5.56 -23.26
C LYS F 58 -8.52 -4.29 -23.15
N ASP F 59 -7.75 -4.17 -22.09
CA ASP F 59 -7.00 -2.96 -21.84
C ASP F 59 -5.61 -3.10 -22.42
N LEU F 60 -4.98 -1.98 -22.74
CA LEU F 60 -3.63 -2.06 -23.28
C LEU F 60 -2.61 -2.57 -22.30
N MET F 61 -1.85 -3.56 -22.74
CA MET F 61 -0.79 -4.11 -21.94
C MET F 61 0.55 -3.76 -22.57
N LEU F 62 1.51 -3.36 -21.75
CA LEU F 62 2.84 -3.05 -22.24
C LEU F 62 3.78 -4.08 -21.70
N LYS F 63 4.85 -4.40 -22.42
CA LYS F 63 5.78 -5.37 -21.86
C LYS F 63 6.52 -4.90 -20.64
N THR F 64 6.89 -3.61 -20.61
CA THR F 64 7.69 -3.10 -19.53
C THR F 64 6.92 -2.71 -18.30
N ALA F 65 5.69 -2.30 -18.49
CA ALA F 65 4.86 -1.90 -17.37
C ALA F 65 4.52 -3.17 -16.62
N PRO F 66 4.29 -3.15 -15.32
CA PRO F 66 3.82 -4.30 -14.59
C PRO F 66 2.51 -4.72 -15.20
N ALA F 67 2.23 -6.01 -15.25
CA ALA F 67 0.97 -6.48 -15.80
C ALA F 67 -0.17 -6.03 -14.92
N LEU F 68 0.08 -5.99 -13.62
CA LEU F 68 -0.94 -5.60 -12.66
C LEU F 68 -0.46 -4.31 -11.97
N ASN F 69 -1.24 -3.20 -12.11
CA ASN F 69 -0.95 -1.86 -11.57
C ASN F 69 -2.18 -1.36 -10.83
N SER G 17 35.76 36.90 -6.13
CA SER G 17 34.61 37.57 -5.54
C SER G 17 34.42 37.04 -4.09
N GLN G 18 33.18 37.12 -3.54
CA GLN G 18 32.79 36.67 -2.20
C GLN G 18 32.73 35.16 -2.17
N PRO G 19 33.33 34.48 -1.18
CA PRO G 19 33.30 33.04 -1.05
C PRO G 19 31.86 32.61 -0.80
N PRO G 20 31.34 31.57 -1.46
CA PRO G 20 30.00 31.05 -1.27
C PRO G 20 29.69 30.64 0.15
N SER G 21 28.54 31.06 0.66
CA SER G 21 28.10 30.76 2.00
C SER G 21 27.29 29.49 2.11
N THR G 22 27.04 29.07 3.35
CA THR G 22 26.24 27.90 3.63
C THR G 22 24.78 28.26 3.44
N GLN G 23 23.93 27.26 3.48
CA GLN G 23 22.52 27.46 3.17
C GLN G 23 21.78 28.52 3.99
N SER G 24 21.11 29.43 3.29
CA SER G 24 20.28 30.46 3.88
C SER G 24 18.91 29.88 4.15
N THR G 25 18.15 30.50 5.04
CA THR G 25 16.81 29.98 5.29
C THR G 25 15.72 30.90 4.79
N GLU G 26 14.83 30.35 3.99
CA GLU G 26 13.74 31.15 3.48
C GLU G 26 12.67 31.23 4.55
N ALA G 27 11.86 32.27 4.52
CA ALA G 27 10.76 32.27 5.44
C ALA G 27 9.73 31.32 4.94
N THR G 28 9.04 30.64 5.84
CA THR G 28 7.97 29.79 5.40
C THR G 28 6.77 29.93 6.31
N SER G 29 5.74 29.17 6.04
CA SER G 29 4.52 29.25 6.82
C SER G 29 3.94 27.88 7.04
N GLY G 30 2.69 27.84 7.46
CA GLY G 30 2.03 26.59 7.75
C GLY G 30 1.80 25.81 6.48
N VAL G 31 1.78 24.49 6.62
CA VAL G 31 1.59 23.56 5.52
C VAL G 31 0.53 22.51 5.80
N ASN G 32 -0.32 22.24 4.84
CA ASN G 32 -1.26 21.14 4.97
C ASN G 32 -1.31 20.51 3.59
N SER G 33 -0.55 19.44 3.41
CA SER G 33 -0.42 18.87 2.08
C SER G 33 -0.06 17.41 1.99
N GLN G 34 0.02 16.94 0.74
CA GLN G 34 0.41 15.57 0.43
C GLN G 34 1.90 15.47 0.22
N GLU G 35 2.55 16.62 0.24
CA GLU G 35 4.00 16.66 0.15
C GLU G 35 4.47 16.35 1.55
N VAL G 36 5.40 15.41 1.68
CA VAL G 36 5.83 15.05 3.03
C VAL G 36 7.32 14.90 3.21
N PRO G 37 8.06 16.00 3.36
CA PRO G 37 9.47 16.02 3.64
C PRO G 37 9.86 15.28 4.91
N ALA G 38 8.92 15.17 5.85
CA ALA G 38 9.16 14.47 7.10
C ALA G 38 9.48 13.00 6.89
N LEU G 39 8.96 12.37 5.85
CA LEU G 39 9.21 10.95 5.69
C LEU G 39 10.18 10.64 4.61
N THR G 40 10.95 9.61 4.85
CA THR G 40 11.89 9.14 3.86
C THR G 40 12.12 7.65 3.99
N ALA G 41 13.14 7.18 3.30
CA ALA G 41 13.48 5.79 3.31
C ALA G 41 14.97 5.68 3.29
N VAL G 42 15.58 5.64 4.46
CA VAL G 42 17.03 5.61 4.55
C VAL G 42 17.60 4.31 4.01
N GLU G 43 16.74 3.34 3.73
CA GLU G 43 17.17 2.09 3.16
C GLU G 43 17.74 2.30 1.80
N THR G 44 17.42 3.43 1.16
CA THR G 44 17.90 3.76 -0.16
C THR G 44 19.37 4.08 -0.16
N GLY G 45 19.94 4.34 1.00
CA GLY G 45 21.35 4.69 1.10
C GLY G 45 21.50 6.18 1.16
N ALA G 46 20.41 6.88 0.90
CA ALA G 46 20.42 8.31 0.96
C ALA G 46 20.17 8.73 2.38
N SER G 47 20.72 9.87 2.73
CA SER G 47 20.50 10.50 4.01
C SER G 47 19.17 11.24 3.95
N GLY G 48 18.63 11.60 5.10
CA GLY G 48 17.41 12.38 5.08
C GLY G 48 17.80 13.72 4.49
N GLN G 49 16.88 14.39 3.81
CA GLN G 49 17.22 15.69 3.25
C GLN G 49 16.53 16.85 3.93
N ALA G 50 15.82 16.58 5.00
CA ALA G 50 15.04 17.63 5.65
C ALA G 50 15.90 18.74 6.24
N ILE G 51 15.41 19.95 6.08
CA ILE G 51 16.03 21.13 6.65
C ILE G 51 14.91 21.80 7.46
N PRO G 52 15.17 22.74 8.36
CA PRO G 52 14.15 23.35 9.19
C PRO G 52 12.92 23.86 8.46
N SER G 53 13.05 24.38 7.25
CA SER G 53 11.87 24.93 6.55
C SER G 53 10.89 23.84 6.11
N ASP G 54 11.30 22.60 6.21
CA ASP G 54 10.49 21.46 5.85
C ASP G 54 9.63 20.96 6.99
N VAL G 55 10.02 21.23 8.24
CA VAL G 55 9.29 20.67 9.38
C VAL G 55 8.78 21.71 10.38
N VAL G 56 9.32 22.91 10.38
CA VAL G 56 8.84 23.97 11.28
C VAL G 56 8.67 25.25 10.50
N GLU G 57 7.90 26.19 11.03
CA GLU G 57 7.90 27.48 10.38
C GLU G 57 9.23 28.15 10.66
N THR G 58 9.78 28.81 9.66
CA THR G 58 11.04 29.52 9.79
C THR G 58 10.92 30.96 9.40
N ARG G 59 11.88 31.75 9.87
CA ARG G 59 11.95 33.16 9.53
C ARG G 59 13.05 33.30 8.52
N HIS G 60 13.03 34.34 7.71
CA HIS G 60 14.10 34.46 6.75
C HIS G 60 15.41 34.81 7.42
N VAL G 61 16.46 34.10 7.06
CA VAL G 61 17.79 34.36 7.57
C VAL G 61 18.85 34.40 6.48
N VAL G 62 19.61 35.47 6.42
CA VAL G 62 20.66 35.51 5.42
C VAL G 62 21.88 34.89 6.05
N ASN G 63 22.42 33.88 5.39
CA ASN G 63 23.56 33.16 5.91
C ASN G 63 24.84 33.59 5.21
N TYR G 64 25.73 34.23 5.95
CA TYR G 64 26.99 34.73 5.43
C TYR G 64 28.17 33.89 5.90
N LYS G 65 27.89 32.75 6.50
CA LYS G 65 28.95 31.92 7.05
C LYS G 65 29.56 31.05 5.96
N THR G 66 30.85 30.79 6.04
CA THR G 66 31.46 29.91 5.05
C THR G 66 32.19 28.74 5.67
N ARG G 67 32.27 27.66 4.92
CA ARG G 67 32.98 26.47 5.35
C ARG G 67 34.43 26.50 4.96
N SER G 68 35.16 27.49 5.47
CA SER G 68 36.56 27.60 5.08
C SER G 68 37.49 26.84 6.01
N GLU G 69 37.15 26.74 7.28
CA GLU G 69 38.04 26.09 8.23
C GLU G 69 38.02 24.60 7.96
N SER G 70 36.89 24.14 7.50
CA SER G 70 36.62 22.77 7.21
C SER G 70 37.06 22.30 5.85
N CYS G 71 37.65 23.16 5.02
CA CYS G 71 38.10 22.69 3.73
C CYS G 71 39.23 21.74 3.96
N LEU G 72 39.46 20.76 3.08
CA LEU G 72 40.55 19.85 3.39
C LEU G 72 41.90 20.52 3.44
N GLU G 73 42.10 21.56 2.65
CA GLU G 73 43.39 22.23 2.67
C GLU G 73 43.64 22.85 4.03
N SER G 74 42.58 23.41 4.62
CA SER G 74 42.66 24.05 5.91
C SER G 74 42.78 23.02 7.02
N PHE G 75 42.04 21.94 6.90
CA PHE G 75 41.97 20.87 7.89
C PHE G 75 43.33 20.27 8.13
N PHE G 76 44.03 20.02 7.04
CA PHE G 76 45.34 19.42 7.10
C PHE G 76 46.49 20.42 7.14
N GLY G 77 46.21 21.71 7.21
CA GLY G 77 47.23 22.73 7.14
C GLY G 77 47.98 23.00 8.45
N ARG G 78 48.52 21.97 9.06
CA ARG G 78 49.27 22.09 10.31
C ARG G 78 50.47 21.16 10.30
N ALA G 79 51.61 21.64 10.79
CA ALA G 79 52.77 20.77 10.85
C ALA G 79 52.74 19.92 12.10
N ALA G 80 52.43 18.64 11.93
CA ALA G 80 52.30 17.76 13.07
C ALA G 80 53.65 17.19 13.42
N CYS G 81 53.91 16.97 14.69
CA CYS G 81 55.15 16.30 15.00
C CYS G 81 54.92 14.86 14.63
N VAL G 82 55.86 14.25 13.95
CA VAL G 82 55.73 12.87 13.58
C VAL G 82 56.65 11.99 14.38
N THR G 83 57.94 12.33 14.40
CA THR G 83 58.85 11.48 15.18
C THR G 83 59.88 12.24 15.93
N ILE G 84 60.56 11.52 16.82
CA ILE G 84 61.67 12.09 17.57
C ILE G 84 62.88 11.21 17.40
N LEU G 85 63.99 11.77 16.97
CA LEU G 85 65.19 10.98 16.79
C LEU G 85 66.19 11.34 17.88
N SER G 86 67.03 10.39 18.23
CA SER G 86 68.06 10.59 19.25
C SER G 86 69.48 10.46 18.75
N LEU G 87 70.24 11.54 18.89
CA LEU G 87 71.64 11.56 18.44
C LEU G 87 72.53 11.80 19.65
N THR G 88 73.63 11.07 19.76
CA THR G 88 74.54 11.36 20.86
C THR G 88 75.98 11.58 20.42
N ASN G 89 76.51 12.75 20.69
CA ASN G 89 77.89 13.03 20.34
C ASN G 89 78.73 12.88 21.59
N SER G 90 79.50 11.80 21.68
CA SER G 90 80.27 11.50 22.88
C SER G 90 81.62 10.92 22.61
N SER G 91 82.54 11.20 23.53
CA SER G 91 83.91 10.71 23.49
C SER G 91 83.99 9.24 23.90
N LYS G 92 82.93 8.73 24.51
CA LYS G 92 82.90 7.35 24.97
C LYS G 92 82.73 6.46 23.75
N SER G 93 83.61 5.47 23.58
CA SER G 93 83.59 4.64 22.38
C SER G 93 82.31 3.86 22.14
N GLY G 94 81.60 3.52 23.21
CA GLY G 94 80.39 2.74 23.07
C GLY G 94 79.24 3.58 22.53
N GLU G 95 79.44 4.88 22.43
CA GLU G 95 78.44 5.81 21.96
C GLU G 95 78.67 6.16 20.49
N GLU G 96 79.70 5.62 19.84
CA GLU G 96 79.95 6.02 18.45
C GLU G 96 78.78 5.68 17.56
N LYS G 97 78.17 4.55 17.82
CA LYS G 97 77.05 4.06 17.06
C LYS G 97 75.80 4.90 17.24
N LYS G 98 75.79 5.75 18.26
CA LYS G 98 74.65 6.57 18.59
C LYS G 98 74.78 7.98 18.02
N HIS G 99 75.91 8.28 17.38
CA HIS G 99 76.21 9.60 16.80
C HIS G 99 75.30 9.85 15.60
N PHE G 100 74.90 8.73 15.02
CA PHE G 100 74.09 8.58 13.83
C PHE G 100 72.80 7.78 14.05
N ASN G 101 71.67 8.32 13.59
CA ASN G 101 70.36 7.71 13.73
C ASN G 101 69.63 7.57 12.39
N ILE G 102 69.00 6.41 12.14
CA ILE G 102 68.27 6.21 10.89
C ILE G 102 66.77 6.12 11.10
N TRP G 103 66.03 7.00 10.45
CA TRP G 103 64.58 6.98 10.58
C TRP G 103 63.85 6.41 9.37
N ASN G 104 63.06 5.37 9.56
CA ASN G 104 62.29 4.81 8.46
C ASN G 104 61.10 5.71 8.25
N ILE G 105 61.02 6.39 7.12
CA ILE G 105 60.01 7.42 6.97
C ILE G 105 58.61 6.90 6.88
N THR G 106 57.79 7.46 7.74
CA THR G 106 56.40 7.13 7.92
C THR G 106 55.69 8.21 8.66
N TYR G 107 54.38 8.25 8.57
CA TYR G 107 53.63 9.17 9.40
C TYR G 107 53.00 8.45 10.59
N THR G 108 53.21 7.14 10.65
CA THR G 108 52.56 6.26 11.61
C THR G 108 53.13 6.29 13.00
N ASP G 109 54.17 7.08 13.23
CA ASP G 109 54.74 7.17 14.55
C ASP G 109 53.84 8.01 15.48
N THR G 110 53.01 8.92 14.91
CA THR G 110 52.15 9.77 15.74
C THR G 110 50.68 9.62 15.40
N VAL G 111 49.88 9.46 16.44
CA VAL G 111 48.46 9.20 16.26
C VAL G 111 47.65 10.36 15.72
N GLN G 112 47.96 11.61 16.06
CA GLN G 112 47.08 12.64 15.54
C GLN G 112 47.22 12.79 14.04
N LEU G 113 48.43 12.69 13.51
CA LEU G 113 48.54 12.87 12.08
C LEU G 113 48.02 11.66 11.35
N ARG G 114 48.31 10.44 11.83
CA ARG G 114 47.83 9.35 11.03
C ARG G 114 46.33 9.28 11.14
N ARG G 115 45.74 9.68 12.27
CA ARG G 115 44.31 9.57 12.36
C ARG G 115 43.64 10.51 11.41
N LYS G 116 44.17 11.73 11.27
CA LYS G 116 43.54 12.63 10.34
C LYS G 116 43.66 12.12 8.91
N LEU G 117 44.82 11.57 8.56
CA LEU G 117 45.01 11.07 7.21
C LEU G 117 44.12 9.89 6.92
N GLU G 118 43.85 9.07 7.93
CA GLU G 118 43.05 7.87 7.82
C GLU G 118 41.56 8.14 7.72
N PHE G 119 41.17 9.41 7.67
CA PHE G 119 39.78 9.72 7.35
C PHE G 119 39.56 9.40 5.90
N PHE G 120 40.66 9.33 5.13
CA PHE G 120 40.54 9.10 3.72
C PHE G 120 41.25 7.84 3.29
N THR G 121 40.77 7.21 2.22
CA THR G 121 41.43 6.01 1.75
C THR G 121 42.66 6.35 0.93
N TYR G 122 42.55 7.39 0.11
CA TYR G 122 43.64 7.80 -0.77
C TYR G 122 43.83 9.29 -0.68
N SER G 123 45.06 9.75 -0.83
CA SER G 123 45.27 11.19 -0.90
C SER G 123 46.50 11.55 -1.70
N ARG G 124 46.52 12.78 -2.17
CA ARG G 124 47.65 13.30 -2.88
C ARG G 124 48.00 14.66 -2.39
N PHE G 125 49.26 14.86 -2.09
CA PHE G 125 49.72 16.13 -1.56
C PHE G 125 51.20 16.32 -1.72
N ASP G 126 51.64 17.56 -1.60
CA ASP G 126 53.07 17.84 -1.54
C ASP G 126 53.37 17.91 -0.06
N LEU G 127 54.60 17.65 0.34
CA LEU G 127 54.90 17.67 1.77
C LEU G 127 55.94 18.64 2.27
N GLU G 128 55.59 19.42 3.28
CA GLU G 128 56.54 20.31 3.90
C GLU G 128 57.14 19.67 5.15
N MET G 129 58.46 19.60 5.22
CA MET G 129 59.10 19.04 6.41
C MET G 129 59.86 20.10 7.17
N THR G 130 59.77 20.04 8.49
CA THR G 130 60.50 20.95 9.39
C THR G 130 61.28 20.19 10.45
N PHE G 131 62.52 20.59 10.68
CA PHE G 131 63.33 19.89 11.68
C PHE G 131 63.71 20.74 12.88
N VAL G 132 63.20 20.38 14.03
CA VAL G 132 63.44 21.17 15.23
C VAL G 132 64.39 20.46 16.17
N PHE G 133 65.50 21.10 16.50
CA PHE G 133 66.51 20.45 17.32
C PHE G 133 66.58 21.01 18.74
N THR G 134 66.76 20.11 19.71
CA THR G 134 67.02 20.48 21.10
C THR G 134 68.25 19.79 21.66
N GLU G 135 69.15 20.55 22.27
CA GLU G 135 70.34 19.94 22.88
C GLU G 135 70.35 19.97 24.39
N ASN G 136 70.89 18.92 25.00
CA ASN G 136 71.12 18.91 26.44
C ASN G 136 72.31 18.03 26.81
N TYR G 137 72.62 17.99 28.09
CA TYR G 137 73.71 17.16 28.58
C TYR G 137 73.14 15.99 29.38
N PRO G 138 73.25 14.73 28.91
CA PRO G 138 72.74 13.55 29.58
C PRO G 138 73.66 13.11 30.72
N SER G 139 74.82 13.74 30.78
CA SER G 139 75.87 13.44 31.72
C SER G 139 75.63 14.02 33.08
N THR G 140 76.46 13.61 34.03
CA THR G 140 76.39 14.13 35.38
C THR G 140 77.18 15.42 35.51
N ALA G 141 77.95 15.74 34.48
CA ALA G 141 78.75 16.95 34.47
C ALA G 141 78.87 17.52 33.06
N SER G 142 78.56 18.81 32.98
CA SER G 142 78.60 19.61 31.79
C SER G 142 79.93 20.32 31.66
N GLY G 143 80.14 20.94 30.51
CA GLY G 143 81.34 21.70 30.25
C GLY G 143 81.24 22.35 28.89
N GLU G 144 82.30 23.01 28.46
CA GLU G 144 82.20 23.71 27.20
C GLU G 144 82.28 22.78 26.01
N VAL G 145 81.34 22.96 25.11
CA VAL G 145 81.27 22.24 23.85
C VAL G 145 80.99 23.28 22.78
N ARG G 146 81.73 23.24 21.68
CA ARG G 146 81.52 24.17 20.59
C ARG G 146 80.21 23.88 19.86
N ASN G 147 79.68 24.88 19.18
CA ASN G 147 78.41 24.76 18.50
C ASN G 147 78.40 23.63 17.46
N GLN G 148 77.39 22.78 17.56
CA GLN G 148 77.26 21.65 16.67
C GLN G 148 76.40 21.92 15.44
N VAL G 149 76.70 21.17 14.41
CA VAL G 149 76.01 21.16 13.15
C VAL G 149 75.47 19.78 12.88
N TYR G 150 74.29 19.71 12.31
CA TYR G 150 73.69 18.43 12.01
C TYR G 150 73.44 18.27 10.52
N GLN G 151 73.57 17.04 10.05
CA GLN G 151 73.29 16.72 8.66
C GLN G 151 72.12 15.81 8.50
N ILE G 152 71.15 16.24 7.74
CA ILE G 152 69.99 15.41 7.48
C ILE G 152 70.04 14.96 6.04
N MET G 153 70.26 13.68 5.82
CA MET G 153 70.38 13.18 4.46
C MET G 153 69.24 12.26 4.10
N TYR G 154 68.65 12.48 2.95
CA TYR G 154 67.60 11.59 2.52
C TYR G 154 68.12 10.49 1.68
N ILE G 155 67.84 9.27 2.08
CA ILE G 155 68.30 8.14 1.32
C ILE G 155 67.10 7.43 0.72
N PRO G 156 66.87 7.54 -0.59
CA PRO G 156 65.77 6.94 -1.30
C PRO G 156 65.86 5.44 -1.16
N PRO G 157 64.79 4.69 -1.33
CA PRO G 157 64.81 3.26 -1.28
C PRO G 157 65.82 2.74 -2.26
N GLY G 158 66.64 1.80 -1.83
CA GLY G 158 67.63 1.18 -2.69
C GLY G 158 68.96 1.92 -2.76
N ALA G 159 69.01 3.13 -2.24
CA ALA G 159 70.22 3.90 -2.28
C ALA G 159 71.17 3.37 -1.21
N PRO G 160 72.49 3.53 -1.34
CA PRO G 160 73.47 3.15 -0.34
C PRO G 160 73.19 3.79 0.98
N ARG G 161 73.37 3.03 2.05
CA ARG G 161 73.07 3.55 3.37
C ARG G 161 74.32 3.39 4.24
N PRO G 162 74.70 4.42 5.03
CA PRO G 162 75.87 4.43 5.90
C PRO G 162 75.80 3.48 7.03
N SER G 163 76.97 2.96 7.40
CA SER G 163 77.12 2.10 8.55
C SER G 163 77.50 2.88 9.80
N SER G 164 77.95 4.11 9.61
CA SER G 164 78.42 4.94 10.70
C SER G 164 78.27 6.40 10.35
N TRP G 165 78.42 7.23 11.36
CA TRP G 165 78.34 8.67 11.18
C TRP G 165 79.42 9.23 10.25
N ASP G 166 80.55 8.55 10.15
CA ASP G 166 81.62 9.02 9.30
C ASP G 166 81.83 8.18 8.05
N ASP G 167 80.79 7.47 7.58
CA ASP G 167 81.00 6.63 6.40
C ASP G 167 81.00 7.42 5.08
N TYR G 168 81.22 6.72 3.98
CA TYR G 168 81.36 7.38 2.67
C TYR G 168 80.09 7.98 2.10
N THR G 169 78.94 7.48 2.50
CA THR G 169 77.71 7.93 1.91
C THR G 169 77.36 9.33 2.28
N TRP G 170 77.98 9.86 3.32
CA TRP G 170 77.63 11.18 3.80
C TRP G 170 78.09 12.27 2.86
N GLN G 171 78.87 11.91 1.83
CA GLN G 171 79.34 12.88 0.87
C GLN G 171 78.17 13.53 0.16
N SER G 172 77.01 12.87 0.17
CA SER G 172 75.79 13.42 -0.41
C SER G 172 75.94 13.91 -1.85
N SER G 173 76.52 13.08 -2.71
CA SER G 173 76.76 13.40 -4.11
C SER G 173 75.51 13.25 -4.97
N SER G 174 74.48 12.66 -4.39
CA SER G 174 73.22 12.36 -5.05
C SER G 174 72.09 12.69 -4.09
N ASN G 175 72.08 11.98 -2.99
CA ASN G 175 71.09 12.14 -1.95
C ASN G 175 71.06 13.61 -1.51
N PRO G 176 69.91 14.28 -1.48
CA PRO G 176 69.78 15.65 -1.06
C PRO G 176 70.00 15.71 0.43
N SER G 177 70.50 16.82 0.92
CA SER G 177 70.69 16.96 2.34
C SER G 177 70.68 18.38 2.85
N ILE G 178 70.46 18.51 4.14
CA ILE G 178 70.48 19.76 4.88
C ILE G 178 71.52 19.85 5.96
N PHE G 179 72.29 20.93 5.95
CA PHE G 179 73.24 21.15 7.03
C PHE G 179 72.73 22.28 7.91
N TYR G 180 72.45 21.95 9.15
CA TYR G 180 71.89 22.91 10.09
C TYR G 180 72.76 23.22 11.26
N MET G 181 73.00 24.51 11.48
CA MET G 181 73.78 24.91 12.63
C MET G 181 72.86 25.20 13.78
N TYR G 182 73.14 24.60 14.91
CA TYR G 182 72.25 24.73 16.01
C TYR G 182 72.07 26.16 16.46
N GLY G 183 70.82 26.52 16.65
CA GLY G 183 70.47 27.85 17.11
C GLY G 183 69.86 28.67 16.00
N ASN G 184 70.02 28.25 14.75
CA ASN G 184 69.38 29.03 13.70
C ASN G 184 67.94 28.58 13.56
N ALA G 185 67.20 29.22 12.68
CA ALA G 185 65.81 28.82 12.52
C ALA G 185 65.77 27.39 12.02
N PRO G 186 64.77 26.57 12.40
CA PRO G 186 64.63 25.20 11.95
C PRO G 186 64.64 25.16 10.45
N PRO G 187 65.29 24.19 9.80
CA PRO G 187 65.29 24.01 8.39
C PRO G 187 63.90 23.66 7.94
N ARG G 188 63.53 24.12 6.76
CA ARG G 188 62.25 23.64 6.21
C ARG G 188 62.38 23.47 4.71
N MET G 189 61.85 22.35 4.24
CA MET G 189 61.99 21.94 2.85
C MET G 189 60.72 21.33 2.26
N SER G 190 60.54 21.44 0.95
CA SER G 190 59.35 20.84 0.34
C SER G 190 59.57 19.72 -0.66
N ILE G 191 58.88 18.63 -0.44
CA ILE G 191 58.95 17.48 -1.29
C ILE G 191 57.70 17.37 -2.14
N PRO G 192 57.78 17.31 -3.47
CA PRO G 192 56.66 17.22 -4.37
C PRO G 192 56.05 15.87 -4.19
N TYR G 193 54.79 15.67 -4.55
CA TYR G 193 54.25 14.32 -4.46
C TYR G 193 55.14 13.31 -5.13
N VAL G 194 55.51 12.26 -4.39
CA VAL G 194 56.41 11.21 -4.90
C VAL G 194 55.86 9.80 -4.94
N GLY G 195 54.57 9.63 -4.86
CA GLY G 195 54.07 8.27 -4.92
C GLY G 195 54.23 7.71 -6.32
N ILE G 196 54.40 6.39 -6.41
CA ILE G 196 54.49 5.71 -7.69
C ILE G 196 53.11 5.63 -8.31
N ALA G 197 52.12 5.47 -7.46
CA ALA G 197 50.73 5.43 -7.85
C ALA G 197 50.28 6.85 -8.03
N ASN G 198 49.03 7.09 -8.40
CA ASN G 198 48.63 8.45 -8.69
C ASN G 198 48.08 9.14 -7.44
N ALA G 199 48.11 8.41 -6.34
CA ALA G 199 47.70 8.86 -5.02
C ALA G 199 48.39 7.97 -4.03
N TYR G 200 48.59 8.44 -2.82
CA TYR G 200 49.14 7.59 -1.80
C TYR G 200 47.99 6.82 -1.25
N SER G 201 48.19 5.54 -0.99
CA SER G 201 47.11 4.81 -0.38
C SER G 201 47.37 4.84 1.10
N HIS G 202 46.33 4.91 1.91
CA HIS G 202 46.51 4.85 3.35
C HIS G 202 46.19 3.46 3.86
N PHE G 203 45.65 2.65 2.98
CA PHE G 203 45.27 1.28 3.28
C PHE G 203 45.65 0.41 2.13
N TYR G 204 46.00 -0.83 2.38
CA TYR G 204 46.20 -1.74 1.27
C TYR G 204 45.68 -3.12 1.54
N ASP G 205 44.54 -3.44 0.96
CA ASP G 205 43.94 -4.74 1.21
C ASP G 205 44.51 -5.77 0.29
N GLY G 206 45.72 -6.15 0.58
CA GLY G 206 46.44 -7.06 -0.28
C GLY G 206 47.82 -7.42 0.20
N PHE G 207 48.49 -8.19 -0.63
CA PHE G 207 49.82 -8.68 -0.31
C PHE G 207 50.86 -8.13 -1.25
N ALA G 208 52.09 -8.05 -0.75
CA ALA G 208 53.23 -7.60 -1.54
C ALA G 208 53.50 -8.46 -2.77
N ARG G 209 53.22 -9.75 -2.67
CA ARG G 209 53.41 -10.70 -3.75
C ARG G 209 52.39 -11.80 -3.56
N VAL G 210 52.23 -12.67 -4.55
CA VAL G 210 51.27 -13.75 -4.37
C VAL G 210 51.97 -15.08 -4.20
N PRO G 211 51.87 -15.73 -3.05
CA PRO G 211 52.48 -17.01 -2.81
C PRO G 211 51.69 -18.00 -3.64
N LEU G 212 52.37 -18.95 -4.26
CA LEU G 212 51.73 -19.94 -5.13
C LEU G 212 51.59 -21.33 -4.54
N GLU G 213 50.95 -22.21 -5.31
CA GLU G 213 50.68 -23.59 -4.88
C GLU G 213 51.91 -24.38 -4.49
N GLY G 214 53.09 -23.98 -4.92
CA GLY G 214 54.31 -24.70 -4.58
C GLY G 214 54.94 -24.20 -3.27
N GLU G 215 54.29 -23.25 -2.61
CA GLU G 215 54.77 -22.63 -1.38
C GLU G 215 54.02 -23.07 -0.13
N ASN G 216 54.48 -22.56 1.01
CA ASN G 216 53.92 -22.85 2.33
C ASN G 216 52.50 -22.31 2.48
N THR G 217 51.62 -23.05 3.14
CA THR G 217 50.23 -22.63 3.30
C THR G 217 50.04 -21.44 4.22
N ASP G 218 51.07 -21.09 4.97
CA ASP G 218 51.03 -19.94 5.84
C ASP G 218 51.71 -18.77 5.15
N ALA G 219 52.10 -18.96 3.89
CA ALA G 219 52.80 -17.94 3.17
C ALA G 219 51.93 -16.72 3.04
N GLY G 220 52.60 -15.58 3.13
CA GLY G 220 51.97 -14.28 3.04
C GLY G 220 51.76 -13.73 4.41
N ASP G 221 51.93 -14.56 5.44
CA ASP G 221 51.68 -14.12 6.78
C ASP G 221 52.41 -12.83 7.12
N THR G 222 53.66 -12.72 6.69
CA THR G 222 54.51 -11.57 6.99
C THR G 222 54.51 -10.43 5.97
N PHE G 223 53.76 -10.53 4.88
CA PHE G 223 53.81 -9.43 3.91
C PHE G 223 52.45 -8.88 3.51
N TYR G 224 51.57 -8.68 4.49
CA TYR G 224 50.25 -8.14 4.24
C TYR G 224 50.13 -6.67 4.58
N GLY G 225 49.46 -5.91 3.74
CA GLY G 225 49.15 -4.53 4.07
C GLY G 225 50.08 -3.46 3.54
N LEU G 226 49.76 -2.22 3.89
CA LEU G 226 50.46 -1.05 3.40
C LEU G 226 51.91 -1.10 3.79
N VAL G 227 52.15 -1.75 4.91
CA VAL G 227 53.43 -1.92 5.53
C VAL G 227 54.38 -2.68 4.64
N SER G 228 53.88 -3.71 3.95
CA SER G 228 54.76 -4.53 3.13
C SER G 228 55.01 -3.90 1.77
N ILE G 229 54.14 -2.99 1.33
CA ILE G 229 54.37 -2.39 0.02
C ILE G 229 55.08 -1.03 0.00
N ASN G 230 54.77 -0.13 0.94
CA ASN G 230 55.42 1.17 0.88
C ASN G 230 56.82 1.22 1.44
N ASP G 231 57.67 1.96 0.74
CA ASP G 231 59.04 2.23 1.14
C ASP G 231 59.42 3.62 0.71
N PHE G 232 59.55 4.53 1.64
CA PHE G 232 59.86 5.91 1.29
C PHE G 232 61.28 6.28 1.61
N GLY G 233 62.12 5.30 1.90
CA GLY G 233 63.49 5.59 2.22
C GLY G 233 63.63 5.97 3.67
N VAL G 234 64.82 6.45 4.00
CA VAL G 234 65.12 6.80 5.37
C VAL G 234 65.74 8.18 5.52
N LEU G 235 65.67 8.72 6.74
CA LEU G 235 66.43 9.91 7.04
C LEU G 235 67.66 9.51 7.79
N ALA G 236 68.80 9.79 7.24
CA ALA G 236 70.04 9.47 7.90
C ALA G 236 70.49 10.74 8.57
N VAL G 237 70.41 10.79 9.88
CA VAL G 237 70.71 12.02 10.56
C VAL G 237 71.91 11.88 11.48
N ARG G 238 72.87 12.75 11.32
CA ARG G 238 74.03 12.68 12.19
C ARG G 238 74.50 14.01 12.68
N ALA G 239 75.15 14.02 13.82
CA ALA G 239 75.87 15.21 14.19
C ALA G 239 77.04 15.22 13.24
N VAL G 240 77.60 16.35 12.88
CA VAL G 240 78.74 16.24 11.98
C VAL G 240 80.03 16.59 12.69
N ASN G 241 79.92 16.86 13.97
CA ASN G 241 81.05 17.27 14.78
C ASN G 241 81.86 16.12 15.34
N ARG G 242 83.11 16.42 15.62
CA ARG G 242 83.99 15.50 16.29
C ARG G 242 83.58 15.44 17.77
N SER G 243 83.87 14.33 18.42
CA SER G 243 83.53 14.14 19.82
C SER G 243 84.27 15.06 20.76
N ASN G 244 83.59 15.45 21.84
CA ASN G 244 84.15 16.32 22.86
C ASN G 244 83.98 15.63 24.21
N PRO G 245 84.79 15.95 25.24
CA PRO G 245 84.71 15.40 26.57
C PRO G 245 83.32 15.41 27.20
N HIS G 246 82.51 16.40 26.89
CA HIS G 246 81.18 16.45 27.47
C HIS G 246 80.15 16.07 26.44
N THR G 247 79.44 15.01 26.74
CA THR G 247 78.46 14.47 25.84
C THR G 247 77.27 15.35 25.59
N ILE G 248 76.90 15.49 24.33
CA ILE G 248 75.70 16.22 23.99
C ILE G 248 74.66 15.29 23.40
N HIS G 249 73.47 15.36 23.96
CA HIS G 249 72.36 14.57 23.46
C HIS G 249 71.40 15.45 22.74
N THR G 250 71.04 15.03 21.54
CA THR G 250 70.15 15.84 20.75
C THR G 250 68.88 15.15 20.37
N SER G 251 67.80 15.85 20.62
CA SER G 251 66.47 15.42 20.29
C SER G 251 66.04 16.10 19.02
N VAL G 252 65.71 15.33 17.99
CA VAL G 252 65.31 15.96 16.74
C VAL G 252 63.88 15.68 16.48
N ARG G 253 63.07 16.71 16.43
CA ARG G 253 61.64 16.56 16.22
C ARG G 253 61.34 16.80 14.77
N VAL G 254 60.78 15.81 14.13
CA VAL G 254 60.50 15.90 12.71
C VAL G 254 59.04 16.15 12.49
N TYR G 255 58.73 17.25 11.84
CA TYR G 255 57.38 17.69 11.58
C TYR G 255 56.97 17.54 10.14
N MET G 256 55.69 17.26 9.91
CA MET G 256 55.14 17.20 8.56
C MET G 256 53.84 17.96 8.38
N LYS G 257 53.77 18.70 7.27
CA LYS G 257 52.56 19.41 6.90
C LYS G 257 52.19 19.14 5.45
N PRO G 258 51.23 18.29 5.14
CA PRO G 258 50.84 18.01 3.80
C PRO G 258 50.17 19.27 3.30
N LYS G 259 50.34 19.61 2.04
CA LYS G 259 49.72 20.79 1.45
C LYS G 259 49.28 20.53 0.03
N HIS G 260 48.40 21.37 -0.51
CA HIS G 260 47.90 21.18 -1.87
C HIS G 260 47.31 19.80 -1.91
N ILE G 261 46.41 19.53 -0.97
CA ILE G 261 45.89 18.18 -0.78
C ILE G 261 44.49 17.86 -1.27
N ARG G 262 44.38 16.73 -1.95
CA ARG G 262 43.13 16.17 -2.43
C ARG G 262 42.96 14.79 -1.82
N CYS G 263 41.74 14.41 -1.49
CA CYS G 263 41.48 13.08 -0.92
C CYS G 263 40.33 12.41 -1.65
N TRP G 264 40.43 11.11 -1.87
CA TRP G 264 39.39 10.46 -2.65
C TRP G 264 38.42 9.47 -2.08
N CYS G 265 38.28 9.36 -0.79
CA CYS G 265 37.28 8.43 -0.30
C CYS G 265 37.19 8.49 1.18
N PRO G 266 36.09 8.89 1.78
CA PRO G 266 35.97 9.02 3.19
C PRO G 266 35.90 7.66 3.83
N ARG G 267 36.36 7.58 5.06
CA ARG G 267 36.31 6.37 5.87
C ARG G 267 35.92 6.77 7.29
N PRO G 268 35.45 5.86 8.14
CA PRO G 268 35.27 6.12 9.52
C PRO G 268 36.66 6.37 10.07
N PRO G 269 36.84 7.26 11.02
CA PRO G 269 38.09 7.48 11.69
C PRO G 269 38.30 6.33 12.64
N ARG G 270 39.53 5.98 12.95
CA ARG G 270 39.75 4.93 13.94
C ARG G 270 39.23 5.38 15.29
N ALA G 271 38.52 4.49 15.97
CA ALA G 271 37.93 4.76 17.28
C ALA G 271 38.79 4.31 18.45
N VAL G 272 39.79 3.50 18.19
CA VAL G 272 40.59 2.90 19.24
C VAL G 272 42.09 3.14 19.08
N LEU G 273 42.83 2.90 20.15
CA LEU G 273 44.28 3.04 20.17
C LEU G 273 44.95 2.15 19.15
N TYR G 274 45.93 2.71 18.42
CA TYR G 274 46.68 1.97 17.41
C TYR G 274 47.72 1.04 17.99
N ARG G 275 47.93 -0.08 17.30
CA ARG G 275 49.00 -0.97 17.65
C ARG G 275 49.86 -1.25 16.44
N GLY G 276 50.90 -0.45 16.25
CA GLY G 276 51.75 -0.61 15.08
C GLY G 276 51.25 0.14 13.85
N GLU G 277 51.88 -0.17 12.72
CA GLU G 277 51.71 0.49 11.43
C GLU G 277 50.48 0.05 10.61
N GLY G 278 49.83 -1.02 11.05
CA GLY G 278 48.68 -1.58 10.36
C GLY G 278 47.39 -1.10 11.02
N VAL G 279 46.38 -1.97 11.01
CA VAL G 279 45.08 -1.61 11.57
C VAL G 279 44.83 -2.41 12.82
N ASP G 280 45.89 -3.03 13.30
CA ASP G 280 45.83 -3.94 14.42
C ASP G 280 45.33 -3.34 15.69
N MET G 281 44.57 -4.15 16.42
CA MET G 281 43.99 -3.75 17.68
C MET G 281 44.68 -4.41 18.87
N ILE G 282 44.71 -3.71 19.98
CA ILE G 282 45.19 -4.26 21.24
C ILE G 282 43.93 -4.53 22.04
N SER G 283 43.78 -5.71 22.64
CA SER G 283 42.51 -5.99 23.34
C SER G 283 42.21 -5.06 24.51
N SER G 284 43.24 -4.49 25.09
CA SER G 284 43.10 -3.58 26.22
C SER G 284 42.44 -2.26 25.81
N ALA G 285 42.33 -2.01 24.51
CA ALA G 285 41.76 -0.77 24.04
C ALA G 285 40.61 -0.96 23.06
N ILE G 286 39.85 -2.06 23.15
CA ILE G 286 38.76 -2.21 22.17
C ILE G 286 37.43 -1.76 22.70
N LEU G 287 37.46 -0.91 23.70
CA LEU G 287 36.24 -0.43 24.30
C LEU G 287 36.16 1.10 24.23
N PRO G 288 35.96 1.69 23.04
CA PRO G 288 36.00 3.12 22.78
C PRO G 288 34.94 4.00 23.43
N LEU G 289 33.79 3.46 23.83
CA LEU G 289 32.80 4.34 24.41
C LEU G 289 32.70 4.26 25.90
N ALA G 290 32.35 5.40 26.48
CA ALA G 290 32.03 5.50 27.87
C ALA G 290 30.62 4.97 28.10
N LYS G 291 30.38 4.45 29.27
CA LYS G 291 29.07 3.98 29.68
C LYS G 291 28.20 5.10 30.17
N VAL G 292 26.89 4.99 29.94
CA VAL G 292 25.98 5.96 30.51
C VAL G 292 25.05 5.19 31.43
N ASP G 293 24.40 5.89 32.33
CA ASP G 293 23.55 5.23 33.31
C ASP G 293 22.25 4.74 32.73
N SER G 294 21.70 5.49 31.81
CA SER G 294 20.42 5.14 31.25
C SER G 294 20.21 5.70 29.87
N ILE G 295 19.43 4.98 29.08
CA ILE G 295 19.04 5.40 27.75
C ILE G 295 18.26 6.70 27.79
N THR G 296 17.64 6.97 28.94
CA THR G 296 16.85 8.15 29.17
C THR G 296 17.57 9.28 29.89
N THR G 297 18.87 9.17 30.09
CA THR G 297 19.58 10.28 30.75
C THR G 297 19.78 11.43 29.76
N PHE G 298 19.44 12.68 30.18
CA PHE G 298 19.65 13.91 29.38
C PHE G 298 21.07 14.46 29.63
N GLY H 8 2.60 3.85 -15.32
CA GLY H 8 3.81 4.30 -14.67
C GLY H 8 4.61 3.10 -14.19
N TYR H 9 5.75 3.36 -13.50
CA TYR H 9 6.67 2.36 -12.94
C TYR H 9 6.88 2.68 -11.49
N SER H 10 7.07 1.64 -10.67
CA SER H 10 7.34 1.82 -9.25
C SER H 10 8.82 1.90 -9.01
N ASP H 11 9.22 2.32 -7.82
CA ASP H 11 10.65 2.37 -7.52
C ASP H 11 11.14 1.04 -7.02
N ARG H 12 10.23 0.33 -6.40
CA ARG H 12 10.45 -0.97 -5.79
C ARG H 12 10.75 -2.07 -6.79
N VAL H 13 10.09 -2.01 -7.95
CA VAL H 13 10.22 -3.03 -8.99
C VAL H 13 11.34 -2.68 -9.96
N ARG H 14 12.22 -3.64 -10.24
CA ARG H 14 13.36 -3.39 -11.11
C ARG H 14 13.86 -4.61 -11.86
N GLN H 15 14.59 -4.37 -12.97
CA GLN H 15 15.23 -5.48 -13.68
C GLN H 15 16.65 -5.18 -14.09
N ILE H 16 17.59 -6.00 -13.62
CA ILE H 16 18.96 -5.78 -13.98
C ILE H 16 19.46 -6.83 -14.94
N THR H 17 19.88 -6.44 -16.12
CA THR H 17 20.35 -7.40 -17.11
C THR H 17 21.78 -7.16 -17.50
N LEU H 18 22.60 -8.20 -17.41
CA LEU H 18 24.01 -8.16 -17.81
C LEU H 18 24.41 -9.49 -18.42
N GLY H 19 25.08 -9.48 -19.56
CA GLY H 19 25.55 -10.74 -20.09
C GLY H 19 24.40 -11.68 -20.40
N ASN H 20 24.46 -12.88 -19.83
CA ASN H 20 23.44 -13.90 -20.04
C ASN H 20 22.58 -14.05 -18.80
N SER H 21 22.56 -13.04 -17.94
CA SER H 21 21.76 -13.16 -16.74
C SER H 21 20.98 -11.92 -16.35
N THR H 22 19.80 -12.15 -15.78
CA THR H 22 18.91 -11.13 -15.27
C THR H 22 18.46 -11.30 -13.84
N ILE H 23 18.43 -10.22 -13.10
CA ILE H 23 17.89 -10.26 -11.77
C ILE H 23 16.68 -9.38 -11.63
N THR H 24 15.56 -9.93 -11.20
CA THR H 24 14.44 -9.06 -10.99
C THR H 24 14.23 -8.90 -9.51
N THR H 25 13.54 -7.85 -9.15
CA THR H 25 13.14 -7.64 -7.77
C THR H 25 11.87 -6.85 -7.71
N GLN H 26 11.03 -7.15 -6.73
CA GLN H 26 9.84 -6.38 -6.54
C GLN H 26 9.86 -5.55 -5.25
N GLU H 27 10.96 -5.60 -4.51
CA GLU H 27 11.04 -4.87 -3.26
C GLU H 27 12.41 -4.26 -2.96
N ALA H 28 12.92 -3.40 -3.84
CA ALA H 28 14.23 -2.78 -3.58
C ALA H 28 14.11 -1.30 -3.27
N ALA H 29 14.98 -0.77 -2.41
CA ALA H 29 14.99 0.67 -2.15
C ALA H 29 15.85 1.38 -3.16
N ASN H 30 15.39 1.37 -4.39
CA ASN H 30 16.13 1.89 -5.54
C ASN H 30 17.47 1.18 -5.65
N ALA H 31 18.48 1.90 -6.11
CA ALA H 31 19.80 1.35 -6.29
C ALA H 31 20.79 2.46 -6.10
N ILE H 32 21.97 2.10 -5.67
CA ILE H 32 23.01 3.06 -5.40
C ILE H 32 24.13 3.03 -6.37
N VAL H 33 24.55 4.19 -6.83
CA VAL H 33 25.73 4.19 -7.66
C VAL H 33 26.79 4.85 -6.84
N ALA H 34 27.77 4.09 -6.39
CA ALA H 34 28.70 4.64 -5.43
C ALA H 34 29.38 5.84 -6.00
N TYR H 35 29.41 6.90 -5.20
CA TYR H 35 30.03 8.16 -5.49
C TYR H 35 29.48 8.83 -6.74
N GLY H 36 28.35 8.36 -7.25
CA GLY H 36 27.74 8.94 -8.41
C GLY H 36 28.41 8.49 -9.71
N GLU H 37 29.27 7.47 -9.66
CA GLU H 37 29.95 7.09 -10.88
C GLU H 37 29.77 5.64 -11.29
N TRP H 38 29.67 5.46 -12.59
CA TRP H 38 29.53 4.15 -13.18
C TRP H 38 30.88 3.60 -13.55
N PRO H 39 31.05 2.29 -13.57
CA PRO H 39 32.21 1.65 -14.12
C PRO H 39 32.34 2.01 -15.57
N THR H 40 33.55 2.34 -15.98
CA THR H 40 33.85 2.66 -17.36
C THR H 40 35.14 1.97 -17.69
N TYR H 41 35.51 1.95 -18.95
CA TYR H 41 36.79 1.41 -19.40
C TYR H 41 37.84 2.50 -19.28
N ILE H 42 39.10 2.13 -19.15
CA ILE H 42 40.15 3.15 -19.04
C ILE H 42 40.29 3.97 -20.30
N ASN H 43 40.28 5.29 -20.10
CA ASN H 43 40.47 6.27 -21.16
C ASN H 43 41.90 6.19 -21.61
N ASP H 44 42.17 6.36 -22.89
CA ASP H 44 43.55 6.28 -23.33
C ASP H 44 44.46 7.21 -22.57
N SER H 45 43.97 8.39 -22.20
CA SER H 45 44.77 9.41 -21.55
C SER H 45 45.24 9.04 -20.16
N GLU H 46 44.63 8.05 -19.54
CA GLU H 46 45.02 7.62 -18.21
C GLU H 46 45.67 6.25 -18.21
N ALA H 47 45.87 5.64 -19.35
CA ALA H 47 46.37 4.28 -19.29
C ALA H 47 47.80 4.17 -18.82
N ASN H 48 48.05 3.16 -17.98
CA ASN H 48 49.40 2.83 -17.53
C ASN H 48 50.13 1.85 -18.44
N PRO H 49 49.61 0.63 -18.70
CA PRO H 49 50.26 -0.38 -19.50
C PRO H 49 50.17 0.01 -20.95
N VAL H 50 51.03 -0.55 -21.76
CA VAL H 50 51.00 -0.34 -23.19
C VAL H 50 50.67 -1.62 -23.93
N ASP H 51 50.19 -2.58 -23.16
CA ASP H 51 49.81 -3.87 -23.67
C ASP H 51 48.50 -3.73 -24.39
N ALA H 52 48.20 -4.67 -25.24
CA ALA H 52 46.92 -4.66 -25.91
C ALA H 52 45.91 -5.29 -24.95
N PRO H 53 44.90 -4.58 -24.48
CA PRO H 53 43.97 -5.04 -23.49
C PRO H 53 43.00 -6.06 -24.00
N THR H 54 42.55 -6.89 -23.08
CA THR H 54 41.48 -7.85 -23.31
C THR H 54 40.25 -7.30 -22.68
N GLU H 55 39.18 -7.22 -23.43
CA GLU H 55 37.93 -6.69 -22.93
C GLU H 55 36.81 -7.65 -23.22
N PRO H 56 36.48 -8.60 -22.33
CA PRO H 56 35.45 -9.57 -22.56
C PRO H 56 34.14 -8.82 -22.58
N ASP H 57 33.18 -9.21 -23.41
CA ASP H 57 31.94 -8.45 -23.39
C ASP H 57 30.87 -9.06 -22.51
N VAL H 58 30.64 -10.35 -22.69
CA VAL H 58 29.58 -11.05 -22.00
C VAL H 58 30.05 -12.34 -21.38
N SER H 59 31.33 -12.46 -21.14
CA SER H 59 31.85 -13.67 -20.56
C SER H 59 31.93 -13.42 -19.09
N SER H 60 32.92 -12.67 -18.67
CA SER H 60 33.07 -12.34 -17.28
C SER H 60 31.95 -11.46 -16.75
N ASN H 61 31.36 -10.64 -17.60
CA ASN H 61 30.32 -9.70 -17.17
C ASN H 61 28.92 -10.30 -17.10
N ARG H 62 28.73 -11.23 -16.18
CA ARG H 62 27.46 -11.89 -15.91
C ARG H 62 27.35 -12.02 -14.42
N PHE H 63 26.14 -12.22 -13.89
CA PHE H 63 26.03 -12.40 -12.45
C PHE H 63 26.41 -13.78 -11.99
N TYR H 64 27.05 -13.83 -10.85
CA TYR H 64 27.37 -15.10 -10.25
C TYR H 64 26.76 -15.17 -8.87
N THR H 65 26.32 -16.34 -8.46
CA THR H 65 25.76 -16.47 -7.12
C THR H 65 26.76 -17.15 -6.22
N LEU H 66 27.07 -16.50 -5.12
CA LEU H 66 28.05 -17.02 -4.18
C LEU H 66 27.33 -17.98 -3.25
N GLU H 67 28.06 -18.92 -2.67
CA GLU H 67 27.45 -19.79 -1.68
C GLU H 67 26.71 -18.95 -0.65
N SER H 68 25.47 -19.34 -0.38
CA SER H 68 24.56 -18.66 0.54
C SER H 68 25.01 -18.77 1.97
N VAL H 69 24.62 -17.80 2.80
CA VAL H 69 24.92 -17.89 4.20
C VAL H 69 23.61 -17.85 4.94
N SER H 70 23.59 -18.31 6.17
CA SER H 70 22.34 -18.29 6.91
C SER H 70 22.30 -17.20 7.95
N TRP H 71 21.16 -16.55 8.05
CA TRP H 71 20.96 -15.54 9.06
C TRP H 71 20.18 -16.10 10.21
N LYS H 72 20.89 -16.21 11.31
CA LYS H 72 20.37 -16.70 12.56
C LYS H 72 20.45 -15.55 13.52
N THR H 73 19.75 -15.63 14.62
CA THR H 73 19.71 -14.55 15.59
C THR H 73 21.01 -14.36 16.34
N THR H 74 21.92 -15.31 16.18
CA THR H 74 23.21 -15.28 16.80
C THR H 74 24.33 -14.88 15.85
N SER H 75 24.02 -14.61 14.58
CA SER H 75 25.09 -14.23 13.67
C SER H 75 25.52 -12.83 13.95
N ARG H 76 26.81 -12.56 13.80
CA ARG H 76 27.26 -11.21 14.06
C ARG H 76 27.62 -10.49 12.77
N GLY H 77 27.40 -11.15 11.64
CA GLY H 77 27.73 -10.56 10.34
C GLY H 77 28.57 -11.46 9.47
N TRP H 78 28.70 -11.05 8.20
CA TRP H 78 29.42 -11.79 7.18
C TRP H 78 30.30 -10.87 6.35
N TRP H 79 31.39 -11.40 5.81
CA TRP H 79 32.17 -10.56 4.90
C TRP H 79 32.84 -11.27 3.73
N TRP H 80 33.06 -10.51 2.67
CA TRP H 80 33.75 -11.02 1.49
C TRP H 80 34.78 -10.05 0.98
N LYS H 81 35.81 -10.55 0.36
CA LYS H 81 36.70 -9.68 -0.37
C LYS H 81 36.19 -9.79 -1.79
N LEU H 82 35.98 -8.67 -2.46
CA LEU H 82 35.27 -8.79 -3.72
C LEU H 82 35.97 -9.53 -4.86
N PRO H 83 37.11 -9.15 -5.45
CA PRO H 83 37.72 -9.95 -6.50
C PRO H 83 37.91 -11.40 -6.09
N ASP H 84 38.23 -11.62 -4.82
CA ASP H 84 38.44 -12.95 -4.31
C ASP H 84 37.21 -13.82 -4.36
N CYS H 85 36.05 -13.24 -4.10
CA CYS H 85 34.87 -14.06 -4.05
C CYS H 85 34.47 -14.60 -5.41
N LEU H 86 35.04 -14.05 -6.48
CA LEU H 86 34.71 -14.51 -7.80
C LEU H 86 35.87 -15.24 -8.46
N LYS H 87 36.88 -15.63 -7.70
CA LYS H 87 38.07 -16.20 -8.29
C LYS H 87 37.91 -17.48 -9.09
N ASP H 88 36.91 -18.30 -8.85
CA ASP H 88 36.74 -19.48 -9.66
C ASP H 88 35.47 -19.36 -10.50
N MET H 89 34.93 -18.15 -10.58
CA MET H 89 33.68 -17.95 -11.27
C MET H 89 33.77 -17.84 -12.77
N GLY H 90 33.87 -18.99 -13.39
CA GLY H 90 33.89 -19.09 -14.82
C GLY H 90 35.01 -18.30 -15.42
N MET H 91 34.65 -17.48 -16.41
CA MET H 91 35.60 -16.67 -17.11
C MET H 91 36.15 -15.50 -16.33
N PHE H 92 35.44 -15.01 -15.33
CA PHE H 92 36.04 -13.90 -14.61
C PHE H 92 37.21 -14.49 -13.87
N GLY H 93 36.96 -15.65 -13.29
CA GLY H 93 37.96 -16.37 -12.54
C GLY H 93 39.15 -16.69 -13.43
N GLN H 94 38.92 -17.29 -14.58
CA GLN H 94 40.07 -17.62 -15.40
C GLN H 94 40.82 -16.41 -15.88
N ASN H 95 40.15 -15.33 -16.23
CA ASN H 95 40.90 -14.20 -16.71
C ASN H 95 41.71 -13.54 -15.62
N MET H 96 41.23 -13.51 -14.38
CA MET H 96 42.07 -12.86 -13.40
C MET H 96 43.32 -13.68 -13.13
N TYR H 97 43.27 -15.00 -13.34
CA TYR H 97 44.49 -15.75 -13.12
C TYR H 97 45.43 -15.76 -14.31
N TYR H 98 44.89 -15.68 -15.53
CA TYR H 98 45.75 -15.63 -16.71
C TYR H 98 46.42 -14.29 -16.91
N HIS H 99 45.81 -13.24 -16.44
CA HIS H 99 46.43 -11.95 -16.65
C HIS H 99 47.05 -11.40 -15.38
N TYR H 100 48.21 -10.80 -15.51
CA TYR H 100 48.84 -10.16 -14.39
C TYR H 100 47.98 -9.03 -13.85
N LEU H 101 47.46 -8.22 -14.75
CA LEU H 101 46.64 -7.09 -14.37
C LEU H 101 45.20 -7.24 -14.74
N GLY H 102 44.34 -6.57 -13.99
CA GLY H 102 42.95 -6.52 -14.37
C GLY H 102 42.20 -5.47 -13.57
N ARG H 103 41.10 -5.04 -14.16
CA ARG H 103 40.26 -4.03 -13.58
C ARG H 103 38.82 -4.29 -13.81
N SER H 104 37.99 -4.08 -12.82
CA SER H 104 36.56 -4.21 -13.05
C SER H 104 35.73 -3.45 -12.06
N GLY H 105 34.53 -3.07 -12.47
CA GLY H 105 33.58 -2.53 -11.54
C GLY H 105 32.67 -3.67 -11.23
N TYR H 106 31.72 -3.48 -10.34
CA TYR H 106 30.81 -4.56 -10.01
C TYR H 106 29.39 -4.14 -9.78
N THR H 107 28.47 -5.06 -9.99
CA THR H 107 27.12 -4.84 -9.54
C THR H 107 26.91 -5.82 -8.42
N ILE H 108 26.61 -5.30 -7.25
CA ILE H 108 26.45 -6.15 -6.09
C ILE H 108 25.00 -6.20 -5.74
N HIS H 109 24.43 -7.38 -5.69
CA HIS H 109 23.03 -7.52 -5.37
C HIS H 109 22.85 -8.49 -4.21
N VAL H 110 22.25 -8.01 -3.14
CA VAL H 110 22.08 -8.84 -1.95
C VAL H 110 20.63 -9.15 -1.74
N GLN H 111 20.33 -10.42 -1.55
CA GLN H 111 18.96 -10.89 -1.38
C GLN H 111 18.66 -11.52 -0.03
N CYS H 112 17.51 -11.21 0.56
CA CYS H 112 17.11 -11.83 1.82
C CYS H 112 15.61 -11.74 2.07
N ASN H 113 14.93 -12.87 1.97
CA ASN H 113 13.48 -12.94 2.12
C ASN H 113 13.01 -13.13 3.53
N ALA H 114 11.87 -12.55 3.81
CA ALA H 114 11.23 -12.71 5.09
C ALA H 114 9.76 -12.44 4.93
N SER H 115 8.93 -12.93 5.85
CA SER H 115 7.51 -12.64 5.77
C SER H 115 7.25 -11.33 6.45
N LYS H 116 6.02 -10.89 6.43
CA LYS H 116 5.63 -9.61 7.00
C LYS H 116 5.61 -9.67 8.54
N PHE H 117 5.72 -10.89 9.06
CA PHE H 117 5.69 -11.14 10.49
C PHE H 117 7.10 -11.18 11.04
N HIS H 118 8.08 -11.05 10.15
CA HIS H 118 9.46 -11.06 10.56
C HIS H 118 9.96 -9.66 10.69
N GLN H 119 10.97 -9.49 11.49
CA GLN H 119 11.60 -8.21 11.64
C GLN H 119 13.09 -8.38 11.68
N GLY H 120 13.81 -7.32 11.35
CA GLY H 120 15.26 -7.31 11.41
C GLY H 120 15.78 -6.51 10.24
N ALA H 121 17.06 -6.19 10.25
CA ALA H 121 17.59 -5.39 9.16
C ALA H 121 19.04 -5.69 8.91
N LEU H 122 19.41 -5.70 7.63
CA LEU H 122 20.79 -5.92 7.25
C LEU H 122 21.46 -4.74 6.58
N GLY H 123 22.55 -4.30 7.15
CA GLY H 123 23.25 -3.21 6.54
C GLY H 123 24.22 -3.79 5.56
N VAL H 124 24.15 -3.35 4.31
CA VAL H 124 25.06 -3.83 3.31
C VAL H 124 26.01 -2.71 2.96
N PHE H 125 27.28 -2.88 3.26
CA PHE H 125 28.23 -1.82 3.05
C PHE H 125 29.33 -2.26 2.11
N LEU H 126 29.76 -1.35 1.23
CA LEU H 126 30.90 -1.70 0.40
C LEU H 126 32.06 -0.87 0.80
N ILE H 127 33.10 -1.55 1.22
CA ILE H 127 34.24 -0.88 1.76
C ILE H 127 35.45 -1.01 0.87
N PRO H 128 36.02 0.06 0.35
CA PRO H 128 37.18 0.02 -0.49
C PRO H 128 38.30 -0.32 0.44
N GLU H 129 39.30 -1.01 -0.04
CA GLU H 129 40.45 -1.30 0.83
C GLU H 129 40.03 -1.83 2.20
N PHE H 130 39.25 -2.90 2.23
CA PHE H 130 38.78 -3.41 3.51
C PHE H 130 39.84 -4.19 4.26
N VAL H 131 40.73 -3.46 4.86
CA VAL H 131 41.85 -4.00 5.59
C VAL H 131 41.39 -4.39 6.98
N MET H 132 41.71 -5.61 7.40
CA MET H 132 41.31 -6.14 8.70
C MET H 132 42.53 -6.51 9.55
N ALA H 133 42.36 -6.38 10.86
CA ALA H 133 43.37 -6.66 11.88
C ALA H 133 43.69 -8.13 12.06
N CYS H 134 44.95 -8.41 12.42
CA CYS H 134 45.40 -9.77 12.72
C CYS H 134 44.84 -10.24 14.06
N ASN H 135 44.93 -11.54 14.34
CA ASN H 135 44.36 -12.05 15.58
C ASN H 135 45.41 -12.50 16.58
N THR H 136 46.51 -11.80 16.59
CA THR H 136 47.59 -12.04 17.52
C THR H 136 48.09 -10.71 18.01
N GLU H 137 48.50 -10.64 19.27
CA GLU H 137 49.08 -9.43 19.80
C GLU H 137 50.60 -9.40 19.68
N SER H 138 51.19 -10.50 19.19
CA SER H 138 52.63 -10.62 19.08
C SER H 138 53.19 -10.14 17.74
N LYS H 139 52.31 -9.92 16.78
CA LYS H 139 52.70 -9.53 15.43
C LYS H 139 51.71 -8.52 14.90
N THR H 140 52.11 -7.75 13.88
CA THR H 140 51.19 -6.79 13.27
C THR H 140 51.06 -7.08 11.80
N SER H 141 49.93 -6.69 11.21
CA SER H 141 49.65 -6.87 9.80
C SER H 141 49.99 -8.30 9.41
N TYR H 142 49.59 -9.23 10.25
CA TYR H 142 49.92 -10.61 10.08
C TYR H 142 48.70 -11.46 9.77
N VAL H 143 48.66 -12.02 8.58
CA VAL H 143 47.53 -12.88 8.15
C VAL H 143 47.97 -13.74 6.98
N SER H 144 47.57 -15.00 6.91
CA SER H 144 48.04 -15.78 5.76
C SER H 144 47.29 -15.41 4.51
N TYR H 145 47.84 -15.75 3.35
CA TYR H 145 47.17 -15.49 2.09
C TYR H 145 45.83 -16.20 2.08
N ILE H 146 45.82 -17.43 2.53
CA ILE H 146 44.63 -18.24 2.48
C ILE H 146 43.54 -17.73 3.39
N ASN H 147 43.86 -17.35 4.60
CA ASN H 147 42.82 -16.86 5.49
C ASN H 147 42.34 -15.48 5.06
N ALA H 148 43.23 -14.70 4.47
CA ALA H 148 42.92 -13.37 4.01
C ALA H 148 41.98 -13.40 2.81
N ASN H 149 42.07 -14.46 2.01
CA ASN H 149 41.29 -14.65 0.80
C ASN H 149 40.52 -15.99 0.77
N PRO H 150 39.39 -16.11 1.52
CA PRO H 150 38.57 -17.30 1.71
C PRO H 150 37.74 -17.74 0.49
N GLY H 151 37.61 -16.88 -0.51
CA GLY H 151 36.78 -17.20 -1.66
C GLY H 151 35.32 -16.86 -1.41
N GLU H 152 34.42 -17.49 -2.17
CA GLU H 152 32.98 -17.20 -2.16
C GLU H 152 32.33 -17.46 -0.82
N ARG H 153 33.01 -18.28 -0.03
CA ARG H 153 32.57 -18.65 1.28
C ARG H 153 32.49 -17.44 2.16
N GLY H 154 33.39 -16.50 1.95
CA GLY H 154 33.46 -15.32 2.76
C GLY H 154 33.97 -15.72 4.12
N GLY H 155 33.79 -14.82 5.05
CA GLY H 155 34.17 -15.03 6.42
C GLY H 155 33.03 -14.59 7.29
N GLU H 156 33.28 -14.53 8.58
CA GLU H 156 32.25 -14.16 9.53
C GLU H 156 32.77 -13.16 10.52
N PHE H 157 31.85 -12.43 11.12
CA PHE H 157 32.21 -11.55 12.19
C PHE H 157 31.84 -12.17 13.51
N THR H 158 32.58 -11.78 14.52
CA THR H 158 32.37 -12.19 15.90
C THR H 158 32.20 -10.99 16.78
N ASN H 159 31.86 -11.22 18.03
CA ASN H 159 31.75 -10.13 18.96
C ASN H 159 32.72 -10.31 20.11
N THR H 160 33.64 -11.23 19.94
CA THR H 160 34.66 -11.51 20.94
C THR H 160 36.04 -11.35 20.35
N TYR H 161 36.89 -10.59 21.02
CA TYR H 161 38.25 -10.46 20.53
C TYR H 161 39.07 -11.40 21.35
N ASN H 162 39.53 -12.45 20.73
CA ASN H 162 40.27 -13.46 21.42
C ASN H 162 41.54 -13.74 20.67
N PRO H 163 42.52 -12.81 20.72
CA PRO H 163 43.76 -12.90 20.03
C PRO H 163 44.58 -13.92 20.73
N SER H 164 45.55 -14.48 20.04
CA SER H 164 46.46 -15.38 20.68
C SER H 164 47.87 -14.96 20.40
N ASN H 165 48.59 -14.62 21.46
CA ASN H 165 49.94 -14.15 21.32
C ASN H 165 50.94 -15.30 21.33
N THR H 166 50.42 -16.53 21.43
CA THR H 166 51.24 -17.72 21.44
C THR H 166 50.90 -18.69 20.31
N ASP H 167 49.66 -18.67 19.83
CA ASP H 167 49.27 -19.63 18.80
C ASP H 167 49.40 -19.06 17.42
N ALA H 168 50.42 -19.50 16.74
CA ALA H 168 50.73 -19.01 15.43
C ALA H 168 49.60 -19.26 14.45
N SER H 169 48.85 -20.35 14.60
CA SER H 169 47.79 -20.66 13.63
C SER H 169 46.61 -19.69 13.73
N GLU H 170 46.14 -19.45 14.95
CA GLU H 170 45.00 -18.56 15.15
C GLU H 170 45.37 -17.14 14.80
N GLY H 171 46.62 -16.78 15.01
CA GLY H 171 47.09 -15.44 14.75
C GLY H 171 47.06 -15.07 13.28
N ARG H 172 46.94 -16.07 12.40
CA ARG H 172 46.93 -15.85 10.96
C ARG H 172 45.52 -15.74 10.39
N LYS H 173 44.53 -15.69 11.29
CA LYS H 173 43.12 -15.50 10.96
C LYS H 173 42.79 -14.05 11.26
N PHE H 174 41.71 -13.49 10.69
CA PHE H 174 41.38 -12.11 11.05
C PHE H 174 40.61 -11.95 12.34
N ALA H 175 40.89 -10.84 13.03
CA ALA H 175 40.19 -10.45 14.23
C ALA H 175 38.93 -9.72 13.87
N ALA H 176 37.99 -10.44 13.31
CA ALA H 176 36.81 -9.83 12.74
C ALA H 176 35.74 -9.43 13.72
N LEU H 177 36.00 -8.44 14.57
CA LEU H 177 34.96 -7.94 15.47
C LEU H 177 33.89 -7.23 14.72
N ASP H 178 32.64 -7.42 15.10
CA ASP H 178 31.55 -6.79 14.39
C ASP H 178 31.46 -5.31 14.69
N TYR H 179 31.49 -4.94 15.95
CA TYR H 179 31.28 -3.56 16.33
C TYR H 179 32.38 -2.63 15.87
N LEU H 180 33.60 -3.15 15.63
CA LEU H 180 34.70 -2.33 15.12
C LEU H 180 35.05 -2.65 13.64
N LEU H 181 34.17 -3.41 12.97
CA LEU H 181 34.30 -3.85 11.59
C LEU H 181 35.60 -4.57 11.31
N GLY H 182 36.17 -5.21 12.29
CA GLY H 182 37.40 -5.93 12.10
C GLY H 182 38.65 -5.05 12.01
N SER H 183 38.51 -3.73 12.11
CA SER H 183 39.68 -2.85 11.95
C SER H 183 39.83 -1.71 12.94
N GLY H 184 38.93 -1.59 13.92
CA GLY H 184 39.10 -0.52 14.90
C GLY H 184 38.22 0.69 14.68
N VAL H 185 37.22 0.56 13.83
CA VAL H 185 36.32 1.67 13.55
C VAL H 185 34.92 1.33 13.97
N LEU H 186 34.27 2.18 14.72
CA LEU H 186 32.93 1.83 15.11
C LEU H 186 32.05 1.70 13.90
N ALA H 187 31.30 0.60 13.88
CA ALA H 187 30.38 0.21 12.82
C ALA H 187 29.34 1.25 12.56
N GLY H 188 29.00 2.03 13.55
CA GLY H 188 27.97 3.02 13.37
C GLY H 188 28.36 4.08 12.35
N ASN H 189 29.65 4.19 12.05
CA ASN H 189 30.13 5.17 11.10
C ASN H 189 30.37 4.54 9.74
N ALA H 190 29.97 3.27 9.59
CA ALA H 190 30.15 2.48 8.37
C ALA H 190 29.35 3.05 7.26
N PHE H 191 28.36 3.83 7.63
CA PHE H 191 27.40 4.47 6.76
C PHE H 191 28.05 5.52 5.89
N VAL H 192 29.30 5.86 6.19
CA VAL H 192 30.05 6.77 5.35
C VAL H 192 30.32 6.12 3.99
N TYR H 193 30.40 4.79 3.98
CA TYR H 193 30.67 4.02 2.79
C TYR H 193 29.36 3.88 2.04
N PRO H 194 29.34 3.65 0.72
CA PRO H 194 28.10 3.43 0.02
C PRO H 194 27.47 2.23 0.66
N HIS H 195 26.18 2.33 0.94
CA HIS H 195 25.48 1.26 1.61
C HIS H 195 24.01 1.30 1.35
N GLN H 196 23.35 0.19 1.57
CA GLN H 196 21.90 0.12 1.41
C GLN H 196 21.39 -0.79 2.53
N ILE H 197 20.15 -0.62 2.99
CA ILE H 197 19.69 -1.47 4.10
C ILE H 197 18.55 -2.42 3.75
N ILE H 198 18.75 -3.70 3.97
CA ILE H 198 17.66 -4.60 3.70
C ILE H 198 16.90 -4.77 4.98
N ASN H 199 16.00 -3.84 5.17
CA ASN H 199 15.09 -3.76 6.29
C ASN H 199 13.96 -4.66 5.90
N LEU H 200 13.73 -5.72 6.63
CA LEU H 200 12.78 -6.72 6.19
C LEU H 200 11.36 -6.20 6.07
N ARG H 201 11.01 -5.09 6.72
CA ARG H 201 9.64 -4.60 6.59
C ARG H 201 9.51 -3.64 5.39
N THR H 202 10.62 -3.41 4.69
CA THR H 202 10.65 -2.49 3.56
C THR H 202 11.12 -3.16 2.27
N ASN H 203 12.27 -3.85 2.34
CA ASN H 203 12.93 -4.42 1.18
C ASN H 203 13.29 -5.87 1.34
N ASN H 204 13.48 -6.56 0.22
CA ASN H 204 14.00 -7.92 0.30
C ASN H 204 15.31 -7.98 -0.47
N SER H 205 15.79 -6.83 -0.93
CA SER H 205 17.03 -6.81 -1.65
C SER H 205 17.68 -5.45 -1.65
N ALA H 206 18.95 -5.44 -2.06
CA ALA H 206 19.74 -4.23 -2.21
C ALA H 206 20.65 -4.33 -3.41
N THR H 207 20.84 -3.22 -4.14
CA THR H 207 21.74 -3.18 -5.28
C THR H 207 22.70 -2.01 -5.22
N ILE H 208 23.99 -2.29 -5.32
CA ILE H 208 24.97 -1.23 -5.35
C ILE H 208 25.89 -1.37 -6.57
N VAL H 209 26.02 -0.32 -7.34
CA VAL H 209 26.89 -0.26 -8.50
C VAL H 209 28.21 0.28 -8.02
N VAL H 210 29.26 -0.44 -8.32
CA VAL H 210 30.56 -0.12 -7.84
C VAL H 210 31.61 0.18 -8.90
N PRO H 211 32.15 1.40 -9.01
CA PRO H 211 33.18 1.78 -9.92
C PRO H 211 34.47 1.18 -9.41
N TYR H 212 35.45 0.99 -10.26
CA TYR H 212 36.75 0.58 -9.75
C TYR H 212 37.34 1.75 -9.01
N VAL H 213 37.83 1.55 -7.79
CA VAL H 213 38.41 2.68 -7.06
C VAL H 213 39.77 2.36 -6.54
N ASN H 214 40.80 2.95 -7.09
CA ASN H 214 42.15 2.70 -6.63
C ASN H 214 43.03 3.89 -6.92
N SER H 215 44.27 3.80 -6.51
CA SER H 215 45.31 4.78 -6.76
C SER H 215 45.94 4.57 -8.14
N LEU H 216 45.62 3.44 -8.73
CA LEU H 216 46.10 3.06 -10.03
C LEU H 216 44.92 2.88 -10.94
N VAL H 217 45.10 3.05 -12.23
CA VAL H 217 43.98 2.76 -13.08
C VAL H 217 43.72 1.27 -13.13
N ILE H 218 44.77 0.47 -13.05
CA ILE H 218 44.68 -0.97 -13.08
C ILE H 218 45.66 -1.57 -12.09
N ASP H 219 45.33 -2.70 -11.47
CA ASP H 219 46.21 -3.35 -10.51
C ASP H 219 46.23 -4.87 -10.69
N CYS H 220 46.99 -5.58 -9.88
CA CYS H 220 47.06 -7.03 -9.97
C CYS H 220 46.05 -7.69 -9.06
N MET H 221 45.09 -8.38 -9.65
CA MET H 221 43.98 -8.96 -8.95
C MET H 221 44.31 -10.08 -7.99
N ALA H 222 45.40 -10.78 -8.22
CA ALA H 222 45.76 -11.85 -7.31
C ALA H 222 46.43 -11.30 -6.05
N LYS H 223 46.74 -10.00 -6.05
CA LYS H 223 47.41 -9.38 -4.93
C LYS H 223 46.48 -8.47 -4.15
N HIS H 224 45.58 -7.80 -4.85
CA HIS H 224 44.78 -6.80 -4.18
C HIS H 224 43.28 -6.86 -4.39
N ASN H 225 42.56 -6.72 -3.29
CA ASN H 225 41.12 -6.69 -3.29
C ASN H 225 40.63 -5.27 -3.29
N ASN H 226 40.16 -4.79 -4.43
CA ASN H 226 39.78 -3.40 -4.53
C ASN H 226 38.69 -2.98 -3.53
N TRP H 227 37.74 -3.86 -3.31
CA TRP H 227 36.61 -3.65 -2.42
C TRP H 227 36.33 -4.88 -1.62
N GLY H 228 35.69 -4.71 -0.47
CA GLY H 228 35.14 -5.82 0.29
C GLY H 228 33.65 -5.58 0.50
N ILE H 229 32.94 -6.62 0.90
CA ILE H 229 31.52 -6.55 1.18
C ILE H 229 31.27 -6.89 2.62
N VAL H 230 30.59 -6.01 3.32
CA VAL H 230 30.26 -6.26 4.70
C VAL H 230 28.78 -6.24 4.96
N ILE H 231 28.26 -7.32 5.53
CA ILE H 231 26.85 -7.37 5.85
C ILE H 231 26.66 -7.54 7.34
N LEU H 232 25.93 -6.61 7.96
CA LEU H 232 25.74 -6.68 9.40
C LEU H 232 24.28 -6.73 9.83
N PRO H 233 23.97 -7.45 10.89
CA PRO H 233 22.67 -7.55 11.51
C PRO H 233 22.39 -6.32 12.34
N LEU H 234 22.12 -5.21 11.66
CA LEU H 234 21.90 -3.93 12.31
C LEU H 234 20.74 -4.04 13.27
N ALA H 235 19.74 -4.83 12.90
CA ALA H 235 18.61 -5.08 13.79
C ALA H 235 18.46 -6.61 13.77
N PRO H 236 18.16 -7.25 14.90
CA PRO H 236 18.12 -8.69 15.04
C PRO H 236 16.96 -9.28 14.31
N LEU H 237 17.12 -10.51 13.88
CA LEU H 237 16.04 -11.25 13.27
C LEU H 237 15.08 -11.77 14.31
N ALA H 238 13.78 -11.63 14.07
CA ALA H 238 12.81 -12.23 14.97
C ALA H 238 11.57 -12.61 14.21
N PHE H 239 10.93 -13.70 14.62
CA PHE H 239 9.68 -14.16 14.00
C PHE H 239 8.50 -14.26 14.97
N ALA H 240 8.80 -14.57 16.23
CA ALA H 240 7.82 -14.77 17.31
C ALA H 240 6.91 -15.97 17.13
N ALA H 241 7.24 -16.87 16.23
CA ALA H 241 6.48 -18.10 16.08
C ALA H 241 7.45 -19.27 16.12
N THR H 242 8.61 -19.01 16.69
CA THR H 242 9.69 -19.97 16.85
C THR H 242 10.70 -19.49 17.85
N SER H 243 11.41 -20.42 18.46
CA SER H 243 12.51 -20.10 19.33
C SER H 243 13.75 -19.68 18.56
N SER H 244 13.87 -20.14 17.31
CA SER H 244 15.03 -19.82 16.50
C SER H 244 14.70 -19.67 15.01
N PRO H 245 14.40 -18.46 14.53
CA PRO H 245 14.07 -18.17 13.17
C PRO H 245 15.32 -18.21 12.35
N GLN H 246 15.18 -18.46 11.06
CA GLN H 246 16.29 -18.42 10.15
C GLN H 246 15.87 -18.02 8.77
N VAL H 247 16.62 -17.12 8.16
CA VAL H 247 16.36 -16.77 6.77
C VAL H 247 17.73 -16.80 6.11
N PRO H 248 17.86 -17.12 4.84
CA PRO H 248 19.08 -17.07 4.07
C PRO H 248 19.40 -15.67 3.63
N ILE H 249 20.68 -15.44 3.38
CA ILE H 249 21.15 -14.24 2.71
C ILE H 249 21.99 -14.69 1.52
N THR H 250 21.68 -14.21 0.34
CA THR H 250 22.46 -14.60 -0.81
C THR H 250 23.03 -13.41 -1.53
N VAL H 251 24.31 -13.48 -1.83
CA VAL H 251 24.96 -12.39 -2.50
C VAL H 251 25.28 -12.79 -3.93
N THR H 252 24.77 -11.99 -4.87
CA THR H 252 24.93 -12.21 -6.30
C THR H 252 25.73 -11.05 -6.89
N ILE H 253 26.81 -11.37 -7.59
CA ILE H 253 27.71 -10.34 -8.12
C ILE H 253 28.08 -10.43 -9.57
N ALA H 254 28.07 -9.32 -10.29
CA ALA H 254 28.57 -9.36 -11.66
C ALA H 254 29.68 -8.35 -11.82
N PRO H 255 30.79 -8.68 -12.44
CA PRO H 255 31.80 -7.75 -12.87
C PRO H 255 31.19 -6.93 -13.98
N MET H 256 31.65 -5.72 -14.18
CA MET H 256 31.22 -4.96 -15.34
C MET H 256 32.32 -4.03 -15.84
N CYS H 257 32.33 -3.76 -17.15
CA CYS H 257 33.36 -2.90 -17.75
C CYS H 257 34.73 -3.42 -17.36
N THR H 258 34.91 -4.72 -17.53
CA THR H 258 36.10 -5.44 -17.17
C THR H 258 37.17 -5.39 -18.25
N GLU H 259 38.43 -5.20 -17.84
CA GLU H 259 39.54 -5.28 -18.79
C GLU H 259 40.79 -5.91 -18.16
N PHE H 260 41.60 -6.57 -18.98
CA PHE H 260 42.83 -7.22 -18.49
C PHE H 260 44.06 -6.98 -19.37
N ASN H 261 45.25 -7.08 -18.78
CA ASN H 261 46.50 -6.96 -19.55
C ASN H 261 47.59 -7.86 -18.97
N GLY H 262 48.76 -7.91 -19.58
CA GLY H 262 49.79 -8.71 -18.93
C GLY H 262 49.57 -10.20 -19.03
N LEU H 263 49.14 -10.70 -20.19
CA LEU H 263 48.88 -12.14 -20.29
C LEU H 263 50.14 -12.97 -20.02
N ARG H 264 50.00 -13.96 -19.14
CA ARG H 264 51.07 -14.84 -18.73
C ARG H 264 50.53 -16.24 -18.40
N ASN H 265 51.36 -17.10 -17.84
CA ASN H 265 50.91 -18.45 -17.50
C ASN H 265 49.87 -18.31 -16.41
N ILE H 266 48.94 -19.24 -16.33
CA ILE H 266 47.92 -19.06 -15.31
C ILE H 266 48.52 -19.08 -13.92
N THR H 267 48.10 -18.13 -13.11
CA THR H 267 48.54 -18.02 -11.75
C THR H 267 47.79 -19.01 -10.93
N VAL H 268 48.51 -19.79 -10.14
CA VAL H 268 47.84 -20.71 -9.25
C VAL H 268 48.33 -20.47 -7.82
N PRO H 269 47.58 -19.70 -7.01
CA PRO H 269 47.85 -19.27 -5.66
C PRO H 269 47.92 -20.43 -4.72
N VAL H 270 48.60 -20.20 -3.60
CA VAL H 270 48.68 -21.17 -2.53
C VAL H 270 47.27 -21.38 -2.02
N HIS H 271 46.89 -22.64 -1.81
CA HIS H 271 45.55 -22.91 -1.38
C HIS H 271 45.43 -24.15 -0.51
N GLN H 272 44.31 -24.24 0.25
CA GLN H 272 43.88 -25.36 1.10
C GLN H 272 42.37 -25.54 0.93
N GLY I 1 73.50 45.89 -0.45
CA GLY I 1 72.19 45.31 -0.53
C GLY I 1 71.17 46.27 0.06
N LEU I 2 69.89 45.85 0.09
CA LEU I 2 68.75 46.60 0.63
C LEU I 2 68.81 46.63 2.15
N PRO I 3 68.80 47.78 2.82
CA PRO I 3 68.74 47.87 4.26
C PRO I 3 67.43 47.27 4.74
N THR I 4 67.49 46.44 5.77
CA THR I 4 66.29 45.84 6.34
C THR I 4 66.35 45.83 7.85
N MET I 5 65.20 45.63 8.48
CA MET I 5 65.09 45.42 9.92
C MET I 5 64.32 44.14 10.14
N ASN I 6 64.75 43.37 11.11
CA ASN I 6 64.08 42.13 11.46
C ASN I 6 63.03 42.37 12.50
N THR I 7 61.79 42.20 12.11
CA THR I 7 60.68 42.46 12.98
C THR I 7 60.44 41.26 13.88
N PRO I 8 59.68 41.40 14.96
CA PRO I 8 59.31 40.32 15.81
C PRO I 8 58.65 39.27 14.97
N GLY I 9 58.91 38.02 15.28
CA GLY I 9 58.38 36.91 14.54
C GLY I 9 59.47 36.28 13.71
N SER I 10 60.56 37.02 13.50
CA SER I 10 61.63 36.45 12.74
C SER I 10 62.18 35.24 13.44
N ASN I 11 62.49 34.24 12.65
CA ASN I 11 63.05 32.96 13.07
C ASN I 11 62.17 32.15 14.00
N GLN I 12 60.90 32.52 14.13
CA GLN I 12 60.12 31.57 14.93
C GLN I 12 59.63 30.48 13.99
N PHE I 13 59.23 29.36 14.58
CA PHE I 13 58.57 28.30 13.85
C PHE I 13 57.15 28.15 14.31
N LEU I 14 56.25 28.37 13.38
CA LEU I 14 54.85 28.29 13.66
C LEU I 14 54.18 27.17 12.91
N THR I 15 53.47 26.35 13.65
CA THR I 15 52.77 25.18 13.17
C THR I 15 51.86 25.46 11.99
N SER I 16 51.17 26.58 12.06
CA SER I 16 50.20 27.00 11.08
C SER I 16 50.71 28.04 10.09
N ASP I 17 52.04 28.17 10.01
CA ASP I 17 52.69 29.17 9.12
C ASP I 17 52.36 28.85 7.66
N ASP I 18 52.36 29.87 6.80
CA ASP I 18 52.26 29.68 5.37
C ASP I 18 53.34 30.49 4.68
N PHE I 19 54.38 29.79 4.24
CA PHE I 19 55.62 30.43 3.73
C PHE I 19 56.32 29.44 2.79
N GLN I 20 56.88 29.94 1.69
CA GLN I 20 57.46 29.10 0.66
C GLN I 20 58.78 28.51 1.12
N SER I 21 58.93 27.21 0.97
CA SER I 21 60.17 26.53 1.30
C SER I 21 60.75 26.01 -0.02
N PRO I 22 62.07 25.86 -0.16
CA PRO I 22 62.73 25.37 -1.35
C PRO I 22 62.40 23.93 -1.60
N CYS I 23 62.37 23.55 -2.86
CA CYS I 23 62.09 22.20 -3.23
C CYS I 23 63.29 21.29 -3.04
N ALA I 24 63.02 20.18 -2.38
CA ALA I 24 63.96 19.13 -2.08
C ALA I 24 64.47 18.39 -3.30
N LEU I 25 63.58 18.22 -4.26
CA LEU I 25 63.85 17.46 -5.45
C LEU I 25 63.57 18.32 -6.67
N PRO I 26 64.42 19.27 -7.02
CA PRO I 26 64.19 20.21 -8.06
C PRO I 26 64.05 19.47 -9.35
N ASN I 27 63.15 19.93 -10.20
CA ASN I 27 62.86 19.34 -11.50
C ASN I 27 62.26 17.95 -11.41
N PHE I 28 61.77 17.54 -10.26
CA PHE I 28 61.15 16.24 -10.18
C PHE I 28 59.88 16.17 -10.98
N ASP I 29 59.76 15.11 -11.78
CA ASP I 29 58.59 14.90 -12.63
C ASP I 29 57.55 14.15 -11.83
N VAL I 30 56.48 14.85 -11.47
CA VAL I 30 55.46 14.30 -10.60
C VAL I 30 54.49 13.40 -11.34
N THR I 31 54.27 12.23 -10.79
CA THR I 31 53.37 11.23 -11.34
C THR I 31 52.03 11.94 -11.65
N PRO I 32 51.48 11.87 -12.87
CA PRO I 32 50.29 12.58 -13.26
C PRO I 32 49.08 12.04 -12.54
N PRO I 33 48.05 12.85 -12.33
CA PRO I 33 46.79 12.50 -11.73
C PRO I 33 45.90 11.73 -12.67
N ILE I 34 45.02 10.95 -12.09
CA ILE I 34 43.94 10.28 -12.79
C ILE I 34 42.69 10.59 -12.02
N HIS I 35 41.54 10.40 -12.62
CA HIS I 35 40.35 10.58 -11.83
C HIS I 35 40.11 9.39 -10.93
N ILE I 36 39.87 9.67 -9.67
CA ILE I 36 39.55 8.65 -8.70
C ILE I 36 38.16 9.00 -8.18
N PRO I 37 37.17 8.11 -8.24
CA PRO I 37 35.83 8.33 -7.77
C PRO I 37 35.85 8.62 -6.30
N GLY I 38 34.91 9.44 -5.81
CA GLY I 38 34.84 9.70 -4.38
C GLY I 38 35.58 10.93 -3.86
N GLU I 39 35.97 11.85 -4.72
CA GLU I 39 36.69 13.02 -4.22
C GLU I 39 35.92 13.79 -3.18
N VAL I 40 36.62 14.11 -2.10
CA VAL I 40 36.14 14.88 -0.99
C VAL I 40 36.84 16.23 -1.06
N LYS I 41 36.10 17.30 -0.91
CA LYS I 41 36.72 18.61 -0.94
C LYS I 41 36.65 19.30 0.41
N ASN I 42 35.65 18.96 1.22
CA ASN I 42 35.41 19.63 2.49
C ASN I 42 34.97 18.62 3.54
N MET I 43 35.37 18.81 4.79
CA MET I 43 34.96 17.89 5.85
C MET I 43 33.47 17.95 6.11
N MET I 44 32.83 19.05 5.77
CA MET I 44 31.41 19.15 6.00
C MET I 44 30.62 18.25 5.09
N GLU I 45 31.22 17.80 4.00
CA GLU I 45 30.52 16.90 3.10
C GLU I 45 30.33 15.58 3.82
N LEU I 46 31.14 15.30 4.83
CA LEU I 46 31.02 14.05 5.53
C LEU I 46 30.14 14.28 6.73
N ALA I 47 30.17 15.49 7.27
CA ALA I 47 29.35 15.86 8.41
C ALA I 47 27.88 15.67 8.08
N GLU I 48 27.51 15.88 6.82
CA GLU I 48 26.13 15.76 6.35
C GLU I 48 25.66 14.31 6.09
N ILE I 49 26.51 13.32 6.30
CA ILE I 49 26.11 11.92 6.09
C ILE I 49 25.45 11.36 7.35
N ASP I 50 24.28 10.73 7.20
CA ASP I 50 23.61 10.14 8.36
C ASP I 50 24.34 8.90 8.89
N THR I 51 24.76 8.93 10.16
CA THR I 51 25.44 7.75 10.74
C THR I 51 24.73 7.37 12.02
N LEU I 52 24.98 6.17 12.57
CA LEU I 52 24.22 5.74 13.74
C LEU I 52 24.66 6.30 15.06
N ILE I 53 23.68 6.46 15.92
CA ILE I 53 23.85 6.95 17.26
C ILE I 53 23.85 5.79 18.24
N PRO I 54 24.87 5.56 19.08
CA PRO I 54 24.94 4.50 20.06
C PRO I 54 24.08 4.91 21.26
N MET I 55 22.79 4.97 20.99
CA MET I 55 21.78 5.49 21.87
C MET I 55 21.59 4.67 23.12
N ASN I 56 21.88 3.39 23.03
CA ASN I 56 21.66 2.47 24.09
C ASN I 56 22.95 1.99 24.69
N ALA I 57 23.97 2.83 24.72
CA ALA I 57 25.25 2.43 25.29
C ALA I 57 25.24 2.44 26.83
N VAL I 58 24.52 1.49 27.38
CA VAL I 58 24.28 1.31 28.81
C VAL I 58 24.90 -0.01 29.26
N ASP I 59 24.92 -0.28 30.53
CA ASP I 59 25.58 -1.50 30.94
C ASP I 59 25.02 -2.72 30.20
N GLY I 60 25.94 -3.49 29.61
CA GLY I 60 25.63 -4.70 28.85
C GLY I 60 25.52 -4.46 27.36
N LYS I 61 25.44 -3.20 26.99
CA LYS I 61 25.32 -2.75 25.61
C LYS I 61 26.54 -1.95 25.18
N VAL I 62 27.21 -1.35 26.15
CA VAL I 62 28.34 -0.51 25.82
C VAL I 62 29.40 -1.32 25.13
N ASN I 63 29.85 -0.77 24.01
CA ASN I 63 30.86 -1.32 23.13
C ASN I 63 30.49 -2.66 22.52
N THR I 64 29.20 -2.89 22.31
CA THR I 64 28.75 -4.06 21.60
C THR I 64 27.86 -3.53 20.48
N MET I 65 27.44 -4.36 19.56
CA MET I 65 26.62 -3.86 18.45
C MET I 65 25.26 -3.35 18.90
N GLU I 66 24.73 -3.90 19.98
CA GLU I 66 23.40 -3.59 20.48
C GLU I 66 23.23 -2.16 20.97
N MET I 67 24.31 -1.43 21.14
CA MET I 67 24.23 -0.05 21.58
C MET I 67 23.56 0.84 20.57
N TYR I 68 23.44 0.35 19.34
CA TYR I 68 22.81 1.17 18.33
C TYR I 68 21.34 0.84 18.18
N GLN I 69 20.82 -0.04 19.01
CA GLN I 69 19.43 -0.46 18.86
C GLN I 69 18.51 0.09 19.95
N ILE I 70 17.59 0.98 19.58
CA ILE I 70 16.71 1.58 20.56
C ILE I 70 15.51 0.67 20.68
N PRO I 71 15.19 0.11 21.84
CA PRO I 71 14.08 -0.79 22.01
C PRO I 71 12.76 -0.09 21.87
N LEU I 72 11.79 -0.82 21.39
CA LEU I 72 10.40 -0.40 21.29
C LEU I 72 9.49 -1.54 21.70
N ASN I 73 8.40 -1.22 22.36
CA ASN I 73 7.51 -2.28 22.81
C ASN I 73 6.07 -1.99 22.55
N ASP I 74 5.26 -3.04 22.57
CA ASP I 74 3.82 -2.93 22.40
C ASP I 74 3.09 -2.78 23.74
N ASN I 75 3.84 -2.55 24.80
CA ASN I 75 3.35 -2.37 26.15
C ASN I 75 2.99 -0.94 26.50
N LEU I 76 2.15 -0.81 27.53
CA LEU I 76 1.84 0.50 28.07
C LEU I 76 3.07 1.18 28.65
N SER I 77 3.26 2.44 28.29
CA SER I 77 4.33 3.23 28.86
C SER I 77 4.08 4.70 28.73
N LYS I 78 4.39 5.42 29.78
CA LYS I 78 4.30 6.87 29.82
C LYS I 78 5.70 7.47 29.92
N ALA I 79 6.68 6.59 29.93
CA ALA I 79 8.07 6.94 30.09
C ALA I 79 8.66 7.37 28.77
N PRO I 80 9.76 8.13 28.75
CA PRO I 80 10.54 8.42 27.58
C PRO I 80 11.09 7.12 27.03
N ILE I 81 11.30 7.09 25.73
CA ILE I 81 11.90 5.96 25.06
C ILE I 81 13.41 6.07 25.13
N PHE I 82 13.88 7.28 24.91
CA PHE I 82 15.28 7.61 24.98
C PHE I 82 15.34 9.10 25.26
N CYS I 83 16.49 9.55 25.71
CA CYS I 83 16.75 10.97 25.87
C CYS I 83 18.15 11.25 25.38
N LEU I 84 18.37 12.43 24.83
CA LEU I 84 19.67 12.86 24.36
C LEU I 84 19.95 14.32 24.65
N SER I 85 21.18 14.67 25.03
CA SER I 85 21.53 16.08 25.19
C SER I 85 22.07 16.57 23.86
N LEU I 86 21.58 17.67 23.32
CA LEU I 86 22.06 18.07 22.00
C LEU I 86 23.35 18.85 22.03
N SER I 87 24.39 18.13 22.32
CA SER I 87 25.72 18.67 22.40
C SER I 87 26.64 17.65 21.71
N PRO I 88 26.81 17.77 20.39
CA PRO I 88 27.50 16.88 19.49
C PRO I 88 28.93 16.51 19.82
N ALA I 89 29.64 17.36 20.53
CA ALA I 89 31.02 17.02 20.84
C ALA I 89 31.17 16.83 22.34
N SER I 90 30.07 16.56 23.01
CA SER I 90 30.07 16.39 24.46
C SER I 90 29.34 15.13 24.90
N ASP I 91 28.07 15.00 24.50
CA ASP I 91 27.26 13.90 24.98
C ASP I 91 27.97 12.61 24.63
N LYS I 92 28.14 11.76 25.61
CA LYS I 92 28.87 10.52 25.44
C LYS I 92 28.33 9.69 24.30
N ARG I 93 27.03 9.76 24.08
CA ARG I 93 26.43 8.93 23.05
C ARG I 93 26.40 9.60 21.69
N LEU I 94 26.74 10.86 21.60
CA LEU I 94 26.65 11.54 20.33
C LEU I 94 28.05 11.84 19.79
N SER I 95 29.00 11.97 20.70
CA SER I 95 30.37 12.34 20.43
C SER I 95 31.08 11.40 19.46
N HIS I 96 30.74 10.12 19.45
CA HIS I 96 31.43 9.17 18.59
C HIS I 96 30.75 8.86 17.26
N THR I 97 29.73 9.61 16.88
CA THR I 97 29.08 9.43 15.59
C THR I 97 29.98 10.13 14.61
N MET I 98 29.74 10.02 13.30
CA MET I 98 30.64 10.72 12.39
C MET I 98 30.60 12.22 12.61
N LEU I 99 29.40 12.73 12.89
CA LEU I 99 29.27 14.15 13.10
C LEU I 99 30.03 14.54 14.34
N GLY I 100 29.90 13.73 15.37
CA GLY I 100 30.56 13.97 16.62
C GLY I 100 32.08 13.99 16.44
N GLU I 101 32.63 13.00 15.76
CA GLU I 101 34.06 12.96 15.62
C GLU I 101 34.56 14.10 14.77
N ILE I 102 33.85 14.50 13.73
CA ILE I 102 34.37 15.62 12.96
C ILE I 102 34.38 16.84 13.85
N LEU I 103 33.32 17.06 14.62
CA LEU I 103 33.25 18.21 15.51
C LEU I 103 34.27 18.17 16.63
N ASN I 104 34.80 17.01 16.94
CA ASN I 104 35.83 16.95 17.95
C ASN I 104 37.14 17.53 17.47
N TYR I 105 37.21 17.95 16.19
CA TYR I 105 38.38 18.64 15.67
C TYR I 105 38.12 20.11 15.59
N TYR I 106 37.00 20.59 16.13
CA TYR I 106 36.71 22.00 16.08
C TYR I 106 36.34 22.57 17.45
N THR I 107 36.64 23.84 17.66
CA THR I 107 36.34 24.53 18.92
C THR I 107 34.89 24.98 19.07
N HIS I 108 34.26 25.34 17.96
CA HIS I 108 32.90 25.85 17.92
C HIS I 108 32.14 25.31 16.73
N TRP I 109 30.81 25.27 16.83
CA TRP I 109 29.98 24.87 15.69
C TRP I 109 28.63 25.57 15.64
N THR I 110 28.07 25.63 14.44
CA THR I 110 26.74 26.21 14.22
C THR I 110 25.89 25.41 13.26
N GLY I 111 24.68 25.86 13.06
CA GLY I 111 23.71 25.27 12.14
C GLY I 111 22.78 24.25 12.75
N SER I 112 21.89 23.76 11.93
CA SER I 112 20.86 22.83 12.35
C SER I 112 21.37 21.41 12.28
N ILE I 113 20.80 20.54 13.12
CA ILE I 113 21.12 19.12 13.15
C ILE I 113 19.92 18.24 12.91
N ARG I 114 20.09 17.25 12.05
CA ARG I 114 19.01 16.34 11.72
C ARG I 114 19.16 14.97 12.35
N PHE I 115 18.07 14.49 12.92
CA PHE I 115 17.99 13.18 13.53
C PHE I 115 17.01 12.31 12.77
N THR I 116 17.49 11.21 12.25
CA THR I 116 16.62 10.38 11.43
C THR I 116 16.39 9.05 12.09
N PHE I 117 15.14 8.64 12.19
CA PHE I 117 14.88 7.36 12.83
C PHE I 117 14.27 6.36 11.89
N LEU I 118 14.85 5.17 11.88
CA LEU I 118 14.39 4.05 11.08
C LEU I 118 13.73 2.96 11.89
N PHE I 119 12.49 2.63 11.56
CA PHE I 119 11.83 1.58 12.30
C PHE I 119 12.22 0.23 11.71
N CYS I 120 12.71 -0.67 12.55
CA CYS I 120 13.16 -1.98 12.10
C CYS I 120 12.34 -3.10 12.72
N GLY I 121 11.06 -2.85 12.85
CA GLY I 121 10.13 -3.82 13.40
C GLY I 121 9.50 -4.62 12.28
N SER I 122 8.39 -5.26 12.56
CA SER I 122 7.70 -6.08 11.57
C SER I 122 6.93 -5.21 10.62
N MET I 123 6.41 -5.78 9.53
CA MET I 123 5.61 -4.98 8.62
C MET I 123 4.19 -4.93 9.13
N MET I 124 3.80 -5.99 9.83
CA MET I 124 2.46 -6.11 10.36
C MET I 124 2.20 -5.15 11.53
N ALA I 125 3.23 -4.77 12.28
CA ALA I 125 3.05 -3.87 13.43
C ALA I 125 2.93 -2.41 12.99
N THR I 126 2.13 -1.63 13.72
CA THR I 126 1.97 -0.20 13.46
C THR I 126 1.98 0.62 14.74
N GLY I 127 2.07 1.94 14.62
CA GLY I 127 2.12 2.81 15.81
C GLY I 127 2.55 4.22 15.50
N LYS I 128 2.50 5.09 16.51
CA LYS I 128 2.89 6.48 16.34
C LYS I 128 3.85 6.90 17.45
N LEU I 129 4.96 7.48 17.06
CA LEU I 129 5.98 7.95 17.99
C LEU I 129 6.13 9.45 17.92
N LEU I 130 6.33 10.08 19.05
CA LEU I 130 6.55 11.50 19.10
C LEU I 130 8.00 11.84 19.27
N LEU I 131 8.59 12.55 18.32
CA LEU I 131 10.00 12.94 18.44
C LEU I 131 10.02 14.41 18.81
N SER I 132 10.90 14.83 19.70
CA SER I 132 10.91 16.27 20.01
C SER I 132 12.23 16.86 20.44
N TYR I 133 12.30 18.18 20.28
CA TYR I 133 13.42 19.01 20.70
C TYR I 133 12.94 20.19 21.55
N SER I 134 13.53 20.35 22.71
CA SER I 134 13.16 21.42 23.60
C SER I 134 14.38 22.27 23.95
N PRO I 135 14.46 23.51 23.49
CA PRO I 135 15.59 24.39 23.68
C PRO I 135 15.90 24.50 25.19
N PRO I 136 17.15 24.86 25.54
CA PRO I 136 17.75 24.94 26.86
C PRO I 136 17.05 25.69 27.97
N GLY I 137 16.19 26.65 27.67
CA GLY I 137 15.53 27.39 28.75
C GLY I 137 14.54 26.52 29.52
N ALA I 138 14.19 25.37 28.95
CA ALA I 138 13.27 24.42 29.52
C ALA I 138 13.88 23.58 30.64
N LYS I 139 13.02 23.16 31.56
CA LYS I 139 13.43 22.03 32.44
C LYS I 139 13.36 20.77 31.59
N PRO I 140 14.23 19.73 31.82
CA PRO I 140 14.24 18.41 31.08
C PRO I 140 12.79 17.97 30.78
N PRO I 141 12.40 17.73 29.49
CA PRO I 141 11.11 17.28 29.06
C PRO I 141 10.89 15.85 29.44
N THR I 142 10.72 15.65 30.73
CA THR I 142 10.54 14.35 31.34
C THR I 142 9.20 13.73 30.97
N ASN I 143 8.14 14.53 30.94
CA ASN I 143 6.82 14.02 30.65
C ASN I 143 6.48 14.25 29.18
N ARG I 144 5.53 13.48 28.63
CA ARG I 144 5.12 13.76 27.26
C ARG I 144 4.56 15.18 27.18
N LYS I 145 3.93 15.64 28.27
CA LYS I 145 3.34 16.96 28.37
C LYS I 145 4.35 18.08 28.26
N ASP I 146 5.60 17.81 28.53
CA ASP I 146 6.59 18.85 28.42
C ASP I 146 7.12 18.80 27.00
N ALA I 147 7.25 17.59 26.49
CA ALA I 147 7.81 17.36 25.17
C ALA I 147 6.96 17.98 24.08
N MET I 148 5.66 17.98 24.29
CA MET I 148 4.73 18.48 23.30
C MET I 148 4.61 19.98 23.30
N LEU I 149 5.32 20.67 24.20
CA LEU I 149 5.28 22.10 24.20
C LEU I 149 6.48 22.67 23.48
N GLY I 150 7.35 21.79 22.98
CA GLY I 150 8.54 22.20 22.26
C GLY I 150 8.38 21.99 20.77
N THR I 151 9.47 21.67 20.09
CA THR I 151 9.42 21.46 18.68
C THR I 151 9.17 19.99 18.50
N HIS I 152 8.16 19.61 17.76
CA HIS I 152 7.95 18.17 17.70
C HIS I 152 7.34 17.65 16.44
N ILE I 153 7.60 16.38 16.17
CA ILE I 153 7.05 15.68 15.04
C ILE I 153 6.38 14.38 15.44
N ILE I 154 5.17 14.19 14.96
CA ILE I 154 4.56 12.90 15.21
C ILE I 154 4.83 12.05 14.00
N TRP I 155 5.51 10.96 14.24
CA TRP I 155 5.93 10.02 13.23
C TRP I 155 5.03 8.82 13.17
N ASP I 156 4.33 8.69 12.07
CA ASP I 156 3.42 7.61 11.85
C ASP I 156 4.18 6.48 11.21
N LEU I 157 4.28 5.34 11.87
CA LEU I 157 5.04 4.24 11.32
C LEU I 157 4.18 3.66 10.22
N GLY I 158 4.72 3.47 9.02
CA GLY I 158 3.88 3.00 7.92
C GLY I 158 4.68 2.51 6.72
N LEU I 159 4.17 2.85 5.52
CA LEU I 159 4.79 2.41 4.27
C LEU I 159 6.19 2.99 4.09
N GLN I 160 6.37 4.23 4.50
CA GLN I 160 7.67 4.85 4.45
C GLN I 160 8.21 4.48 5.82
N SER I 161 9.41 3.96 5.84
CA SER I 161 10.06 3.44 7.03
C SER I 161 10.76 4.39 7.98
N SER I 162 11.04 5.61 7.58
CA SER I 162 11.79 6.47 8.48
C SER I 162 11.31 7.89 8.48
N CYS I 163 11.71 8.61 9.51
CA CYS I 163 11.32 10.00 9.66
C CYS I 163 12.43 10.87 10.14
N SER I 164 12.54 12.04 9.54
CA SER I 164 13.59 12.96 9.90
C SER I 164 13.12 14.16 10.68
N MET I 165 13.71 14.34 11.85
CA MET I 165 13.44 15.49 12.69
C MET I 165 14.57 16.45 12.59
N VAL I 166 14.24 17.72 12.53
CA VAL I 166 15.30 18.68 12.48
C VAL I 166 15.22 19.52 13.71
N ALA I 167 16.36 19.67 14.38
CA ALA I 167 16.51 20.51 15.54
C ALA I 167 17.15 21.81 15.03
N PRO I 168 16.36 22.89 14.79
CA PRO I 168 16.78 24.12 14.15
C PRO I 168 17.82 24.83 14.97
N TRP I 169 18.59 25.70 14.35
CA TRP I 169 19.60 26.43 15.09
C TRP I 169 19.06 27.55 15.94
N ILE I 170 18.59 27.16 17.10
CA ILE I 170 18.04 28.07 18.07
C ILE I 170 19.12 28.28 19.07
N SER I 171 19.63 29.49 19.15
CA SER I 171 20.78 29.77 19.99
C SER I 171 20.86 31.20 20.43
N ASN I 172 21.46 31.42 21.60
CA ASN I 172 21.68 32.76 22.13
C ASN I 172 23.04 33.31 21.76
N THR I 173 23.73 32.57 20.93
CA THR I 173 25.03 32.88 20.42
C THR I 173 25.07 32.58 18.94
N VAL I 174 26.22 32.76 18.32
CA VAL I 174 26.27 32.48 16.90
C VAL I 174 26.70 31.06 16.69
N TYR I 175 27.78 30.69 17.36
CA TYR I 175 28.32 29.34 17.33
C TYR I 175 28.40 28.90 18.77
N ARG I 176 28.20 27.63 19.01
CA ARG I 176 28.31 27.09 20.35
C ARG I 176 29.63 26.41 20.49
N ARG I 177 30.16 26.40 21.69
CA ARG I 177 31.40 25.72 21.93
C ARG I 177 31.17 24.24 21.76
N CYS I 178 32.11 23.57 21.11
CA CYS I 178 32.02 22.13 20.95
C CYS I 178 32.23 21.46 22.29
N ALA I 179 33.22 21.95 23.02
CA ALA I 179 33.58 21.41 24.31
C ALA I 179 32.46 21.60 25.29
N ARG I 180 32.31 20.68 26.22
CA ARG I 180 31.25 20.87 27.18
C ARG I 180 31.47 22.13 27.99
N ASP I 181 30.39 22.86 28.21
CA ASP I 181 30.35 24.03 29.04
C ASP I 181 29.01 24.02 29.73
N ASP I 182 28.76 24.99 30.59
CA ASP I 182 27.47 25.12 31.22
C ASP I 182 26.69 26.15 30.46
N PHE I 183 27.41 27.10 29.89
CA PHE I 183 26.76 28.19 29.18
C PHE I 183 26.08 27.75 27.90
N THR I 184 26.79 27.01 27.07
CA THR I 184 26.26 26.60 25.79
C THR I 184 25.47 25.31 25.88
N GLU I 185 24.40 25.35 26.64
CA GLU I 185 23.53 24.21 26.83
C GLU I 185 22.93 23.79 25.50
N GLY I 186 23.03 22.52 25.18
CA GLY I 186 22.55 21.98 23.91
C GLY I 186 21.04 22.02 23.65
N GLY I 187 20.27 21.76 24.68
CA GLY I 187 18.84 21.61 24.60
C GLY I 187 18.54 20.12 24.69
N PHE I 188 17.28 19.76 24.79
CA PHE I 188 16.97 18.37 25.03
C PHE I 188 16.27 17.69 23.88
N ILE I 189 16.62 16.43 23.62
CA ILE I 189 15.93 15.60 22.64
C ILE I 189 15.34 14.36 23.23
N THR I 190 14.08 14.10 22.94
CA THR I 190 13.46 12.89 23.45
C THR I 190 12.41 12.31 22.56
N CYS I 191 11.82 11.21 23.01
CA CYS I 191 10.77 10.53 22.29
C CYS I 191 9.81 9.79 23.19
N PHE I 192 8.53 9.92 22.91
CA PHE I 192 7.44 9.27 23.65
C PHE I 192 6.50 8.53 22.74
N TYR I 193 5.76 7.57 23.26
CA TYR I 193 4.79 7.01 22.35
C TYR I 193 3.68 8.03 22.24
N GLN I 194 3.20 8.28 21.03
CA GLN I 194 2.09 9.20 20.79
C GLN I 194 0.81 8.46 21.06
N THR I 195 0.86 7.19 20.73
CA THR I 195 -0.24 6.27 20.95
C THR I 195 0.36 5.07 21.66
N ARG I 196 0.59 3.99 20.92
CA ARG I 196 1.25 2.78 21.38
C ARG I 196 1.56 1.98 20.13
N ILE I 197 2.53 1.08 20.20
CA ILE I 197 2.73 0.20 19.07
C ILE I 197 1.79 -0.96 19.24
N VAL I 198 1.06 -1.25 18.20
CA VAL I 198 0.11 -2.32 18.19
C VAL I 198 0.61 -3.45 17.34
N VAL I 199 0.73 -4.60 17.98
CA VAL I 199 1.27 -5.78 17.38
C VAL I 199 0.25 -6.92 17.33
N PRO I 200 -0.02 -7.51 16.17
CA PRO I 200 -0.90 -8.61 15.95
C PRO I 200 -0.36 -9.96 16.39
N ALA I 201 -1.22 -10.95 16.30
CA ALA I 201 -0.87 -12.30 16.66
C ALA I 201 0.30 -12.79 15.83
N SER I 202 1.17 -13.54 16.49
CA SER I 202 2.36 -14.16 15.89
C SER I 202 3.29 -13.14 15.27
N THR I 203 3.34 -11.95 15.84
CA THR I 203 4.25 -10.92 15.42
C THR I 203 5.06 -10.53 16.66
N PRO I 204 6.37 -10.31 16.58
CA PRO I 204 7.21 -9.91 17.70
C PRO I 204 6.71 -8.66 18.37
N THR I 205 6.81 -8.67 19.70
CA THR I 205 6.36 -7.60 20.58
C THR I 205 7.48 -6.71 21.06
N SER I 206 8.68 -7.01 20.60
CA SER I 206 9.88 -6.27 20.91
C SER I 206 10.57 -5.94 19.61
N MET I 207 10.56 -4.67 19.33
CA MET I 207 11.02 -4.04 18.11
C MET I 207 12.18 -3.14 18.41
N PHE I 208 12.92 -2.76 17.39
CA PHE I 208 13.97 -1.80 17.56
C PHE I 208 13.90 -0.73 16.51
N MET I 209 14.46 0.41 16.82
CA MET I 209 14.64 1.45 15.82
C MET I 209 16.08 1.91 15.85
N LEU I 210 16.55 2.36 14.72
CA LEU I 210 17.90 2.84 14.63
C LEU I 210 17.92 4.34 14.44
N GLY I 211 18.56 5.05 15.34
CA GLY I 211 18.62 6.50 15.17
C GLY I 211 19.91 6.88 14.49
N PHE I 212 19.83 7.90 13.65
CA PHE I 212 20.95 8.44 12.92
C PHE I 212 21.09 9.94 13.11
N VAL I 213 22.31 10.45 13.03
CA VAL I 213 22.49 11.90 13.10
C VAL I 213 23.35 12.45 11.97
N SER I 214 23.01 13.64 11.49
CA SER I 214 23.76 14.35 10.45
C SER I 214 23.63 15.85 10.50
N ALA I 215 24.59 16.53 9.91
CA ALA I 215 24.54 17.97 9.74
C ALA I 215 23.56 18.39 8.67
N CYS I 216 22.94 19.55 8.85
CA CYS I 216 22.10 20.14 7.82
C CYS I 216 22.96 21.04 6.92
N PRO I 217 22.51 21.46 5.73
CA PRO I 217 23.21 22.33 4.81
C PRO I 217 23.63 23.71 5.34
N ASP I 218 23.06 24.16 6.48
CA ASP I 218 23.45 25.46 7.02
C ASP I 218 24.56 25.32 8.08
N PHE I 219 25.06 24.10 8.27
CA PHE I 219 26.05 23.75 9.27
C PHE I 219 27.46 24.18 8.95
N SER I 220 28.19 24.60 9.97
CA SER I 220 29.61 24.96 9.80
C SER I 220 30.40 24.91 11.11
N VAL I 221 31.73 25.02 10.99
CA VAL I 221 32.61 25.02 12.16
C VAL I 221 33.59 26.20 12.13
N ARG I 222 34.16 26.58 13.29
CA ARG I 222 35.09 27.73 13.28
C ARG I 222 36.58 27.50 13.28
N LEU I 223 37.12 26.88 14.32
CA LEU I 223 38.58 26.76 14.47
C LEU I 223 39.01 25.34 14.69
N LEU I 224 40.09 24.94 14.06
CA LEU I 224 40.63 23.59 14.20
C LEU I 224 41.34 23.34 15.54
N ARG I 225 41.09 22.18 16.16
CA ARG I 225 41.76 21.74 17.38
C ARG I 225 42.02 20.25 17.31
N ASP I 226 42.99 19.74 18.05
CA ASP I 226 43.19 18.29 18.07
C ASP I 226 42.05 17.58 18.80
N THR I 227 41.73 16.38 18.34
CA THR I 227 40.68 15.57 18.96
C THR I 227 41.15 14.97 20.28
N PRO I 228 40.32 15.00 21.33
CA PRO I 228 40.61 14.42 22.63
C PRO I 228 40.46 12.91 22.64
N HIS I 229 39.93 12.35 21.55
CA HIS I 229 39.65 10.94 21.54
C HIS I 229 40.80 9.98 21.36
N ILE I 230 41.90 10.36 20.73
CA ILE I 230 42.92 9.33 20.58
C ILE I 230 44.18 9.65 21.36
N SER I 231 44.58 8.69 22.17
CA SER I 231 45.75 8.79 22.99
C SER I 231 46.97 8.14 22.38
N GLN I 232 48.11 8.43 22.96
CA GLN I 232 49.38 7.84 22.58
C GLN I 232 50.28 7.78 23.78
N SER I 233 50.98 6.67 23.95
CA SER I 233 51.93 6.57 25.04
C SER I 233 53.26 7.13 24.55
N LYS I 234 53.80 8.16 25.25
CA LYS I 234 55.06 8.90 24.96
C LYS I 234 55.37 9.03 23.46
N GLY J 2 55.90 39.86 -11.99
CA GLY J 2 54.71 39.11 -12.31
C GLY J 2 54.02 38.55 -11.05
N ALA J 3 53.64 39.45 -10.12
CA ALA J 3 52.95 39.13 -8.86
C ALA J 3 51.45 38.99 -9.07
N GLN J 4 50.83 38.15 -8.25
CA GLN J 4 49.38 37.99 -8.30
C GLN J 4 48.70 38.56 -7.08
N VAL J 5 47.80 39.51 -7.30
CA VAL J 5 47.06 40.10 -6.21
C VAL J 5 45.75 39.37 -6.01
N SER J 6 45.42 39.09 -4.77
CA SER J 6 44.19 38.39 -4.44
C SER J 6 43.57 38.91 -3.16
N THR J 7 42.27 38.74 -3.04
CA THR J 7 41.50 39.21 -1.88
C THR J 7 41.84 38.45 -0.61
N GLN J 8 42.03 39.18 0.49
CA GLN J 8 42.30 38.56 1.79
C GLN J 8 41.05 38.05 2.47
N LYS J 9 41.21 37.05 3.33
CA LYS J 9 40.12 36.61 4.17
C LYS J 9 39.89 37.74 5.15
N THR J 10 38.65 38.10 5.41
CA THR J 10 38.39 39.20 6.30
C THR J 10 38.56 38.88 7.78
N GLY J 11 38.70 39.94 8.59
CA GLY J 11 38.88 39.79 10.04
C GLY J 11 38.09 40.76 10.92
N ALA J 12 38.60 40.97 12.13
CA ALA J 12 37.92 41.73 13.19
C ALA J 12 37.57 43.16 12.88
N HIS J 13 38.40 43.85 12.10
CA HIS J 13 38.14 45.24 11.84
C HIS J 13 37.54 45.46 10.47
N GLU J 14 37.11 44.38 9.81
CA GLU J 14 36.52 44.52 8.51
C GLU J 14 35.05 44.72 8.68
N ASN J 15 34.56 45.83 8.18
CA ASN J 15 33.16 46.20 8.35
C ASN J 15 32.15 45.39 7.54
N GLN J 16 32.55 44.83 6.41
CA GLN J 16 31.57 44.11 5.62
C GLN J 16 31.88 42.63 5.40
N ASN J 17 30.85 41.81 5.59
CA ASN J 17 30.89 40.36 5.38
C ASN J 17 30.63 40.01 3.93
N VAL J 18 30.49 41.08 3.18
CA VAL J 18 30.29 41.14 1.77
C VAL J 18 31.59 40.75 1.10
N ALA J 19 32.71 41.15 1.70
CA ALA J 19 34.05 40.89 1.19
C ALA J 19 34.32 41.52 -0.17
N ALA J 20 33.56 42.55 -0.52
CA ALA J 20 33.76 43.27 -1.76
C ALA J 20 33.73 44.75 -1.47
N ASN J 21 34.14 45.09 -0.27
CA ASN J 21 34.17 46.44 0.20
C ASN J 21 35.49 46.77 0.82
N GLY J 22 36.22 47.65 0.15
CA GLY J 22 37.55 48.04 0.56
C GLY J 22 38.59 47.53 -0.43
N SER J 23 39.52 48.40 -0.76
CA SER J 23 40.62 48.12 -1.68
C SER J 23 41.81 47.60 -0.90
N THR J 24 41.64 47.59 0.41
CA THR J 24 42.64 47.20 1.36
C THR J 24 42.61 45.73 1.67
N ILE J 25 41.55 45.01 1.28
CA ILE J 25 41.50 43.61 1.63
C ILE J 25 42.18 42.85 0.50
N ASN J 26 43.48 43.02 0.39
CA ASN J 26 44.29 42.43 -0.67
C ASN J 26 45.67 42.04 -0.22
N TYR J 27 46.22 41.03 -0.85
CA TYR J 27 47.58 40.64 -0.57
C TYR J 27 48.28 40.28 -1.86
N THR J 28 49.59 40.36 -1.83
CA THR J 28 50.34 40.05 -3.03
C THR J 28 51.18 38.80 -2.90
N THR J 29 51.01 37.89 -3.85
CA THR J 29 51.79 36.66 -3.86
C THR J 29 52.73 36.58 -5.03
N ILE J 30 53.98 36.31 -4.71
CA ILE J 30 55.01 36.11 -5.67
C ILE J 30 55.53 34.72 -5.44
N ASN J 31 55.63 33.93 -6.48
CA ASN J 31 56.17 32.60 -6.37
C ASN J 31 57.65 32.71 -6.63
N TYR J 32 58.46 32.42 -5.62
CA TYR J 32 59.89 32.63 -5.75
C TYR J 32 60.60 31.42 -6.30
N TYR J 33 60.01 30.26 -6.09
CA TYR J 33 60.64 29.04 -6.52
C TYR J 33 59.90 28.56 -7.75
N LYS J 34 60.58 27.91 -8.68
CA LYS J 34 59.86 27.45 -9.86
C LYS J 34 59.29 26.04 -9.72
N ASP J 35 59.79 25.27 -8.79
CA ASP J 35 59.22 23.96 -8.56
C ASP J 35 57.92 24.22 -7.82
N SER J 36 56.80 23.76 -8.36
CA SER J 36 55.50 24.09 -7.80
C SER J 36 55.25 23.59 -6.40
N ALA J 37 56.03 22.61 -5.96
CA ALA J 37 55.91 22.06 -4.61
C ALA J 37 56.28 23.09 -3.57
N SER J 38 57.01 24.12 -3.99
CA SER J 38 57.47 25.18 -3.13
C SER J 38 56.48 26.28 -3.00
N ASN J 39 55.39 26.22 -3.73
CA ASN J 39 54.42 27.27 -3.61
C ASN J 39 53.74 27.14 -2.27
N SER J 40 53.29 28.27 -1.76
CA SER J 40 52.60 28.38 -0.49
C SER J 40 51.25 27.74 -0.62
N ALA J 41 50.54 27.58 0.48
CA ALA J 41 49.27 26.88 0.47
C ALA J 41 48.34 27.49 -0.55
N THR J 42 47.51 26.65 -1.13
CA THR J 42 46.61 27.11 -2.16
C THR J 42 45.40 27.84 -1.63
N ARG J 43 44.64 28.36 -2.57
CA ARG J 43 43.48 29.17 -2.35
C ARG J 43 42.33 28.39 -1.79
N GLN J 44 41.43 29.10 -1.14
CA GLN J 44 40.24 28.46 -0.65
C GLN J 44 39.34 28.13 -1.80
N ASP J 45 38.70 26.99 -1.71
CA ASP J 45 37.77 26.52 -2.71
C ASP J 45 36.62 25.88 -1.97
N LEU J 46 35.47 26.53 -2.01
CA LEU J 46 34.33 26.07 -1.24
C LEU J 46 33.39 25.24 -2.09
N SER J 47 33.84 24.83 -3.27
CA SER J 47 33.00 24.00 -4.08
C SER J 47 32.78 22.73 -3.31
N GLN J 48 31.54 22.26 -3.29
CA GLN J 48 31.16 21.05 -2.59
C GLN J 48 30.20 20.24 -3.43
N ASP J 49 30.20 18.95 -3.21
CA ASP J 49 29.27 18.06 -3.90
C ASP J 49 28.89 16.90 -3.01
N PRO J 50 28.13 17.13 -1.94
CA PRO J 50 27.79 16.17 -0.93
C PRO J 50 26.92 15.07 -1.46
N SER J 51 26.32 15.26 -2.65
CA SER J 51 25.42 14.24 -3.18
C SER J 51 26.15 12.95 -3.43
N LYS J 52 27.47 13.00 -3.60
CA LYS J 52 28.24 11.80 -3.82
C LYS J 52 28.12 10.86 -2.64
N PHE J 53 27.93 11.41 -1.46
CA PHE J 53 27.89 10.60 -0.28
C PHE J 53 26.52 10.58 0.38
N THR J 54 25.71 11.62 0.16
CA THR J 54 24.44 11.69 0.86
C THR J 54 23.25 11.29 0.02
N GLU J 55 23.38 11.31 -1.30
CA GLU J 55 22.29 10.91 -2.16
C GLU J 55 22.79 10.20 -3.40
N PRO J 56 23.60 9.15 -3.31
CA PRO J 56 24.14 8.44 -4.44
C PRO J 56 23.10 7.48 -4.97
N VAL J 57 21.97 7.98 -5.40
CA VAL J 57 20.89 7.10 -5.80
C VAL J 57 20.69 7.21 -7.29
N LYS J 58 20.69 6.07 -7.95
CA LYS J 58 20.57 6.05 -9.39
C LYS J 58 19.36 6.79 -9.89
N ASP J 59 18.23 6.52 -9.28
CA ASP J 59 16.97 7.11 -9.68
C ASP J 59 16.64 8.29 -8.81
N LEU J 60 16.61 9.46 -9.39
CA LEU J 60 16.35 10.65 -8.62
C LEU J 60 15.00 10.65 -7.97
N MET J 61 15.00 10.97 -6.69
CA MET J 61 13.79 11.10 -5.94
C MET J 61 13.81 12.47 -5.31
N LEU J 62 12.65 13.09 -5.23
CA LEU J 62 12.56 14.39 -4.63
C LEU J 62 12.20 14.21 -3.18
N LYS J 63 12.69 15.10 -2.33
CA LYS J 63 12.41 14.95 -0.90
C LYS J 63 10.96 15.06 -0.48
N THR J 64 10.12 15.67 -1.30
CA THR J 64 8.72 15.86 -0.95
C THR J 64 7.85 14.69 -1.35
N ALA J 65 8.36 13.87 -2.25
CA ALA J 65 7.64 12.75 -2.80
C ALA J 65 7.92 11.58 -1.90
N PRO J 66 7.16 10.49 -1.95
CA PRO J 66 7.49 9.30 -1.20
C PRO J 66 8.87 8.94 -1.61
N ALA J 67 9.71 8.45 -0.68
CA ALA J 67 11.04 8.05 -1.07
C ALA J 67 10.89 6.81 -1.90
N LEU J 68 9.91 6.00 -1.51
CA LEU J 68 9.64 4.80 -2.25
C LEU J 68 8.20 4.81 -2.77
N ASN J 69 8.03 4.83 -4.11
CA ASN J 69 6.75 4.83 -4.81
C ASN J 69 6.33 3.38 -5.04
N VAL K 16 -37.72 37.80 -18.04
CA VAL K 16 -38.28 36.61 -17.43
C VAL K 16 -37.25 35.47 -17.62
N SER K 17 -37.05 34.66 -16.56
CA SER K 17 -36.14 33.50 -16.51
C SER K 17 -36.78 32.45 -15.64
N GLN K 18 -36.78 31.21 -16.10
CA GLN K 18 -37.38 30.12 -15.35
C GLN K 18 -36.48 29.74 -14.19
N PRO K 19 -36.99 29.59 -12.95
CA PRO K 19 -36.21 29.18 -11.82
C PRO K 19 -35.58 27.87 -12.19
N PRO K 20 -34.34 27.61 -11.80
CA PRO K 20 -33.66 26.41 -12.16
C PRO K 20 -34.34 25.20 -11.59
N SER K 21 -34.40 24.17 -12.39
CA SER K 21 -34.95 22.90 -11.99
C SER K 21 -33.86 22.06 -11.37
N THR K 22 -34.24 20.96 -10.77
CA THR K 22 -33.27 20.09 -10.17
C THR K 22 -32.71 19.09 -11.15
N GLN K 23 -31.85 18.20 -10.68
CA GLN K 23 -31.09 17.37 -11.60
C GLN K 23 -31.89 16.50 -12.57
N SER K 24 -31.55 16.64 -13.85
CA SER K 24 -32.13 15.86 -14.93
C SER K 24 -31.31 14.60 -15.15
N THR K 25 -31.84 13.65 -15.90
CA THR K 25 -31.04 12.46 -16.17
C THR K 25 -30.74 12.27 -17.64
N GLU K 26 -29.48 12.12 -17.96
CA GLU K 26 -29.06 11.90 -19.33
C GLU K 26 -29.24 10.44 -19.68
N ALA K 27 -29.39 10.13 -20.95
CA ALA K 27 -29.44 8.73 -21.29
C ALA K 27 -28.05 8.14 -21.21
N THR K 28 -27.94 6.88 -20.81
CA THR K 28 -26.63 6.25 -20.81
C THR K 28 -26.72 4.80 -21.27
N SER K 29 -25.60 4.12 -21.25
CA SER K 29 -25.54 2.73 -21.68
C SER K 29 -24.64 1.95 -20.76
N GLY K 30 -24.29 0.74 -21.16
CA GLY K 30 -23.44 -0.12 -20.34
C GLY K 30 -21.97 0.26 -20.48
N VAL K 31 -21.19 -0.12 -19.48
CA VAL K 31 -19.74 0.13 -19.48
C VAL K 31 -18.93 -1.05 -19.00
N ASN K 32 -17.66 -1.10 -19.39
CA ASN K 32 -16.67 -2.06 -18.87
C ASN K 32 -15.37 -1.35 -18.53
N SER K 33 -15.45 -0.12 -18.06
CA SER K 33 -14.25 0.68 -17.80
C SER K 33 -13.73 0.56 -16.39
N GLN K 34 -12.56 1.15 -16.17
CA GLN K 34 -11.87 1.15 -14.89
C GLN K 34 -12.39 2.24 -13.97
N GLU K 35 -13.32 3.02 -14.47
CA GLU K 35 -13.91 4.06 -13.66
C GLU K 35 -14.85 3.35 -12.74
N VAL K 36 -14.89 3.70 -11.45
CA VAL K 36 -15.83 2.96 -10.61
C VAL K 36 -16.68 3.86 -9.74
N PRO K 37 -17.70 4.55 -10.27
CA PRO K 37 -18.61 5.40 -9.53
C PRO K 37 -19.25 4.72 -8.32
N ALA K 38 -19.50 3.42 -8.43
CA ALA K 38 -20.13 2.67 -7.37
C ALA K 38 -19.29 2.59 -6.11
N LEU K 39 -17.96 2.58 -6.21
CA LEU K 39 -17.19 2.40 -5.00
C LEU K 39 -16.52 3.67 -4.58
N THR K 40 -16.49 3.87 -3.29
CA THR K 40 -15.94 5.09 -2.76
C THR K 40 -15.47 4.90 -1.32
N ALA K 41 -15.36 6.01 -0.62
CA ALA K 41 -14.98 6.00 0.77
C ALA K 41 -15.91 6.98 1.41
N VAL K 42 -16.26 6.74 2.65
CA VAL K 42 -17.14 7.65 3.35
C VAL K 42 -16.39 8.07 4.55
N GLU K 43 -15.26 7.41 4.71
CA GLU K 43 -14.36 7.66 5.80
C GLU K 43 -13.77 9.04 5.68
N THR K 44 -13.82 9.57 4.49
CA THR K 44 -13.31 10.84 4.10
C THR K 44 -14.20 11.97 4.57
N GLY K 45 -15.43 11.65 4.97
CA GLY K 45 -16.39 12.63 5.43
C GLY K 45 -17.30 13.04 4.30
N ALA K 46 -16.99 12.59 3.11
CA ALA K 46 -17.82 12.89 1.98
C ALA K 46 -18.93 11.88 1.91
N SER K 47 -20.04 12.31 1.37
CA SER K 47 -21.15 11.44 1.10
C SER K 47 -20.89 10.72 -0.20
N GLY K 48 -21.58 9.62 -0.43
CA GLY K 48 -21.42 8.95 -1.70
C GLY K 48 -21.98 9.91 -2.73
N GLN K 49 -21.47 9.88 -3.95
CA GLN K 49 -22.01 10.79 -4.96
C GLN K 49 -22.78 10.14 -6.09
N ALA K 50 -22.97 8.83 -6.02
CA ALA K 50 -23.60 8.13 -7.14
C ALA K 50 -25.04 8.54 -7.42
N ILE K 51 -25.36 8.61 -8.70
CA ILE K 51 -26.71 8.88 -9.18
C ILE K 51 -27.06 7.74 -10.13
N PRO K 52 -28.32 7.50 -10.51
CA PRO K 52 -28.71 6.40 -11.36
C PRO K 52 -27.89 6.21 -12.63
N SER K 53 -27.43 7.28 -13.27
CA SER K 53 -26.69 7.11 -14.53
C SER K 53 -25.32 6.49 -14.32
N ASP K 54 -24.90 6.39 -13.07
CA ASP K 54 -23.64 5.82 -12.69
C ASP K 54 -23.70 4.32 -12.45
N VAL K 55 -24.88 3.78 -12.15
CA VAL K 55 -25.00 2.38 -11.80
C VAL K 55 -26.00 1.56 -12.63
N VAL K 56 -26.92 2.22 -13.33
CA VAL K 56 -27.87 1.52 -14.18
C VAL K 56 -27.96 2.20 -15.51
N GLU K 57 -28.47 1.53 -16.52
CA GLU K 57 -28.74 2.23 -17.75
C GLU K 57 -29.92 3.17 -17.49
N THR K 58 -29.84 4.37 -18.02
CA THR K 58 -30.92 5.35 -17.86
C THR K 58 -31.39 5.90 -19.18
N ARG K 59 -32.57 6.50 -19.15
CA ARG K 59 -33.18 7.12 -20.30
C ARG K 59 -33.12 8.62 -20.10
N HIS K 60 -33.31 9.39 -21.16
CA HIS K 60 -33.22 10.83 -21.01
C HIS K 60 -34.51 11.44 -20.51
N VAL K 61 -34.44 11.98 -19.31
CA VAL K 61 -35.60 12.55 -18.66
C VAL K 61 -35.38 14.01 -18.32
N VAL K 62 -36.27 14.85 -18.82
CA VAL K 62 -36.17 16.27 -18.56
C VAL K 62 -36.87 16.57 -17.25
N ASN K 63 -36.14 17.23 -16.37
CA ASN K 63 -36.63 17.53 -15.05
C ASN K 63 -37.05 18.98 -14.92
N TYR K 64 -38.35 19.20 -14.68
CA TYR K 64 -38.93 20.53 -14.54
C TYR K 64 -39.29 20.86 -13.10
N LYS K 65 -38.86 20.03 -12.16
CA LYS K 65 -39.20 20.23 -10.76
C LYS K 65 -38.23 21.23 -10.15
N THR K 66 -38.72 22.23 -9.43
CA THR K 66 -37.85 23.27 -8.89
C THR K 66 -37.39 23.20 -7.43
N ARG K 67 -38.01 22.38 -6.62
CA ARG K 67 -37.64 22.28 -5.20
C ARG K 67 -37.79 23.62 -4.48
N SER K 68 -38.85 24.35 -4.79
CA SER K 68 -39.09 25.63 -4.17
C SER K 68 -39.76 25.52 -2.82
N GLU K 69 -40.45 24.42 -2.62
CA GLU K 69 -41.18 24.14 -1.40
C GLU K 69 -40.30 23.88 -0.20
N SER K 70 -39.03 23.66 -0.48
CA SER K 70 -38.05 23.34 0.50
C SER K 70 -37.09 24.49 0.74
N CYS K 71 -37.39 25.66 0.19
CA CYS K 71 -36.51 26.80 0.45
C CYS K 71 -36.69 27.12 1.90
N LEU K 72 -35.70 27.70 2.56
CA LEU K 72 -35.95 27.97 3.98
C LEU K 72 -37.11 28.92 4.18
N GLU K 73 -37.38 29.81 3.24
CA GLU K 73 -38.52 30.71 3.42
C GLU K 73 -39.82 29.93 3.45
N SER K 74 -39.89 28.85 2.67
CA SER K 74 -41.09 28.04 2.60
C SER K 74 -41.20 27.16 3.81
N PHE K 75 -40.08 26.61 4.26
CA PHE K 75 -40.08 25.68 5.39
C PHE K 75 -40.61 26.40 6.61
N PHE K 76 -40.14 27.62 6.80
CA PHE K 76 -40.51 28.43 7.92
C PHE K 76 -41.61 29.42 7.57
N GLY K 77 -42.30 29.20 6.47
CA GLY K 77 -43.30 30.13 5.98
C GLY K 77 -44.68 30.06 6.61
N ARG K 78 -44.86 29.17 7.57
CA ARG K 78 -46.21 29.08 8.17
C ARG K 78 -46.15 29.61 9.59
N ALA K 79 -47.12 30.42 9.97
CA ALA K 79 -47.19 30.91 11.32
C ALA K 79 -47.53 29.77 12.23
N ALA K 80 -47.01 29.80 13.44
CA ALA K 80 -47.32 28.75 14.39
C ALA K 80 -47.54 29.32 15.76
N CYS K 81 -48.41 28.66 16.51
CA CYS K 81 -48.68 29.07 17.87
C CYS K 81 -47.45 28.87 18.70
N VAL K 82 -47.13 29.86 19.51
CA VAL K 82 -46.04 29.74 20.46
C VAL K 82 -46.56 29.73 21.86
N THR K 83 -47.69 30.35 22.14
CA THR K 83 -48.19 30.28 23.51
C THR K 83 -49.67 30.55 23.65
N ILE K 84 -50.20 30.07 24.77
CA ILE K 84 -51.57 30.33 25.19
C ILE K 84 -51.54 31.10 26.50
N LEU K 85 -52.04 32.32 26.49
CA LEU K 85 -52.06 33.14 27.70
C LEU K 85 -53.50 33.36 28.09
N SER K 86 -53.78 33.65 29.35
CA SER K 86 -55.17 33.96 29.65
C SER K 86 -55.34 35.12 30.59
N LEU K 87 -56.48 35.78 30.44
CA LEU K 87 -56.87 36.93 31.23
C LEU K 87 -58.24 36.69 31.88
N THR K 88 -58.47 37.19 33.09
CA THR K 88 -59.81 37.10 33.64
C THR K 88 -60.33 38.45 34.11
N ASN K 89 -61.43 38.90 33.53
CA ASN K 89 -62.01 40.18 33.92
C ASN K 89 -63.28 39.96 34.71
N SER K 90 -63.22 40.20 36.02
CA SER K 90 -64.38 39.96 36.87
C SER K 90 -64.44 40.89 38.05
N SER K 91 -65.59 40.94 38.68
CA SER K 91 -65.84 41.75 39.86
C SER K 91 -65.24 41.21 41.16
N LYS K 92 -64.85 39.94 41.18
CA LYS K 92 -64.31 39.34 42.38
C LYS K 92 -62.96 39.98 42.71
N SER K 93 -62.76 40.40 43.96
CA SER K 93 -61.51 41.06 44.31
C SER K 93 -60.28 40.17 44.19
N GLY K 94 -60.47 38.89 44.40
CA GLY K 94 -59.37 37.94 44.34
C GLY K 94 -58.93 37.64 42.91
N GLU K 95 -59.68 38.12 41.94
CA GLU K 95 -59.38 37.92 40.54
C GLU K 95 -58.75 39.15 39.92
N GLU K 96 -58.59 40.25 40.67
CA GLU K 96 -58.06 41.45 40.03
C GLU K 96 -56.67 41.21 39.48
N LYS K 97 -55.90 40.44 40.21
CA LYS K 97 -54.53 40.11 39.86
C LYS K 97 -54.43 39.28 38.59
N LYS K 98 -55.55 38.73 38.14
CA LYS K 98 -55.61 37.90 36.95
C LYS K 98 -56.15 38.67 35.75
N HIS K 99 -56.43 39.97 35.92
CA HIS K 99 -57.00 40.86 34.89
C HIS K 99 -56.03 41.08 33.72
N PHE K 100 -54.75 40.89 34.01
CA PHE K 100 -53.68 41.07 33.06
C PHE K 100 -52.69 39.94 33.27
N ASN K 101 -51.83 39.69 32.29
CA ASN K 101 -50.86 38.64 32.45
C ASN K 101 -49.55 38.99 31.76
N ILE K 102 -48.45 38.39 32.20
CA ILE K 102 -47.14 38.67 31.64
C ILE K 102 -46.48 37.44 31.02
N TRP K 103 -46.10 37.52 29.77
CA TRP K 103 -45.45 36.39 29.13
C TRP K 103 -44.02 36.63 28.69
N ASN K 104 -43.13 35.73 29.06
CA ASN K 104 -41.76 35.86 28.60
C ASN K 104 -41.75 35.56 27.14
N ILE K 105 -41.10 36.38 26.34
CA ILE K 105 -41.16 36.04 24.93
C ILE K 105 -40.19 34.94 24.59
N THR K 106 -40.75 33.91 24.01
CA THR K 106 -40.05 32.72 23.63
C THR K 106 -40.81 31.95 22.59
N TYR K 107 -40.12 31.08 21.88
CA TYR K 107 -40.77 30.20 20.93
C TYR K 107 -40.78 28.78 21.46
N THR K 108 -40.33 28.61 22.69
CA THR K 108 -40.13 27.28 23.27
C THR K 108 -41.26 26.63 24.03
N ASP K 109 -42.41 27.28 24.19
CA ASP K 109 -43.48 26.69 24.97
C ASP K 109 -44.19 25.60 24.16
N THR K 110 -44.29 25.80 22.86
CA THR K 110 -44.86 24.82 21.96
C THR K 110 -43.71 24.08 21.34
N VAL K 111 -43.95 22.93 20.73
CA VAL K 111 -42.82 22.25 20.13
C VAL K 111 -42.82 22.20 18.62
N GLN K 112 -43.89 22.62 17.97
CA GLN K 112 -43.93 22.47 16.52
C GLN K 112 -43.00 23.45 15.83
N LEU K 113 -42.87 24.66 16.37
CA LEU K 113 -41.99 25.63 15.75
C LEU K 113 -40.61 25.47 16.30
N ARG K 114 -40.53 25.07 17.55
CA ARG K 114 -39.26 24.92 18.21
C ARG K 114 -38.44 23.89 17.50
N ARG K 115 -39.04 22.77 17.15
CA ARG K 115 -38.27 21.73 16.52
C ARG K 115 -37.74 22.17 15.17
N LYS K 116 -38.50 22.98 14.43
CA LYS K 116 -38.02 23.41 13.13
C LYS K 116 -36.85 24.36 13.28
N LEU K 117 -36.95 25.27 14.23
CA LEU K 117 -35.89 26.24 14.43
C LEU K 117 -34.63 25.55 14.90
N GLU K 118 -34.79 24.49 15.67
CA GLU K 118 -33.67 23.75 16.21
C GLU K 118 -32.93 22.88 15.21
N PHE K 119 -33.36 22.89 13.96
CA PHE K 119 -32.55 22.24 12.94
C PHE K 119 -31.32 23.07 12.74
N PHE K 120 -31.37 24.35 13.12
CA PHE K 120 -30.25 25.19 12.88
C PHE K 120 -29.61 25.65 14.17
N THR K 121 -28.31 25.82 14.13
CA THR K 121 -27.61 26.26 15.31
C THR K 121 -27.85 27.72 15.57
N TYR K 122 -27.83 28.47 14.50
CA TYR K 122 -27.99 29.91 14.47
C TYR K 122 -28.92 30.33 13.34
N SER K 123 -29.63 31.43 13.52
CA SER K 123 -30.40 31.98 12.40
C SER K 123 -30.63 33.46 12.55
N ARG K 124 -30.88 34.12 11.44
CA ARG K 124 -31.16 35.53 11.47
C ARG K 124 -32.45 35.77 10.73
N PHE K 125 -33.42 36.38 11.38
CA PHE K 125 -34.70 36.61 10.72
C PHE K 125 -35.51 37.73 11.31
N ASP K 126 -36.47 38.21 10.52
CA ASP K 126 -37.44 39.16 10.99
C ASP K 126 -38.61 38.34 11.47
N LEU K 127 -39.40 38.86 12.37
CA LEU K 127 -40.50 38.09 12.89
C LEU K 127 -41.86 38.72 12.74
N GLU K 128 -42.79 37.97 12.16
CA GLU K 128 -44.14 38.48 12.04
C GLU K 128 -45.00 37.89 13.14
N MET K 129 -45.77 38.73 13.82
CA MET K 129 -46.63 38.23 14.88
C MET K 129 -48.09 38.53 14.70
N THR K 130 -48.89 37.55 15.12
CA THR K 130 -50.36 37.67 15.12
C THR K 130 -50.91 37.27 16.46
N PHE K 131 -51.95 37.95 16.91
CA PHE K 131 -52.56 37.52 18.16
C PHE K 131 -53.99 37.15 17.90
N VAL K 132 -54.48 36.11 18.54
CA VAL K 132 -55.86 35.73 18.34
C VAL K 132 -56.61 35.60 19.66
N PHE K 133 -57.72 36.31 19.80
CA PHE K 133 -58.47 36.26 21.06
C PHE K 133 -59.78 35.50 20.96
N THR K 134 -60.05 34.69 21.96
CA THR K 134 -61.32 33.99 22.15
C THR K 134 -61.82 34.18 23.57
N GLU K 135 -63.10 34.46 23.76
CA GLU K 135 -63.55 34.58 25.15
C GLU K 135 -64.83 33.82 25.45
N ASN K 136 -64.98 33.44 26.72
CA ASN K 136 -66.15 32.72 27.21
C ASN K 136 -66.46 33.06 28.68
N TYR K 137 -67.51 32.47 29.22
CA TYR K 137 -67.93 32.66 30.58
C TYR K 137 -67.61 31.40 31.38
N PRO K 138 -66.63 31.40 32.30
CA PRO K 138 -66.22 30.23 33.07
C PRO K 138 -67.26 29.88 34.12
N SER K 139 -68.12 30.83 34.41
CA SER K 139 -69.16 30.71 35.41
C SER K 139 -70.40 30.13 34.77
N THR K 140 -71.37 29.75 35.59
CA THR K 140 -72.60 29.24 35.04
C THR K 140 -73.62 30.34 34.78
N ALA K 141 -73.45 31.50 35.40
CA ALA K 141 -74.36 32.62 35.22
C ALA K 141 -73.81 33.63 34.22
N SER K 142 -74.41 33.65 33.03
CA SER K 142 -74.00 34.50 31.93
C SER K 142 -75.05 35.57 31.69
N GLY K 143 -74.65 36.83 31.80
CA GLY K 143 -75.55 37.96 31.66
C GLY K 143 -75.08 38.95 30.62
N GLU K 144 -75.34 40.24 30.88
CA GLU K 144 -74.99 41.27 29.93
C GLU K 144 -73.58 41.78 30.18
N VAL K 145 -72.75 41.72 29.15
CA VAL K 145 -71.37 42.17 29.23
C VAL K 145 -71.02 43.09 28.07
N ARG K 146 -70.41 44.23 28.36
CA ARG K 146 -70.00 45.17 27.32
C ARG K 146 -68.83 44.60 26.54
N ASN K 147 -68.72 44.94 25.27
CA ASN K 147 -67.62 44.44 24.46
C ASN K 147 -66.27 44.90 25.01
N GLN K 148 -65.33 43.96 25.11
CA GLN K 148 -64.03 44.29 25.63
C GLN K 148 -62.97 44.56 24.59
N VAL K 149 -62.01 45.35 25.04
CA VAL K 149 -60.80 45.73 24.32
C VAL K 149 -59.61 45.21 25.07
N TYR K 150 -58.62 44.73 24.34
CA TYR K 150 -57.42 44.22 24.96
C TYR K 150 -56.18 45.00 24.50
N GLN K 151 -55.24 45.18 25.42
CA GLN K 151 -53.99 45.87 25.15
C GLN K 151 -52.77 44.99 25.23
N ILE K 152 -51.99 44.97 24.17
CA ILE K 152 -50.75 44.21 24.18
C ILE K 152 -49.58 45.15 24.21
N MET K 153 -48.82 45.14 25.29
CA MET K 153 -47.69 46.03 25.42
C MET K 153 -46.38 45.30 25.48
N TYR K 154 -45.42 45.76 24.73
CA TYR K 154 -44.11 45.14 24.81
C TYR K 154 -43.22 45.81 25.77
N ILE K 155 -42.69 45.06 26.70
CA ILE K 155 -41.81 45.63 27.65
C ILE K 155 -40.42 45.09 27.41
N PRO K 156 -39.49 45.89 26.88
CA PRO K 156 -38.14 45.51 26.59
C PRO K 156 -37.54 45.08 27.88
N PRO K 157 -36.55 44.22 27.88
CA PRO K 157 -35.95 43.77 29.09
C PRO K 157 -35.34 44.97 29.75
N GLY K 158 -35.55 45.09 31.05
CA GLY K 158 -34.99 46.18 31.84
C GLY K 158 -35.98 47.33 31.99
N ALA K 159 -37.03 47.34 31.20
CA ALA K 159 -38.03 48.37 31.28
C ALA K 159 -38.94 48.06 32.46
N PRO K 160 -39.63 49.05 33.06
CA PRO K 160 -40.58 48.86 34.14
C PRO K 160 -41.70 47.93 33.78
N ARG K 161 -42.14 47.12 34.73
CA ARG K 161 -43.24 46.21 34.50
C ARG K 161 -44.39 46.64 35.39
N PRO K 162 -45.66 46.42 34.99
CA PRO K 162 -46.84 46.75 35.73
C PRO K 162 -46.99 45.92 36.98
N SER K 163 -47.55 46.52 38.02
CA SER K 163 -47.84 45.77 39.24
C SER K 163 -49.26 45.23 39.21
N SER K 164 -50.10 45.87 38.42
CA SER K 164 -51.49 45.51 38.28
C SER K 164 -51.90 45.94 36.89
N TRP K 165 -53.12 45.61 36.51
CA TRP K 165 -53.69 45.95 35.22
C TRP K 165 -53.91 47.45 35.08
N ASP K 166 -54.01 48.13 36.21
CA ASP K 166 -54.26 49.55 36.23
C ASP K 166 -53.07 50.21 36.89
N ASP K 167 -52.14 50.67 36.06
CA ASP K 167 -50.90 51.21 36.58
C ASP K 167 -50.32 52.22 35.61
N TYR K 168 -49.22 52.83 35.99
CA TYR K 168 -48.58 53.84 35.16
C TYR K 168 -47.86 53.27 33.97
N THR K 169 -47.47 52.02 34.04
CA THR K 169 -46.70 51.47 32.97
C THR K 169 -47.55 51.23 31.74
N TRP K 170 -48.86 51.24 31.88
CA TRP K 170 -49.70 50.92 30.75
C TRP K 170 -49.90 52.11 29.85
N GLN K 171 -49.31 53.25 30.24
CA GLN K 171 -49.39 54.47 29.46
C GLN K 171 -48.66 54.31 28.14
N SER K 172 -47.76 53.34 28.05
CA SER K 172 -47.04 53.09 26.80
C SER K 172 -46.37 54.33 26.23
N SER K 173 -45.67 55.08 27.07
CA SER K 173 -44.98 56.30 26.67
C SER K 173 -43.70 56.04 25.88
N SER K 174 -43.27 54.79 25.91
CA SER K 174 -42.04 54.31 25.28
C SER K 174 -42.34 52.96 24.69
N ASN K 175 -42.70 52.03 25.55
CA ASN K 175 -43.04 50.67 25.17
C ASN K 175 -44.13 50.73 24.12
N PRO K 176 -43.98 50.08 22.96
CA PRO K 176 -44.97 50.05 21.91
C PRO K 176 -46.13 49.19 22.34
N SER K 177 -47.32 49.50 21.84
CA SER K 177 -48.46 48.68 22.18
C SER K 177 -49.54 48.66 21.12
N ILE K 178 -50.38 47.63 21.19
CA ILE K 178 -51.50 47.39 20.30
C ILE K 178 -52.83 47.33 20.99
N PHE K 179 -53.81 48.06 20.49
CA PHE K 179 -55.14 47.97 21.07
C PHE K 179 -56.10 47.27 20.13
N TYR K 180 -56.61 46.14 20.57
CA TYR K 180 -57.52 45.33 19.79
C TYR K 180 -58.90 45.25 20.36
N MET K 181 -59.88 45.55 19.54
CA MET K 181 -61.26 45.44 20.00
C MET K 181 -61.79 44.10 19.62
N TYR K 182 -62.37 43.42 20.58
CA TYR K 182 -62.81 42.07 20.31
C TYR K 182 -63.85 42.05 19.23
N GLY K 183 -63.65 41.13 18.29
CA GLY K 183 -64.55 40.91 17.18
C GLY K 183 -63.98 41.45 15.87
N ASN K 184 -62.97 42.30 15.95
CA ASN K 184 -62.38 42.78 14.72
C ASN K 184 -61.34 41.81 14.21
N ALA K 185 -60.76 42.12 13.06
CA ALA K 185 -59.76 41.23 12.53
C ALA K 185 -58.62 41.16 13.53
N PRO K 186 -57.96 40.00 13.71
CA PRO K 186 -56.86 39.84 14.62
C PRO K 186 -55.81 40.87 14.30
N PRO K 187 -55.09 41.40 15.28
CA PRO K 187 -54.02 42.32 15.09
C PRO K 187 -52.85 41.57 14.51
N ARG K 188 -52.11 42.26 13.66
CA ARG K 188 -50.86 41.66 13.17
C ARG K 188 -49.82 42.76 12.96
N MET K 189 -48.57 42.42 13.28
CA MET K 189 -47.47 43.39 13.29
C MET K 189 -46.12 42.78 12.95
N SER K 190 -45.15 43.62 12.59
CA SER K 190 -43.82 43.11 12.30
C SER K 190 -42.69 43.61 13.19
N ILE K 191 -41.79 42.70 13.47
CA ILE K 191 -40.61 42.97 14.28
C ILE K 191 -39.33 42.70 13.48
N PRO K 192 -38.41 43.63 13.34
CA PRO K 192 -37.17 43.48 12.62
C PRO K 192 -36.27 42.60 13.42
N TYR K 193 -35.27 41.99 12.81
CA TYR K 193 -34.31 41.25 13.62
C TYR K 193 -33.83 42.13 14.75
N VAL K 194 -33.91 41.63 15.99
CA VAL K 194 -33.51 42.41 17.18
C VAL K 194 -32.39 41.78 17.96
N GLY K 195 -31.65 40.89 17.37
CA GLY K 195 -30.60 40.27 18.12
C GLY K 195 -29.44 41.23 18.34
N ILE K 196 -28.62 40.89 19.31
CA ILE K 196 -27.45 41.68 19.63
C ILE K 196 -26.33 41.18 18.78
N ALA K 197 -26.26 39.87 18.68
CA ALA K 197 -25.26 39.20 17.88
C ALA K 197 -25.70 39.32 16.45
N ASN K 198 -24.97 38.75 15.52
CA ASN K 198 -25.30 38.95 14.14
C ASN K 198 -26.28 37.87 13.66
N ALA K 199 -26.66 37.02 14.60
CA ALA K 199 -27.62 35.93 14.44
C ALA K 199 -28.15 35.58 15.82
N TYR K 200 -29.33 35.00 15.88
CA TYR K 200 -29.86 34.53 17.13
C TYR K 200 -29.25 33.18 17.35
N SER K 201 -28.96 32.82 18.58
CA SER K 201 -28.51 31.48 18.82
C SER K 201 -29.69 30.62 19.16
N HIS K 202 -29.65 29.35 18.78
CA HIS K 202 -30.67 28.42 19.20
C HIS K 202 -30.08 27.52 20.27
N PHE K 203 -28.76 27.43 20.28
CA PHE K 203 -28.02 26.65 21.23
C PHE K 203 -26.90 27.50 21.75
N TYR K 204 -26.54 27.36 23.01
CA TYR K 204 -25.37 28.05 23.55
C TYR K 204 -24.63 27.22 24.55
N ASP K 205 -23.48 26.71 24.16
CA ASP K 205 -22.73 25.87 25.09
C ASP K 205 -21.87 26.70 25.96
N GLY K 206 -22.48 27.29 26.95
CA GLY K 206 -21.74 28.19 27.78
C GLY K 206 -22.51 28.69 28.96
N PHE K 207 -21.87 29.58 29.68
CA PHE K 207 -22.42 30.14 30.89
C PHE K 207 -22.60 31.63 30.74
N ALA K 208 -23.57 32.18 31.44
CA ALA K 208 -23.77 33.63 31.38
C ALA K 208 -22.56 34.43 31.84
N ARG K 209 -21.83 33.91 32.81
CA ARG K 209 -20.65 34.57 33.34
C ARG K 209 -19.64 33.51 33.72
N VAL K 210 -18.40 33.90 33.97
CA VAL K 210 -17.38 32.93 34.37
C VAL K 210 -17.22 32.91 35.87
N PRO K 211 -17.54 31.82 36.58
CA PRO K 211 -17.35 31.71 37.99
C PRO K 211 -15.87 31.82 38.23
N LEU K 212 -15.44 32.57 39.24
CA LEU K 212 -14.01 32.71 39.53
C LEU K 212 -13.58 31.91 40.71
N GLU K 213 -12.28 31.74 40.87
CA GLU K 213 -11.67 30.92 41.92
C GLU K 213 -12.23 31.09 43.31
N GLY K 214 -12.60 32.30 43.71
CA GLY K 214 -13.11 32.48 45.07
C GLY K 214 -14.54 31.95 45.28
N GLU K 215 -15.19 31.52 44.21
CA GLU K 215 -16.54 31.00 44.22
C GLU K 215 -16.57 29.49 44.42
N ASN K 216 -17.72 29.00 44.83
CA ASN K 216 -17.93 27.58 45.09
C ASN K 216 -17.99 26.72 43.83
N THR K 217 -17.66 25.44 44.00
CA THR K 217 -17.59 24.43 42.94
C THR K 217 -18.86 24.30 42.10
N ASP K 218 -20.01 24.41 42.73
CA ASP K 218 -21.29 24.27 42.08
C ASP K 218 -21.66 25.44 41.16
N ALA K 219 -20.92 26.54 41.25
CA ALA K 219 -21.26 27.72 40.51
C ALA K 219 -21.37 27.42 39.03
N GLY K 220 -22.42 28.00 38.44
CA GLY K 220 -22.76 27.87 37.03
C GLY K 220 -24.00 27.04 36.87
N ASP K 221 -24.36 26.30 37.90
CA ASP K 221 -25.54 25.46 37.85
C ASP K 221 -26.80 26.27 37.65
N THR K 222 -26.81 27.49 38.12
CA THR K 222 -27.97 28.34 37.96
C THR K 222 -27.93 29.21 36.70
N PHE K 223 -26.87 29.12 35.90
CA PHE K 223 -26.79 29.95 34.71
C PHE K 223 -26.14 29.30 33.49
N TYR K 224 -26.32 27.99 33.35
CA TYR K 224 -25.81 27.25 32.19
C TYR K 224 -26.77 27.17 31.05
N GLY K 225 -26.29 27.47 29.86
CA GLY K 225 -27.06 27.33 28.65
C GLY K 225 -27.70 28.61 28.16
N LEU K 226 -28.39 28.51 27.03
CA LEU K 226 -28.98 29.63 26.33
C LEU K 226 -29.98 30.39 27.16
N VAL K 227 -30.60 29.67 28.06
CA VAL K 227 -31.64 30.17 28.91
C VAL K 227 -31.15 31.27 29.84
N SER K 228 -29.86 31.33 30.09
CA SER K 228 -29.29 32.33 30.95
C SER K 228 -28.85 33.59 30.21
N ILE K 229 -28.83 33.55 28.87
CA ILE K 229 -28.36 34.72 28.13
C ILE K 229 -29.48 35.41 27.35
N ASN K 230 -30.39 34.65 26.74
CA ASN K 230 -31.43 35.32 25.99
C ASN K 230 -32.45 35.96 26.90
N ASP K 231 -32.80 37.19 26.58
CA ASP K 231 -33.83 37.94 27.28
C ASP K 231 -34.47 38.88 26.28
N PHE K 232 -35.68 38.56 25.86
CA PHE K 232 -36.32 39.36 24.85
C PHE K 232 -37.42 40.21 25.41
N GLY K 233 -37.47 40.33 26.71
CA GLY K 233 -38.53 41.13 27.32
C GLY K 233 -39.79 40.31 27.40
N VAL K 234 -40.89 40.99 27.71
CA VAL K 234 -42.15 40.32 27.91
C VAL K 234 -43.31 40.97 27.16
N LEU K 235 -44.39 40.21 26.97
CA LEU K 235 -45.61 40.81 26.50
C LEU K 235 -46.57 40.94 27.66
N ALA K 236 -46.95 42.16 27.92
CA ALA K 236 -47.87 42.46 28.99
C ALA K 236 -49.23 42.62 28.38
N VAL K 237 -50.15 41.75 28.72
CA VAL K 237 -51.43 41.80 28.08
C VAL K 237 -52.54 42.02 29.07
N ARG K 238 -53.41 42.99 28.81
CA ARG K 238 -54.52 43.18 29.73
C ARG K 238 -55.83 43.48 29.10
N ALA K 239 -56.90 43.15 29.80
CA ALA K 239 -58.18 43.65 29.38
C ALA K 239 -58.11 45.11 29.73
N VAL K 240 -58.76 46.01 29.01
CA VAL K 240 -58.64 47.40 29.44
C VAL K 240 -59.92 47.91 30.05
N ASN K 241 -60.89 47.02 30.13
CA ASN K 241 -62.20 47.34 30.63
C ASN K 241 -62.32 47.24 32.15
N ARG K 242 -63.29 47.95 32.68
CA ARG K 242 -63.61 47.85 34.08
C ARG K 242 -64.36 46.54 34.28
N SER K 243 -64.38 46.04 35.51
CA SER K 243 -65.07 44.80 35.77
C SER K 243 -66.56 44.88 35.56
N ASN K 244 -67.09 43.78 35.04
CA ASN K 244 -68.49 43.55 34.79
C ASN K 244 -69.03 42.68 35.92
N PRO K 245 -70.35 42.67 36.20
CA PRO K 245 -71.00 41.75 37.11
C PRO K 245 -70.79 40.27 36.74
N HIS K 246 -70.47 40.01 35.48
CA HIS K 246 -70.25 38.65 35.01
C HIS K 246 -68.82 38.50 34.58
N THR K 247 -68.26 37.32 34.83
CA THR K 247 -66.88 37.02 34.53
C THR K 247 -66.59 36.57 33.12
N ILE K 248 -65.58 37.18 32.54
CA ILE K 248 -65.10 36.77 31.23
C ILE K 248 -63.69 36.22 31.28
N HIS K 249 -63.54 35.04 30.70
CA HIS K 249 -62.27 34.37 30.58
C HIS K 249 -61.80 34.44 29.17
N THR K 250 -60.65 35.04 28.99
CA THR K 250 -60.12 35.23 27.67
C THR K 250 -58.85 34.51 27.44
N SER K 251 -58.82 33.78 26.35
CA SER K 251 -57.66 33.03 25.93
C SER K 251 -57.06 33.67 24.72
N VAL K 252 -55.80 34.05 24.81
CA VAL K 252 -55.18 34.68 23.67
C VAL K 252 -54.00 33.88 23.21
N ARG K 253 -53.99 33.62 21.93
CA ARG K 253 -52.90 32.87 21.36
C ARG K 253 -51.94 33.79 20.68
N VAL K 254 -50.69 33.45 20.78
CA VAL K 254 -49.65 34.20 20.14
C VAL K 254 -49.05 33.36 19.07
N TYR K 255 -48.99 33.90 17.85
CA TYR K 255 -48.42 33.20 16.72
C TYR K 255 -47.19 33.89 16.19
N MET K 256 -46.23 33.10 15.74
CA MET K 256 -45.02 33.62 15.14
C MET K 256 -44.70 33.02 13.79
N LYS K 257 -44.25 33.86 12.86
CA LYS K 257 -43.79 33.44 11.55
C LYS K 257 -42.46 34.08 11.15
N PRO K 258 -41.34 33.41 11.29
CA PRO K 258 -40.05 33.92 10.90
C PRO K 258 -40.10 34.17 9.40
N LYS K 259 -39.52 35.25 8.93
CA LYS K 259 -39.47 35.56 7.51
C LYS K 259 -38.17 36.26 7.17
N HIS K 260 -37.75 36.26 5.90
CA HIS K 260 -36.50 36.91 5.56
C HIS K 260 -35.47 36.22 6.43
N ILE K 261 -35.48 34.89 6.36
CA ILE K 261 -34.66 34.05 7.21
C ILE K 261 -33.50 33.34 6.56
N ARG K 262 -32.37 33.43 7.22
CA ARG K 262 -31.17 32.73 6.80
C ARG K 262 -30.72 31.88 7.98
N CYS K 263 -30.34 30.65 7.72
CA CYS K 263 -29.85 29.80 8.79
C CYS K 263 -28.41 29.46 8.55
N TRP K 264 -27.61 29.40 9.60
CA TRP K 264 -26.19 29.27 9.39
C TRP K 264 -25.48 27.95 9.59
N CYS K 265 -26.14 26.96 10.14
CA CYS K 265 -25.46 25.69 10.38
C CYS K 265 -26.47 24.62 10.73
N PRO K 266 -26.53 23.50 10.01
CA PRO K 266 -27.47 22.45 10.25
C PRO K 266 -27.15 21.64 11.47
N ARG K 267 -28.19 21.06 12.05
CA ARG K 267 -28.13 20.14 13.16
C ARG K 267 -29.20 19.09 12.92
N PRO K 268 -29.15 17.92 13.54
CA PRO K 268 -30.22 16.98 13.49
C PRO K 268 -31.35 17.54 14.30
N PRO K 269 -32.58 17.17 14.04
CA PRO K 269 -33.73 17.53 14.81
C PRO K 269 -33.72 16.73 16.08
N ARG K 270 -34.37 17.22 17.10
CA ARG K 270 -34.53 16.45 18.33
C ARG K 270 -35.46 15.28 18.07
N ALA K 271 -35.09 14.11 18.60
CA ALA K 271 -35.85 12.87 18.42
C ALA K 271 -36.81 12.54 19.56
N VAL K 272 -36.66 13.19 20.69
CA VAL K 272 -37.42 12.88 21.90
C VAL K 272 -38.14 14.11 22.44
N LEU K 273 -39.04 13.89 23.38
CA LEU K 273 -39.80 14.99 23.95
C LEU K 273 -38.89 15.93 24.70
N TYR K 274 -39.24 17.21 24.66
CA TYR K 274 -38.50 18.28 25.34
C TYR K 274 -38.81 18.36 26.81
N ARG K 275 -37.81 18.73 27.61
CA ARG K 275 -38.05 18.98 29.02
C ARG K 275 -37.53 20.35 29.38
N GLY K 276 -38.40 21.34 29.36
CA GLY K 276 -37.99 22.70 29.65
C GLY K 276 -37.38 23.39 28.44
N GLU K 277 -36.75 24.53 28.70
CA GLU K 277 -36.16 25.45 27.73
C GLU K 277 -34.77 25.05 27.23
N GLY K 278 -34.18 24.06 27.87
CA GLY K 278 -32.84 23.60 27.55
C GLY K 278 -32.91 22.40 26.62
N VAL K 279 -31.91 21.53 26.70
CA VAL K 279 -31.86 20.37 25.81
C VAL K 279 -32.07 19.12 26.63
N ASP K 280 -32.51 19.33 27.85
CA ASP K 280 -32.67 18.27 28.81
C ASP K 280 -33.58 17.17 28.34
N MET K 281 -33.20 15.95 28.66
CA MET K 281 -33.96 14.78 28.33
C MET K 281 -34.88 14.41 29.46
N ILE K 282 -35.97 13.78 29.11
CA ILE K 282 -36.90 13.30 30.10
C ILE K 282 -36.77 11.80 30.18
N SER K 283 -36.53 11.29 31.37
CA SER K 283 -36.23 9.87 31.55
C SER K 283 -37.34 8.92 31.17
N SER K 284 -38.57 9.39 31.16
CA SER K 284 -39.70 8.59 30.81
C SER K 284 -39.87 8.42 29.30
N ALA K 285 -39.12 9.17 28.50
CA ALA K 285 -39.31 9.12 27.06
C ALA K 285 -38.03 9.31 26.25
N ILE K 286 -37.04 8.43 26.43
CA ILE K 286 -35.79 8.53 25.67
C ILE K 286 -35.62 7.35 24.74
N LEU K 287 -36.73 6.73 24.38
CA LEU K 287 -36.70 5.58 23.51
C LEU K 287 -37.57 5.83 22.27
N PRO K 288 -37.14 6.70 21.34
CA PRO K 288 -37.90 7.18 20.20
C PRO K 288 -38.23 6.20 19.07
N LEU K 289 -37.54 5.07 18.96
CA LEU K 289 -37.80 4.21 17.82
C LEU K 289 -38.63 2.99 18.13
N ALA K 290 -39.34 2.57 17.09
CA ALA K 290 -40.17 1.38 17.09
C ALA K 290 -39.33 0.13 16.92
N LYS K 291 -39.86 -0.98 17.43
CA LYS K 291 -39.26 -2.28 17.28
C LYS K 291 -39.73 -2.96 16.01
N VAL K 292 -38.90 -3.85 15.47
CA VAL K 292 -39.33 -4.68 14.35
C VAL K 292 -39.14 -6.10 14.78
N ASP K 293 -39.78 -7.02 14.10
CA ASP K 293 -39.64 -8.41 14.46
C ASP K 293 -38.32 -8.99 13.99
N SER K 294 -37.85 -8.52 12.86
CA SER K 294 -36.65 -9.06 12.28
C SER K 294 -35.88 -8.10 11.42
N ILE K 295 -34.59 -8.32 11.37
CA ILE K 295 -33.65 -7.58 10.55
C ILE K 295 -33.96 -7.80 9.07
N THR K 296 -34.70 -8.89 8.78
CA THR K 296 -35.13 -9.28 7.46
C THR K 296 -36.63 -9.08 7.20
N THR K 297 -37.35 -8.31 8.04
CA THR K 297 -38.77 -8.11 7.77
C THR K 297 -38.96 -6.90 6.86
N PHE K 298 -39.99 -6.93 5.97
CA PHE K 298 -40.33 -5.83 5.04
C PHE K 298 -41.43 -4.98 5.70
N GLY L 8 4.94 10.15 -6.84
CA GLY L 8 3.55 9.74 -6.89
C GLY L 8 2.88 10.05 -5.56
N TYR L 9 2.21 11.21 -5.49
CA TYR L 9 1.50 11.73 -4.31
C TYR L 9 0.13 11.06 -4.19
N SER L 10 -0.33 10.89 -2.97
CA SER L 10 -1.65 10.32 -2.75
C SER L 10 -2.28 10.91 -1.51
N ASP L 11 -3.59 10.78 -1.42
CA ASP L 11 -4.36 11.32 -0.32
C ASP L 11 -4.08 10.68 1.01
N ARG L 12 -3.51 9.49 0.97
CA ARG L 12 -3.21 8.74 2.16
C ARG L 12 -2.03 9.23 2.95
N VAL L 13 -1.10 9.93 2.33
CA VAL L 13 0.09 10.30 3.07
C VAL L 13 0.14 11.81 3.16
N ARG L 14 0.17 12.33 4.38
CA ARG L 14 0.07 13.76 4.57
C ARG L 14 1.03 14.33 5.59
N GLN L 15 1.25 15.62 5.50
CA GLN L 15 2.00 16.34 6.51
C GLN L 15 1.34 17.67 6.83
N ILE L 16 1.16 17.91 8.12
CA ILE L 16 0.61 19.18 8.55
C ILE L 16 1.59 19.89 9.46
N THR L 17 2.00 21.09 9.10
CA THR L 17 2.95 21.84 9.91
C THR L 17 2.36 23.14 10.35
N LEU L 18 2.35 23.37 11.66
CA LEU L 18 1.86 24.63 12.19
C LEU L 18 2.83 25.11 13.24
N GLY L 19 3.31 26.33 13.12
CA GLY L 19 4.22 26.79 14.15
C GLY L 19 5.45 25.89 14.22
N ASN L 20 5.75 25.37 15.40
CA ASN L 20 6.91 24.51 15.57
C ASN L 20 6.56 23.03 15.72
N SER L 21 5.39 22.63 15.22
CA SER L 21 5.05 21.22 15.30
C SER L 21 4.47 20.66 14.01
N THR L 22 4.83 19.41 13.75
CA THR L 22 4.36 18.68 12.58
C THR L 22 3.71 17.34 12.85
N ILE L 23 2.62 17.10 12.16
CA ILE L 23 1.97 15.83 12.23
C ILE L 23 2.15 15.10 10.93
N THR L 24 2.72 13.92 11.00
CA THR L 24 2.90 13.16 9.80
C THR L 24 1.99 11.96 9.89
N THR L 25 1.26 11.68 8.83
CA THR L 25 0.37 10.53 8.82
C THR L 25 0.48 9.77 7.52
N GLN L 26 0.51 8.42 7.58
CA GLN L 26 0.62 7.62 6.37
C GLN L 26 -0.61 6.85 5.95
N GLU L 27 -1.64 6.82 6.78
CA GLU L 27 -2.83 6.09 6.42
C GLU L 27 -4.00 6.96 6.79
N ALA L 28 -4.11 8.08 6.11
CA ALA L 28 -5.12 9.08 6.43
C ALA L 28 -6.18 9.22 5.38
N ALA L 29 -7.35 9.63 5.80
CA ALA L 29 -8.39 10.02 4.87
C ALA L 29 -8.15 11.48 4.52
N ASN L 30 -8.66 11.96 3.41
CA ASN L 30 -8.48 13.37 3.07
C ASN L 30 -9.00 14.29 4.14
N ALA L 31 -8.22 15.31 4.45
CA ALA L 31 -8.64 16.28 5.45
C ALA L 31 -9.89 17.01 5.02
N ILE L 32 -10.74 17.27 6.00
CA ILE L 32 -11.99 17.99 5.84
C ILE L 32 -11.88 19.44 6.14
N VAL L 33 -12.49 20.27 5.32
CA VAL L 33 -12.52 21.67 5.68
C VAL L 33 -13.96 21.98 5.95
N ALA L 34 -14.30 22.15 7.22
CA ALA L 34 -15.70 22.26 7.55
C ALA L 34 -16.32 23.41 6.82
N TYR L 35 -17.47 23.14 6.21
CA TYR L 35 -18.27 24.08 5.45
C TYR L 35 -17.53 24.74 4.31
N GLY L 36 -16.38 24.20 3.94
CA GLY L 36 -15.59 24.73 2.86
C GLY L 36 -14.78 25.96 3.25
N GLU L 37 -14.67 26.26 4.55
CA GLU L 37 -13.95 27.45 4.94
C GLU L 37 -12.81 27.23 5.93
N TRP L 38 -11.80 28.05 5.79
CA TRP L 38 -10.61 28.02 6.62
C TRP L 38 -10.71 29.04 7.72
N PRO L 39 -10.00 28.88 8.82
CA PRO L 39 -9.83 29.88 9.82
C PRO L 39 -9.23 31.09 9.18
N THR L 40 -9.77 32.25 9.50
CA THR L 40 -9.26 33.52 8.99
C THR L 40 -9.17 34.51 10.11
N TYR L 41 -8.55 35.64 9.82
CA TYR L 41 -8.46 36.74 10.74
C TYR L 41 -9.69 37.62 10.56
N ILE L 42 -10.05 38.38 11.58
CA ILE L 42 -11.21 39.24 11.50
C ILE L 42 -11.00 40.38 10.53
N ASN L 43 -11.92 40.51 9.59
CA ASN L 43 -11.88 41.55 8.58
C ASN L 43 -12.23 42.89 9.20
N ASP L 44 -11.64 43.95 8.69
CA ASP L 44 -11.96 45.28 9.19
C ASP L 44 -13.44 45.61 9.06
N SER L 45 -14.10 45.07 8.03
CA SER L 45 -15.50 45.33 7.79
C SER L 45 -16.44 44.57 8.73
N GLU L 46 -15.90 43.62 9.49
CA GLU L 46 -16.68 42.81 10.42
C GLU L 46 -16.01 42.78 11.76
N ALA L 47 -15.74 43.94 12.35
CA ALA L 47 -15.03 43.92 13.61
C ALA L 47 -15.85 44.52 14.73
N ASN L 48 -16.02 43.76 15.80
CA ASN L 48 -16.75 44.24 16.97
C ASN L 48 -15.92 45.06 17.97
N PRO L 49 -14.76 44.59 18.47
CA PRO L 49 -13.95 45.27 19.44
C PRO L 49 -13.25 46.39 18.74
N VAL L 50 -12.82 47.40 19.47
CA VAL L 50 -12.05 48.49 18.88
C VAL L 50 -10.65 48.57 19.44
N ASP L 51 -10.28 47.55 20.17
CA ASP L 51 -8.98 47.44 20.78
C ASP L 51 -7.99 46.98 19.74
N ALA L 52 -6.72 47.31 19.90
CA ALA L 52 -5.79 46.72 18.97
C ALA L 52 -5.85 45.23 19.24
N PRO L 53 -5.85 44.37 18.22
CA PRO L 53 -5.85 42.93 18.36
C PRO L 53 -4.51 42.42 18.77
N THR L 54 -4.53 41.29 19.43
CA THR L 54 -3.33 40.56 19.75
C THR L 54 -3.29 39.32 18.90
N GLU L 55 -2.21 39.15 18.17
CA GLU L 55 -2.05 38.00 17.31
C GLU L 55 -0.85 37.20 17.81
N PRO L 56 -1.04 36.13 18.59
CA PRO L 56 0.00 35.34 19.20
C PRO L 56 0.80 34.59 18.17
N ASP L 57 0.26 34.49 16.97
CA ASP L 57 0.91 33.83 15.88
C ASP L 57 1.35 32.42 16.27
N VAL L 58 2.60 32.07 15.97
CA VAL L 58 3.11 30.74 16.24
C VAL L 58 3.23 30.34 17.69
N SER L 59 3.08 31.27 18.61
CA SER L 59 3.16 30.85 20.00
C SER L 59 1.90 30.09 20.39
N SER L 60 0.80 30.30 19.67
CA SER L 60 -0.42 29.58 19.98
C SER L 60 -0.82 28.64 18.86
N ASN L 61 -0.45 28.95 17.64
CA ASN L 61 -0.89 28.16 16.51
C ASN L 61 0.04 27.00 16.27
N ARG L 62 -0.02 26.04 17.16
CA ARG L 62 0.84 24.86 17.16
C ARG L 62 0.06 23.71 17.70
N PHE L 63 0.51 22.47 17.50
CA PHE L 63 -0.24 21.35 18.01
C PHE L 63 0.04 20.97 19.44
N TYR L 64 -1.04 20.71 20.16
CA TYR L 64 -1.01 20.24 21.52
C TYR L 64 -1.64 18.88 21.57
N THR L 65 -1.12 18.01 22.41
CA THR L 65 -1.72 16.68 22.53
C THR L 65 -2.45 16.51 23.85
N LEU L 66 -3.70 16.07 23.77
CA LEU L 66 -4.52 15.89 24.94
C LEU L 66 -4.23 14.53 25.52
N GLU L 67 -4.55 14.31 26.78
CA GLU L 67 -4.32 13.01 27.36
C GLU L 67 -5.03 11.93 26.57
N SER L 68 -4.32 10.84 26.33
CA SER L 68 -4.84 9.71 25.60
C SER L 68 -5.93 9.00 26.36
N VAL L 69 -6.86 8.41 25.62
CA VAL L 69 -7.90 7.62 26.25
C VAL L 69 -7.82 6.24 25.67
N SER L 70 -8.39 5.26 26.33
CA SER L 70 -8.33 3.93 25.75
C SER L 70 -9.65 3.52 25.20
N TRP L 71 -9.59 2.83 24.09
CA TRP L 71 -10.74 2.27 23.44
C TRP L 71 -10.89 0.84 23.83
N LYS L 72 -11.91 0.61 24.62
CA LYS L 72 -12.25 -0.70 25.12
C LYS L 72 -13.48 -1.14 24.41
N THR L 73 -13.76 -2.42 24.46
CA THR L 73 -14.89 -3.00 23.78
C THR L 73 -16.21 -2.62 24.41
N THR L 74 -16.16 -2.04 25.59
CA THR L 74 -17.31 -1.60 26.33
C THR L 74 -17.44 -0.09 26.35
N SER L 75 -16.53 0.63 25.70
CA SER L 75 -16.61 2.08 25.73
C SER L 75 -17.75 2.54 24.90
N ARG L 76 -18.43 3.60 25.32
CA ARG L 76 -19.53 4.08 24.53
C ARG L 76 -19.22 5.41 23.89
N GLY L 77 -17.98 5.87 24.02
CA GLY L 77 -17.60 7.13 23.42
C GLY L 77 -16.92 8.10 24.37
N TRP L 78 -16.36 9.15 23.78
CA TRP L 78 -15.62 10.19 24.49
C TRP L 78 -15.99 11.57 24.00
N TRP L 79 -15.87 12.57 24.85
CA TRP L 79 -16.09 13.92 24.35
C TRP L 79 -15.21 14.99 24.96
N TRP L 80 -14.98 16.03 24.18
CA TRP L 80 -14.18 17.16 24.62
C TRP L 80 -14.77 18.51 24.21
N LYS L 81 -14.52 19.54 24.99
CA LYS L 81 -14.90 20.88 24.54
C LYS L 81 -13.61 21.55 24.15
N LEU L 82 -13.53 22.21 22.98
CA LEU L 82 -12.23 22.67 22.53
C LEU L 82 -11.48 23.73 23.32
N PRO L 83 -11.99 24.96 23.50
CA PRO L 83 -11.27 25.98 24.22
C PRO L 83 -11.10 25.53 25.64
N ASP L 84 -11.95 24.63 26.12
CA ASP L 84 -11.73 24.17 27.46
C ASP L 84 -10.50 23.27 27.51
N CYS L 85 -10.36 22.37 26.55
CA CYS L 85 -9.24 21.45 26.60
C CYS L 85 -7.90 22.11 26.55
N LEU L 86 -7.80 23.17 25.78
CA LEU L 86 -6.54 23.82 25.63
C LEU L 86 -6.34 24.98 26.58
N LYS L 87 -7.26 25.18 27.52
CA LYS L 87 -7.18 26.33 28.40
C LYS L 87 -5.93 26.39 29.23
N ASP L 88 -5.32 25.25 29.54
CA ASP L 88 -4.13 25.27 30.36
C ASP L 88 -2.88 24.90 29.58
N MET L 89 -2.94 24.91 28.25
CA MET L 89 -1.75 24.49 27.51
C MET L 89 -1.05 25.58 26.71
N GLY L 90 0.22 25.80 27.06
CA GLY L 90 1.08 26.73 26.34
C GLY L 90 0.61 28.15 26.40
N MET L 91 1.00 28.92 25.37
CA MET L 91 0.62 30.29 25.31
C MET L 91 -0.82 30.46 24.96
N PHE L 92 -1.40 29.51 24.25
CA PHE L 92 -2.79 29.64 23.92
C PHE L 92 -3.57 29.70 25.21
N GLY L 93 -3.28 28.77 26.11
CA GLY L 93 -3.97 28.75 27.38
C GLY L 93 -3.74 30.05 28.16
N GLN L 94 -2.52 30.56 28.17
CA GLN L 94 -2.33 31.78 28.95
C GLN L 94 -3.07 32.95 28.37
N ASN L 95 -3.10 33.04 27.05
CA ASN L 95 -3.75 34.14 26.39
C ASN L 95 -5.25 34.05 26.58
N MET L 96 -5.75 32.85 26.71
CA MET L 96 -7.16 32.67 26.93
C MET L 96 -7.58 33.29 28.22
N TYR L 97 -6.73 33.21 29.23
CA TYR L 97 -7.10 33.79 30.51
C TYR L 97 -6.83 35.29 30.59
N TYR L 98 -5.82 35.77 29.87
CA TYR L 98 -5.52 37.21 29.94
C TYR L 98 -6.46 38.06 29.10
N HIS L 99 -6.97 37.52 28.02
CA HIS L 99 -7.79 38.30 27.16
C HIS L 99 -9.26 37.94 27.25
N TYR L 100 -10.08 38.93 27.51
CA TYR L 100 -11.50 38.73 27.64
C TYR L 100 -12.15 38.13 26.41
N LEU L 101 -11.83 38.66 25.25
CA LEU L 101 -12.40 38.18 24.00
C LEU L 101 -11.36 37.45 23.18
N GLY L 102 -11.81 36.51 22.37
CA GLY L 102 -10.91 35.86 21.44
C GLY L 102 -11.62 35.00 20.41
N ARG L 103 -10.84 34.68 19.40
CA ARG L 103 -11.27 33.87 18.29
C ARG L 103 -10.22 32.92 17.85
N SER L 104 -10.61 31.72 17.51
CA SER L 104 -9.66 30.81 16.90
C SER L 104 -10.38 29.72 16.13
N GLY L 105 -9.76 29.26 15.06
CA GLY L 105 -10.24 28.10 14.37
C GLY L 105 -9.35 27.01 14.86
N TYR L 106 -9.56 25.79 14.41
CA TYR L 106 -8.72 24.69 14.86
C TYR L 106 -8.36 23.65 13.83
N THR L 107 -7.26 22.96 14.03
CA THR L 107 -7.00 21.75 13.28
C THR L 107 -7.13 20.64 14.27
N ILE L 108 -8.03 19.72 14.01
CA ILE L 108 -8.24 18.61 14.93
C ILE L 108 -7.82 17.33 14.28
N HIS L 109 -6.90 16.65 14.90
CA HIS L 109 -6.38 15.42 14.36
C HIS L 109 -6.54 14.27 15.35
N VAL L 110 -7.29 13.27 14.94
CA VAL L 110 -7.56 12.14 15.82
C VAL L 110 -6.79 10.93 15.37
N GLN L 111 -6.05 10.37 16.30
CA GLN L 111 -5.16 9.26 16.03
C GLN L 111 -5.56 7.94 16.69
N CYS L 112 -5.63 6.86 15.91
CA CYS L 112 -5.93 5.55 16.48
C CYS L 112 -5.48 4.41 15.58
N ASN L 113 -4.35 3.82 15.87
CA ASN L 113 -3.82 2.75 15.05
C ASN L 113 -4.17 1.39 15.60
N ALA L 114 -4.17 0.40 14.72
CA ALA L 114 -4.44 -0.97 15.09
C ALA L 114 -3.82 -1.88 14.06
N SER L 115 -3.73 -3.18 14.33
CA SER L 115 -3.12 -4.06 13.36
C SER L 115 -4.11 -4.39 12.28
N LYS L 116 -3.66 -5.03 11.22
CA LYS L 116 -4.54 -5.39 10.11
C LYS L 116 -5.66 -6.34 10.53
N PHE L 117 -5.40 -7.07 11.59
CA PHE L 117 -6.27 -8.08 12.18
C PHE L 117 -7.36 -7.49 13.06
N HIS L 118 -7.24 -6.21 13.40
CA HIS L 118 -8.19 -5.55 14.26
C HIS L 118 -9.32 -4.99 13.45
N GLN L 119 -10.47 -4.85 14.08
CA GLN L 119 -11.58 -4.23 13.40
C GLN L 119 -12.36 -3.33 14.32
N GLY L 120 -13.09 -2.39 13.74
CA GLY L 120 -13.93 -1.46 14.49
C GLY L 120 -13.84 -0.08 13.85
N ALA L 121 -14.68 0.84 14.28
CA ALA L 121 -14.66 2.16 13.65
C ALA L 121 -15.09 3.26 14.59
N LEU L 122 -14.42 4.41 14.48
CA LEU L 122 -14.74 5.57 15.29
C LEU L 122 -15.22 6.75 14.49
N GLY L 123 -16.38 7.25 14.82
CA GLY L 123 -16.85 8.41 14.11
C GLY L 123 -16.35 9.59 14.86
N VAL L 124 -15.79 10.56 14.16
CA VAL L 124 -15.32 11.77 14.78
C VAL L 124 -16.19 12.89 14.29
N PHE L 125 -16.90 13.55 15.20
CA PHE L 125 -17.81 14.58 14.79
C PHE L 125 -17.48 15.88 15.46
N LEU L 126 -17.62 16.97 14.74
CA LEU L 126 -17.43 18.27 15.39
C LEU L 126 -18.72 18.99 15.45
N ILE L 127 -19.14 19.25 16.65
CA ILE L 127 -20.42 19.85 16.85
C ILE L 127 -20.31 21.26 17.36
N PRO L 128 -20.77 22.28 16.66
CA PRO L 128 -20.74 23.62 17.14
C PRO L 128 -21.82 23.59 18.17
N GLU L 129 -21.65 24.31 19.24
CA GLU L 129 -22.65 24.39 20.28
C GLU L 129 -23.08 23.03 20.76
N PHE L 130 -22.11 22.22 21.16
CA PHE L 130 -22.44 20.91 21.66
C PHE L 130 -22.97 21.01 23.08
N VAL L 131 -24.23 21.39 23.14
CA VAL L 131 -24.93 21.59 24.38
C VAL L 131 -25.48 20.26 24.80
N MET L 132 -25.22 19.90 26.03
CA MET L 132 -25.63 18.63 26.59
C MET L 132 -26.59 18.81 27.76
N ALA L 133 -27.45 17.82 27.95
CA ALA L 133 -28.48 17.73 28.99
C ALA L 133 -27.91 17.55 30.39
N CYS L 134 -28.58 18.10 31.40
CA CYS L 134 -28.16 17.90 32.78
C CYS L 134 -28.67 16.57 33.33
N ASN L 135 -27.97 16.03 34.32
CA ASN L 135 -28.38 14.80 34.97
C ASN L 135 -29.59 14.90 35.89
N THR L 136 -29.75 15.99 36.61
CA THR L 136 -30.93 16.04 37.48
C THR L 136 -32.23 16.07 36.71
N GLU L 137 -33.21 15.34 37.25
CA GLU L 137 -34.54 15.30 36.70
C GLU L 137 -35.43 16.45 37.17
N SER L 138 -35.02 17.16 38.24
CA SER L 138 -35.89 18.19 38.81
C SER L 138 -35.55 19.63 38.45
N LYS L 139 -34.33 19.90 38.03
CA LYS L 139 -33.92 21.26 37.71
C LYS L 139 -33.35 21.26 36.32
N THR L 140 -33.93 22.01 35.42
CA THR L 140 -33.42 21.97 34.07
C THR L 140 -32.22 22.86 33.94
N SER L 141 -31.40 22.60 32.92
CA SER L 141 -30.24 23.42 32.61
C SER L 141 -29.44 23.68 33.89
N TYR L 142 -29.13 22.62 34.63
CA TYR L 142 -28.51 22.72 35.95
C TYR L 142 -27.04 22.28 36.06
N VAL L 143 -26.35 22.21 34.94
CA VAL L 143 -24.95 21.80 34.95
C VAL L 143 -23.98 22.87 35.42
N SER L 144 -23.09 22.48 36.32
CA SER L 144 -22.08 23.39 36.90
C SER L 144 -20.92 23.62 35.96
N TYR L 145 -20.14 24.67 36.23
CA TYR L 145 -18.94 25.04 35.49
C TYR L 145 -17.81 24.04 35.63
N ILE L 146 -17.84 23.27 36.70
CA ILE L 146 -16.80 22.30 37.03
C ILE L 146 -17.11 20.93 36.51
N ASN L 147 -18.38 20.53 36.55
CA ASN L 147 -18.71 19.22 36.02
C ASN L 147 -18.64 19.33 34.51
N ALA L 148 -18.92 20.52 34.00
CA ALA L 148 -18.75 20.88 32.61
C ALA L 148 -17.31 21.28 32.53
N ASN L 149 -16.77 21.45 31.35
CA ASN L 149 -15.40 21.92 31.26
C ASN L 149 -14.37 21.04 32.00
N PRO L 150 -14.25 19.76 31.66
CA PRO L 150 -13.36 18.78 32.26
C PRO L 150 -11.87 18.98 31.94
N GLY L 151 -11.54 19.85 30.99
CA GLY L 151 -10.16 20.01 30.55
C GLY L 151 -9.83 18.92 29.53
N GLU L 152 -8.53 18.66 29.35
CA GLU L 152 -8.01 17.74 28.34
C GLU L 152 -8.40 16.30 28.64
N ARG L 153 -8.86 16.10 29.86
CA ARG L 153 -9.32 14.82 30.34
C ARG L 153 -10.54 14.41 29.53
N GLY L 154 -11.37 15.40 29.18
CA GLY L 154 -12.58 15.14 28.44
C GLY L 154 -13.59 14.48 29.34
N GLY L 155 -14.63 13.98 28.73
CA GLY L 155 -15.68 13.27 29.40
C GLY L 155 -15.94 12.00 28.64
N GLU L 156 -16.95 11.28 29.05
CA GLU L 156 -17.29 10.01 28.43
C GLU L 156 -18.77 9.86 28.23
N PHE L 157 -19.13 8.98 27.32
CA PHE L 157 -20.53 8.68 27.12
C PHE L 157 -20.91 7.38 27.80
N THR L 158 -22.15 7.31 28.21
CA THR L 158 -22.74 6.13 28.83
C THR L 158 -23.77 5.50 27.95
N ASN L 159 -24.30 4.37 28.36
CA ASN L 159 -25.36 3.73 27.60
C ASN L 159 -26.64 3.66 28.39
N THR L 160 -26.62 4.25 29.57
CA THR L 160 -27.76 4.28 30.46
C THR L 160 -28.05 5.67 30.95
N TYR L 161 -29.30 6.09 30.89
CA TYR L 161 -29.62 7.37 31.49
C TYR L 161 -30.13 7.08 32.87
N ASN L 162 -29.41 7.56 33.84
CA ASN L 162 -29.73 7.34 35.24
C ASN L 162 -29.74 8.70 35.91
N PRO L 163 -30.90 9.40 35.94
CA PRO L 163 -31.11 10.74 36.45
C PRO L 163 -30.86 10.75 37.94
N SER L 164 -30.47 11.93 38.49
CA SER L 164 -30.26 12.12 39.94
C SER L 164 -30.45 13.61 40.28
N SER L 169 -25.63 15.04 44.39
CA SER L 169 -24.20 15.22 44.20
C SER L 169 -23.81 15.31 42.71
N GLU L 170 -24.42 14.45 41.85
CA GLU L 170 -24.20 14.36 40.41
C GLU L 170 -25.27 15.05 39.60
N GLY L 171 -26.21 15.71 40.25
CA GLY L 171 -27.29 16.33 39.49
C GLY L 171 -26.80 17.43 38.55
N ARG L 172 -25.59 17.93 38.85
CA ARG L 172 -24.90 18.99 38.14
C ARG L 172 -23.99 18.51 37.00
N LYS L 173 -23.91 17.20 36.75
CA LYS L 173 -23.07 16.72 35.65
C LYS L 173 -23.93 16.49 34.43
N PHE L 174 -23.31 16.18 33.30
CA PHE L 174 -24.05 15.91 32.08
C PHE L 174 -24.58 14.50 31.95
N ALA L 175 -25.77 14.41 31.39
CA ALA L 175 -26.44 13.16 31.08
C ALA L 175 -25.94 12.69 29.73
N ALA L 176 -24.68 12.30 29.67
CA ALA L 176 -24.02 12.00 28.41
C ALA L 176 -24.33 10.65 27.83
N LEU L 177 -25.62 10.41 27.48
CA LEU L 177 -26.03 9.18 26.73
C LEU L 177 -25.24 9.17 25.43
N ASP L 178 -24.84 7.99 24.99
CA ASP L 178 -24.25 7.92 23.65
C ASP L 178 -25.29 7.91 22.56
N TYR L 179 -26.39 7.18 22.76
CA TYR L 179 -27.32 6.98 21.61
C TYR L 179 -28.20 8.20 21.33
N LEU L 180 -28.25 9.20 22.23
CA LEU L 180 -28.86 10.46 21.88
C LEU L 180 -27.88 11.64 21.94
N LEU L 181 -26.57 11.34 21.87
CA LEU L 181 -25.51 12.34 21.87
C LEU L 181 -25.53 13.28 23.04
N GLY L 182 -26.04 12.84 24.17
CA GLY L 182 -26.10 13.69 25.33
C GLY L 182 -27.17 14.76 25.28
N SER L 183 -27.96 14.84 24.20
CA SER L 183 -28.95 15.93 24.07
C SER L 183 -30.33 15.56 23.54
N GLY L 184 -30.61 14.28 23.32
CA GLY L 184 -31.95 13.95 22.82
C GLY L 184 -31.99 13.86 21.31
N VAL L 185 -30.83 13.76 20.71
CA VAL L 185 -30.68 13.71 19.29
C VAL L 185 -30.07 12.41 18.83
N LEU L 186 -30.73 11.69 17.95
CA LEU L 186 -30.20 10.41 17.52
C LEU L 186 -28.86 10.56 16.88
N ALA L 187 -27.93 9.72 17.33
CA ALA L 187 -26.57 9.70 16.85
C ALA L 187 -26.43 9.45 15.38
N GLY L 188 -27.34 8.73 14.77
CA GLY L 188 -27.18 8.44 13.35
C GLY L 188 -27.21 9.71 12.49
N ASN L 189 -27.74 10.79 13.04
CA ASN L 189 -27.83 11.99 12.26
C ASN L 189 -26.67 12.92 12.54
N ALA L 190 -25.70 12.46 13.33
CA ALA L 190 -24.53 13.21 13.73
C ALA L 190 -23.67 13.54 12.52
N PHE L 191 -23.87 12.80 11.46
CA PHE L 191 -23.14 12.90 10.23
C PHE L 191 -23.44 14.20 9.50
N VAL L 192 -24.45 14.92 9.97
CA VAL L 192 -24.75 16.23 9.41
C VAL L 192 -23.62 17.20 9.76
N TYR L 193 -22.94 16.95 10.87
CA TYR L 193 -21.87 17.78 11.35
C TYR L 193 -20.62 17.40 10.60
N PRO L 194 -19.59 18.25 10.48
CA PRO L 194 -18.37 17.86 9.85
C PRO L 194 -17.92 16.62 10.55
N HIS L 195 -17.54 15.61 9.81
CA HIS L 195 -17.14 14.38 10.44
C HIS L 195 -16.25 13.57 9.58
N GLN L 196 -15.53 12.67 10.23
CA GLN L 196 -14.69 11.77 9.49
C GLN L 196 -14.65 10.47 10.25
N ILE L 197 -14.38 9.35 9.59
CA ILE L 197 -14.41 8.08 10.30
C ILE L 197 -13.07 7.42 10.30
N ILE L 198 -12.63 6.99 11.47
CA ILE L 198 -11.43 6.23 11.49
C ILE L 198 -11.86 4.80 11.45
N ASN L 199 -11.69 4.20 10.31
CA ASN L 199 -12.08 2.83 10.09
C ASN L 199 -10.81 2.09 10.27
N LEU L 200 -10.69 1.25 11.27
CA LEU L 200 -9.38 0.65 11.48
C LEU L 200 -8.97 -0.14 10.24
N ARG L 201 -9.94 -0.54 9.45
CA ARG L 201 -9.75 -1.26 8.23
C ARG L 201 -9.00 -0.46 7.14
N THR L 202 -9.22 0.86 7.07
CA THR L 202 -8.63 1.69 6.01
C THR L 202 -7.74 2.87 6.40
N ASN L 203 -7.88 3.37 7.61
CA ASN L 203 -7.14 4.54 8.01
C ASN L 203 -6.91 4.56 9.50
N ASN L 204 -5.86 5.24 9.94
CA ASN L 204 -5.58 5.30 11.37
C ASN L 204 -5.70 6.70 11.90
N SER L 205 -6.22 7.58 11.06
CA SER L 205 -6.37 8.94 11.51
C SER L 205 -7.43 9.69 10.78
N ALA L 206 -7.82 10.80 11.39
CA ALA L 206 -8.77 11.70 10.80
C ALA L 206 -8.36 13.14 11.04
N THR L 207 -8.56 14.00 10.05
CA THR L 207 -8.22 15.40 10.22
C THR L 207 -9.33 16.33 9.82
N ILE L 208 -9.71 17.24 10.71
CA ILE L 208 -10.73 18.20 10.37
C ILE L 208 -10.25 19.64 10.63
N VAL L 209 -10.36 20.49 9.63
CA VAL L 209 -10.04 21.90 9.73
C VAL L 209 -11.32 22.60 10.07
N VAL L 210 -11.27 23.39 11.12
CA VAL L 210 -12.44 24.02 11.64
C VAL L 210 -12.39 25.55 11.70
N PRO L 211 -13.25 26.27 11.00
CA PRO L 211 -13.31 27.71 10.99
C PRO L 211 -13.92 28.11 12.30
N TYR L 212 -13.71 29.33 12.72
CA TYR L 212 -14.44 29.79 13.88
C TYR L 212 -15.90 29.96 13.54
N VAL L 213 -16.79 29.40 14.34
CA VAL L 213 -18.20 29.56 14.11
C VAL L 213 -18.93 30.06 15.33
N ASN L 214 -19.58 31.19 15.18
CA ASN L 214 -20.38 31.80 16.22
C ASN L 214 -21.32 32.78 15.55
N SER L 215 -22.16 33.41 16.35
CA SER L 215 -23.03 34.50 15.92
C SER L 215 -22.29 35.81 16.06
N LEU L 216 -21.15 35.74 16.69
CA LEU L 216 -20.32 36.89 16.94
C LEU L 216 -19.02 36.82 16.23
N VAL L 217 -18.46 37.97 15.99
CA VAL L 217 -17.16 38.09 15.40
C VAL L 217 -16.09 37.51 16.31
N ILE L 218 -16.21 37.78 17.60
CA ILE L 218 -15.25 37.35 18.60
C ILE L 218 -16.04 37.13 19.90
N ASP L 219 -15.63 36.20 20.77
CA ASP L 219 -16.40 35.99 22.01
C ASP L 219 -15.51 35.62 23.21
N CYS L 220 -16.08 35.41 24.37
CA CYS L 220 -15.26 35.10 25.53
C CYS L 220 -15.08 33.59 25.66
N MET L 221 -13.84 33.13 25.53
CA MET L 221 -13.54 31.70 25.53
C MET L 221 -13.81 31.04 26.87
N ALA L 222 -13.76 31.81 27.94
CA ALA L 222 -14.01 31.27 29.26
C ALA L 222 -15.51 31.04 29.48
N LYS L 223 -16.37 31.59 28.62
CA LYS L 223 -17.79 31.41 28.80
C LYS L 223 -18.40 30.51 27.77
N HIS L 224 -17.87 30.54 26.55
CA HIS L 224 -18.51 29.80 25.47
C HIS L 224 -17.64 28.79 24.74
N ASN L 225 -18.02 27.54 24.83
CA ASN L 225 -17.27 26.47 24.20
C ASN L 225 -17.74 26.23 22.78
N ASN L 226 -17.47 27.19 21.92
CA ASN L 226 -17.88 27.14 20.53
C ASN L 226 -17.90 25.73 19.90
N TRP L 227 -16.76 25.08 19.76
CA TRP L 227 -16.76 23.75 19.17
C TRP L 227 -16.53 22.64 20.17
N GLY L 228 -17.23 21.52 19.97
CA GLY L 228 -16.98 20.32 20.77
C GLY L 228 -16.64 19.12 19.88
N ILE L 229 -15.99 18.13 20.48
CA ILE L 229 -15.59 16.90 19.80
C ILE L 229 -16.29 15.71 20.35
N VAL L 230 -16.90 14.96 19.47
CA VAL L 230 -17.53 13.72 19.85
C VAL L 230 -16.95 12.55 19.12
N ILE L 231 -16.47 11.56 19.85
CA ILE L 231 -15.94 10.37 19.22
C ILE L 231 -16.76 9.17 19.65
N LEU L 232 -17.33 8.47 18.69
CA LEU L 232 -18.16 7.33 19.03
C LEU L 232 -17.71 6.05 18.37
N PRO L 233 -17.81 4.92 19.03
CA PRO L 233 -17.60 3.62 18.46
C PRO L 233 -18.78 3.28 17.60
N LEU L 234 -18.62 3.44 16.30
CA LEU L 234 -19.71 3.19 15.36
C LEU L 234 -19.76 1.70 15.12
N ALA L 235 -18.60 1.08 15.24
CA ALA L 235 -18.51 -0.35 15.10
C ALA L 235 -17.58 -0.76 16.24
N PRO L 236 -17.86 -1.86 16.94
CA PRO L 236 -17.12 -2.30 18.10
C PRO L 236 -15.74 -2.74 17.76
N LEU L 237 -14.84 -2.57 18.71
CA LEU L 237 -13.47 -3.01 18.56
C LEU L 237 -13.38 -4.51 18.79
N ALA L 238 -12.64 -5.20 17.94
CA ALA L 238 -12.43 -6.64 18.12
C ALA L 238 -11.08 -7.08 17.59
N PHE L 239 -10.48 -8.07 18.26
CA PHE L 239 -9.10 -8.50 17.90
C PHE L 239 -8.97 -10.01 18.15
N ALA L 240 -9.59 -10.82 17.29
CA ALA L 240 -9.31 -12.28 17.24
C ALA L 240 -9.71 -12.94 18.54
N ALA L 241 -10.18 -12.17 19.51
CA ALA L 241 -10.66 -12.70 20.81
C ALA L 241 -9.52 -13.33 21.61
N THR L 242 -8.27 -12.98 21.30
CA THR L 242 -7.17 -13.49 22.14
C THR L 242 -7.45 -12.92 23.53
N SER L 243 -7.79 -11.65 23.57
CA SER L 243 -8.24 -11.00 24.83
C SER L 243 -9.09 -9.82 24.37
N SER L 244 -10.00 -9.32 25.19
CA SER L 244 -10.71 -8.11 24.71
C SER L 244 -9.62 -7.09 24.43
N PRO L 245 -9.44 -6.55 23.17
CA PRO L 245 -8.35 -5.68 22.82
C PRO L 245 -8.55 -4.31 23.38
N GLN L 246 -7.46 -3.58 23.53
CA GLN L 246 -7.54 -2.17 23.85
C GLN L 246 -6.58 -1.46 22.94
N VAL L 247 -7.00 -0.34 22.40
CA VAL L 247 -6.10 0.45 21.60
C VAL L 247 -6.23 1.87 22.11
N PRO L 248 -5.22 2.70 22.03
CA PRO L 248 -5.25 4.09 22.42
C PRO L 248 -5.95 4.95 21.40
N ILE L 249 -6.51 6.06 21.84
CA ILE L 249 -6.96 7.13 20.98
C ILE L 249 -6.31 8.42 21.45
N THR L 250 -5.63 9.08 20.55
CA THR L 250 -4.96 10.32 20.94
C THR L 250 -5.50 11.49 20.13
N VAL L 251 -5.90 12.56 20.81
CA VAL L 251 -6.45 13.71 20.11
C VAL L 251 -5.49 14.89 20.17
N THR L 252 -5.10 15.36 18.99
CA THR L 252 -4.14 16.45 18.85
C THR L 252 -4.82 17.69 18.25
N ILE L 253 -4.71 18.84 18.90
CA ILE L 253 -5.39 20.04 18.41
C ILE L 253 -4.51 21.26 18.32
N ALA L 254 -4.66 22.03 17.24
CA ALA L 254 -3.95 23.31 17.15
C ALA L 254 -4.91 24.44 16.83
N PRO L 255 -4.86 25.57 17.50
CA PRO L 255 -5.57 26.78 17.16
C PRO L 255 -5.05 27.30 15.83
N MET L 256 -5.89 28.00 15.08
CA MET L 256 -5.49 28.63 13.84
C MET L 256 -6.01 30.05 13.73
N CYS L 257 -5.20 30.94 13.18
CA CYS L 257 -5.61 32.34 13.00
C CYS L 257 -6.17 32.90 14.29
N THR L 258 -5.47 32.63 15.38
CA THR L 258 -5.91 33.06 16.69
C THR L 258 -5.78 34.56 16.89
N GLU L 259 -6.82 35.17 17.46
CA GLU L 259 -6.83 36.59 17.84
C GLU L 259 -7.41 36.82 19.21
N PHE L 260 -6.88 37.80 19.90
CA PHE L 260 -7.46 38.18 21.18
C PHE L 260 -7.63 39.69 21.37
N ASN L 261 -8.63 40.07 22.17
CA ASN L 261 -8.91 41.47 22.48
C ASN L 261 -9.23 41.74 23.95
N GLY L 262 -8.80 42.90 24.40
CA GLY L 262 -9.05 43.36 25.75
C GLY L 262 -7.92 42.79 26.57
N LEU L 263 -7.72 43.28 27.77
CA LEU L 263 -6.68 42.73 28.61
C LEU L 263 -7.02 42.99 30.06
N ARG L 264 -7.10 41.93 30.83
CA ARG L 264 -7.50 42.00 32.23
C ARG L 264 -6.54 41.23 33.11
N ASN L 265 -6.66 41.42 34.40
CA ASN L 265 -5.86 40.62 35.30
C ASN L 265 -6.20 39.21 34.92
N ILE L 266 -5.23 38.31 34.96
CA ILE L 266 -5.51 36.98 34.46
C ILE L 266 -6.73 36.40 35.12
N THR L 267 -7.61 35.85 34.30
CA THR L 267 -8.81 35.25 34.80
C THR L 267 -8.48 33.92 35.41
N VAL L 268 -8.93 33.70 36.63
CA VAL L 268 -8.72 32.42 37.24
C VAL L 268 -10.09 31.90 37.65
N PRO L 269 -10.61 30.87 36.99
CA PRO L 269 -11.93 30.31 37.13
C PRO L 269 -12.09 29.48 38.38
N VAL L 270 -13.31 29.15 38.72
CA VAL L 270 -13.55 28.19 39.79
C VAL L 270 -12.92 26.92 39.31
N HIS L 271 -12.20 26.26 40.18
CA HIS L 271 -11.58 25.01 39.81
C HIS L 271 -11.65 24.09 41.01
N GLN L 272 -11.58 22.76 40.78
CA GLN L 272 -11.54 21.69 41.77
C GLN L 272 -11.47 20.39 40.98
N GLY M 1 -64.05 58.82 -0.33
CA GLY M 1 -63.05 57.80 -0.56
C GLY M 1 -63.44 56.99 -1.79
N LEU M 2 -62.60 55.99 -2.14
CA LEU M 2 -62.78 55.08 -3.27
C LEU M 2 -63.84 54.03 -2.95
N PRO M 3 -64.93 53.91 -3.70
CA PRO M 3 -65.95 52.93 -3.41
C PRO M 3 -65.28 51.59 -3.40
N THR M 4 -65.49 50.82 -2.35
CA THR M 4 -64.88 49.53 -2.23
C THR M 4 -65.83 48.47 -1.72
N MET M 5 -65.80 47.29 -2.33
CA MET M 5 -66.56 46.18 -1.79
C MET M 5 -65.57 45.26 -1.12
N ASN M 6 -65.94 44.72 0.02
CA ASN M 6 -65.10 43.79 0.74
C ASN M 6 -65.42 42.38 0.30
N THR M 7 -64.47 41.76 -0.36
CA THR M 7 -64.66 40.45 -0.94
C THR M 7 -64.53 39.37 0.13
N PRO M 8 -65.00 38.14 -0.13
CA PRO M 8 -64.84 37.03 0.74
C PRO M 8 -63.38 36.87 1.01
N GLY M 9 -63.04 36.49 2.22
CA GLY M 9 -61.66 36.33 2.60
C GLY M 9 -61.25 37.52 3.46
N SER M 10 -62.06 38.56 3.46
CA SER M 10 -61.75 39.70 4.29
C SER M 10 -61.76 39.33 5.74
N ASN M 11 -60.84 39.93 6.48
CA ASN M 11 -60.67 39.77 7.92
C ASN M 11 -60.43 38.35 8.38
N GLN M 12 -59.78 37.53 7.56
CA GLN M 12 -59.46 36.14 8.00
C GLN M 12 -57.97 36.03 8.34
N PHE M 13 -57.65 35.19 9.31
CA PHE M 13 -56.26 34.93 9.62
C PHE M 13 -55.83 33.61 9.07
N LEU M 14 -54.97 33.68 8.09
CA LEU M 14 -54.46 32.52 7.45
C LEU M 14 -52.99 32.42 7.74
N THR M 15 -52.59 31.31 8.34
CA THR M 15 -51.24 31.11 8.80
C THR M 15 -50.24 30.92 7.68
N SER M 16 -50.72 30.68 6.48
CA SER M 16 -49.87 30.52 5.31
C SER M 16 -49.93 31.74 4.39
N ASP M 17 -50.61 32.80 4.86
CA ASP M 17 -50.82 34.02 4.04
C ASP M 17 -49.54 34.86 4.04
N ASP M 18 -49.34 35.67 3.00
CA ASP M 18 -48.18 36.54 2.97
C ASP M 18 -48.62 37.94 2.51
N PHE M 19 -48.66 38.84 3.50
CA PHE M 19 -49.13 40.23 3.33
C PHE M 19 -48.32 41.08 4.30
N GLN M 20 -48.19 42.38 4.01
CA GLN M 20 -47.31 43.18 4.84
C GLN M 20 -47.94 43.54 6.16
N SER M 21 -47.21 44.23 7.00
CA SER M 21 -47.77 44.65 8.27
C SER M 21 -46.91 45.78 8.82
N PRO M 22 -47.43 46.70 9.63
CA PRO M 22 -46.69 47.79 10.20
C PRO M 22 -45.64 47.30 11.15
N CYS M 23 -44.54 48.00 11.20
CA CYS M 23 -43.45 47.66 12.09
C CYS M 23 -43.72 48.17 13.49
N ALA M 24 -43.54 47.31 14.47
CA ALA M 24 -43.74 47.63 15.88
C ALA M 24 -42.56 48.42 16.43
N LEU M 25 -41.44 48.40 15.71
CA LEU M 25 -40.21 49.05 16.10
C LEU M 25 -39.71 49.93 14.94
N PRO M 26 -40.38 51.03 14.63
CA PRO M 26 -40.09 51.85 13.47
C PRO M 26 -38.73 52.44 13.59
N ASN M 27 -38.03 52.52 12.47
CA ASN M 27 -36.69 53.09 12.38
C ASN M 27 -35.64 52.33 13.15
N PHE M 28 -35.91 51.09 13.51
CA PHE M 28 -34.92 50.31 14.21
C PHE M 28 -33.69 50.00 13.37
N ASP M 29 -32.53 50.22 13.96
CA ASP M 29 -31.25 49.96 13.32
C ASP M 29 -30.87 48.52 13.54
N VAL M 30 -30.95 47.71 12.49
CA VAL M 30 -30.72 46.28 12.61
C VAL M 30 -29.25 45.92 12.59
N THR M 31 -28.85 45.10 13.55
CA THR M 31 -27.48 44.64 13.66
C THR M 31 -27.08 44.04 12.31
N PRO M 32 -25.97 44.47 11.69
CA PRO M 32 -25.54 44.03 10.38
C PRO M 32 -25.12 42.59 10.42
N PRO M 33 -25.18 41.87 9.30
CA PRO M 33 -24.75 40.50 9.12
C PRO M 33 -23.24 40.39 9.05
N ILE M 34 -22.74 39.20 9.36
CA ILE M 34 -21.34 38.84 9.18
C ILE M 34 -21.32 37.52 8.44
N HIS M 35 -20.21 37.17 7.82
CA HIS M 35 -20.14 35.91 7.10
C HIS M 35 -19.99 34.68 7.98
N ILE M 36 -21.10 34.16 8.46
CA ILE M 36 -21.07 32.98 9.30
C ILE M 36 -20.93 31.76 8.37
N PRO M 37 -19.93 30.87 8.54
CA PRO M 37 -19.70 29.69 7.73
C PRO M 37 -20.85 28.73 7.85
N GLY M 38 -21.13 27.94 6.80
CA GLY M 38 -22.16 26.89 6.87
C GLY M 38 -23.58 27.30 6.49
N GLU M 39 -23.76 28.41 5.80
CA GLU M 39 -25.11 28.83 5.46
C GLU M 39 -25.89 27.80 4.68
N VAL M 40 -27.12 27.59 5.13
CA VAL M 40 -28.09 26.69 4.55
C VAL M 40 -29.09 27.53 3.78
N LYS M 41 -29.40 27.13 2.57
CA LYS M 41 -30.38 27.87 1.79
C LYS M 41 -31.65 27.09 1.55
N ASN M 42 -31.55 25.77 1.51
CA ASN M 42 -32.68 24.91 1.19
C ASN M 42 -32.61 23.62 2.00
N MET M 43 -33.75 23.09 2.40
CA MET M 43 -33.76 21.87 3.20
C MET M 43 -33.26 20.67 2.41
N MET M 44 -33.28 20.75 1.09
CA MET M 44 -32.84 19.61 0.32
C MET M 44 -31.36 19.53 0.23
N GLU M 45 -30.66 20.52 0.77
CA GLU M 45 -29.23 20.43 0.82
C GLU M 45 -28.90 19.42 1.91
N LEU M 46 -29.72 19.37 2.96
CA LEU M 46 -29.38 18.54 4.10
C LEU M 46 -29.82 17.13 3.83
N ALA M 47 -30.82 17.02 2.99
CA ALA M 47 -31.36 15.73 2.60
C ALA M 47 -30.33 14.91 1.84
N GLU M 48 -29.28 15.54 1.29
CA GLU M 48 -28.30 14.85 0.48
C GLU M 48 -27.09 14.38 1.29
N ILE M 49 -27.13 14.58 2.61
CA ILE M 49 -26.02 14.17 3.46
C ILE M 49 -26.21 12.75 3.94
N ASP M 50 -25.20 11.90 3.77
CA ASP M 50 -25.35 10.51 4.19
C ASP M 50 -25.61 10.39 5.68
N THR M 51 -26.69 9.70 6.02
CA THR M 51 -27.15 9.46 7.38
C THR M 51 -27.12 8.01 7.77
N LEU M 52 -26.62 7.71 8.96
CA LEU M 52 -26.51 6.33 9.36
C LEU M 52 -27.91 5.78 9.66
N ILE M 53 -28.24 4.67 9.03
CA ILE M 53 -29.55 4.06 9.11
C ILE M 53 -29.65 3.11 10.30
N PRO M 54 -30.64 3.22 11.20
CA PRO M 54 -30.83 2.33 12.33
C PRO M 54 -31.48 1.05 11.84
N MET M 55 -30.72 0.33 11.04
CA MET M 55 -31.16 -0.84 10.32
C MET M 55 -31.57 -2.01 11.21
N ASN M 56 -30.89 -2.20 12.33
CA ASN M 56 -31.20 -3.30 13.21
C ASN M 56 -32.05 -2.85 14.36
N ALA M 57 -33.34 -2.99 14.22
CA ALA M 57 -34.27 -2.53 15.24
C ALA M 57 -34.91 -3.75 15.87
N VAL M 58 -34.17 -4.84 15.84
CA VAL M 58 -34.66 -6.07 16.40
C VAL M 58 -34.58 -5.91 17.89
N ASP M 59 -35.63 -6.31 18.58
CA ASP M 59 -35.68 -6.13 20.02
C ASP M 59 -34.39 -6.62 20.67
N GLY M 60 -33.88 -5.76 21.54
CA GLY M 60 -32.62 -5.91 22.26
C GLY M 60 -31.53 -5.00 21.69
N LYS M 61 -31.72 -4.56 20.45
CA LYS M 61 -30.83 -3.63 19.78
C LYS M 61 -31.54 -2.33 19.55
N VAL M 62 -32.73 -2.23 20.08
CA VAL M 62 -33.59 -1.08 19.88
C VAL M 62 -33.27 0.06 20.82
N ASN M 63 -33.24 1.27 20.27
CA ASN M 63 -32.97 2.50 20.98
C ASN M 63 -31.63 2.51 21.70
N THR M 64 -30.64 2.02 21.00
CA THR M 64 -29.28 1.95 21.42
C THR M 64 -28.40 1.99 20.18
N MET M 65 -27.14 2.39 20.33
CA MET M 65 -26.20 2.51 19.19
C MET M 65 -25.95 1.21 18.44
N GLU M 66 -26.26 0.11 19.06
CA GLU M 66 -26.07 -1.20 18.49
C GLU M 66 -26.95 -1.40 17.24
N MET M 67 -28.01 -0.59 17.13
CA MET M 67 -28.97 -0.67 16.04
C MET M 67 -28.39 -0.25 14.73
N TYR M 68 -27.27 0.42 14.77
CA TYR M 68 -26.72 0.89 13.54
C TYR M 68 -25.61 -0.04 13.04
N GLN M 69 -25.44 -1.17 13.69
CA GLN M 69 -24.37 -2.09 13.24
C GLN M 69 -25.02 -3.35 12.66
N ILE M 70 -25.16 -3.43 11.34
CA ILE M 70 -25.68 -4.70 10.74
C ILE M 70 -24.65 -5.80 10.97
N PRO M 71 -25.06 -7.05 11.18
CA PRO M 71 -24.10 -8.10 11.47
C PRO M 71 -23.64 -8.81 10.19
N LEU M 72 -22.39 -9.26 10.10
CA LEU M 72 -22.05 -10.12 8.99
C LEU M 72 -21.19 -11.26 9.51
N ASN M 73 -21.29 -12.43 8.91
CA ASN M 73 -20.49 -13.55 9.38
C ASN M 73 -19.71 -14.20 8.28
N ASP M 74 -18.66 -14.91 8.65
CA ASP M 74 -17.89 -15.66 7.69
C ASP M 74 -18.64 -16.92 7.24
N ASN M 75 -19.46 -17.43 8.14
CA ASN M 75 -20.29 -18.60 7.87
C ASN M 75 -21.29 -18.30 6.76
N LEU M 76 -21.31 -19.15 5.76
CA LEU M 76 -22.20 -18.95 4.63
C LEU M 76 -23.64 -19.33 4.91
N SER M 77 -24.55 -18.45 4.50
CA SER M 77 -25.99 -18.65 4.59
C SER M 77 -26.64 -18.07 3.36
N LYS M 78 -27.72 -18.70 2.94
CA LYS M 78 -28.47 -18.27 1.77
C LYS M 78 -29.55 -17.27 2.10
N ALA M 79 -29.74 -17.04 3.39
CA ALA M 79 -30.75 -16.12 3.88
C ALA M 79 -30.30 -14.70 3.61
N PRO M 80 -31.20 -13.74 3.48
CA PRO M 80 -30.86 -12.35 3.38
C PRO M 80 -30.26 -11.91 4.67
N ILE M 81 -29.37 -10.96 4.55
CA ILE M 81 -28.68 -10.31 5.63
C ILE M 81 -29.58 -9.27 6.20
N PHE M 82 -30.13 -8.44 5.32
CA PHE M 82 -31.16 -7.50 5.81
C PHE M 82 -32.17 -7.27 4.70
N CYS M 83 -33.31 -6.81 5.16
CA CYS M 83 -34.43 -6.42 4.30
C CYS M 83 -35.04 -5.11 4.75
N LEU M 84 -35.37 -4.26 3.80
CA LEU M 84 -35.97 -2.96 4.03
C LEU M 84 -37.05 -2.57 3.04
N SER M 85 -38.13 -1.97 3.48
CA SER M 85 -39.11 -1.49 2.52
C SER M 85 -38.76 -0.05 2.18
N LEU M 86 -38.76 0.29 0.90
CA LEU M 86 -38.33 1.64 0.52
C LEU M 86 -39.39 2.70 0.57
N SER M 87 -39.72 3.05 1.78
CA SER M 87 -40.68 4.09 2.05
C SER M 87 -39.99 4.98 3.08
N PRO M 88 -39.22 5.97 2.65
CA PRO M 88 -38.31 6.75 3.46
C PRO M 88 -39.02 7.60 4.49
N ALA M 89 -40.30 7.82 4.29
CA ALA M 89 -41.06 8.62 5.22
C ALA M 89 -41.94 7.74 6.15
N SER M 90 -41.87 6.41 6.05
CA SER M 90 -42.72 5.63 6.95
C SER M 90 -42.09 4.35 7.48
N ASP M 91 -41.13 3.75 6.79
CA ASP M 91 -40.56 2.53 7.31
C ASP M 91 -39.94 2.86 8.64
N LYS M 92 -40.14 1.99 9.61
CA LYS M 92 -39.63 2.20 10.95
C LYS M 92 -38.13 2.51 11.00
N ARG M 93 -37.36 1.94 10.08
CA ARG M 93 -35.94 2.15 10.05
C ARG M 93 -35.51 3.41 9.32
N LEU M 94 -36.34 3.94 8.42
CA LEU M 94 -35.94 5.12 7.66
C LEU M 94 -36.57 6.41 8.12
N SER M 95 -37.73 6.35 8.76
CA SER M 95 -38.44 7.57 9.09
C SER M 95 -37.70 8.48 10.05
N HIS M 96 -36.73 7.95 10.78
CA HIS M 96 -35.98 8.76 11.73
C HIS M 96 -34.56 9.13 11.30
N THR M 97 -34.22 8.87 10.05
CA THR M 97 -32.92 9.27 9.57
C THR M 97 -33.11 10.71 9.18
N MET M 98 -32.06 11.46 8.97
CA MET M 98 -32.22 12.83 8.51
C MET M 98 -33.13 12.91 7.30
N LEU M 99 -33.00 11.97 6.37
CA LEU M 99 -33.84 12.05 5.20
C LEU M 99 -35.29 11.85 5.59
N GLY M 100 -35.54 10.86 6.43
CA GLY M 100 -36.90 10.60 6.86
C GLY M 100 -37.48 11.74 7.66
N GLU M 101 -36.68 12.34 8.54
CA GLU M 101 -37.19 13.39 9.39
C GLU M 101 -37.57 14.57 8.54
N ILE M 102 -36.78 14.88 7.52
CA ILE M 102 -37.13 16.00 6.67
C ILE M 102 -38.40 15.66 5.91
N LEU M 103 -38.47 14.45 5.37
CA LEU M 103 -39.65 14.04 4.64
C LEU M 103 -40.89 14.00 5.47
N ASN M 104 -40.79 13.82 6.76
CA ASN M 104 -41.99 13.80 7.56
C ASN M 104 -42.59 15.18 7.76
N TYR M 105 -41.94 16.21 7.22
CA TYR M 105 -42.47 17.56 7.23
C TYR M 105 -43.11 17.80 5.89
N TYR M 106 -43.18 16.79 5.03
CA TYR M 106 -43.79 16.92 3.72
C TYR M 106 -44.82 15.83 3.43
N THR M 107 -45.76 16.10 2.52
CA THR M 107 -46.78 15.11 2.22
C THR M 107 -46.48 14.22 1.02
N HIS M 108 -45.62 14.67 0.13
CA HIS M 108 -45.26 13.95 -1.08
C HIS M 108 -43.78 14.03 -1.33
N TRP M 109 -43.23 13.06 -2.00
CA TRP M 109 -41.81 13.15 -2.30
C TRP M 109 -41.42 12.45 -3.56
N THR M 110 -40.30 12.83 -4.10
CA THR M 110 -39.84 12.17 -5.28
C THR M 110 -38.37 12.25 -5.46
N GLY M 111 -37.84 11.35 -6.24
CA GLY M 111 -36.43 11.35 -6.58
C GLY M 111 -35.78 10.05 -6.25
N SER M 112 -34.57 9.90 -6.74
CA SER M 112 -33.81 8.70 -6.55
C SER M 112 -33.23 8.73 -5.13
N ILE M 113 -33.05 7.55 -4.53
CA ILE M 113 -32.44 7.43 -3.20
C ILE M 113 -31.20 6.56 -3.20
N ARG M 114 -30.16 7.05 -2.56
CA ARG M 114 -28.90 6.32 -2.50
C ARG M 114 -28.65 5.66 -1.15
N PHE M 115 -28.19 4.42 -1.22
CA PHE M 115 -27.82 3.64 -0.05
C PHE M 115 -26.36 3.26 -0.08
N THR M 116 -25.58 3.80 0.83
CA THR M 116 -24.15 3.54 0.80
C THR M 116 -23.74 2.68 1.96
N PHE M 117 -23.01 1.62 1.68
CA PHE M 117 -22.65 0.72 2.75
C PHE M 117 -21.17 0.66 3.02
N LEU M 118 -20.80 0.87 4.27
CA LEU M 118 -19.43 0.84 4.73
C LEU M 118 -19.01 -0.41 5.48
N PHE M 119 -18.03 -1.13 4.96
CA PHE M 119 -17.60 -2.33 5.65
C PHE M 119 -16.55 -1.98 6.71
N CYS M 120 -16.79 -2.40 7.96
CA CYS M 120 -15.89 -2.08 9.08
C CYS M 120 -15.13 -3.24 9.70
N GLY M 121 -15.02 -4.36 9.01
CA GLY M 121 -14.35 -5.52 9.57
C GLY M 121 -12.84 -5.51 9.36
N SER M 122 -12.17 -6.56 9.78
CA SER M 122 -10.71 -6.66 9.58
C SER M 122 -10.35 -6.47 8.13
N MET M 123 -9.19 -5.86 7.85
CA MET M 123 -8.88 -5.59 6.46
C MET M 123 -8.49 -6.83 5.72
N MET M 124 -8.25 -7.91 6.44
CA MET M 124 -7.90 -9.13 5.74
C MET M 124 -9.12 -9.99 5.50
N ALA M 125 -10.30 -9.49 5.86
CA ALA M 125 -11.52 -10.20 5.60
C ALA M 125 -11.94 -9.83 4.19
N THR M 126 -12.43 -10.77 3.43
CA THR M 126 -12.84 -10.47 2.06
C THR M 126 -14.05 -11.25 1.61
N GLY M 127 -14.81 -10.70 0.70
CA GLY M 127 -16.01 -11.37 0.23
C GLY M 127 -16.80 -10.42 -0.62
N LYS M 128 -17.92 -10.88 -1.14
CA LYS M 128 -18.78 -10.06 -1.97
C LYS M 128 -20.21 -10.05 -1.45
N LEU M 129 -20.80 -8.87 -1.44
CA LEU M 129 -22.18 -8.73 -1.02
C LEU M 129 -23.02 -8.23 -2.17
N LEU M 130 -24.25 -8.69 -2.23
CA LEU M 130 -25.20 -8.25 -3.22
C LEU M 130 -26.16 -7.23 -2.66
N LEU M 131 -26.15 -6.03 -3.21
CA LEU M 131 -27.03 -4.95 -2.77
C LEU M 131 -28.14 -4.81 -3.81
N SER M 132 -29.40 -4.96 -3.43
CA SER M 132 -30.44 -4.94 -4.46
C SER M 132 -31.77 -4.28 -4.18
N TYR M 133 -32.29 -3.58 -5.20
CA TYR M 133 -33.60 -2.93 -5.17
C TYR M 133 -34.56 -3.51 -6.20
N SER M 134 -35.67 -3.99 -5.70
CA SER M 134 -36.70 -4.59 -6.49
C SER M 134 -37.97 -3.73 -6.46
N PRO M 135 -38.38 -3.14 -7.57
CA PRO M 135 -39.55 -2.29 -7.65
C PRO M 135 -40.76 -3.05 -7.12
N PRO M 136 -41.79 -2.34 -6.64
CA PRO M 136 -43.02 -2.81 -6.04
C PRO M 136 -43.94 -3.44 -7.04
N GLY M 137 -45.06 -4.01 -6.57
CA GLY M 137 -45.98 -4.67 -7.51
C GLY M 137 -45.49 -6.07 -7.86
N ALA M 138 -44.79 -6.68 -6.94
CA ALA M 138 -44.19 -7.98 -7.09
C ALA M 138 -44.10 -8.63 -5.74
N LYS M 139 -43.93 -9.93 -5.68
CA LYS M 139 -43.75 -10.53 -4.38
C LYS M 139 -42.42 -10.04 -3.84
N PRO M 140 -42.22 -9.93 -2.52
CA PRO M 140 -40.98 -9.55 -1.93
C PRO M 140 -40.00 -10.62 -2.33
N PRO M 141 -38.73 -10.30 -2.53
CA PRO M 141 -37.69 -11.25 -2.80
C PRO M 141 -37.44 -12.02 -1.53
N THR M 142 -37.15 -13.30 -1.64
CA THR M 142 -36.81 -14.06 -0.46
C THR M 142 -35.45 -14.68 -0.58
N ASN M 143 -34.91 -14.72 -1.80
CA ASN M 143 -33.60 -15.31 -2.00
C ASN M 143 -32.85 -14.61 -3.12
N ARG M 144 -31.65 -15.09 -3.41
CA ARG M 144 -30.79 -14.45 -4.39
C ARG M 144 -31.31 -14.52 -5.81
N LYS M 145 -32.22 -15.44 -6.08
CA LYS M 145 -32.72 -15.56 -7.44
C LYS M 145 -33.79 -14.54 -7.69
N ASP M 146 -34.24 -13.87 -6.64
CA ASP M 146 -35.21 -12.82 -6.84
C ASP M 146 -34.42 -11.53 -6.89
N ALA M 147 -33.40 -11.46 -6.05
CA ALA M 147 -32.59 -10.26 -5.93
C ALA M 147 -31.85 -9.94 -7.20
N MET M 148 -31.41 -10.97 -7.92
CA MET M 148 -30.63 -10.81 -9.13
C MET M 148 -31.43 -10.16 -10.26
N LEU M 149 -32.74 -10.13 -10.16
CA LEU M 149 -33.51 -9.55 -11.23
C LEU M 149 -33.76 -8.07 -11.04
N GLY M 150 -33.51 -7.56 -9.84
CA GLY M 150 -33.81 -6.18 -9.56
C GLY M 150 -32.58 -5.38 -9.85
N THR M 151 -32.58 -4.13 -9.45
CA THR M 151 -31.43 -3.32 -9.68
C THR M 151 -30.41 -3.74 -8.68
N HIS M 152 -29.22 -4.03 -9.10
CA HIS M 152 -28.31 -4.47 -8.07
C HIS M 152 -26.86 -4.24 -8.35
N ILE M 153 -26.10 -4.22 -7.27
CA ILE M 153 -24.68 -4.12 -7.36
C ILE M 153 -24.00 -5.26 -6.64
N ILE M 154 -23.06 -5.90 -7.29
CA ILE M 154 -22.29 -6.88 -6.56
C ILE M 154 -21.07 -6.12 -6.10
N TRP M 155 -20.95 -6.01 -4.80
CA TRP M 155 -19.92 -5.24 -4.15
C TRP M 155 -18.78 -6.07 -3.64
N ASP M 156 -17.62 -5.86 -4.23
CA ASP M 156 -16.45 -6.59 -3.83
C ASP M 156 -15.82 -5.83 -2.69
N LEU M 157 -15.81 -6.41 -1.50
CA LEU M 157 -15.28 -5.67 -0.39
C LEU M 157 -13.82 -5.48 -0.74
N GLY M 158 -13.34 -4.24 -0.74
CA GLY M 158 -11.99 -3.99 -1.19
C GLY M 158 -11.21 -3.01 -0.35
N LEU M 159 -10.54 -2.10 -1.03
CA LEU M 159 -9.71 -1.08 -0.42
C LEU M 159 -10.58 0.12 -0.44
N GLN M 160 -11.46 0.13 -1.43
CA GLN M 160 -12.43 1.18 -1.50
C GLN M 160 -13.51 0.51 -0.68
N SER M 161 -13.71 1.02 0.51
CA SER M 161 -14.53 0.42 1.54
C SER M 161 -16.03 0.59 1.43
N SER M 162 -16.50 1.54 0.64
CA SER M 162 -17.94 1.74 0.57
C SER M 162 -18.51 1.49 -0.79
N CYS M 163 -19.77 1.08 -0.80
CA CYS M 163 -20.46 0.90 -2.07
C CYS M 163 -21.81 1.55 -2.10
N SER M 164 -22.05 2.32 -3.14
CA SER M 164 -23.29 3.04 -3.29
C SER M 164 -24.27 2.39 -4.25
N MET M 165 -25.41 2.01 -3.72
CA MET M 165 -26.48 1.40 -4.48
C MET M 165 -27.52 2.46 -4.69
N VAL M 166 -28.07 2.53 -5.87
CA VAL M 166 -29.06 3.55 -6.09
C VAL M 166 -30.35 2.93 -6.47
N ALA M 167 -31.39 3.37 -5.80
CA ALA M 167 -32.73 2.94 -6.06
C ALA M 167 -33.36 4.11 -6.82
N PRO M 168 -33.41 4.06 -8.17
CA PRO M 168 -33.79 5.13 -9.05
C PRO M 168 -35.28 5.38 -8.99
N TRP M 169 -35.72 6.49 -9.53
CA TRP M 169 -37.14 6.77 -9.48
C TRP M 169 -37.97 5.96 -10.45
N ILE M 170 -38.27 4.77 -10.05
CA ILE M 170 -39.13 3.91 -10.83
C ILE M 170 -40.45 3.98 -10.16
N SER M 171 -41.42 4.54 -10.83
CA SER M 171 -42.71 4.76 -10.21
C SER M 171 -43.80 4.93 -11.22
N ASN M 172 -45.03 4.71 -10.80
CA ASN M 172 -46.16 4.98 -11.67
C ASN M 172 -46.75 6.35 -11.41
N THR M 173 -46.06 7.12 -10.62
CA THR M 173 -46.48 8.46 -10.29
C THR M 173 -45.33 9.45 -10.35
N VAL M 174 -45.66 10.71 -10.10
CA VAL M 174 -44.64 11.74 -10.13
C VAL M 174 -44.02 11.85 -8.77
N TYR M 175 -44.87 11.86 -7.75
CA TYR M 175 -44.46 11.92 -6.37
C TYR M 175 -45.18 10.81 -5.65
N ARG M 176 -44.53 10.23 -4.68
CA ARG M 176 -45.15 9.21 -3.87
C ARG M 176 -45.61 9.84 -2.59
N ARG M 177 -46.55 9.23 -1.92
CA ARG M 177 -46.99 9.83 -0.69
C ARG M 177 -45.96 9.58 0.39
N CYS M 178 -45.78 10.53 1.29
CA CYS M 178 -44.93 10.31 2.45
C CYS M 178 -45.62 9.36 3.41
N ALA M 179 -46.92 9.52 3.55
CA ALA M 179 -47.67 8.68 4.46
C ALA M 179 -47.66 7.26 3.98
N ARG M 180 -47.65 6.31 4.90
CA ARG M 180 -47.75 4.95 4.44
C ARG M 180 -49.07 4.81 3.73
N ASP M 181 -49.05 4.17 2.57
CA ASP M 181 -50.26 3.99 1.81
C ASP M 181 -50.17 2.73 0.98
N ASP M 182 -51.24 2.42 0.27
CA ASP M 182 -51.33 1.28 -0.62
C ASP M 182 -51.12 1.71 -2.04
N PHE M 183 -51.48 2.97 -2.33
CA PHE M 183 -51.41 3.50 -3.69
C PHE M 183 -49.99 3.71 -4.17
N THR M 184 -49.08 4.00 -3.24
CA THR M 184 -47.70 4.24 -3.62
C THR M 184 -46.73 3.37 -2.84
N GLU M 185 -46.59 2.11 -3.25
CA GLU M 185 -45.74 1.13 -2.58
C GLU M 185 -44.27 1.47 -2.82
N GLY M 186 -43.45 1.36 -1.77
CA GLY M 186 -42.02 1.68 -1.83
C GLY M 186 -41.11 0.81 -2.72
N GLY M 187 -41.31 -0.49 -2.65
CA GLY M 187 -40.44 -1.46 -3.31
C GLY M 187 -39.57 -2.09 -2.25
N PHE M 188 -38.72 -3.03 -2.63
CA PHE M 188 -37.99 -3.76 -1.63
C PHE M 188 -36.49 -3.62 -1.78
N ILE M 189 -35.79 -3.51 -0.67
CA ILE M 189 -34.34 -3.52 -0.67
C ILE M 189 -33.80 -4.65 0.15
N THR M 190 -32.90 -5.41 -0.44
CA THR M 190 -32.28 -6.49 0.30
C THR M 190 -30.80 -6.54 0.13
N CYS M 191 -30.18 -7.28 1.03
CA CYS M 191 -28.77 -7.57 0.90
C CYS M 191 -28.50 -9.03 1.20
N PHE M 192 -27.75 -9.67 0.30
CA PHE M 192 -27.38 -11.09 0.37
C PHE M 192 -25.90 -11.34 0.23
N TYR M 193 -25.42 -12.46 0.76
CA TYR M 193 -24.03 -12.75 0.48
C TYR M 193 -23.97 -13.24 -0.95
N GLN M 194 -22.95 -12.80 -1.69
CA GLN M 194 -22.72 -13.29 -3.04
C GLN M 194 -21.72 -14.44 -2.93
N THR M 195 -20.77 -14.22 -2.04
CA THR M 195 -19.72 -15.16 -1.66
C THR M 195 -19.67 -15.05 -0.15
N ARG M 196 -19.11 -16.04 0.54
CA ARG M 196 -19.07 -15.92 1.99
C ARG M 196 -17.93 -15.01 2.33
N ILE M 197 -17.94 -14.38 3.48
CA ILE M 197 -16.79 -13.58 3.79
C ILE M 197 -15.74 -14.51 4.33
N VAL M 198 -14.61 -14.51 3.70
CA VAL M 198 -13.54 -15.38 4.10
C VAL M 198 -12.68 -14.61 5.05
N VAL M 199 -12.44 -15.22 6.18
CA VAL M 199 -11.65 -14.65 7.22
C VAL M 199 -10.47 -15.58 7.48
N PRO M 200 -9.24 -15.08 7.53
CA PRO M 200 -8.01 -15.79 7.81
C PRO M 200 -7.95 -16.19 9.26
N ALA M 201 -6.95 -16.96 9.60
CA ALA M 201 -6.80 -17.42 10.96
C ALA M 201 -6.55 -16.26 11.91
N SER M 202 -7.02 -16.41 13.15
CA SER M 202 -6.81 -15.44 14.21
C SER M 202 -7.26 -14.06 13.79
N THR M 203 -8.38 -14.01 13.15
CA THR M 203 -8.97 -12.78 12.66
C THR M 203 -10.45 -12.87 13.06
N PRO M 204 -11.12 -11.79 13.49
CA PRO M 204 -12.52 -11.80 13.89
C PRO M 204 -13.42 -12.34 12.80
N THR M 205 -14.39 -13.18 13.19
CA THR M 205 -15.32 -13.84 12.28
C THR M 205 -16.71 -13.24 12.24
N SER M 206 -16.86 -12.14 12.97
CA SER M 206 -18.09 -11.39 13.03
C SER M 206 -17.75 -9.95 12.76
N MET M 207 -18.25 -9.49 11.63
CA MET M 207 -17.97 -8.20 11.02
C MET M 207 -19.18 -7.32 11.08
N PHE M 208 -18.98 -6.02 10.94
CA PHE M 208 -20.11 -5.11 10.89
C PHE M 208 -20.15 -4.22 9.67
N MET M 209 -21.36 -3.81 9.30
CA MET M 209 -21.56 -2.92 8.15
C MET M 209 -22.46 -1.75 8.48
N LEU M 210 -22.01 -0.56 8.17
CA LEU M 210 -22.79 0.61 8.46
C LEU M 210 -23.47 1.13 7.20
N GLY M 211 -24.80 1.08 7.17
CA GLY M 211 -25.47 1.56 5.98
C GLY M 211 -25.87 3.00 6.17
N PHE M 212 -25.82 3.77 5.10
CA PHE M 212 -26.21 5.16 5.13
C PHE M 212 -27.22 5.52 4.05
N VAL M 213 -28.14 6.41 4.37
CA VAL M 213 -29.13 6.80 3.36
C VAL M 213 -29.12 8.27 3.08
N SER M 214 -29.24 8.62 1.81
CA SER M 214 -29.33 10.00 1.38
C SER M 214 -30.09 10.20 0.09
N ALA M 215 -30.55 11.41 -0.10
CA ALA M 215 -31.22 11.80 -1.32
C ALA M 215 -30.24 11.94 -2.47
N CYS M 216 -30.69 11.64 -3.66
CA CYS M 216 -29.90 11.91 -4.84
C CYS M 216 -30.21 13.34 -5.24
N PRO M 217 -29.44 13.97 -6.12
CA PRO M 217 -29.60 15.33 -6.59
C PRO M 217 -30.92 15.65 -7.28
N ASP M 218 -31.72 14.66 -7.67
CA ASP M 218 -32.99 14.95 -8.33
C ASP M 218 -34.19 14.97 -7.35
N PHE M 219 -33.92 14.85 -6.06
CA PHE M 219 -34.96 14.75 -5.03
C PHE M 219 -35.73 16.04 -4.71
N SER M 220 -37.06 15.94 -4.49
CA SER M 220 -37.92 17.09 -4.15
C SER M 220 -39.10 16.68 -3.22
N VAL M 221 -39.81 17.66 -2.60
CA VAL M 221 -40.84 17.31 -1.60
C VAL M 221 -42.31 17.91 -1.55
N ARG M 222 -42.71 18.75 -2.49
CA ARG M 222 -44.07 19.36 -2.45
C ARG M 222 -44.62 20.04 -1.16
N LEU M 223 -45.80 19.63 -0.66
CA LEU M 223 -46.44 20.33 0.44
C LEU M 223 -45.85 20.06 1.79
N LEU M 224 -45.83 21.09 2.61
CA LEU M 224 -45.34 21.05 3.97
C LEU M 224 -46.45 20.59 4.93
N ARG M 225 -46.10 19.75 5.91
CA ARG M 225 -47.10 19.21 6.88
C ARG M 225 -46.49 19.18 8.29
N ASP M 226 -47.33 19.25 9.32
CA ASP M 226 -46.83 19.07 10.68
C ASP M 226 -46.23 17.67 10.80
N THR M 227 -45.11 17.54 11.48
CA THR M 227 -44.43 16.27 11.64
C THR M 227 -44.93 15.45 12.83
N PRO M 228 -45.41 14.20 12.62
CA PRO M 228 -46.03 13.32 13.60
C PRO M 228 -45.10 12.81 14.68
N HIS M 229 -43.81 13.00 14.48
CA HIS M 229 -42.84 12.55 15.44
C HIS M 229 -42.71 13.38 16.68
N ILE M 230 -43.06 14.66 16.63
CA ILE M 230 -42.86 15.45 17.83
C ILE M 230 -44.20 15.76 18.46
N SER M 231 -44.27 15.64 19.76
CA SER M 231 -45.50 15.92 20.46
C SER M 231 -45.19 16.57 21.78
N GLN M 232 -46.25 16.97 22.46
CA GLN M 232 -46.13 17.59 23.75
C GLN M 232 -47.42 17.40 24.50
N SER M 233 -47.40 17.60 25.81
CA SER M 233 -48.62 17.51 26.58
C SER M 233 -49.48 18.71 26.25
N LYS M 234 -50.76 18.61 26.55
CA LYS M 234 -51.66 19.71 26.28
C LYS M 234 -51.28 20.94 27.09
N LEU M 235 -51.23 22.09 26.43
CA LEU M 235 -50.91 23.32 27.12
C LEU M 235 -52.22 23.98 27.55
N ILE M 236 -52.21 24.66 28.72
CA ILE M 236 -53.36 25.36 29.29
C ILE M 236 -53.09 26.86 29.22
N GLY N 2 -44.29 53.44 -7.86
CA GLY N 2 -43.06 52.70 -8.08
C GLY N 2 -43.17 51.23 -7.63
N ALA N 3 -44.12 50.49 -8.24
CA ALA N 3 -44.39 49.07 -7.98
C ALA N 3 -43.42 48.16 -8.71
N GLN N 4 -43.15 46.99 -8.15
CA GLN N 4 -42.31 46.01 -8.80
C GLN N 4 -43.11 44.84 -9.31
N VAL N 5 -43.02 44.60 -10.59
CA VAL N 5 -43.73 43.50 -11.20
C VAL N 5 -42.83 42.27 -11.35
N SER N 6 -43.35 41.11 -10.98
CA SER N 6 -42.56 39.90 -11.13
C SER N 6 -43.38 38.69 -11.52
N THR N 7 -42.69 37.58 -11.73
CA THR N 7 -43.31 36.35 -12.23
C THR N 7 -43.91 35.47 -11.13
N GLN N 8 -45.14 34.99 -11.36
CA GLN N 8 -45.85 34.12 -10.42
C GLN N 8 -45.37 32.67 -10.56
N LYS N 9 -45.59 31.86 -9.53
CA LYS N 9 -45.25 30.44 -9.61
C LYS N 9 -46.16 29.79 -10.63
N THR N 10 -45.66 28.76 -11.29
CA THR N 10 -46.44 28.03 -12.29
C THR N 10 -47.72 27.54 -11.64
N GLY N 11 -48.85 27.79 -12.28
CA GLY N 11 -50.14 27.39 -11.75
C GLY N 11 -50.56 26.01 -12.24
N ALA N 12 -51.80 25.63 -11.95
CA ALA N 12 -52.30 24.32 -12.36
C ALA N 12 -52.45 24.19 -13.87
N HIS N 13 -52.81 25.28 -14.50
CA HIS N 13 -53.04 25.33 -15.93
C HIS N 13 -51.94 26.04 -16.69
N GLU N 14 -51.57 27.18 -16.18
CA GLU N 14 -50.65 28.11 -16.77
C GLU N 14 -49.19 27.71 -16.92
N ASN N 15 -48.64 28.17 -18.03
CA ASN N 15 -47.24 28.17 -18.44
C ASN N 15 -46.52 26.89 -18.74
N GLN N 16 -47.20 25.77 -18.79
CA GLN N 16 -46.61 24.53 -19.29
C GLN N 16 -45.23 24.15 -18.74
N ASN N 17 -44.92 24.48 -17.49
CA ASN N 17 -43.61 24.20 -16.92
C ASN N 17 -42.44 24.83 -17.70
N VAL N 18 -42.73 25.96 -18.34
CA VAL N 18 -41.78 26.80 -19.08
C VAL N 18 -41.60 28.13 -18.37
N ALA N 19 -42.71 28.67 -17.88
CA ALA N 19 -42.78 29.95 -17.14
C ALA N 19 -42.43 31.16 -17.98
N ALA N 20 -42.40 31.01 -19.28
CA ALA N 20 -42.14 32.12 -20.16
C ALA N 20 -43.09 32.10 -21.33
N ASN N 21 -44.30 31.63 -21.09
CA ASN N 21 -45.33 31.53 -22.11
C ASN N 21 -46.43 32.58 -21.99
N GLY N 22 -46.17 33.66 -21.28
CA GLY N 22 -47.18 34.69 -21.16
C GLY N 22 -46.73 35.86 -20.31
N SER N 23 -47.59 36.88 -20.28
CA SER N 23 -47.40 38.12 -19.52
C SER N 23 -48.60 38.33 -18.62
N THR N 24 -49.37 37.25 -18.49
CA THR N 24 -50.62 37.17 -17.76
C THR N 24 -50.40 36.39 -16.48
N ILE N 25 -49.13 36.16 -16.21
CA ILE N 25 -48.64 35.37 -15.11
C ILE N 25 -47.79 36.18 -14.17
N ASN N 26 -47.96 37.49 -14.22
CA ASN N 26 -47.20 38.43 -13.42
C ASN N 26 -47.99 38.92 -12.23
N TYR N 27 -47.31 39.44 -11.22
CA TYR N 27 -47.98 40.02 -10.07
C TYR N 27 -47.30 41.30 -9.66
N THR N 28 -48.04 42.17 -8.98
CA THR N 28 -47.47 43.47 -8.59
C THR N 28 -47.29 43.65 -7.09
N THR N 29 -46.07 44.00 -6.68
CA THR N 29 -45.76 44.24 -5.28
C THR N 29 -45.36 45.67 -4.97
N ILE N 30 -45.99 46.21 -3.95
CA ILE N 30 -45.68 47.55 -3.48
C ILE N 30 -45.22 47.56 -2.04
N ASN N 31 -44.08 48.15 -1.78
CA ASN N 31 -43.64 48.19 -0.41
C ASN N 31 -44.27 49.39 0.23
N TYR N 32 -45.39 49.14 0.90
CA TYR N 32 -46.25 50.15 1.50
C TYR N 32 -45.66 50.79 2.73
N TYR N 33 -44.78 50.07 3.42
CA TYR N 33 -44.19 50.53 4.65
C TYR N 33 -42.72 50.78 4.39
N LYS N 34 -42.11 51.70 5.12
CA LYS N 34 -40.70 51.94 4.86
C LYS N 34 -39.74 51.10 5.69
N ASP N 35 -40.22 50.52 6.77
CA ASP N 35 -39.37 49.65 7.55
C ASP N 35 -39.31 48.34 6.81
N SER N 36 -38.13 47.87 6.44
CA SER N 36 -38.01 46.67 5.61
C SER N 36 -38.56 45.41 6.24
N ALA N 37 -38.66 45.37 7.55
CA ALA N 37 -39.22 44.22 8.23
C ALA N 37 -40.69 44.03 7.91
N SER N 38 -41.34 45.07 7.42
CA SER N 38 -42.75 45.07 7.10
C SER N 38 -43.05 44.44 5.77
N ASN N 39 -42.02 44.16 5.00
CA ASN N 39 -42.21 43.60 3.69
C ASN N 39 -42.60 42.14 3.73
N SER N 40 -43.23 41.73 2.64
CA SER N 40 -43.66 40.37 2.40
C SER N 40 -42.42 39.53 2.16
N ALA N 41 -42.56 38.22 2.05
CA ALA N 41 -41.44 37.31 1.95
C ALA N 41 -40.60 37.59 0.74
N THR N 42 -39.34 37.17 0.81
CA THR N 42 -38.42 37.44 -0.26
C THR N 42 -38.77 36.63 -1.47
N ARG N 43 -38.17 36.99 -2.57
CA ARG N 43 -38.40 36.28 -3.79
C ARG N 43 -37.79 34.91 -3.66
N GLN N 44 -38.32 33.99 -4.42
CA GLN N 44 -37.81 32.64 -4.43
C GLN N 44 -36.36 32.61 -4.83
N ASP N 45 -35.57 31.86 -4.07
CA ASP N 45 -34.15 31.72 -4.30
C ASP N 45 -33.78 30.26 -4.23
N LEU N 46 -33.51 29.68 -5.38
CA LEU N 46 -33.24 28.26 -5.47
C LEU N 46 -31.76 27.96 -5.56
N SER N 47 -30.91 28.94 -5.33
CA SER N 47 -29.50 28.63 -5.40
C SER N 47 -29.13 27.73 -4.24
N GLN N 48 -28.32 26.72 -4.52
CA GLN N 48 -27.91 25.75 -3.50
C GLN N 48 -26.44 25.43 -3.61
N ASP N 49 -25.86 24.97 -2.51
CA ASP N 49 -24.46 24.56 -2.51
C ASP N 49 -24.21 23.37 -1.59
N PRO N 50 -24.72 22.17 -1.93
CA PRO N 50 -24.69 20.98 -1.12
C PRO N 50 -23.28 20.56 -0.75
N SER N 51 -22.29 20.97 -1.56
CA SER N 51 -20.91 20.61 -1.33
C SER N 51 -20.41 21.00 0.04
N LYS N 52 -20.96 22.06 0.63
CA LYS N 52 -20.53 22.47 1.96
C LYS N 52 -20.73 21.38 2.98
N PHE N 53 -21.73 20.56 2.78
CA PHE N 53 -22.03 19.55 3.74
C PHE N 53 -21.77 18.15 3.20
N THR N 54 -21.79 17.96 1.88
CA THR N 54 -21.65 16.61 1.34
C THR N 54 -20.27 16.26 0.82
N GLU N 55 -19.45 17.26 0.50
CA GLU N 55 -18.10 16.99 0.05
C GLU N 55 -17.13 18.04 0.55
N PRO N 56 -17.04 18.31 1.86
CA PRO N 56 -16.18 19.32 2.44
C PRO N 56 -14.78 18.78 2.52
N VAL N 57 -14.19 18.49 1.39
CA VAL N 57 -12.89 17.84 1.43
C VAL N 57 -11.85 18.71 0.78
N LYS N 58 -10.74 18.92 1.48
CA LYS N 58 -9.70 19.81 0.98
C LYS N 58 -9.18 19.39 -0.38
N ASP N 59 -8.88 18.11 -0.51
CA ASP N 59 -8.36 17.54 -1.72
C ASP N 59 -9.48 16.90 -2.52
N LEU N 60 -9.75 17.45 -3.68
CA LEU N 60 -10.87 17.01 -4.50
C LEU N 60 -10.82 15.59 -4.99
N MET N 61 -11.93 14.89 -4.81
CA MET N 61 -12.08 13.54 -5.31
C MET N 61 -13.04 13.59 -6.46
N LEU N 62 -12.77 12.83 -7.49
CA LEU N 62 -13.66 12.77 -8.62
C LEU N 62 -14.57 11.60 -8.34
N LYS N 63 -15.80 11.59 -8.87
CA LYS N 63 -16.64 10.44 -8.58
C LYS N 63 -16.16 9.13 -9.18
N THR N 64 -15.37 9.16 -10.26
CA THR N 64 -14.92 7.93 -10.88
C THR N 64 -13.55 7.46 -10.42
N ALA N 65 -12.75 8.39 -9.92
CA ALA N 65 -11.42 8.08 -9.45
C ALA N 65 -11.60 7.34 -8.15
N PRO N 66 -10.67 6.49 -7.72
CA PRO N 66 -10.72 5.86 -6.43
C PRO N 66 -10.77 6.95 -5.40
N ALA N 67 -11.51 6.74 -4.32
CA ALA N 67 -11.61 7.73 -3.28
C ALA N 67 -10.30 7.77 -2.54
N LEU N 68 -9.70 6.61 -2.41
CA LEU N 68 -8.42 6.50 -1.74
C LEU N 68 -7.37 5.91 -2.69
N ASN N 69 -6.28 6.67 -2.97
CA ASN N 69 -5.19 6.30 -3.88
C ASN N 69 -3.99 5.84 -3.04
#